data_6RY9
#
_entry.id   6RY9
#
_cell.length_a   1.000
_cell.length_b   1.000
_cell.length_c   1.000
_cell.angle_alpha   90.00
_cell.angle_beta   90.00
_cell.angle_gamma   90.00
#
_symmetry.space_group_name_H-M   'P 1'
#
_entity_poly.entity_id   1
_entity_poly.type   'polypeptide(L)'
_entity_poly.pdbx_seq_one_letter_code
;GRRKRKWLRRIGKGVKIIGGAALDHL
;
_entity_poly.pdbx_strand_id   A
#
# COMPACT_ATOMS: atom_id res chain seq x y z
N GLY A 1 1.54 13.84 -5.06
CA GLY A 1 2.89 14.38 -4.97
C GLY A 1 3.32 14.61 -3.53
N ARG A 2 2.35 14.98 -2.69
CA ARG A 2 2.63 15.22 -1.28
C ARG A 2 1.33 15.27 -0.48
N ARG A 3 0.27 14.72 -1.05
CA ARG A 3 -1.03 14.72 -0.39
C ARG A 3 -0.93 14.06 0.98
N LYS A 4 0.02 13.12 1.11
CA LYS A 4 0.23 12.41 2.39
C LYS A 4 1.70 12.07 2.56
N ARG A 5 2.16 12.08 3.81
CA ARG A 5 3.55 11.76 4.10
C ARG A 5 3.90 10.34 3.65
N LYS A 6 4.26 10.21 2.38
CA LYS A 6 4.61 8.89 1.84
C LYS A 6 3.54 7.86 2.19
N TRP A 7 2.38 7.97 1.56
CA TRP A 7 1.29 7.03 1.82
C TRP A 7 0.20 7.17 0.75
N LEU A 8 0.42 8.06 -0.20
CA LEU A 8 -0.57 8.28 -1.27
C LEU A 8 -0.99 6.93 -1.88
N ARG A 9 -0.05 6.29 -2.57
CA ARG A 9 -0.34 4.99 -3.19
C ARG A 9 0.95 4.38 -3.74
N ARG A 10 2.10 4.90 -3.30
CA ARG A 10 3.38 4.38 -3.77
C ARG A 10 3.39 2.85 -3.67
N ILE A 11 3.76 2.32 -2.51
CA ILE A 11 3.80 0.87 -2.29
C ILE A 11 2.45 0.39 -1.77
N GLY A 12 1.60 1.32 -1.36
CA GLY A 12 0.29 0.98 -0.85
C GLY A 12 -0.45 0.12 -1.85
N LYS A 13 -0.33 0.48 -3.11
CA LYS A 13 -0.98 -0.27 -4.19
C LYS A 13 -0.76 -1.77 -3.99
N GLY A 14 0.21 -2.12 -3.15
CA GLY A 14 0.55 -3.51 -2.87
C GLY A 14 0.03 -3.98 -1.52
N VAL A 15 0.16 -3.12 -0.49
CA VAL A 15 -0.31 -3.48 0.86
C VAL A 15 -1.59 -2.74 1.22
N LYS A 16 -1.68 -1.47 0.84
CA LYS A 16 -2.87 -0.68 1.15
C LYS A 16 -4.12 -1.31 0.53
N ILE A 17 -4.06 -1.60 -0.77
CA ILE A 17 -5.19 -2.21 -1.45
C ILE A 17 -5.32 -3.70 -1.06
N ILE A 18 -4.62 -4.08 0.00
CA ILE A 18 -4.66 -5.46 0.48
C ILE A 18 -4.10 -6.40 -0.57
N GLY A 19 -2.91 -6.93 -0.33
CA GLY A 19 -2.28 -7.85 -1.26
C GLY A 19 -1.11 -8.58 -0.63
N GLY A 20 0.07 -7.97 -0.70
CA GLY A 20 1.26 -8.58 -0.13
C GLY A 20 1.26 -8.50 1.39
N ALA A 21 0.46 -7.59 1.93
CA ALA A 21 0.38 -7.43 3.38
C ALA A 21 0.14 -8.78 4.06
N ALA A 22 -1.01 -9.38 3.79
CA ALA A 22 -1.34 -10.67 4.38
C ALA A 22 -0.36 -11.74 3.92
N LEU A 23 -0.08 -11.76 2.61
CA LEU A 23 0.85 -12.73 2.06
C LEU A 23 2.30 -12.26 2.23
N ASP A 24 3.18 -12.76 1.39
CA ASP A 24 4.60 -12.38 1.46
C ASP A 24 5.15 -12.60 2.87
N HIS A 25 4.36 -13.26 3.70
CA HIS A 25 4.76 -13.55 5.08
C HIS A 25 4.01 -14.77 5.58
N LEU A 26 4.12 -15.85 4.83
CA LEU A 26 3.43 -17.10 5.17
C LEU A 26 4.18 -17.83 6.29
N GLY A 1 9.79 12.41 -4.00
CA GLY A 1 8.44 12.00 -4.32
C GLY A 1 7.56 11.88 -3.09
N ARG A 2 6.64 12.82 -2.93
CA ARG A 2 5.74 12.81 -1.77
C ARG A 2 4.66 13.88 -1.93
N ARG A 3 3.97 13.84 -3.08
CA ARG A 3 2.91 14.80 -3.35
C ARG A 3 1.90 14.83 -2.20
N LYS A 4 1.98 13.83 -1.32
CA LYS A 4 1.08 13.73 -0.18
C LYS A 4 1.64 12.80 0.88
N ARG A 5 2.81 13.15 1.41
CA ARG A 5 3.46 12.33 2.44
C ARG A 5 3.47 10.86 2.04
N LYS A 6 3.94 10.01 2.94
CA LYS A 6 4.00 8.57 2.67
C LYS A 6 2.64 7.93 2.89
N TRP A 7 1.67 8.32 2.04
CA TRP A 7 0.32 7.78 2.14
C TRP A 7 -0.34 7.79 0.76
N LEU A 8 0.39 8.30 -0.23
CA LEU A 8 -0.13 8.37 -1.58
C LEU A 8 -0.27 6.98 -2.19
N ARG A 9 -0.08 5.95 -1.36
CA ARG A 9 -0.19 4.57 -1.82
C ARG A 9 0.87 4.25 -2.87
N ARG A 10 2.11 4.62 -2.59
CA ARG A 10 3.20 4.34 -3.51
C ARG A 10 3.18 2.85 -3.85
N ILE A 11 3.79 2.05 -2.97
CA ILE A 11 3.81 0.60 -3.16
C ILE A 11 2.58 -0.01 -2.51
N GLY A 12 1.92 0.77 -1.64
CA GLY A 12 0.72 0.29 -0.98
C GLY A 12 -0.32 -0.14 -1.96
N LYS A 13 -0.46 0.62 -3.04
CA LYS A 13 -1.42 0.29 -4.08
C LYS A 13 -1.28 -1.18 -4.48
N GLY A 14 -0.15 -1.78 -4.08
CA GLY A 14 0.14 -3.18 -4.38
C GLY A 14 -0.15 -4.09 -3.20
N VAL A 15 0.28 -3.67 -2.00
CA VAL A 15 0.07 -4.49 -0.79
C VAL A 15 -1.07 -3.93 0.06
N LYS A 16 -1.12 -2.61 0.19
CA LYS A 16 -2.18 -1.98 0.98
C LYS A 16 -3.55 -2.34 0.43
N ILE A 17 -3.65 -2.41 -0.90
CA ILE A 17 -4.91 -2.74 -1.54
C ILE A 17 -5.50 -4.02 -0.91
N ILE A 18 -4.72 -5.10 -0.89
CA ILE A 18 -5.14 -6.36 -0.27
C ILE A 18 -3.90 -7.13 0.20
N GLY A 19 -3.33 -6.69 1.31
CA GLY A 19 -2.15 -7.33 1.86
C GLY A 19 -2.29 -8.84 1.93
N GLY A 20 -1.92 -9.51 0.84
CA GLY A 20 -2.02 -10.96 0.79
C GLY A 20 -1.31 -11.60 1.98
N ALA A 21 -0.46 -10.83 2.64
CA ALA A 21 0.28 -11.33 3.79
C ALA A 21 -0.63 -11.40 5.01
N ALA A 22 -1.94 -11.33 4.76
CA ALA A 22 -2.93 -11.38 5.83
C ALA A 22 -4.27 -11.84 5.29
N LEU A 23 -4.73 -11.18 4.22
CA LEU A 23 -6.01 -11.52 3.61
C LEU A 23 -5.83 -12.71 2.66
N ASP A 24 -4.72 -13.43 2.82
CA ASP A 24 -4.43 -14.58 1.97
C ASP A 24 -3.31 -15.41 2.57
N HIS A 25 -3.32 -15.56 3.89
CA HIS A 25 -2.29 -16.35 4.56
C HIS A 25 -2.50 -17.84 4.30
N LEU A 26 -1.58 -18.43 3.56
CA LEU A 26 -1.67 -19.86 3.25
C LEU A 26 -1.34 -20.70 4.47
N GLY A 1 9.68 11.77 -4.61
CA GLY A 1 8.56 12.67 -4.81
C GLY A 1 7.69 12.78 -3.57
N ARG A 2 8.10 13.65 -2.65
CA ARG A 2 7.35 13.85 -1.42
C ARG A 2 6.06 14.62 -1.67
N ARG A 3 5.09 13.96 -2.29
CA ARG A 3 3.82 14.58 -2.59
C ARG A 3 3.06 14.92 -1.31
N LYS A 4 3.01 13.96 -0.39
CA LYS A 4 2.31 14.17 0.87
C LYS A 4 2.60 13.03 1.84
N ARG A 5 3.81 13.02 2.38
CA ARG A 5 4.21 11.97 3.32
C ARG A 5 3.96 10.59 2.73
N LYS A 6 4.36 9.56 3.46
CA LYS A 6 4.17 8.18 3.01
C LYS A 6 2.71 7.77 3.19
N TRP A 7 1.91 7.97 2.15
CA TRP A 7 0.50 7.62 2.19
C TRP A 7 -0.12 7.72 0.80
N LEU A 8 0.66 8.22 -0.15
CA LEU A 8 0.19 8.38 -1.51
C LEU A 8 -0.15 7.03 -2.16
N ARG A 9 -0.01 5.95 -1.37
CA ARG A 9 -0.30 4.62 -1.87
C ARG A 9 0.64 4.25 -3.01
N ARG A 10 1.89 4.68 -2.90
CA ARG A 10 2.89 4.37 -3.93
C ARG A 10 2.83 2.88 -4.27
N ILE A 11 3.66 2.08 -3.59
CA ILE A 11 3.66 0.65 -3.82
C ILE A 11 2.64 -0.03 -2.90
N GLY A 12 2.07 0.75 -1.96
CA GLY A 12 1.09 0.21 -1.04
C GLY A 12 -0.12 -0.31 -1.79
N LYS A 13 -0.52 0.42 -2.82
CA LYS A 13 -1.66 0.01 -3.63
C LYS A 13 -1.48 -1.43 -4.08
N GLY A 14 -0.25 -1.92 -3.95
CA GLY A 14 0.08 -3.29 -4.34
C GLY A 14 0.07 -4.24 -3.16
N VAL A 15 0.60 -3.79 -2.01
CA VAL A 15 0.66 -4.64 -0.80
C VAL A 15 -0.23 -4.09 0.30
N LYS A 16 -0.21 -2.77 0.51
CA LYS A 16 -1.02 -2.17 1.56
C LYS A 16 -2.46 -2.63 1.45
N ILE A 17 -3.06 -2.42 0.28
CA ILE A 17 -4.46 -2.81 0.06
C ILE A 17 -4.53 -4.33 -0.18
N ILE A 18 -3.72 -5.08 0.58
CA ILE A 18 -3.68 -6.54 0.48
C ILE A 18 -3.89 -7.01 -0.95
N GLY A 19 -3.05 -6.52 -1.87
CA GLY A 19 -3.15 -6.89 -3.27
C GLY A 19 -2.64 -8.29 -3.52
N GLY A 20 -2.83 -8.77 -4.75
CA GLY A 20 -2.38 -10.11 -5.11
C GLY A 20 -0.93 -10.33 -4.76
N ALA A 21 -0.19 -9.25 -4.56
CA ALA A 21 1.22 -9.35 -4.20
C ALA A 21 1.39 -10.10 -2.90
N ALA A 22 0.68 -9.65 -1.86
CA ALA A 22 0.76 -10.29 -0.56
C ALA A 22 0.02 -11.62 -0.57
N LEU A 23 -1.13 -11.65 -1.23
CA LEU A 23 -1.94 -12.87 -1.31
C LEU A 23 -1.40 -13.80 -2.41
N ASP A 24 -0.13 -14.16 -2.28
CA ASP A 24 0.49 -15.04 -3.27
C ASP A 24 1.88 -15.48 -2.81
N HIS A 25 2.46 -14.71 -1.90
CA HIS A 25 3.79 -15.02 -1.38
C HIS A 25 3.71 -16.16 -0.37
N LEU A 26 2.84 -17.14 -0.64
CA LEU A 26 2.68 -18.28 0.25
C LEU A 26 1.88 -19.39 -0.43
N GLY A 1 3.86 10.76 -5.77
CA GLY A 1 4.95 11.69 -5.54
C GLY A 1 4.75 12.49 -4.27
N ARG A 2 4.70 11.81 -3.14
CA ARG A 2 4.51 12.47 -1.86
C ARG A 2 3.30 13.40 -1.91
N ARG A 3 2.16 12.85 -2.34
CA ARG A 3 0.94 13.64 -2.43
C ARG A 3 0.43 14.00 -1.04
N LYS A 4 0.98 13.34 -0.02
CA LYS A 4 0.58 13.59 1.36
C LYS A 4 1.79 13.50 2.29
N ARG A 5 2.21 12.27 2.60
CA ARG A 5 3.36 12.08 3.48
C ARG A 5 3.76 10.60 3.50
N LYS A 6 4.11 10.07 2.32
CA LYS A 6 4.51 8.68 2.22
C LYS A 6 3.47 7.77 2.87
N TRP A 7 2.27 7.75 2.29
CA TRP A 7 1.19 6.92 2.81
C TRP A 7 0.00 6.93 1.86
N LEU A 8 0.20 7.46 0.66
CA LEU A 8 -0.85 7.51 -0.34
C LEU A 8 -1.14 6.11 -0.87
N ARG A 9 -0.47 5.74 -1.96
CA ARG A 9 -0.66 4.43 -2.55
C ARG A 9 0.45 4.14 -3.57
N ARG A 10 1.59 4.79 -3.39
CA ARG A 10 2.72 4.61 -4.29
C ARG A 10 2.95 3.12 -4.56
N ILE A 11 3.24 2.37 -3.50
CA ILE A 11 3.45 0.93 -3.60
C ILE A 11 2.39 0.21 -2.78
N GLY A 12 1.70 1.00 -1.95
CA GLY A 12 0.64 0.45 -1.14
C GLY A 12 -0.41 -0.20 -2.01
N LYS A 13 -0.62 0.37 -3.18
CA LYS A 13 -1.59 -0.17 -4.11
C LYS A 13 -1.34 -1.66 -4.31
N GLY A 14 -0.14 -2.10 -3.94
CA GLY A 14 0.26 -3.50 -4.08
C GLY A 14 0.11 -4.25 -2.77
N VAL A 15 0.56 -3.65 -1.66
CA VAL A 15 0.49 -4.30 -0.34
C VAL A 15 -0.65 -3.71 0.49
N LYS A 16 -0.80 -2.39 0.46
CA LYS A 16 -1.85 -1.74 1.24
C LYS A 16 -3.22 -2.21 0.77
N ILE A 17 -3.34 -2.54 -0.51
CA ILE A 17 -4.61 -3.01 -1.06
C ILE A 17 -4.96 -4.38 -0.46
N ILE A 18 -4.13 -4.85 0.47
CA ILE A 18 -4.34 -6.13 1.13
C ILE A 18 -4.27 -7.26 0.10
N GLY A 19 -3.06 -7.77 -0.12
CA GLY A 19 -2.87 -8.85 -1.08
C GLY A 19 -1.51 -9.51 -0.90
N GLY A 20 -0.45 -8.76 -1.17
CA GLY A 20 0.90 -9.28 -1.04
C GLY A 20 1.27 -9.56 0.41
N ALA A 21 0.88 -8.66 1.29
CA ALA A 21 1.18 -8.80 2.71
C ALA A 21 0.70 -10.17 3.22
N ALA A 22 -0.59 -10.45 3.01
CA ALA A 22 -1.16 -11.71 3.45
C ALA A 22 -0.49 -12.88 2.73
N LEU A 23 -0.06 -12.64 1.49
CA LEU A 23 0.60 -13.67 0.69
C LEU A 23 2.04 -13.85 1.15
N ASP A 24 2.25 -13.86 2.47
CA ASP A 24 3.59 -14.02 3.02
C ASP A 24 3.51 -14.19 4.54
N HIS A 25 2.58 -13.50 5.17
CA HIS A 25 2.42 -13.58 6.61
C HIS A 25 3.75 -13.34 7.32
N LEU A 26 4.04 -12.07 7.61
CA LEU A 26 5.29 -11.73 8.28
C LEU A 26 5.42 -12.51 9.59
N GLY A 1 2.56 13.44 -5.59
CA GLY A 1 1.58 14.49 -5.48
C GLY A 1 1.39 14.94 -4.04
N ARG A 2 1.95 14.18 -3.11
CA ARG A 2 1.83 14.50 -1.70
C ARG A 2 0.36 14.60 -1.29
N ARG A 3 -0.32 13.46 -1.25
CA ARG A 3 -1.73 13.42 -0.88
C ARG A 3 -1.88 13.57 0.63
N LYS A 4 -0.90 13.05 1.37
CA LYS A 4 -0.94 13.13 2.83
C LYS A 4 0.45 12.88 3.41
N ARG A 5 1.47 13.39 2.73
CA ARG A 5 2.84 13.22 3.19
C ARG A 5 3.15 11.75 3.39
N LYS A 6 3.70 11.12 2.35
CA LYS A 6 4.05 9.70 2.43
C LYS A 6 2.84 8.88 2.86
N TRP A 7 2.96 7.56 2.76
CA TRP A 7 1.89 6.64 3.14
C TRP A 7 0.65 6.84 2.26
N LEU A 8 0.82 7.57 1.16
CA LEU A 8 -0.31 7.80 0.25
C LEU A 8 -0.83 6.45 -0.26
N ARG A 9 -0.17 5.91 -1.27
CA ARG A 9 -0.56 4.62 -1.83
C ARG A 9 0.58 4.06 -2.68
N ARG A 10 1.77 4.61 -2.50
CA ARG A 10 2.95 4.17 -3.25
C ARG A 10 2.96 2.64 -3.39
N ILE A 11 3.58 1.97 -2.42
CA ILE A 11 3.66 0.51 -2.44
C ILE A 11 2.36 -0.09 -1.94
N GLY A 12 1.57 0.71 -1.24
CA GLY A 12 0.31 0.25 -0.70
C GLY A 12 -0.56 -0.39 -1.76
N LYS A 13 -0.81 0.32 -2.85
CA LYS A 13 -1.64 -0.21 -3.93
C LYS A 13 -1.25 -1.67 -4.23
N GLY A 14 -0.04 -2.04 -3.79
CA GLY A 14 0.47 -3.39 -3.99
C GLY A 14 0.15 -4.28 -2.81
N VAL A 15 0.25 -3.72 -1.59
CA VAL A 15 -0.05 -4.48 -0.36
C VAL A 15 -1.29 -3.91 0.30
N LYS A 16 -1.34 -2.59 0.45
CA LYS A 16 -2.50 -1.95 1.06
C LYS A 16 -3.75 -2.34 0.30
N ILE A 17 -3.66 -2.45 -1.03
CA ILE A 17 -4.83 -2.84 -1.83
C ILE A 17 -5.47 -4.11 -1.27
N ILE A 18 -4.80 -4.74 -0.30
CA ILE A 18 -5.29 -5.97 0.32
C ILE A 18 -5.18 -7.13 -0.67
N GLY A 19 -3.95 -7.50 -1.01
CA GLY A 19 -3.71 -8.58 -1.95
C GLY A 19 -3.81 -9.94 -1.28
N GLY A 20 -4.60 -10.83 -1.87
CA GLY A 20 -4.77 -12.16 -1.33
C GLY A 20 -3.56 -13.04 -1.56
N ALA A 21 -2.56 -12.49 -2.26
CA ALA A 21 -1.34 -13.22 -2.56
C ALA A 21 -0.44 -13.29 -1.32
N ALA A 22 -1.02 -13.01 -0.16
CA ALA A 22 -0.26 -13.04 1.09
C ALA A 22 -1.19 -12.98 2.29
N LEU A 23 -2.15 -12.04 2.24
CA LEU A 23 -3.10 -11.88 3.34
C LEU A 23 -4.20 -12.95 3.23
N ASP A 24 -3.77 -14.21 3.11
CA ASP A 24 -4.72 -15.32 3.01
C ASP A 24 -4.01 -16.64 3.28
N HIS A 25 -2.82 -16.79 2.72
CA HIS A 25 -2.04 -18.01 2.90
C HIS A 25 -1.46 -18.07 4.30
N LEU A 26 -1.36 -16.90 4.95
CA LEU A 26 -0.81 -16.82 6.30
C LEU A 26 -1.42 -17.92 7.20
N GLY A 1 2.28 14.16 -6.39
CA GLY A 1 1.82 13.36 -5.27
C GLY A 1 2.25 13.95 -3.94
N ARG A 2 1.30 14.52 -3.21
CA ARG A 2 1.59 15.12 -1.91
C ARG A 2 0.32 15.23 -1.08
N ARG A 3 -0.58 14.26 -1.24
CA ARG A 3 -1.84 14.27 -0.50
C ARG A 3 -1.61 13.83 0.95
N LYS A 4 -0.47 13.18 1.19
CA LYS A 4 -0.15 12.71 2.54
C LYS A 4 1.32 12.30 2.64
N ARG A 5 2.20 13.30 2.61
CA ARG A 5 3.64 13.03 2.69
C ARG A 5 4.05 11.88 1.78
N LYS A 6 4.08 10.66 2.35
CA LYS A 6 4.46 9.47 1.58
C LYS A 6 3.67 8.25 2.06
N TRP A 7 2.40 8.17 1.65
CA TRP A 7 1.56 7.04 2.04
C TRP A 7 0.30 7.00 1.18
N LEU A 8 0.26 7.87 0.17
CA LEU A 8 -0.90 7.93 -0.73
C LEU A 8 -1.30 6.52 -1.18
N ARG A 9 -0.49 5.94 -2.05
CA ARG A 9 -0.75 4.59 -2.55
C ARG A 9 0.44 4.07 -3.34
N ARG A 10 1.57 4.78 -3.22
CA ARG A 10 2.81 4.39 -3.92
C ARG A 10 2.95 2.86 -3.90
N ILE A 11 3.61 2.34 -2.87
CA ILE A 11 3.76 0.90 -2.73
C ILE A 11 2.50 0.34 -2.08
N GLY A 12 1.59 1.25 -1.71
CA GLY A 12 0.35 0.85 -1.08
C GLY A 12 -0.45 -0.04 -2.01
N LYS A 13 -0.59 0.40 -3.25
CA LYS A 13 -1.32 -0.37 -4.26
C LYS A 13 -0.96 -1.85 -4.16
N GLY A 14 0.19 -2.12 -3.53
CA GLY A 14 0.67 -3.48 -3.36
C GLY A 14 0.25 -4.07 -2.02
N VAL A 15 0.32 -3.26 -0.95
CA VAL A 15 -0.06 -3.73 0.39
C VAL A 15 -1.33 -3.05 0.89
N LYS A 16 -1.43 -1.73 0.67
CA LYS A 16 -2.61 -0.99 1.12
C LYS A 16 -3.90 -1.72 0.75
N ILE A 17 -4.02 -2.08 -0.53
CA ILE A 17 -5.21 -2.80 -1.00
C ILE A 17 -5.59 -3.91 -0.02
N ILE A 18 -4.67 -4.85 0.19
CA ILE A 18 -4.93 -5.96 1.10
C ILE A 18 -3.66 -6.78 1.32
N GLY A 19 -2.67 -6.61 0.45
CA GLY A 19 -1.42 -7.34 0.57
C GLY A 19 -1.64 -8.84 0.51
N GLY A 20 -2.13 -9.32 -0.63
CA GLY A 20 -2.38 -10.73 -0.80
C GLY A 20 -2.66 -11.09 -2.25
N ALA A 21 -3.70 -10.50 -2.80
CA ALA A 21 -4.06 -10.77 -4.20
C ALA A 21 -2.91 -10.41 -5.12
N ALA A 22 -2.57 -9.13 -5.18
CA ALA A 22 -1.48 -8.68 -6.03
C ALA A 22 -0.14 -9.17 -5.49
N LEU A 23 -0.07 -9.37 -4.17
CA LEU A 23 1.15 -9.84 -3.54
C LEU A 23 1.60 -11.15 -4.20
N ASP A 24 0.68 -11.82 -4.88
CA ASP A 24 0.98 -13.08 -5.55
C ASP A 24 -0.07 -13.37 -6.62
N HIS A 25 -0.17 -12.49 -7.60
CA HIS A 25 -1.14 -12.66 -8.68
C HIS A 25 -1.04 -14.06 -9.27
N LEU A 26 -1.83 -14.98 -8.70
CA LEU A 26 -1.83 -16.36 -9.18
C LEU A 26 -2.10 -16.42 -10.68
N GLY A 1 6.65 14.14 -6.20
CA GLY A 1 6.41 12.76 -5.80
C GLY A 1 6.14 12.64 -4.31
N ARG A 2 6.49 13.67 -3.57
CA ARG A 2 6.28 13.68 -2.12
C ARG A 2 4.81 13.87 -1.80
N ARG A 3 4.32 15.10 -1.99
CA ARG A 3 2.92 15.41 -1.71
C ARG A 3 2.55 14.94 -0.30
N LYS A 4 1.90 13.78 -0.22
CA LYS A 4 1.49 13.22 1.07
C LYS A 4 2.63 12.40 1.67
N ARG A 5 3.04 12.75 2.88
CA ARG A 5 4.12 12.02 3.54
C ARG A 5 3.82 10.52 3.55
N LYS A 6 4.41 9.80 2.58
CA LYS A 6 4.21 8.35 2.46
C LYS A 6 2.83 7.92 2.92
N TRP A 7 1.83 8.08 2.04
CA TRP A 7 0.47 7.71 2.35
C TRP A 7 -0.38 7.73 1.08
N LEU A 8 0.22 8.19 0.00
CA LEU A 8 -0.48 8.27 -1.29
C LEU A 8 -0.61 6.89 -1.93
N ARG A 9 -0.52 5.84 -1.11
CA ARG A 9 -0.63 4.48 -1.61
C ARG A 9 0.48 4.19 -2.61
N ARG A 10 1.68 4.67 -2.31
CA ARG A 10 2.84 4.43 -3.18
C ARG A 10 2.90 2.95 -3.54
N ILE A 11 3.67 2.19 -2.76
CA ILE A 11 3.78 0.76 -2.99
C ILE A 11 2.62 0.03 -2.33
N GLY A 12 1.81 0.77 -1.56
CA GLY A 12 0.68 0.17 -0.87
C GLY A 12 -0.35 -0.34 -1.86
N LYS A 13 -0.63 0.45 -2.88
CA LYS A 13 -1.60 0.03 -3.90
C LYS A 13 -1.23 -1.35 -4.42
N GLY A 14 0.00 -1.77 -4.10
CA GLY A 14 0.50 -3.08 -4.51
C GLY A 14 0.32 -4.13 -3.43
N VAL A 15 0.62 -3.76 -2.18
CA VAL A 15 0.49 -4.69 -1.05
C VAL A 15 -0.63 -4.26 -0.10
N LYS A 16 -0.71 -2.97 0.19
CA LYS A 16 -1.74 -2.46 1.09
C LYS A 16 -3.13 -2.81 0.55
N ILE A 17 -3.26 -2.87 -0.77
CA ILE A 17 -4.55 -3.20 -1.38
C ILE A 17 -4.91 -4.66 -1.08
N ILE A 18 -4.07 -5.32 -0.29
CA ILE A 18 -4.31 -6.71 0.08
C ILE A 18 -4.34 -7.59 -1.17
N GLY A 19 -3.15 -8.01 -1.61
CA GLY A 19 -3.04 -8.85 -2.79
C GLY A 19 -1.66 -9.47 -2.93
N GLY A 20 -0.98 -9.61 -1.79
CA GLY A 20 0.36 -10.18 -1.79
C GLY A 20 0.83 -10.51 -0.39
N ALA A 21 0.85 -9.51 0.48
CA ALA A 21 1.29 -9.71 1.85
C ALA A 21 0.53 -10.87 2.49
N ALA A 22 -0.79 -10.81 2.44
CA ALA A 22 -1.63 -11.86 3.01
C ALA A 22 -1.44 -13.17 2.24
N LEU A 23 -1.02 -13.06 0.99
CA LEU A 23 -0.81 -14.23 0.15
C LEU A 23 0.58 -14.83 0.40
N ASP A 24 0.80 -15.32 1.61
CA ASP A 24 2.09 -15.91 1.97
C ASP A 24 1.92 -16.81 3.20
N HIS A 25 1.09 -16.38 4.14
CA HIS A 25 0.86 -17.17 5.35
C HIS A 25 -0.08 -18.34 5.06
N LEU A 26 0.33 -19.52 5.52
CA LEU A 26 -0.47 -20.73 5.30
C LEU A 26 -1.69 -20.71 6.21
N GLY A 1 7.45 11.46 -6.53
CA GLY A 1 6.99 10.47 -5.56
C GLY A 1 6.83 11.08 -4.18
N ARG A 2 7.19 12.36 -4.05
CA ARG A 2 7.08 13.05 -2.77
C ARG A 2 5.62 13.26 -2.40
N ARG A 3 4.98 14.23 -3.04
CA ARG A 3 3.57 14.53 -2.77
C ARG A 3 3.37 14.91 -1.31
N LYS A 4 3.36 13.90 -0.43
CA LYS A 4 3.16 14.15 0.99
C LYS A 4 3.70 12.98 1.82
N ARG A 5 5.03 12.85 1.85
CA ARG A 5 5.68 11.79 2.60
C ARG A 5 5.18 10.41 2.17
N LYS A 6 4.00 10.03 2.68
CA LYS A 6 3.41 8.72 2.34
C LYS A 6 1.90 8.86 2.14
N TRP A 7 1.19 7.74 2.29
CA TRP A 7 -0.27 7.70 2.14
C TRP A 7 -0.70 7.83 0.69
N LEU A 8 0.09 8.51 -0.13
CA LEU A 8 -0.26 8.68 -1.55
C LEU A 8 -0.59 7.34 -2.19
N ARG A 9 -0.31 6.25 -1.48
CA ARG A 9 -0.59 4.91 -1.99
C ARG A 9 0.41 4.52 -3.08
N ARG A 10 1.67 4.86 -2.86
CA ARG A 10 2.72 4.54 -3.84
C ARG A 10 2.69 3.03 -4.10
N ILE A 11 3.49 2.28 -3.34
CA ILE A 11 3.55 0.83 -3.49
C ILE A 11 2.45 0.18 -2.65
N GLY A 12 1.86 0.96 -1.76
CA GLY A 12 0.80 0.45 -0.90
C GLY A 12 -0.30 -0.19 -1.71
N LYS A 13 -0.74 0.51 -2.76
CA LYS A 13 -1.78 -0.02 -3.65
C LYS A 13 -1.50 -1.50 -3.96
N GLY A 14 -0.25 -1.90 -3.76
CA GLY A 14 0.18 -3.27 -4.00
C GLY A 14 0.14 -4.12 -2.75
N VAL A 15 0.62 -3.59 -1.62
CA VAL A 15 0.63 -4.35 -0.36
C VAL A 15 -0.49 -3.86 0.58
N LYS A 16 -0.65 -2.55 0.68
CA LYS A 16 -1.68 -1.98 1.54
C LYS A 16 -3.02 -2.68 1.34
N ILE A 17 -3.63 -2.48 0.18
CA ILE A 17 -4.92 -3.10 -0.11
C ILE A 17 -4.77 -4.59 -0.41
N ILE A 18 -3.80 -5.23 0.25
CA ILE A 18 -3.58 -6.66 0.05
C ILE A 18 -3.44 -6.97 -1.45
N GLY A 19 -2.21 -7.12 -1.91
CA GLY A 19 -1.97 -7.42 -3.31
C GLY A 19 -2.60 -8.73 -3.71
N GLY A 20 -3.35 -8.71 -4.82
CA GLY A 20 -3.99 -9.92 -5.30
C GLY A 20 -3.02 -11.08 -5.39
N ALA A 21 -3.44 -12.25 -4.93
CA ALA A 21 -2.58 -13.42 -4.96
C ALA A 21 -1.25 -13.10 -4.30
N ALA A 22 -1.24 -12.07 -3.46
CA ALA A 22 0.00 -11.67 -2.79
C ALA A 22 1.04 -11.38 -3.86
N LEU A 23 0.60 -10.64 -4.88
CA LEU A 23 1.47 -10.32 -6.00
C LEU A 23 2.00 -11.63 -6.58
N ASP A 24 1.26 -12.71 -6.30
CA ASP A 24 1.64 -14.04 -6.77
C ASP A 24 3.14 -14.26 -6.57
N HIS A 25 3.59 -13.91 -5.38
CA HIS A 25 5.00 -14.03 -5.00
C HIS A 25 5.35 -15.48 -4.69
N LEU A 26 4.79 -16.40 -5.49
CA LEU A 26 5.06 -17.82 -5.28
C LEU A 26 6.56 -18.10 -5.37
N GLY A 1 3.18 10.36 -6.74
CA GLY A 1 2.55 11.52 -6.12
C GLY A 1 2.99 11.69 -4.67
N ARG A 2 2.44 12.70 -4.02
CA ARG A 2 2.78 12.97 -2.62
C ARG A 2 1.89 14.06 -2.04
N ARG A 3 0.60 13.99 -2.34
CA ARG A 3 -0.35 14.97 -1.84
C ARG A 3 -0.35 14.98 -0.31
N LYS A 4 -0.47 13.79 0.27
CA LYS A 4 -0.47 13.66 1.73
C LYS A 4 0.96 13.61 2.26
N ARG A 5 1.59 12.44 2.14
CA ARG A 5 2.96 12.27 2.62
C ARG A 5 3.49 10.92 2.14
N LYS A 6 3.13 9.86 2.86
CA LYS A 6 3.57 8.50 2.49
C LYS A 6 2.58 7.48 3.02
N TRP A 7 1.31 7.64 2.64
CA TRP A 7 0.26 6.73 3.07
C TRP A 7 -0.86 6.67 2.02
N LEU A 8 -0.76 7.53 1.00
CA LEU A 8 -1.77 7.56 -0.05
C LEU A 8 -1.95 6.15 -0.63
N ARG A 9 -1.12 5.78 -1.60
CA ARG A 9 -1.21 4.45 -2.20
C ARG A 9 0.06 4.11 -2.97
N ARG A 10 1.14 4.83 -2.67
CA ARG A 10 2.42 4.58 -3.33
C ARG A 10 2.70 3.07 -3.40
N ILE A 11 3.34 2.54 -2.37
CA ILE A 11 3.65 1.11 -2.33
C ILE A 11 2.38 0.34 -1.94
N GLY A 12 1.42 1.05 -1.34
CA GLY A 12 0.17 0.43 -0.94
C GLY A 12 -0.52 -0.23 -2.11
N LYS A 13 -0.49 0.44 -3.26
CA LYS A 13 -1.12 -0.10 -4.47
C LYS A 13 -0.73 -1.57 -4.66
N GLY A 14 0.33 -1.99 -3.96
CA GLY A 14 0.82 -3.36 -4.04
C GLY A 14 0.39 -4.20 -2.85
N VAL A 15 0.45 -3.61 -1.65
CA VAL A 15 0.08 -4.34 -0.42
C VAL A 15 -1.26 -3.84 0.13
N LYS A 16 -1.46 -2.53 0.10
CA LYS A 16 -2.70 -1.93 0.60
C LYS A 16 -3.87 -2.34 -0.28
N ILE A 17 -3.62 -2.55 -1.57
CA ILE A 17 -4.68 -2.94 -2.50
C ILE A 17 -5.56 -4.04 -1.90
N ILE A 18 -5.01 -4.80 -0.96
CA ILE A 18 -5.76 -5.87 -0.32
C ILE A 18 -5.13 -6.26 1.03
N GLY A 19 -3.82 -6.47 1.03
CA GLY A 19 -3.12 -6.83 2.25
C GLY A 19 -1.79 -7.50 1.98
N GLY A 20 -1.44 -7.60 0.70
CA GLY A 20 -0.18 -8.22 0.31
C GLY A 20 -0.16 -9.69 0.67
N ALA A 21 -1.28 -10.19 1.20
CA ALA A 21 -1.37 -11.60 1.58
C ALA A 21 -1.43 -12.48 0.35
N ALA A 22 -1.21 -11.89 -0.82
CA ALA A 22 -1.24 -12.62 -2.08
C ALA A 22 -0.50 -11.85 -3.16
N LEU A 23 -0.75 -10.54 -3.22
CA LEU A 23 -0.10 -9.69 -4.22
C LEU A 23 1.31 -9.33 -3.75
N ASP A 24 2.12 -10.34 -3.50
CA ASP A 24 3.48 -10.12 -3.04
C ASP A 24 4.30 -11.41 -3.11
N HIS A 25 3.74 -12.48 -2.54
CA HIS A 25 4.41 -13.78 -2.53
C HIS A 25 3.96 -14.63 -3.71
N LEU A 26 4.41 -14.25 -4.91
CA LEU A 26 4.06 -14.98 -6.13
C LEU A 26 5.08 -16.09 -6.39
N GLY A 1 7.38 12.48 -6.03
CA GLY A 1 6.42 13.52 -5.70
C GLY A 1 6.24 13.68 -4.21
N ARG A 2 5.75 12.64 -3.56
CA ARG A 2 5.53 12.68 -2.11
C ARG A 2 4.67 13.89 -1.73
N ARG A 3 3.44 13.90 -2.24
CA ARG A 3 2.51 15.00 -1.95
C ARG A 3 1.79 14.76 -0.62
N LYS A 4 1.76 13.50 -0.19
CA LYS A 4 1.09 13.12 1.07
C LYS A 4 1.98 12.18 1.87
N ARG A 5 3.25 12.52 1.99
CA ARG A 5 4.20 11.71 2.75
C ARG A 5 4.00 10.22 2.44
N LYS A 6 3.47 9.48 3.42
CA LYS A 6 3.23 8.04 3.27
C LYS A 6 1.72 7.75 3.30
N TRP A 7 1.01 8.19 2.27
CA TRP A 7 -0.43 7.98 2.18
C TRP A 7 -0.88 7.98 0.73
N LEU A 8 0.03 8.37 -0.17
CA LEU A 8 -0.29 8.42 -1.58
C LEU A 8 -0.46 7.01 -2.16
N ARG A 9 -0.41 6.01 -1.29
CA ARG A 9 -0.56 4.62 -1.72
C ARG A 9 0.53 4.24 -2.70
N ARG A 10 1.77 4.63 -2.41
CA ARG A 10 2.89 4.30 -3.28
C ARG A 10 2.89 2.78 -3.51
N ILE A 11 3.57 2.05 -2.64
CA ILE A 11 3.60 0.59 -2.77
C ILE A 11 2.40 -0.01 -2.04
N GLY A 12 1.68 0.83 -1.30
CA GLY A 12 0.51 0.36 -0.57
C GLY A 12 -0.53 -0.17 -1.53
N LYS A 13 -0.68 0.51 -2.65
CA LYS A 13 -1.63 0.07 -3.67
C LYS A 13 -1.37 -1.38 -4.02
N GLY A 14 -0.21 -1.89 -3.58
CA GLY A 14 0.19 -3.27 -3.84
C GLY A 14 0.02 -4.17 -2.62
N VAL A 15 0.40 -3.67 -1.44
CA VAL A 15 0.30 -4.46 -0.21
C VAL A 15 -0.89 -4.02 0.64
N LYS A 16 -1.12 -2.71 0.71
CA LYS A 16 -2.23 -2.18 1.50
C LYS A 16 -3.54 -2.81 1.02
N ILE A 17 -3.91 -2.52 -0.22
CA ILE A 17 -5.14 -3.07 -0.79
C ILE A 17 -4.94 -4.55 -1.13
N ILE A 18 -3.79 -5.08 -0.73
CA ILE A 18 -3.47 -6.49 -0.99
C ILE A 18 -3.41 -6.75 -2.49
N GLY A 19 -2.21 -6.98 -2.98
CA GLY A 19 -2.01 -7.26 -4.40
C GLY A 19 -0.58 -7.63 -4.70
N GLY A 20 0.14 -6.73 -5.38
CA GLY A 20 1.52 -7.00 -5.73
C GLY A 20 1.72 -8.37 -6.34
N ALA A 21 2.38 -9.25 -5.59
CA ALA A 21 2.62 -10.62 -6.07
C ALA A 21 3.05 -11.52 -4.92
N ALA A 22 2.11 -12.27 -4.36
CA ALA A 22 2.43 -13.14 -3.23
C ALA A 22 3.00 -12.27 -2.13
N LEU A 23 2.23 -11.28 -1.71
CA LEU A 23 2.68 -10.35 -0.69
C LEU A 23 3.93 -9.68 -1.21
N ASP A 24 4.10 -9.72 -2.54
CA ASP A 24 5.28 -9.14 -3.19
C ASP A 24 6.52 -9.50 -2.40
N HIS A 25 6.52 -10.73 -1.90
CA HIS A 25 7.60 -11.27 -1.09
C HIS A 25 8.92 -11.17 -1.85
N LEU A 26 9.09 -12.00 -2.87
CA LEU A 26 10.31 -12.00 -3.65
C LEU A 26 11.53 -12.19 -2.75
N GLY A 1 9.14 13.92 -6.17
CA GLY A 1 8.08 12.97 -5.90
C GLY A 1 7.50 13.14 -4.51
N ARG A 2 6.97 12.05 -3.96
CA ARG A 2 6.40 12.09 -2.62
C ARG A 2 5.37 13.21 -2.52
N ARG A 3 4.22 13.02 -3.16
CA ARG A 3 3.17 14.02 -3.13
C ARG A 3 2.76 14.35 -1.70
N LYS A 4 2.61 13.31 -0.88
CA LYS A 4 2.22 13.49 0.52
C LYS A 4 2.96 12.50 1.42
N ARG A 5 4.26 12.34 1.18
CA ARG A 5 5.08 11.41 1.96
C ARG A 5 4.52 10.00 1.87
N LYS A 6 3.44 9.74 2.63
CA LYS A 6 2.81 8.42 2.63
C LYS A 6 1.29 8.57 2.57
N TRP A 7 0.58 7.49 2.89
CA TRP A 7 -0.88 7.48 2.89
C TRP A 7 -1.43 7.49 1.46
N LEU A 8 -0.74 8.18 0.55
CA LEU A 8 -1.19 8.25 -0.84
C LEU A 8 -1.08 6.89 -1.52
N ARG A 9 -0.66 5.87 -0.76
CA ARG A 9 -0.51 4.53 -1.31
C ARG A 9 0.41 4.54 -2.53
N ARG A 10 1.58 5.15 -2.36
CA ARG A 10 2.56 5.22 -3.44
C ARG A 10 2.76 3.84 -4.07
N ILE A 11 3.08 2.87 -3.23
CA ILE A 11 3.29 1.49 -3.66
C ILE A 11 2.31 0.61 -2.91
N GLY A 12 1.80 1.14 -1.80
CA GLY A 12 0.84 0.40 -1.02
C GLY A 12 -0.35 -0.02 -1.85
N LYS A 13 -0.74 0.85 -2.77
CA LYS A 13 -1.87 0.57 -3.65
C LYS A 13 -1.65 -0.79 -4.32
N GLY A 14 -0.43 -1.31 -4.21
CA GLY A 14 -0.08 -2.59 -4.80
C GLY A 14 0.00 -3.71 -3.76
N VAL A 15 0.63 -3.42 -2.62
CA VAL A 15 0.77 -4.44 -1.55
C VAL A 15 -0.24 -4.20 -0.43
N LYS A 16 -0.44 -2.95 -0.04
CA LYS A 16 -1.39 -2.65 1.03
C LYS A 16 -2.83 -2.93 0.56
N ILE A 17 -3.08 -2.68 -0.72
CA ILE A 17 -4.40 -2.91 -1.29
C ILE A 17 -4.89 -4.32 -0.93
N ILE A 18 -3.98 -5.29 -0.98
CA ILE A 18 -4.31 -6.69 -0.67
C ILE A 18 -3.82 -7.05 0.74
N GLY A 19 -2.88 -6.26 1.25
CA GLY A 19 -2.32 -6.50 2.57
C GLY A 19 -3.38 -6.89 3.58
N GLY A 20 -4.61 -6.46 3.35
CA GLY A 20 -5.72 -6.77 4.26
C GLY A 20 -5.68 -5.91 5.50
N ALA A 21 -4.57 -5.98 6.23
CA ALA A 21 -4.41 -5.19 7.45
C ALA A 21 -4.79 -3.73 7.19
N ALA A 22 -4.47 -3.25 5.99
CA ALA A 22 -4.78 -1.88 5.60
C ALA A 22 -6.20 -1.81 5.08
N LEU A 23 -6.53 -2.69 4.13
CA LEU A 23 -7.87 -2.72 3.55
C LEU A 23 -8.84 -3.44 4.47
N ASP A 24 -9.14 -2.82 5.61
CA ASP A 24 -10.07 -3.42 6.57
C ASP A 24 -10.46 -2.40 7.63
N HIS A 25 -9.50 -1.56 8.02
CA HIS A 25 -9.75 -0.54 9.04
C HIS A 25 -10.65 0.56 8.47
N LEU A 26 -11.95 0.31 8.44
CA LEU A 26 -12.89 1.29 7.92
C LEU A 26 -14.32 0.88 8.25
N GLY A 1 -2.78 13.52 -2.24
CA GLY A 1 -2.79 12.79 -0.98
C GLY A 1 -1.45 12.85 -0.29
N ARG A 2 -0.48 13.51 -0.92
CA ARG A 2 0.85 13.65 -0.35
C ARG A 2 0.76 14.24 1.06
N ARG A 3 -0.38 14.83 1.36
CA ARG A 3 -0.58 15.44 2.68
C ARG A 3 -0.44 14.40 3.78
N LYS A 4 -0.49 13.12 3.41
CA LYS A 4 -0.36 12.04 4.38
C LYS A 4 1.12 11.71 4.61
N ARG A 5 1.99 12.57 4.11
CA ARG A 5 3.43 12.38 4.26
C ARG A 5 3.84 11.02 3.69
N LYS A 6 3.71 10.88 2.38
CA LYS A 6 4.07 9.63 1.71
C LYS A 6 3.27 8.47 2.27
N TRP A 7 2.10 8.22 1.71
CA TRP A 7 1.25 7.12 2.17
C TRP A 7 0.10 6.89 1.19
N LEU A 8 -0.05 7.80 0.23
CA LEU A 8 -1.12 7.69 -0.77
C LEU A 8 -1.32 6.23 -1.21
N ARG A 9 -0.36 5.70 -1.95
CA ARG A 9 -0.41 4.32 -2.41
C ARG A 9 0.97 3.89 -2.93
N ARG A 10 1.97 4.76 -2.69
CA ARG A 10 3.35 4.50 -3.13
C ARG A 10 3.69 3.01 -3.06
N ILE A 11 3.36 2.41 -1.93
CA ILE A 11 3.58 0.99 -1.70
C ILE A 11 2.25 0.38 -1.29
N GLY A 12 1.34 1.26 -0.86
CA GLY A 12 0.02 0.81 -0.45
C GLY A 12 -0.67 0.05 -1.57
N LYS A 13 -0.46 0.52 -2.80
CA LYS A 13 -1.06 -0.13 -3.95
C LYS A 13 -0.73 -1.63 -3.93
N GLY A 14 0.23 -1.99 -3.07
CA GLY A 14 0.66 -3.37 -2.92
C GLY A 14 0.04 -4.03 -1.70
N VAL A 15 0.06 -3.34 -0.55
CA VAL A 15 -0.50 -3.88 0.69
C VAL A 15 -1.85 -3.25 1.02
N LYS A 16 -1.96 -1.94 0.81
CA LYS A 16 -3.20 -1.23 1.09
C LYS A 16 -4.35 -1.81 0.26
N ILE A 17 -4.05 -2.21 -0.97
CA ILE A 17 -5.06 -2.78 -1.84
C ILE A 17 -5.48 -4.17 -1.32
N ILE A 18 -4.93 -4.54 -0.17
CA ILE A 18 -5.25 -5.84 0.42
C ILE A 18 -4.90 -6.96 -0.55
N GLY A 19 -3.65 -7.42 -0.51
CA GLY A 19 -3.20 -8.48 -1.39
C GLY A 19 -1.88 -9.08 -0.92
N GLY A 20 -1.58 -8.90 0.36
CA GLY A 20 -0.35 -9.42 0.92
C GLY A 20 -0.30 -9.26 2.43
N ALA A 21 -0.83 -8.15 2.90
CA ALA A 21 -0.85 -7.88 4.34
C ALA A 21 -1.46 -9.06 5.10
N ALA A 22 -2.78 -9.15 5.08
CA ALA A 22 -3.48 -10.23 5.76
C ALA A 22 -3.40 -11.52 4.94
N LEU A 23 -3.28 -11.36 3.62
CA LEU A 23 -3.19 -12.51 2.72
C LEU A 23 -1.78 -13.10 2.74
N ASP A 24 -1.30 -13.42 3.94
CA ASP A 24 0.03 -13.99 4.09
C ASP A 24 0.24 -14.48 5.52
N HIS A 25 -0.74 -14.24 6.37
CA HIS A 25 -0.67 -14.65 7.76
C HIS A 25 -0.67 -16.17 7.88
N LEU A 26 -1.85 -16.77 7.68
CA LEU A 26 -1.98 -18.22 7.76
C LEU A 26 -1.41 -18.73 9.07
N GLY A 1 4.99 16.57 -6.79
CA GLY A 1 4.79 17.03 -5.43
C GLY A 1 4.95 15.91 -4.42
N ARG A 2 4.06 15.90 -3.43
CA ARG A 2 4.11 14.86 -2.39
C ARG A 2 2.80 14.87 -1.59
N ARG A 3 2.22 16.05 -1.40
CA ARG A 3 0.98 16.17 -0.66
C ARG A 3 1.06 15.42 0.67
N LYS A 4 0.66 14.16 0.65
CA LYS A 4 0.69 13.34 1.87
C LYS A 4 2.10 12.88 2.18
N ARG A 5 3.07 13.75 1.90
CA ARG A 5 4.48 13.43 2.16
C ARG A 5 4.89 12.16 1.42
N LYS A 6 4.51 11.01 1.97
CA LYS A 6 4.85 9.73 1.35
C LYS A 6 3.92 8.63 1.88
N TRP A 7 2.64 8.76 1.54
CA TRP A 7 1.64 7.78 1.97
C TRP A 7 0.46 7.79 0.99
N LEU A 8 0.67 8.45 -0.14
CA LEU A 8 -0.36 8.54 -1.18
C LEU A 8 -0.43 7.24 -1.98
N ARG A 9 -0.89 6.17 -1.34
CA ARG A 9 -1.00 4.88 -1.99
C ARG A 9 0.28 4.52 -2.73
N ARG A 10 1.40 5.05 -2.23
CA ARG A 10 2.70 4.76 -2.84
C ARG A 10 2.86 3.25 -3.00
N ILE A 11 3.42 2.60 -1.98
CA ILE A 11 3.63 1.16 -2.01
C ILE A 11 2.35 0.44 -1.59
N GLY A 12 1.45 1.16 -0.94
CA GLY A 12 0.20 0.57 -0.49
C GLY A 12 -0.55 -0.11 -1.62
N LYS A 13 -0.65 0.57 -2.76
CA LYS A 13 -1.35 -0.01 -3.91
C LYS A 13 -0.83 -1.41 -4.18
N GLY A 14 0.31 -1.74 -3.57
CA GLY A 14 0.94 -3.05 -3.73
C GLY A 14 0.60 -3.99 -2.59
N VAL A 15 0.45 -3.44 -1.38
CA VAL A 15 0.13 -4.26 -0.19
C VAL A 15 -1.15 -3.79 0.48
N LYS A 16 -1.33 -2.48 0.59
CA LYS A 16 -2.53 -1.92 1.20
C LYS A 16 -3.78 -2.43 0.49
N ILE A 17 -3.67 -2.63 -0.83
CA ILE A 17 -4.80 -3.11 -1.61
C ILE A 17 -5.20 -4.52 -1.15
N ILE A 18 -4.47 -5.04 -0.17
CA ILE A 18 -4.76 -6.37 0.36
C ILE A 18 -4.54 -7.42 -0.72
N GLY A 19 -3.31 -7.93 -0.81
CA GLY A 19 -2.98 -8.94 -1.80
C GLY A 19 -1.64 -9.58 -1.52
N GLY A 20 -1.21 -9.51 -0.26
CA GLY A 20 0.06 -10.09 0.14
C GLY A 20 0.24 -10.06 1.65
N ALA A 21 -0.46 -9.13 2.31
CA ALA A 21 -0.36 -9.02 3.76
C ALA A 21 -1.10 -10.15 4.44
N ALA A 22 -1.48 -11.16 3.65
CA ALA A 22 -2.19 -12.31 4.18
C ALA A 22 -2.20 -13.45 3.16
N LEU A 23 -2.47 -13.10 1.90
CA LEU A 23 -2.50 -14.09 0.83
C LEU A 23 -1.07 -14.42 0.37
N ASP A 24 -0.23 -14.82 1.32
CA ASP A 24 1.16 -15.16 1.00
C ASP A 24 1.77 -15.97 2.14
N HIS A 25 1.13 -15.93 3.30
CA HIS A 25 1.61 -16.68 4.46
C HIS A 25 1.30 -18.17 4.32
N LEU A 26 1.36 -18.66 3.09
CA LEU A 26 1.07 -20.07 2.84
C LEU A 26 2.20 -20.95 3.38
N GLY A 1 6.78 13.55 -4.80
CA GLY A 1 6.05 12.30 -4.83
C GLY A 1 5.39 12.00 -3.50
N ARG A 2 6.16 12.13 -2.42
CA ARG A 2 5.63 11.86 -1.09
C ARG A 2 4.70 12.98 -0.65
N ARG A 3 3.50 13.02 -1.22
CA ARG A 3 2.53 14.05 -0.87
C ARG A 3 2.00 13.83 0.54
N LYS A 4 1.33 12.69 0.75
CA LYS A 4 0.77 12.37 2.06
C LYS A 4 1.72 11.46 2.85
N ARG A 5 2.99 11.85 2.91
CA ARG A 5 3.99 11.07 3.63
C ARG A 5 3.99 9.63 3.15
N LYS A 6 3.11 8.81 3.73
CA LYS A 6 3.01 7.40 3.36
C LYS A 6 1.54 6.95 3.37
N TRP A 7 0.82 7.30 2.31
CA TRP A 7 -0.59 6.93 2.22
C TRP A 7 -1.13 7.25 0.83
N LEU A 8 -0.23 7.61 -0.08
CA LEU A 8 -0.62 7.94 -1.45
C LEU A 8 -0.94 6.66 -2.22
N ARG A 9 0.05 6.10 -2.91
CA ARG A 9 -0.15 4.88 -3.67
C ARG A 9 1.20 4.33 -4.16
N ARG A 10 2.26 4.65 -3.44
CA ARG A 10 3.60 4.19 -3.81
C ARG A 10 3.65 2.68 -3.79
N ILE A 11 3.13 2.07 -4.85
CA ILE A 11 3.06 0.61 -4.98
C ILE A 11 2.34 -0.03 -3.79
N GLY A 12 2.08 0.75 -2.73
CA GLY A 12 1.36 0.21 -1.60
C GLY A 12 -0.08 0.02 -1.96
N LYS A 13 -0.53 0.80 -2.95
CA LYS A 13 -1.90 0.69 -3.43
C LYS A 13 -2.20 -0.75 -3.78
N GLY A 14 -1.13 -1.55 -3.92
CA GLY A 14 -1.25 -2.96 -4.27
C GLY A 14 -1.03 -3.88 -3.08
N VAL A 15 0.07 -3.66 -2.35
CA VAL A 15 0.39 -4.50 -1.18
C VAL A 15 -0.10 -3.87 0.12
N LYS A 16 -0.03 -2.55 0.21
CA LYS A 16 -0.44 -1.84 1.42
C LYS A 16 -1.97 -1.77 1.51
N ILE A 17 -2.63 -1.74 0.36
CA ILE A 17 -4.09 -1.66 0.34
C ILE A 17 -4.71 -2.79 1.18
N ILE A 18 -4.04 -3.95 1.20
CA ILE A 18 -4.55 -5.08 1.97
C ILE A 18 -3.48 -6.17 2.09
N GLY A 19 -2.55 -6.19 1.15
CA GLY A 19 -1.49 -7.19 1.16
C GLY A 19 -0.48 -6.95 2.26
N GLY A 20 -0.86 -6.15 3.25
CA GLY A 20 0.02 -5.84 4.35
C GLY A 20 -0.71 -5.19 5.51
N ALA A 21 -1.52 -4.18 5.17
CA ALA A 21 -2.29 -3.47 6.20
C ALA A 21 -3.33 -4.39 6.82
N ALA A 22 -3.34 -5.66 6.37
CA ALA A 22 -4.28 -6.65 6.89
C ALA A 22 -3.70 -8.04 6.75
N LEU A 23 -3.00 -8.29 5.64
CA LEU A 23 -2.40 -9.59 5.40
C LEU A 23 -1.09 -9.73 6.19
N ASP A 24 -1.15 -9.46 7.49
CA ASP A 24 0.04 -9.55 8.34
C ASP A 24 -0.36 -9.53 9.81
N HIS A 25 -1.62 -9.23 10.07
CA HIS A 25 -2.11 -9.17 11.45
C HIS A 25 -2.16 -10.57 12.06
N LEU A 26 -2.95 -11.46 11.44
CA LEU A 26 -3.06 -12.82 11.94
C LEU A 26 -3.51 -12.82 13.41
N GLY A 1 8.09 11.09 -5.06
CA GLY A 1 6.98 11.99 -4.80
C GLY A 1 6.83 12.31 -3.33
N ARG A 2 6.22 11.37 -2.60
CA ARG A 2 6.01 11.56 -1.16
C ARG A 2 5.34 12.90 -0.89
N ARG A 3 4.32 13.22 -1.68
CA ARG A 3 3.60 14.47 -1.52
C ARG A 3 2.69 14.42 -0.28
N LYS A 4 2.69 13.27 0.39
CA LYS A 4 1.86 13.10 1.58
C LYS A 4 2.34 11.91 2.40
N ARG A 5 3.50 12.07 3.04
CA ARG A 5 4.07 11.01 3.86
C ARG A 5 4.08 9.68 3.09
N LYS A 6 3.21 8.75 3.50
CA LYS A 6 3.12 7.44 2.84
C LYS A 6 1.69 6.94 2.85
N TRP A 7 0.94 7.27 1.80
CA TRP A 7 -0.45 6.85 1.69
C TRP A 7 -0.98 7.08 0.29
N LEU A 8 -0.25 7.86 -0.51
CA LEU A 8 -0.67 8.15 -1.88
C LEU A 8 -0.99 6.85 -2.61
N ARG A 9 0.05 6.14 -3.07
CA ARG A 9 -0.15 4.88 -3.78
C ARG A 9 1.20 4.25 -4.12
N ARG A 10 2.24 4.68 -3.43
CA ARG A 10 3.59 4.16 -3.66
C ARG A 10 3.64 2.65 -3.49
N ILE A 11 3.16 1.93 -4.50
CA ILE A 11 3.14 0.46 -4.47
C ILE A 11 2.26 -0.03 -3.31
N GLY A 12 1.98 0.84 -2.33
CA GLY A 12 1.14 0.46 -1.24
C GLY A 12 -0.27 0.21 -1.73
N LYS A 13 -0.65 0.91 -2.78
CA LYS A 13 -1.97 0.74 -3.36
C LYS A 13 -2.22 -0.74 -3.65
N GLY A 14 -1.12 -1.52 -3.63
CA GLY A 14 -1.20 -2.95 -3.90
C GLY A 14 -0.99 -3.79 -2.65
N VAL A 15 0.03 -3.46 -1.86
CA VAL A 15 0.33 -4.22 -0.63
C VAL A 15 -0.22 -3.52 0.61
N LYS A 16 -0.21 -2.19 0.61
CA LYS A 16 -0.72 -1.44 1.75
C LYS A 16 -2.23 -1.48 1.82
N ILE A 17 -2.89 -1.39 0.66
CA ILE A 17 -4.35 -1.43 0.62
C ILE A 17 -4.87 -2.64 1.38
N ILE A 18 -4.15 -3.77 1.27
CA ILE A 18 -4.54 -5.01 1.96
C ILE A 18 -3.60 -5.24 3.15
N GLY A 19 -2.57 -6.05 2.93
CA GLY A 19 -1.61 -6.35 3.99
C GLY A 19 -0.64 -7.45 3.58
N GLY A 20 -0.65 -7.78 2.29
CA GLY A 20 0.24 -8.81 1.78
C GLY A 20 -0.20 -10.20 2.24
N ALA A 21 -1.15 -10.23 3.16
CA ALA A 21 -1.65 -11.51 3.67
C ALA A 21 -2.40 -12.26 2.58
N ALA A 22 -3.35 -11.59 1.95
CA ALA A 22 -4.13 -12.20 0.88
C ALA A 22 -3.22 -12.56 -0.30
N LEU A 23 -2.22 -11.72 -0.55
CA LEU A 23 -1.28 -11.95 -1.65
C LEU A 23 -0.30 -13.06 -1.28
N ASP A 24 -0.79 -14.09 -0.60
CA ASP A 24 0.05 -15.21 -0.19
C ASP A 24 -0.81 -16.37 0.30
N HIS A 25 -1.61 -16.11 1.34
CA HIS A 25 -2.48 -17.15 1.89
C HIS A 25 -1.67 -18.40 2.21
N LEU A 26 -0.63 -18.25 3.02
CA LEU A 26 0.22 -19.38 3.39
C LEU A 26 0.72 -20.10 2.13
N GLY A 1 9.12 10.93 -1.31
CA GLY A 1 7.70 11.14 -1.56
C GLY A 1 7.00 11.76 -0.36
N ARG A 2 7.67 12.71 0.27
CA ARG A 2 7.09 13.39 1.44
C ARG A 2 6.03 14.40 1.00
N ARG A 3 5.29 14.05 -0.04
CA ARG A 3 4.24 14.93 -0.54
C ARG A 3 2.99 14.85 0.33
N LYS A 4 2.78 13.68 0.95
CA LYS A 4 1.63 13.47 1.82
C LYS A 4 2.00 12.57 2.99
N ARG A 5 3.29 12.52 3.32
CA ARG A 5 3.78 11.71 4.42
C ARG A 5 3.39 10.24 4.21
N LYS A 6 3.95 9.63 3.17
CA LYS A 6 3.66 8.23 2.87
C LYS A 6 2.15 7.97 2.90
N TRP A 7 1.48 8.22 1.79
CA TRP A 7 0.04 8.02 1.70
C TRP A 7 -0.43 8.06 0.25
N LEU A 8 0.40 8.65 -0.62
CA LEU A 8 0.07 8.75 -2.03
C LEU A 8 -0.31 7.39 -2.60
N ARG A 9 -0.07 6.33 -1.82
CA ARG A 9 -0.40 4.98 -2.25
C ARG A 9 0.58 4.51 -3.32
N ARG A 10 1.83 4.94 -3.21
CA ARG A 10 2.86 4.55 -4.17
C ARG A 10 2.86 3.03 -4.33
N ILE A 11 3.68 2.36 -3.52
CA ILE A 11 3.76 0.90 -3.57
C ILE A 11 2.64 0.27 -2.74
N GLY A 12 2.09 1.05 -1.81
CA GLY A 12 1.03 0.55 -0.96
C GLY A 12 -0.11 -0.04 -1.77
N LYS A 13 -0.46 0.63 -2.86
CA LYS A 13 -1.54 0.15 -3.73
C LYS A 13 -1.36 -1.34 -4.02
N GLY A 14 -0.15 -1.85 -3.75
CA GLY A 14 0.17 -3.25 -3.96
C GLY A 14 0.15 -4.06 -2.69
N VAL A 15 0.69 -3.51 -1.60
CA VAL A 15 0.72 -4.22 -0.30
C VAL A 15 -0.29 -3.64 0.68
N LYS A 16 -0.41 -2.32 0.70
CA LYS A 16 -1.35 -1.66 1.61
C LYS A 16 -2.77 -2.20 1.40
N ILE A 17 -3.22 -2.22 0.15
CA ILE A 17 -4.56 -2.71 -0.17
C ILE A 17 -4.61 -4.24 -0.07
N ILE A 18 -3.59 -4.82 0.55
CA ILE A 18 -3.52 -6.27 0.70
C ILE A 18 -3.58 -6.95 -0.67
N GLY A 19 -2.43 -7.38 -1.16
CA GLY A 19 -2.36 -8.04 -2.45
C GLY A 19 -2.89 -9.46 -2.40
N GLY A 20 -4.18 -9.62 -2.67
CA GLY A 20 -4.80 -10.94 -2.65
C GLY A 20 -4.10 -11.90 -3.60
N ALA A 21 -4.81 -12.96 -3.99
CA ALA A 21 -4.24 -13.96 -4.89
C ALA A 21 -2.87 -14.42 -4.39
N ALA A 22 -2.58 -14.10 -3.13
CA ALA A 22 -1.31 -14.47 -2.53
C ALA A 22 -1.33 -14.15 -1.03
N LEU A 23 -1.51 -12.87 -0.71
CA LEU A 23 -1.54 -12.43 0.69
C LEU A 23 -2.96 -12.61 1.25
N ASP A 24 -3.55 -13.76 0.96
CA ASP A 24 -4.91 -14.05 1.42
C ASP A 24 -5.21 -15.54 1.29
N HIS A 25 -4.17 -16.33 1.08
CA HIS A 25 -4.33 -17.78 0.94
C HIS A 25 -5.03 -18.36 2.16
N LEU A 26 -5.97 -19.27 1.92
CA LEU A 26 -6.71 -19.89 3.01
C LEU A 26 -5.77 -20.79 3.82
N GLY A 1 1.79 14.02 -5.97
CA GLY A 1 3.19 13.74 -5.73
C GLY A 1 3.50 13.67 -4.25
N ARG A 2 2.72 14.39 -3.44
CA ARG A 2 2.93 14.40 -2.00
C ARG A 2 1.68 14.93 -1.29
N ARG A 3 0.53 14.68 -1.89
CA ARG A 3 -0.74 15.14 -1.31
C ARG A 3 -0.87 14.64 0.12
N LYS A 4 0.02 13.74 0.52
CA LYS A 4 -0.01 13.19 1.87
C LYS A 4 1.28 12.42 2.16
N ARG A 5 2.41 13.12 2.14
CA ARG A 5 3.70 12.49 2.40
C ARG A 5 3.84 11.20 1.60
N LYS A 6 4.94 10.47 1.84
CA LYS A 6 5.19 9.22 1.14
C LYS A 6 4.43 8.08 1.80
N TRP A 7 3.12 8.02 1.57
CA TRP A 7 2.29 6.96 2.16
C TRP A 7 0.91 6.96 1.52
N LEU A 8 0.69 7.87 0.56
CA LEU A 8 -0.59 7.96 -0.11
C LEU A 8 -1.01 6.57 -0.62
N ARG A 9 -0.24 6.04 -1.57
CA ARG A 9 -0.53 4.73 -2.13
C ARG A 9 0.65 4.25 -2.99
N ARG A 10 1.82 4.81 -2.73
CA ARG A 10 3.02 4.43 -3.49
C ARG A 10 3.13 2.89 -3.51
N ILE A 11 3.80 2.32 -2.52
CA ILE A 11 3.94 0.88 -2.44
C ILE A 11 2.64 0.27 -1.91
N GLY A 12 1.84 1.08 -1.22
CA GLY A 12 0.58 0.61 -0.69
C GLY A 12 -0.28 0.04 -1.79
N LYS A 13 -0.20 0.64 -2.97
CA LYS A 13 -0.96 0.17 -4.12
C LYS A 13 -0.77 -1.34 -4.28
N GLY A 14 0.25 -1.88 -3.59
CA GLY A 14 0.56 -3.31 -3.66
C GLY A 14 0.11 -4.05 -2.41
N VAL A 15 0.38 -3.48 -1.24
CA VAL A 15 0.00 -4.12 0.03
C VAL A 15 -1.25 -3.47 0.62
N LYS A 16 -1.34 -2.15 0.51
CA LYS A 16 -2.50 -1.42 1.03
C LYS A 16 -3.75 -1.75 0.21
N ILE A 17 -3.56 -1.97 -1.09
CA ILE A 17 -4.67 -2.29 -1.98
C ILE A 17 -5.56 -3.40 -1.35
N ILE A 18 -5.01 -4.59 -1.18
CA ILE A 18 -5.74 -5.70 -0.56
C ILE A 18 -4.75 -6.72 0.00
N GLY A 19 -3.64 -6.22 0.55
CA GLY A 19 -2.63 -7.09 1.11
C GLY A 19 -3.06 -7.69 2.44
N GLY A 20 -4.37 -7.74 2.66
CA GLY A 20 -4.92 -8.29 3.88
C GLY A 20 -4.85 -7.30 5.03
N ALA A 21 -4.05 -6.25 4.86
CA ALA A 21 -3.90 -5.23 5.89
C ALA A 21 -5.20 -4.45 6.04
N ALA A 22 -5.58 -3.73 5.00
CA ALA A 22 -6.81 -2.94 5.04
C ALA A 22 -8.03 -3.85 4.98
N LEU A 23 -7.92 -4.94 4.22
CA LEU A 23 -9.02 -5.89 4.09
C LEU A 23 -9.11 -6.77 5.33
N ASP A 24 -9.49 -6.16 6.45
CA ASP A 24 -9.62 -6.90 7.70
C ASP A 24 -10.37 -6.07 8.73
N HIS A 25 -10.54 -4.79 8.44
CA HIS A 25 -11.24 -3.88 9.35
C HIS A 25 -12.63 -4.44 9.67
N LEU A 26 -13.03 -4.31 10.94
CA LEU A 26 -14.34 -4.80 11.36
C LEU A 26 -15.43 -3.87 10.85
N GLY A 1 8.87 15.81 -3.66
CA GLY A 1 7.98 16.66 -2.86
C GLY A 1 6.93 15.84 -2.14
N ARG A 2 7.14 15.61 -0.86
CA ARG A 2 6.19 14.83 -0.05
C ARG A 2 4.75 15.29 -0.32
N ARG A 3 4.08 14.61 -1.24
CA ARG A 3 2.71 14.97 -1.57
C ARG A 3 1.78 14.70 -0.39
N LYS A 4 2.13 13.71 0.43
CA LYS A 4 1.32 13.37 1.60
C LYS A 4 2.12 12.48 2.55
N ARG A 5 3.17 13.04 3.13
CA ARG A 5 4.00 12.28 4.06
C ARG A 5 4.40 10.93 3.46
N LYS A 6 4.27 10.82 2.15
CA LYS A 6 4.61 9.58 1.46
C LYS A 6 3.84 8.41 2.06
N TRP A 7 2.57 8.29 1.68
CA TRP A 7 1.73 7.21 2.19
C TRP A 7 0.43 7.12 1.39
N LEU A 8 0.32 7.92 0.34
CA LEU A 8 -0.88 7.91 -0.50
C LEU A 8 -1.17 6.49 -0.99
N ARG A 9 -0.58 6.14 -2.15
CA ARG A 9 -0.78 4.81 -2.75
C ARG A 9 0.53 4.30 -3.33
N ARG A 10 1.62 5.00 -3.05
CA ARG A 10 2.94 4.59 -3.56
C ARG A 10 3.12 3.07 -3.44
N ILE A 11 3.58 2.61 -2.28
CA ILE A 11 3.79 1.18 -2.05
C ILE A 11 2.51 0.55 -1.53
N GLY A 12 1.58 1.38 -1.06
CA GLY A 12 0.31 0.87 -0.55
C GLY A 12 -0.40 0.03 -1.59
N LYS A 13 -0.37 0.50 -2.83
CA LYS A 13 -0.99 -0.22 -3.93
C LYS A 13 -0.56 -1.69 -3.90
N GLY A 14 0.52 -1.96 -3.16
CA GLY A 14 1.05 -3.31 -3.03
C GLY A 14 0.58 -4.01 -1.77
N VAL A 15 0.51 -3.26 -0.66
CA VAL A 15 0.08 -3.84 0.62
C VAL A 15 -1.25 -3.25 1.09
N LYS A 16 -1.42 -1.95 0.93
CA LYS A 16 -2.66 -1.29 1.35
C LYS A 16 -3.87 -2.02 0.77
N ILE A 17 -3.85 -2.25 -0.54
CA ILE A 17 -4.94 -2.94 -1.20
C ILE A 17 -4.85 -4.45 -0.96
N ILE A 18 -4.45 -4.81 0.27
CA ILE A 18 -4.32 -6.22 0.68
C ILE A 18 -3.82 -7.09 -0.48
N GLY A 19 -2.73 -6.67 -1.11
CA GLY A 19 -2.16 -7.41 -2.22
C GLY A 19 -2.98 -7.25 -3.47
N GLY A 20 -4.11 -7.95 -3.53
CA GLY A 20 -4.98 -7.88 -4.69
C GLY A 20 -4.20 -8.03 -5.99
N ALA A 21 -3.70 -6.92 -6.52
CA ALA A 21 -2.91 -6.96 -7.74
C ALA A 21 -1.83 -8.03 -7.60
N ALA A 22 -1.41 -8.25 -6.35
CA ALA A 22 -0.40 -9.25 -6.03
C ALA A 22 -1.10 -10.53 -5.58
N LEU A 23 -2.02 -10.38 -4.61
CA LEU A 23 -2.77 -11.52 -4.10
C LEU A 23 -3.83 -11.94 -5.12
N ASP A 24 -3.39 -12.56 -6.20
CA ASP A 24 -4.31 -13.02 -7.25
C ASP A 24 -3.56 -13.86 -8.28
N HIS A 25 -2.25 -13.67 -8.34
CA HIS A 25 -1.43 -14.42 -9.29
C HIS A 25 -1.44 -15.90 -8.93
N LEU A 26 -2.05 -16.24 -7.80
CA LEU A 26 -2.12 -17.62 -7.36
C LEU A 26 -2.92 -18.45 -8.37
N GLY A 1 9.84 10.29 -4.78
CA GLY A 1 8.42 10.17 -4.56
C GLY A 1 7.92 11.16 -3.53
N ARG A 2 7.05 12.06 -3.94
CA ARG A 2 6.50 13.07 -3.03
C ARG A 2 5.29 13.75 -3.65
N ARG A 3 4.20 13.81 -2.89
CA ARG A 3 2.97 14.45 -3.36
C ARG A 3 1.96 14.56 -2.22
N LYS A 4 2.02 13.60 -1.29
CA LYS A 4 1.11 13.59 -0.16
C LYS A 4 1.62 12.63 0.91
N ARG A 5 2.82 12.90 1.42
CA ARG A 5 3.43 12.06 2.45
C ARG A 5 3.34 10.59 2.06
N LYS A 6 3.70 9.71 2.98
CA LYS A 6 3.66 8.27 2.72
C LYS A 6 2.25 7.74 2.88
N TRP A 7 1.39 8.09 1.94
CA TRP A 7 -0.01 7.65 1.96
C TRP A 7 -0.60 7.75 0.56
N LEU A 8 0.21 8.27 -0.36
CA LEU A 8 -0.24 8.43 -1.75
C LEU A 8 -0.40 7.07 -2.44
N ARG A 9 -0.30 5.99 -1.65
CA ARG A 9 -0.44 4.65 -2.18
C ARG A 9 0.66 4.33 -3.16
N ARG A 10 1.90 4.68 -2.81
CA ARG A 10 3.04 4.39 -3.68
C ARG A 10 3.02 2.91 -4.04
N ILE A 11 3.73 2.10 -3.27
CA ILE A 11 3.76 0.66 -3.50
C ILE A 11 2.56 0.01 -2.80
N GLY A 12 1.82 0.81 -2.04
CA GLY A 12 0.66 0.28 -1.33
C GLY A 12 -0.38 -0.27 -2.28
N LYS A 13 -0.68 0.49 -3.32
CA LYS A 13 -1.66 0.05 -4.32
C LYS A 13 -1.40 -1.42 -4.70
N GLY A 14 -0.19 -1.90 -4.37
CA GLY A 14 0.20 -3.26 -4.68
C GLY A 14 0.01 -4.17 -3.47
N VAL A 15 0.42 -3.71 -2.29
CA VAL A 15 0.30 -4.49 -1.05
C VAL A 15 -0.82 -3.93 -0.17
N LYS A 16 -0.87 -2.61 -0.06
CA LYS A 16 -1.88 -1.96 0.77
C LYS A 16 -3.28 -2.18 0.18
N ILE A 17 -3.41 -2.08 -1.16
CA ILE A 17 -4.72 -2.27 -1.79
C ILE A 17 -5.52 -3.41 -1.15
N ILE A 18 -4.82 -4.35 -0.51
CA ILE A 18 -5.49 -5.48 0.13
C ILE A 18 -4.60 -6.10 1.21
N GLY A 19 -3.33 -6.33 0.87
CA GLY A 19 -2.40 -6.92 1.81
C GLY A 19 -2.70 -8.38 2.06
N GLY A 20 -2.65 -9.17 1.00
CA GLY A 20 -2.92 -10.60 1.12
C GLY A 20 -2.99 -11.27 -0.23
N ALA A 21 -4.06 -10.99 -0.98
CA ALA A 21 -4.24 -11.57 -2.30
C ALA A 21 -3.03 -11.28 -3.18
N ALA A 22 -2.71 -10.00 -3.31
CA ALA A 22 -1.56 -9.59 -4.12
C ALA A 22 -0.26 -9.95 -3.42
N LEU A 23 -0.34 -10.22 -2.12
CA LEU A 23 0.83 -10.58 -1.34
C LEU A 23 1.17 -12.06 -1.57
N ASP A 24 1.34 -12.42 -2.84
CA ASP A 24 1.65 -13.79 -3.21
C ASP A 24 2.22 -13.82 -4.63
N HIS A 25 1.54 -13.13 -5.55
CA HIS A 25 1.98 -13.09 -6.93
C HIS A 25 2.14 -14.50 -7.49
N LEU A 26 1.03 -15.09 -7.93
CA LEU A 26 1.06 -16.43 -8.49
C LEU A 26 1.92 -16.46 -9.76
N GLY A 1 12.29 9.17 0.99
CA GLY A 1 11.74 7.88 1.36
C GLY A 1 10.27 7.99 1.70
N ARG A 2 9.78 9.21 1.87
CA ARG A 2 8.38 9.43 2.20
C ARG A 2 8.04 10.92 2.17
N ARG A 3 6.75 11.23 2.04
CA ARG A 3 6.30 12.62 2.00
C ARG A 3 4.95 12.76 2.69
N LYS A 4 3.88 12.37 1.99
CA LYS A 4 2.54 12.44 2.56
C LYS A 4 2.33 11.33 3.57
N ARG A 5 3.42 10.70 4.00
CA ARG A 5 3.34 9.61 4.97
C ARG A 5 2.37 8.54 4.49
N LYS A 6 2.76 7.83 3.43
CA LYS A 6 1.91 6.78 2.87
C LYS A 6 0.50 7.29 2.62
N TRP A 7 0.29 7.82 1.42
CA TRP A 7 -1.01 8.35 1.03
C TRP A 7 -0.99 8.62 -0.47
N LEU A 8 0.21 8.63 -1.02
CA LEU A 8 0.40 8.86 -2.45
C LEU A 8 0.08 7.59 -3.22
N ARG A 9 0.02 6.46 -2.51
CA ARG A 9 -0.30 5.19 -3.15
C ARG A 9 0.64 4.92 -4.32
N ARG A 10 1.93 4.77 -4.02
CA ARG A 10 2.94 4.51 -5.08
C ARG A 10 3.19 3.02 -5.21
N ILE A 11 3.39 2.35 -4.07
CA ILE A 11 3.63 0.91 -4.03
C ILE A 11 2.69 0.31 -3.02
N GLY A 12 2.23 1.17 -2.11
CA GLY A 12 1.29 0.74 -1.10
C GLY A 12 0.05 0.14 -1.74
N LYS A 13 -0.35 0.70 -2.87
CA LYS A 13 -1.53 0.20 -3.58
C LYS A 13 -1.38 -1.29 -3.82
N GLY A 14 -0.14 -1.77 -3.72
CA GLY A 14 0.16 -3.18 -3.94
C GLY A 14 0.19 -3.96 -2.64
N VAL A 15 0.69 -3.33 -1.56
CA VAL A 15 0.78 -4.00 -0.25
C VAL A 15 -0.04 -3.28 0.81
N LYS A 16 0.06 -1.95 0.87
CA LYS A 16 -0.68 -1.19 1.87
C LYS A 16 -2.14 -1.58 1.89
N ILE A 17 -2.77 -1.66 0.72
CA ILE A 17 -4.18 -2.03 0.65
C ILE A 17 -4.36 -3.51 0.99
N ILE A 18 -3.54 -4.37 0.38
CA ILE A 18 -3.59 -5.82 0.62
C ILE A 18 -2.17 -6.35 0.77
N GLY A 19 -1.66 -6.35 2.00
CA GLY A 19 -0.32 -6.82 2.28
C GLY A 19 0.25 -6.20 3.54
N GLY A 20 -0.36 -5.10 3.96
CA GLY A 20 0.09 -4.40 5.15
C GLY A 20 0.23 -5.34 6.34
N ALA A 21 -0.27 -6.57 6.19
CA ALA A 21 -0.19 -7.55 7.26
C ALA A 21 -0.86 -7.02 8.52
N ALA A 22 -1.71 -6.01 8.34
CA ALA A 22 -2.42 -5.41 9.46
C ALA A 22 -3.52 -4.49 8.96
N LEU A 23 -3.26 -3.84 7.82
CA LEU A 23 -4.23 -2.92 7.22
C LEU A 23 -5.25 -3.70 6.40
N ASP A 24 -5.46 -4.96 6.76
CA ASP A 24 -6.41 -5.80 6.04
C ASP A 24 -6.76 -7.04 6.87
N HIS A 25 -5.74 -7.64 7.47
CA HIS A 25 -5.96 -8.83 8.29
C HIS A 25 -6.70 -9.91 7.49
N LEU A 26 -5.95 -10.73 6.76
CA LEU A 26 -6.54 -11.79 5.97
C LEU A 26 -7.20 -12.82 6.88
N GLY A 1 5.63 11.78 -5.20
CA GLY A 1 6.26 12.71 -4.27
C GLY A 1 5.56 12.73 -2.93
N ARG A 2 6.25 13.25 -1.92
CA ARG A 2 5.68 13.33 -0.57
C ARG A 2 4.68 14.49 -0.47
N ARG A 3 3.82 14.60 -1.48
CA ARG A 3 2.82 15.67 -1.48
C ARG A 3 2.00 15.65 -0.20
N LYS A 4 1.87 14.47 0.40
CA LYS A 4 1.11 14.31 1.64
C LYS A 4 1.69 13.18 2.49
N ARG A 5 3.00 13.23 2.70
CA ARG A 5 3.68 12.21 3.48
C ARG A 5 3.53 10.84 2.82
N LYS A 6 4.63 10.09 2.80
CA LYS A 6 4.61 8.76 2.18
C LYS A 6 3.42 7.94 2.69
N TRP A 7 2.29 8.08 1.99
CA TRP A 7 1.09 7.35 2.38
C TRP A 7 0.03 7.42 1.27
N LEU A 8 0.28 8.24 0.25
CA LEU A 8 -0.66 8.37 -0.86
C LEU A 8 -1.12 6.99 -1.35
N ARG A 9 -0.23 6.29 -2.06
CA ARG A 9 -0.55 4.97 -2.58
C ARG A 9 0.61 4.46 -3.45
N ARG A 10 1.79 5.03 -3.24
CA ARG A 10 2.97 4.63 -4.01
C ARG A 10 3.10 3.10 -4.01
N ILE A 11 3.78 2.55 -3.00
CA ILE A 11 3.97 1.11 -2.89
C ILE A 11 2.76 0.48 -2.20
N GLY A 12 1.97 1.31 -1.53
CA GLY A 12 0.79 0.82 -0.85
C GLY A 12 -0.10 0.04 -1.80
N LYS A 13 -0.28 0.56 -3.00
CA LYS A 13 -1.10 -0.11 -4.01
C LYS A 13 -0.75 -1.59 -4.07
N GLY A 14 0.43 -1.93 -3.54
CA GLY A 14 0.89 -3.32 -3.53
C GLY A 14 0.58 -4.00 -2.21
N VAL A 15 0.80 -3.29 -1.09
CA VAL A 15 0.53 -3.84 0.25
C VAL A 15 -0.71 -3.22 0.87
N LYS A 16 -0.83 -1.90 0.76
CA LYS A 16 -1.99 -1.21 1.32
C LYS A 16 -3.29 -1.74 0.71
N ILE A 17 -3.20 -2.26 -0.52
CA ILE A 17 -4.39 -2.79 -1.19
C ILE A 17 -4.85 -4.10 -0.53
N ILE A 18 -4.52 -4.26 0.75
CA ILE A 18 -4.91 -5.47 1.49
C ILE A 18 -4.27 -6.70 0.86
N GLY A 19 -3.12 -7.10 1.38
CA GLY A 19 -2.41 -8.25 0.88
C GLY A 19 -1.02 -8.38 1.47
N GLY A 20 -0.70 -7.45 2.37
CA GLY A 20 0.61 -7.46 3.01
C GLY A 20 0.67 -6.50 4.18
N ALA A 21 -0.05 -5.39 4.07
CA ALA A 21 -0.08 -4.39 5.13
C ALA A 21 -0.88 -4.90 6.32
N ALA A 22 -2.03 -5.52 6.03
CA ALA A 22 -2.89 -6.05 7.08
C ALA A 22 -2.29 -7.33 7.67
N LEU A 23 -1.36 -7.92 6.94
CA LEU A 23 -0.72 -9.16 7.39
C LEU A 23 0.15 -8.88 8.61
N ASP A 24 0.16 -7.63 9.05
CA ASP A 24 0.96 -7.24 10.21
C ASP A 24 0.52 -5.88 10.75
N HIS A 25 0.55 -4.87 9.87
CA HIS A 25 0.15 -3.52 10.26
C HIS A 25 1.02 -3.03 11.41
N LEU A 26 1.10 -1.71 11.55
CA LEU A 26 1.89 -1.12 12.63
C LEU A 26 1.17 -1.25 13.97
N GLY A 1 3.53 13.29 -5.55
CA GLY A 1 2.41 12.72 -4.82
C GLY A 1 2.40 13.13 -3.37
N ARG A 2 2.96 14.30 -3.09
CA ARG A 2 3.02 14.81 -1.72
C ARG A 2 1.68 15.41 -1.32
N ARG A 3 0.60 14.71 -1.65
CA ARG A 3 -0.74 15.18 -1.31
C ARG A 3 -0.96 15.13 0.20
N LYS A 4 -0.40 14.10 0.83
CA LYS A 4 -0.54 13.94 2.28
C LYS A 4 0.53 12.98 2.80
N ARG A 5 1.78 13.45 2.82
CA ARG A 5 2.88 12.63 3.29
C ARG A 5 3.03 11.38 2.43
N LYS A 6 4.26 11.11 2.00
CA LYS A 6 4.54 9.95 1.16
C LYS A 6 4.03 8.66 1.81
N TRP A 7 2.73 8.39 1.65
CA TRP A 7 2.11 7.20 2.21
C TRP A 7 0.68 7.09 1.72
N LEU A 8 0.36 7.87 0.69
CA LEU A 8 -0.99 7.88 0.13
C LEU A 8 -1.30 6.59 -0.63
N ARG A 9 -0.31 6.05 -1.35
CA ARG A 9 -0.52 4.82 -2.12
C ARG A 9 0.79 4.40 -2.81
N ARG A 10 1.91 4.87 -2.29
CA ARG A 10 3.21 4.53 -2.88
C ARG A 10 3.32 3.00 -3.02
N ILE A 11 3.81 2.35 -1.97
CA ILE A 11 3.96 0.89 -1.98
C ILE A 11 2.63 0.23 -1.64
N GLY A 12 1.74 0.97 -0.99
CA GLY A 12 0.45 0.43 -0.62
C GLY A 12 -0.26 -0.13 -1.84
N LYS A 13 -0.10 0.55 -2.96
CA LYS A 13 -0.72 0.11 -4.21
C LYS A 13 -0.50 -1.38 -4.41
N GLY A 14 0.48 -1.93 -3.69
CA GLY A 14 0.82 -3.35 -3.78
C GLY A 14 0.27 -4.14 -2.61
N VAL A 15 0.42 -3.62 -1.39
CA VAL A 15 -0.06 -4.31 -0.18
C VAL A 15 -1.36 -3.70 0.32
N LYS A 16 -1.45 -2.37 0.28
CA LYS A 16 -2.66 -1.68 0.75
C LYS A 16 -3.83 -1.96 -0.19
N ILE A 17 -3.54 -2.13 -1.47
CA ILE A 17 -4.60 -2.40 -2.45
C ILE A 17 -5.58 -3.44 -1.93
N ILE A 18 -5.10 -4.31 -1.03
CA ILE A 18 -5.95 -5.36 -0.43
C ILE A 18 -5.71 -5.41 1.07
N GLY A 19 -4.60 -6.05 1.47
CA GLY A 19 -4.27 -6.17 2.88
C GLY A 19 -3.23 -7.24 3.13
N GLY A 20 -2.83 -7.93 2.07
CA GLY A 20 -1.83 -8.98 2.17
C GLY A 20 -2.41 -10.24 2.77
N ALA A 21 -3.67 -10.18 3.19
CA ALA A 21 -4.34 -11.33 3.78
C ALA A 21 -4.75 -12.32 2.70
N ALA A 22 -4.13 -12.21 1.54
CA ALA A 22 -4.43 -13.10 0.42
C ALA A 22 -3.30 -13.09 -0.60
N LEU A 23 -2.84 -11.89 -0.95
CA LEU A 23 -1.75 -11.75 -1.92
C LEU A 23 -0.41 -12.04 -1.25
N ASP A 24 -0.27 -13.25 -0.71
CA ASP A 24 0.96 -13.64 -0.05
C ASP A 24 0.95 -15.12 0.27
N HIS A 25 -0.24 -15.72 0.24
CA HIS A 25 -0.39 -17.15 0.52
C HIS A 25 0.05 -17.99 -0.67
N LEU A 26 1.32 -17.88 -1.05
CA LEU A 26 1.84 -18.63 -2.18
C LEU A 26 1.98 -20.11 -1.82
N GLY A 1 7.36 9.17 -3.54
CA GLY A 1 6.29 10.09 -3.24
C GLY A 1 6.67 11.09 -2.17
N ARG A 2 5.85 12.13 -2.02
CA ARG A 2 6.12 13.16 -1.02
C ARG A 2 4.92 14.10 -0.88
N ARG A 3 4.05 14.09 -1.89
CA ARG A 3 2.86 14.93 -1.87
C ARG A 3 2.08 14.74 -0.57
N LYS A 4 2.24 13.57 0.05
CA LYS A 4 1.55 13.25 1.30
C LYS A 4 2.43 12.39 2.19
N ARG A 5 3.69 12.79 2.35
CA ARG A 5 4.62 12.04 3.19
C ARG A 5 4.61 10.56 2.79
N LYS A 6 3.89 9.74 3.55
CA LYS A 6 3.81 8.31 3.29
C LYS A 6 2.37 7.82 3.48
N TRP A 7 1.52 8.11 2.49
CA TRP A 7 0.12 7.71 2.56
C TRP A 7 -0.52 7.81 1.18
N LEU A 8 0.31 8.11 0.18
CA LEU A 8 -0.15 8.24 -1.21
C LEU A 8 -0.17 6.85 -1.87
N ARG A 9 0.11 5.81 -1.09
CA ARG A 9 0.11 4.45 -1.62
C ARG A 9 1.04 4.34 -2.82
N ARG A 10 2.31 4.73 -2.64
CA ARG A 10 3.28 4.66 -3.72
C ARG A 10 3.32 3.25 -4.29
N ILE A 11 3.45 2.27 -3.40
CA ILE A 11 3.49 0.86 -3.77
C ILE A 11 2.44 0.14 -2.95
N GLY A 12 2.02 0.79 -1.87
CA GLY A 12 1.01 0.23 -1.01
C GLY A 12 -0.24 -0.08 -1.81
N LYS A 13 -0.48 0.72 -2.84
CA LYS A 13 -1.64 0.52 -3.68
C LYS A 13 -1.66 -0.92 -4.20
N GLY A 14 -0.54 -1.62 -4.00
CA GLY A 14 -0.40 -3.00 -4.44
C GLY A 14 -0.42 -3.99 -3.28
N VAL A 15 0.36 -3.69 -2.23
CA VAL A 15 0.41 -4.59 -1.06
C VAL A 15 -0.52 -4.13 0.06
N LYS A 16 -0.62 -2.82 0.28
CA LYS A 16 -1.49 -2.31 1.34
C LYS A 16 -2.96 -2.41 0.91
N ILE A 17 -3.21 -2.24 -0.37
CA ILE A 17 -4.58 -2.29 -0.89
C ILE A 17 -5.33 -3.51 -0.34
N ILE A 18 -4.66 -4.65 -0.24
CA ILE A 18 -5.30 -5.86 0.28
C ILE A 18 -4.23 -6.87 0.74
N GLY A 19 -3.13 -6.36 1.26
CA GLY A 19 -2.04 -7.21 1.75
C GLY A 19 -1.31 -6.56 2.91
N GLY A 20 -1.95 -5.57 3.53
CA GLY A 20 -1.35 -4.86 4.64
C GLY A 20 -2.39 -4.08 5.43
N ALA A 21 -3.19 -3.29 4.71
CA ALA A 21 -4.23 -2.50 5.36
C ALA A 21 -5.10 -3.38 6.24
N ALA A 22 -6.05 -4.07 5.62
CA ALA A 22 -6.94 -4.96 6.34
C ALA A 22 -6.16 -6.14 6.92
N LEU A 23 -5.06 -6.49 6.26
CA LEU A 23 -4.22 -7.59 6.70
C LEU A 23 -3.38 -7.18 7.90
N ASP A 24 -4.04 -6.86 9.00
CA ASP A 24 -3.34 -6.45 10.22
C ASP A 24 -4.30 -6.37 11.39
N HIS A 25 -5.58 -6.14 11.10
CA HIS A 25 -6.60 -6.05 12.14
C HIS A 25 -6.97 -7.44 12.67
N LEU A 26 -5.98 -8.33 12.70
CA LEU A 26 -6.21 -9.68 13.19
C LEU A 26 -6.35 -9.69 14.71
N GLY A 1 -1.73 15.53 -6.15
CA GLY A 1 -2.74 15.42 -5.12
C GLY A 1 -2.21 14.73 -3.88
N ARG A 2 -1.40 15.45 -3.11
CA ARG A 2 -0.83 14.90 -1.89
C ARG A 2 -1.93 14.35 -0.99
N ARG A 3 -2.32 13.10 -1.23
CA ARG A 3 -3.36 12.46 -0.43
C ARG A 3 -3.04 12.55 1.06
N LYS A 4 -1.81 12.18 1.42
CA LYS A 4 -1.39 12.22 2.82
C LYS A 4 0.14 12.21 2.92
N ARG A 5 0.78 13.25 2.38
CA ARG A 5 2.22 13.35 2.41
C ARG A 5 2.85 12.08 1.83
N LYS A 6 3.35 11.20 2.70
CA LYS A 6 3.96 9.94 2.26
C LYS A 6 2.94 8.81 2.34
N TRP A 7 3.35 7.61 1.93
CA TRP A 7 2.46 6.46 1.97
C TRP A 7 1.22 6.71 1.13
N LEU A 8 1.30 7.67 0.20
CA LEU A 8 0.17 7.99 -0.67
C LEU A 8 -0.37 6.70 -1.30
N ARG A 9 0.46 6.03 -2.07
CA ARG A 9 0.07 4.79 -2.74
C ARG A 9 1.31 4.09 -3.29
N ARG A 10 2.48 4.51 -2.81
CA ARG A 10 3.74 3.91 -3.26
C ARG A 10 3.64 2.38 -3.20
N ILE A 11 3.96 1.82 -2.04
CA ILE A 11 3.88 0.36 -1.87
C ILE A 11 2.46 -0.06 -1.50
N GLY A 12 1.66 0.92 -1.06
CA GLY A 12 0.29 0.64 -0.67
C GLY A 12 -0.48 -0.01 -1.80
N LYS A 13 -0.22 0.43 -3.03
CA LYS A 13 -0.88 -0.14 -4.20
C LYS A 13 -0.79 -1.66 -4.15
N GLY A 14 0.12 -2.16 -3.31
CA GLY A 14 0.33 -3.60 -3.15
C GLY A 14 -0.36 -4.14 -1.91
N VAL A 15 -0.21 -3.46 -0.77
CA VAL A 15 -0.83 -3.90 0.49
C VAL A 15 -2.10 -3.12 0.78
N LYS A 16 -2.07 -1.81 0.56
CA LYS A 16 -3.24 -0.98 0.81
C LYS A 16 -4.41 -1.48 -0.03
N ILE A 17 -4.11 -1.91 -1.25
CA ILE A 17 -5.14 -2.41 -2.15
C ILE A 17 -5.79 -3.68 -1.57
N ILE A 18 -5.31 -4.08 -0.39
CA ILE A 18 -5.83 -5.27 0.27
C ILE A 18 -5.56 -6.51 -0.58
N GLY A 19 -4.45 -7.19 -0.28
CA GLY A 19 -4.08 -8.39 -1.02
C GLY A 19 -2.85 -9.04 -0.44
N GLY A 20 -2.32 -8.46 0.64
CA GLY A 20 -1.14 -8.99 1.28
C GLY A 20 -1.42 -10.33 1.94
N ALA A 21 -0.35 -11.06 2.25
CA ALA A 21 -0.49 -12.37 2.90
C ALA A 21 -1.41 -12.26 4.12
N ALA A 22 -1.07 -11.35 5.02
CA ALA A 22 -1.86 -11.14 6.23
C ALA A 22 -3.13 -10.36 5.91
N LEU A 23 -3.02 -9.45 4.95
CA LEU A 23 -4.16 -8.62 4.54
C LEU A 23 -5.10 -9.43 3.65
N ASP A 24 -5.22 -10.72 3.96
CA ASP A 24 -6.09 -11.60 3.17
C ASP A 24 -6.30 -12.93 3.90
N HIS A 25 -5.25 -13.74 3.94
CA HIS A 25 -5.34 -15.03 4.61
C HIS A 25 -6.52 -15.84 4.07
N LEU A 26 -6.22 -16.82 3.21
CA LEU A 26 -7.26 -17.65 2.63
C LEU A 26 -8.09 -18.32 3.74
N GLY A 1 8.80 13.84 -5.65
CA GLY A 1 7.59 13.32 -5.05
C GLY A 1 7.52 13.62 -3.57
N ARG A 2 6.92 12.70 -2.82
CA ARG A 2 6.78 12.87 -1.36
C ARG A 2 5.97 14.13 -1.04
N ARG A 3 5.03 14.00 -0.12
CA ARG A 3 4.20 15.13 0.27
C ARG A 3 3.36 14.75 1.49
N LYS A 4 2.67 13.61 1.39
CA LYS A 4 1.83 13.12 2.50
C LYS A 4 2.62 12.18 3.39
N ARG A 5 3.94 12.35 3.41
CA ARG A 5 4.80 11.50 4.23
C ARG A 5 4.55 10.03 3.90
N LYS A 6 4.73 9.67 2.63
CA LYS A 6 4.51 8.30 2.21
C LYS A 6 3.14 7.80 2.67
N TRP A 7 2.10 8.19 1.93
CA TRP A 7 0.74 7.79 2.25
C TRP A 7 -0.16 7.95 1.03
N LEU A 8 0.46 8.27 -0.10
CA LEU A 8 -0.28 8.44 -1.36
C LEU A 8 -0.49 7.08 -2.03
N ARG A 9 -0.47 6.02 -1.21
CA ARG A 9 -0.67 4.67 -1.72
C ARG A 9 0.38 4.32 -2.77
N ARG A 10 1.62 4.75 -2.53
CA ARG A 10 2.70 4.45 -3.46
C ARG A 10 2.73 2.94 -3.70
N ILE A 11 3.54 2.24 -2.91
CA ILE A 11 3.63 0.78 -3.03
C ILE A 11 2.45 0.14 -2.29
N GLY A 12 1.78 0.93 -1.45
CA GLY A 12 0.64 0.44 -0.71
C GLY A 12 -0.42 -0.11 -1.63
N LYS A 13 -0.63 0.57 -2.74
CA LYS A 13 -1.61 0.14 -3.72
C LYS A 13 -1.37 -1.33 -4.07
N GLY A 14 -0.20 -1.85 -3.66
CA GLY A 14 0.17 -3.23 -3.93
C GLY A 14 0.08 -4.12 -2.70
N VAL A 15 0.52 -3.61 -1.55
CA VAL A 15 0.50 -4.39 -0.30
C VAL A 15 -0.65 -3.95 0.60
N LYS A 16 -0.91 -2.64 0.66
CA LYS A 16 -1.98 -2.11 1.49
C LYS A 16 -3.32 -2.73 1.08
N ILE A 17 -3.72 -2.49 -0.17
CA ILE A 17 -4.99 -3.03 -0.66
C ILE A 17 -5.06 -4.53 -0.41
N ILE A 18 -3.89 -5.19 -0.49
CA ILE A 18 -3.71 -6.64 -0.28
C ILE A 18 -3.01 -7.27 -1.48
N GLY A 19 -1.75 -7.64 -1.28
CA GLY A 19 -0.96 -8.25 -2.36
C GLY A 19 -1.05 -9.77 -2.32
N GLY A 20 -2.22 -10.29 -2.68
CA GLY A 20 -2.43 -11.73 -2.68
C GLY A 20 -1.29 -12.47 -3.35
N ALA A 21 -0.78 -11.91 -4.43
CA ALA A 21 0.32 -12.55 -5.16
C ALA A 21 1.43 -12.95 -4.19
N ALA A 22 1.94 -11.99 -3.43
CA ALA A 22 3.00 -12.26 -2.47
C ALA A 22 2.47 -13.13 -1.33
N LEU A 23 1.34 -12.72 -0.75
CA LEU A 23 0.74 -13.46 0.35
C LEU A 23 0.02 -14.70 -0.17
N ASP A 24 0.79 -15.65 -0.69
CA ASP A 24 0.22 -16.88 -1.23
C ASP A 24 1.32 -17.88 -1.56
N HIS A 25 2.53 -17.37 -1.79
CA HIS A 25 3.67 -18.23 -2.11
C HIS A 25 4.14 -18.98 -0.87
N LEU A 26 4.10 -18.31 0.28
CA LEU A 26 4.53 -18.93 1.52
C LEU A 26 5.93 -19.50 1.38
N GLY A 1 3.80 13.28 -6.46
CA GLY A 1 2.47 13.32 -5.88
C GLY A 1 2.50 13.84 -4.45
N ARG A 2 1.32 14.13 -3.91
CA ARG A 2 1.22 14.64 -2.55
C ARG A 2 -0.23 14.70 -2.10
N ARG A 3 -0.95 13.61 -2.30
CA ARG A 3 -2.36 13.55 -1.92
C ARG A 3 -2.50 13.49 -0.40
N LYS A 4 -1.52 12.87 0.26
CA LYS A 4 -1.53 12.75 1.73
C LYS A 4 -0.12 12.89 2.28
N ARG A 5 0.74 13.59 1.53
CA ARG A 5 2.13 13.80 1.94
C ARG A 5 2.93 12.51 1.75
N LYS A 6 2.57 11.47 2.52
CA LYS A 6 3.26 10.18 2.44
C LYS A 6 2.27 9.04 2.71
N TRP A 7 2.69 7.82 2.40
CA TRP A 7 1.85 6.65 2.62
C TRP A 7 0.59 6.71 1.77
N LEU A 8 0.58 7.57 0.77
CA LEU A 8 -0.59 7.72 -0.11
C LEU A 8 -1.06 6.34 -0.58
N ARG A 9 -0.27 5.72 -1.45
CA ARG A 9 -0.60 4.40 -1.99
C ARG A 9 0.58 3.82 -2.74
N ARG A 10 1.76 4.42 -2.52
CA ARG A 10 2.98 3.96 -3.17
C ARG A 10 3.04 2.42 -3.16
N ILE A 11 3.63 1.88 -2.10
CA ILE A 11 3.73 0.43 -1.97
C ILE A 11 2.39 -0.15 -1.53
N GLY A 12 1.53 0.70 -0.97
CA GLY A 12 0.22 0.26 -0.54
C GLY A 12 -0.54 -0.36 -1.68
N LYS A 13 -0.46 0.26 -2.85
CA LYS A 13 -1.13 -0.26 -4.04
C LYS A 13 -0.85 -1.75 -4.20
N GLY A 14 0.17 -2.23 -3.47
CA GLY A 14 0.57 -3.64 -3.52
C GLY A 14 0.03 -4.42 -2.34
N VAL A 15 0.06 -3.83 -1.13
CA VAL A 15 -0.43 -4.51 0.08
C VAL A 15 -1.76 -3.91 0.53
N LYS A 16 -1.85 -2.59 0.49
CA LYS A 16 -3.08 -1.92 0.90
C LYS A 16 -4.26 -2.43 0.07
N ILE A 17 -4.02 -2.68 -1.21
CA ILE A 17 -5.07 -3.17 -2.10
C ILE A 17 -5.53 -4.56 -1.66
N ILE A 18 -4.93 -5.07 -0.58
CA ILE A 18 -5.28 -6.39 -0.07
C ILE A 18 -4.99 -7.46 -1.13
N GLY A 19 -3.70 -7.64 -1.42
CA GLY A 19 -3.30 -8.63 -2.40
C GLY A 19 -3.51 -10.05 -1.92
N GLY A 20 -3.11 -11.01 -2.73
CA GLY A 20 -3.27 -12.42 -2.38
C GLY A 20 -2.54 -12.76 -1.10
N ALA A 21 -1.39 -12.13 -0.89
CA ALA A 21 -0.60 -12.39 0.31
C ALA A 21 -1.40 -12.05 1.56
N ALA A 22 -1.92 -10.83 1.62
CA ALA A 22 -2.71 -10.40 2.77
C ALA A 22 -4.01 -11.18 2.85
N LEU A 23 -4.42 -11.74 1.72
CA LEU A 23 -5.66 -12.51 1.65
C LEU A 23 -5.51 -13.80 2.47
N ASP A 24 -4.31 -14.05 2.99
CA ASP A 24 -4.06 -15.24 3.78
C ASP A 24 -2.79 -15.07 4.62
N HIS A 25 -2.32 -13.83 4.71
CA HIS A 25 -1.12 -13.53 5.49
C HIS A 25 -0.04 -14.59 5.29
N LEU A 26 -0.08 -15.25 4.14
CA LEU A 26 0.89 -16.30 3.84
C LEU A 26 2.31 -15.79 4.07
N GLY A 1 3.60 13.64 -7.46
CA GLY A 1 4.20 13.03 -6.28
C GLY A 1 3.98 13.86 -5.03
N ARG A 2 4.17 13.24 -3.87
CA ARG A 2 4.00 13.94 -2.61
C ARG A 2 2.56 14.42 -2.47
N ARG A 3 1.61 13.53 -2.75
CA ARG A 3 0.19 13.88 -2.67
C ARG A 3 -0.27 13.87 -1.22
N LYS A 4 0.39 13.08 -0.40
CA LYS A 4 0.04 12.99 1.02
C LYS A 4 1.16 12.32 1.81
N ARG A 5 2.32 12.96 1.84
CA ARG A 5 3.47 12.42 2.56
C ARG A 5 3.74 10.97 2.12
N LYS A 6 3.40 10.01 2.98
CA LYS A 6 3.59 8.59 2.68
C LYS A 6 2.42 7.79 3.22
N TRP A 7 1.26 7.93 2.58
CA TRP A 7 0.06 7.23 2.99
C TRP A 7 -0.96 7.19 1.85
N LEU A 8 -0.57 7.72 0.70
CA LEU A 8 -1.46 7.72 -0.45
C LEU A 8 -1.74 6.28 -0.90
N ARG A 9 -0.87 5.74 -1.74
CA ARG A 9 -1.04 4.36 -2.21
C ARG A 9 0.21 3.90 -2.94
N ARG A 10 1.33 4.57 -2.71
CA ARG A 10 2.60 4.20 -3.35
C ARG A 10 2.76 2.68 -3.43
N ILE A 11 3.36 2.09 -2.40
CA ILE A 11 3.53 0.65 -2.36
C ILE A 11 2.26 -0.01 -1.84
N GLY A 12 1.41 0.78 -1.20
CA GLY A 12 0.16 0.26 -0.67
C GLY A 12 -0.65 -0.43 -1.73
N LYS A 13 -0.71 0.18 -2.90
CA LYS A 13 -1.45 -0.40 -4.02
C LYS A 13 -1.09 -1.88 -4.19
N GLY A 14 0.01 -2.28 -3.56
CA GLY A 14 0.48 -3.66 -3.62
C GLY A 14 0.18 -4.44 -2.36
N VAL A 15 0.35 -3.79 -1.19
CA VAL A 15 0.11 -4.45 0.10
C VAL A 15 -1.18 -3.93 0.76
N LYS A 16 -1.41 -2.62 0.67
CA LYS A 16 -2.60 -2.03 1.26
C LYS A 16 -3.86 -2.70 0.70
N ILE A 17 -4.04 -2.60 -0.61
CA ILE A 17 -5.20 -3.20 -1.26
C ILE A 17 -5.04 -4.72 -1.32
N ILE A 18 -4.04 -5.24 -0.61
CA ILE A 18 -3.79 -6.67 -0.60
C ILE A 18 -3.56 -7.19 -2.01
N GLY A 19 -2.31 -7.13 -2.46
CA GLY A 19 -1.97 -7.60 -3.80
C GLY A 19 -1.88 -9.11 -3.86
N GLY A 20 -2.99 -9.74 -4.24
CA GLY A 20 -3.02 -11.19 -4.33
C GLY A 20 -2.03 -11.70 -5.35
N ALA A 21 -1.45 -10.79 -6.14
CA ALA A 21 -0.47 -11.18 -7.15
C ALA A 21 0.85 -11.56 -6.50
N ALA A 22 0.83 -11.71 -5.18
CA ALA A 22 2.03 -12.07 -4.44
C ALA A 22 1.67 -12.56 -3.04
N LEU A 23 0.82 -11.80 -2.36
CA LEU A 23 0.39 -12.17 -1.01
C LEU A 23 -0.64 -13.30 -1.07
N ASP A 24 -0.42 -14.24 -1.97
CA ASP A 24 -1.34 -15.37 -2.13
C ASP A 24 -0.73 -16.43 -3.05
N HIS A 25 0.49 -16.18 -3.51
CA HIS A 25 1.15 -17.14 -4.40
C HIS A 25 1.21 -18.51 -3.76
N LEU A 26 0.95 -18.57 -2.46
CA LEU A 26 0.98 -19.83 -1.73
C LEU A 26 0.03 -20.84 -2.37
N GLY A 1 5.33 11.24 -5.19
CA GLY A 1 5.89 12.54 -4.87
C GLY A 1 5.39 13.05 -3.54
N ARG A 2 5.88 14.23 -3.14
CA ARG A 2 5.47 14.83 -1.87
C ARG A 2 4.11 15.50 -2.01
N ARG A 3 3.31 15.02 -2.97
CA ARG A 3 1.99 15.58 -3.19
C ARG A 3 1.12 15.45 -1.94
N LYS A 4 1.43 14.44 -1.13
CA LYS A 4 0.68 14.20 0.10
C LYS A 4 1.49 13.32 1.05
N ARG A 5 2.78 13.63 1.17
CA ARG A 5 3.68 12.86 2.03
C ARG A 5 3.74 11.41 1.56
N LYS A 6 4.94 10.84 1.56
CA LYS A 6 5.12 9.47 1.13
C LYS A 6 4.15 8.55 1.87
N TRP A 7 2.95 8.40 1.31
CA TRP A 7 1.92 7.55 1.92
C TRP A 7 0.76 7.41 0.94
N LEU A 8 0.69 8.35 0.00
CA LEU A 8 -0.36 8.35 -1.01
C LEU A 8 -0.35 7.04 -1.81
N ARG A 9 -0.87 5.97 -1.22
CA ARG A 9 -0.94 4.67 -1.90
C ARG A 9 0.39 4.33 -2.57
N ARG A 10 1.49 4.90 -2.07
CA ARG A 10 2.81 4.62 -2.65
C ARG A 10 2.96 3.12 -2.89
N ILE A 11 3.44 2.40 -1.87
CA ILE A 11 3.59 0.95 -1.98
C ILE A 11 2.29 0.25 -1.60
N GLY A 12 1.38 0.99 -0.98
CA GLY A 12 0.11 0.43 -0.57
C GLY A 12 -0.64 -0.14 -1.75
N LYS A 13 -0.55 0.54 -2.89
CA LYS A 13 -1.21 0.07 -4.10
C LYS A 13 -0.82 -1.38 -4.36
N GLY A 14 0.22 -1.84 -3.66
CA GLY A 14 0.71 -3.20 -3.79
C GLY A 14 0.20 -4.10 -2.69
N VAL A 15 0.23 -3.62 -1.43
CA VAL A 15 -0.24 -4.42 -0.29
C VAL A 15 -1.58 -3.91 0.23
N LYS A 16 -1.73 -2.60 0.32
CA LYS A 16 -2.98 -2.01 0.82
C LYS A 16 -4.15 -2.53 0.02
N ILE A 17 -3.99 -2.62 -1.30
CA ILE A 17 -5.06 -3.13 -2.16
C ILE A 17 -5.58 -4.45 -1.61
N ILE A 18 -4.68 -5.42 -1.44
CA ILE A 18 -5.05 -6.73 -0.91
C ILE A 18 -3.81 -7.58 -0.68
N GLY A 19 -3.44 -7.77 0.59
CA GLY A 19 -2.27 -8.56 0.93
C GLY A 19 -2.59 -10.04 0.95
N GLY A 20 -2.68 -10.65 -0.23
CA GLY A 20 -2.98 -12.06 -0.34
C GLY A 20 -2.18 -12.90 0.64
N ALA A 21 -0.91 -12.54 0.82
CA ALA A 21 -0.05 -13.27 1.74
C ALA A 21 -0.72 -13.44 3.10
N ALA A 22 -1.22 -12.32 3.64
CA ALA A 22 -1.88 -12.35 4.95
C ALA A 22 -3.29 -12.91 4.82
N LEU A 23 -4.04 -12.40 3.84
CA LEU A 23 -5.42 -12.85 3.63
C LEU A 23 -5.42 -14.21 2.92
N ASP A 24 -4.82 -15.21 3.56
CA ASP A 24 -4.76 -16.54 2.99
C ASP A 24 -4.21 -17.53 4.01
N HIS A 25 -4.07 -17.08 5.25
CA HIS A 25 -3.55 -17.93 6.32
C HIS A 25 -4.26 -19.28 6.33
N LEU A 26 -3.56 -20.31 6.80
CA LEU A 26 -4.13 -21.65 6.85
C LEU A 26 -3.33 -22.54 7.81
N GLY A 1 4.65 15.43 -6.00
CA GLY A 1 3.37 15.86 -5.45
C GLY A 1 3.11 15.24 -4.09
N ARG A 2 4.07 15.39 -3.18
CA ARG A 2 3.94 14.84 -1.84
C ARG A 2 2.74 15.46 -1.13
N ARG A 3 1.55 14.95 -1.42
CA ARG A 3 0.33 15.47 -0.80
C ARG A 3 0.22 14.98 0.64
N LYS A 4 0.81 13.82 0.92
CA LYS A 4 0.77 13.24 2.27
C LYS A 4 2.06 12.50 2.57
N ARG A 5 3.19 13.16 2.33
CA ARG A 5 4.49 12.55 2.58
C ARG A 5 4.58 11.17 1.93
N LYS A 6 4.29 10.13 2.70
CA LYS A 6 4.33 8.75 2.19
C LYS A 6 3.23 7.91 2.82
N TRP A 7 2.06 7.93 2.19
CA TRP A 7 0.92 7.17 2.69
C TRP A 7 -0.22 7.18 1.67
N LEU A 8 -0.06 7.97 0.62
CA LEU A 8 -1.08 8.06 -0.41
C LEU A 8 -1.49 6.68 -0.89
N ARG A 9 -0.63 6.03 -1.68
CA ARG A 9 -0.92 4.70 -2.20
C ARG A 9 0.28 4.15 -2.95
N ARG A 10 1.45 4.72 -2.70
CA ARG A 10 2.68 4.27 -3.36
C ARG A 10 2.73 2.74 -3.37
N ILE A 11 3.31 2.16 -2.33
CA ILE A 11 3.41 0.70 -2.22
C ILE A 11 2.12 0.13 -1.64
N GLY A 12 1.30 1.02 -1.08
CA GLY A 12 0.04 0.61 -0.49
C GLY A 12 -0.81 -0.16 -1.47
N LYS A 13 -0.90 0.36 -2.69
CA LYS A 13 -1.68 -0.31 -3.73
C LYS A 13 -1.28 -1.79 -3.81
N GLY A 14 -0.14 -2.10 -3.19
CA GLY A 14 0.40 -3.45 -3.16
C GLY A 14 0.12 -4.15 -1.84
N VAL A 15 0.33 -3.45 -0.72
CA VAL A 15 0.11 -4.03 0.60
C VAL A 15 -1.20 -3.54 1.22
N LYS A 16 -1.48 -2.25 1.06
CA LYS A 16 -2.72 -1.68 1.60
C LYS A 16 -3.92 -2.52 1.17
N ILE A 17 -4.23 -2.48 -0.13
CA ILE A 17 -5.36 -3.24 -0.64
C ILE A 17 -5.04 -4.73 -0.68
N ILE A 18 -3.94 -5.11 -0.04
CA ILE A 18 -3.53 -6.51 -0.01
C ILE A 18 -3.27 -7.02 -1.42
N GLY A 19 -2.00 -7.07 -1.81
CA GLY A 19 -1.63 -7.55 -3.13
C GLY A 19 -1.78 -9.05 -3.26
N GLY A 20 -2.96 -9.48 -3.70
CA GLY A 20 -3.22 -10.91 -3.86
C GLY A 20 -2.07 -11.63 -4.55
N ALA A 21 -1.23 -10.87 -5.23
CA ALA A 21 -0.08 -11.45 -5.93
C ALA A 21 0.74 -12.31 -4.98
N ALA A 22 1.49 -11.66 -4.09
CA ALA A 22 2.32 -12.37 -3.12
C ALA A 22 1.49 -12.82 -1.93
N LEU A 23 0.54 -11.99 -1.52
CA LEU A 23 -0.32 -12.31 -0.38
C LEU A 23 -1.34 -13.38 -0.79
N ASP A 24 -0.86 -14.59 -1.02
CA ASP A 24 -1.74 -15.70 -1.41
C ASP A 24 -0.97 -17.02 -1.39
N HIS A 25 0.31 -16.97 -1.75
CA HIS A 25 1.14 -18.16 -1.77
C HIS A 25 1.32 -18.70 -0.36
N LEU A 26 2.11 -18.00 0.44
CA LEU A 26 2.36 -18.41 1.82
C LEU A 26 2.86 -19.86 1.84
N GLY A 1 5.40 20.49 -1.43
CA GLY A 1 3.97 20.46 -1.18
C GLY A 1 3.44 19.05 -1.10
N ARG A 2 3.88 18.32 -0.07
CA ARG A 2 3.43 16.94 0.10
C ARG A 2 1.91 16.89 0.30
N ARG A 3 1.25 16.09 -0.53
CA ARG A 3 -0.20 15.95 -0.46
C ARG A 3 -0.60 15.13 0.76
N LYS A 4 -0.01 13.94 0.89
CA LYS A 4 -0.31 13.05 2.02
C LYS A 4 0.97 12.37 2.51
N ARG A 5 2.10 13.02 2.26
CA ARG A 5 3.38 12.45 2.66
C ARG A 5 3.54 11.04 2.12
N LYS A 6 4.63 10.37 2.50
CA LYS A 6 4.87 9.01 2.04
C LYS A 6 3.81 8.06 2.59
N TRP A 7 2.62 8.10 2.00
CA TRP A 7 1.54 7.24 2.45
C TRP A 7 0.36 7.30 1.48
N LEU A 8 0.46 8.18 0.49
CA LEU A 8 -0.61 8.32 -0.51
C LEU A 8 -1.08 6.95 -0.99
N ARG A 9 -0.25 6.30 -1.81
CA ARG A 9 -0.59 4.99 -2.33
C ARG A 9 0.58 4.43 -3.15
N ARG A 10 1.77 4.99 -2.91
CA ARG A 10 2.97 4.54 -3.62
C ARG A 10 2.99 3.01 -3.72
N ILE A 11 3.58 2.36 -2.73
CA ILE A 11 3.64 0.90 -2.72
C ILE A 11 2.40 0.33 -2.05
N GLY A 12 1.62 1.19 -1.41
CA GLY A 12 0.40 0.77 -0.74
C GLY A 12 -0.50 0.03 -1.70
N LYS A 13 -0.68 0.60 -2.88
CA LYS A 13 -1.52 -0.03 -3.91
C LYS A 13 -1.21 -1.53 -4.00
N GLY A 14 -0.05 -1.91 -3.47
CA GLY A 14 0.39 -3.30 -3.48
C GLY A 14 0.08 -4.01 -2.18
N VAL A 15 0.29 -3.32 -1.05
CA VAL A 15 0.03 -3.91 0.27
C VAL A 15 -1.20 -3.28 0.92
N LYS A 16 -1.31 -1.97 0.84
CA LYS A 16 -2.45 -1.26 1.43
C LYS A 16 -3.76 -1.85 0.93
N ILE A 17 -3.78 -2.23 -0.35
CA ILE A 17 -4.99 -2.80 -0.95
C ILE A 17 -5.24 -4.21 -0.41
N ILE A 18 -4.57 -4.56 0.68
CA ILE A 18 -4.73 -5.88 1.28
C ILE A 18 -4.34 -6.97 0.29
N GLY A 19 -3.21 -7.62 0.54
CA GLY A 19 -2.73 -8.67 -0.33
C GLY A 19 -1.29 -9.04 -0.03
N GLY A 20 -0.71 -8.38 0.97
CA GLY A 20 0.67 -8.65 1.36
C GLY A 20 1.08 -7.87 2.58
N ALA A 21 0.12 -7.13 3.15
CA ALA A 21 0.39 -6.33 4.35
C ALA A 21 0.57 -7.24 5.56
N ALA A 22 -0.56 -7.70 6.11
CA ALA A 22 -0.53 -8.57 7.28
C ALA A 22 0.02 -9.94 6.89
N LEU A 23 -0.15 -10.31 5.63
CA LEU A 23 0.32 -11.61 5.15
C LEU A 23 1.82 -11.54 4.86
N ASP A 24 2.55 -10.81 5.70
CA ASP A 24 3.99 -10.68 5.54
C ASP A 24 4.63 -10.03 6.75
N HIS A 25 3.82 -9.26 7.49
CA HIS A 25 4.32 -8.59 8.69
C HIS A 25 5.54 -7.74 8.35
N LEU A 26 5.34 -6.74 7.51
CA LEU A 26 6.44 -5.86 7.10
C LEU A 26 6.88 -4.99 8.28
N GLY A 1 4.74 14.75 -5.37
CA GLY A 1 3.50 15.19 -4.75
C GLY A 1 3.41 14.78 -3.30
N ARG A 2 3.97 15.61 -2.41
CA ARG A 2 3.95 15.32 -0.98
C ARG A 2 2.57 15.62 -0.39
N ARG A 3 1.56 14.88 -0.85
CA ARG A 3 0.19 15.08 -0.37
C ARG A 3 0.04 14.48 1.03
N LYS A 4 0.73 13.37 1.27
CA LYS A 4 0.66 12.69 2.57
C LYS A 4 2.00 12.06 2.91
N ARG A 5 3.08 12.68 2.42
CA ARG A 5 4.43 12.18 2.68
C ARG A 5 4.57 10.74 2.19
N LYS A 6 4.06 9.79 2.98
CA LYS A 6 4.13 8.37 2.63
C LYS A 6 2.88 7.65 3.12
N TRP A 7 1.77 7.85 2.40
CA TRP A 7 0.51 7.21 2.77
C TRP A 7 -0.50 7.31 1.63
N LEU A 8 -0.03 7.79 0.48
CA LEU A 8 -0.91 7.93 -0.69
C LEU A 8 -1.25 6.54 -1.24
N ARG A 9 -0.42 6.06 -2.17
CA ARG A 9 -0.64 4.76 -2.77
C ARG A 9 0.57 4.34 -3.60
N ARG A 10 1.74 4.83 -3.22
CA ARG A 10 2.97 4.48 -3.94
C ARG A 10 3.07 2.97 -4.07
N ILE A 11 3.69 2.33 -3.09
CA ILE A 11 3.82 0.87 -3.09
C ILE A 11 2.56 0.23 -2.53
N GLY A 12 1.75 1.03 -1.84
CA GLY A 12 0.52 0.54 -1.26
C GLY A 12 -0.33 -0.15 -2.30
N LYS A 13 -0.39 0.45 -3.49
CA LYS A 13 -1.15 -0.12 -4.60
C LYS A 13 -0.90 -1.63 -4.70
N GLY A 14 0.20 -2.08 -4.09
CA GLY A 14 0.58 -3.48 -4.10
C GLY A 14 0.23 -4.19 -2.79
N VAL A 15 0.51 -3.54 -1.66
CA VAL A 15 0.23 -4.13 -0.34
C VAL A 15 -1.01 -3.50 0.30
N LYS A 16 -1.14 -2.19 0.17
CA LYS A 16 -2.28 -1.49 0.76
C LYS A 16 -3.56 -1.84 0.01
N ILE A 17 -3.46 -2.07 -1.30
CA ILE A 17 -4.62 -2.40 -2.10
C ILE A 17 -5.44 -3.50 -1.43
N ILE A 18 -4.77 -4.32 -0.61
CA ILE A 18 -5.42 -5.41 0.12
C ILE A 18 -4.94 -5.43 1.57
N GLY A 19 -3.74 -5.95 1.79
CA GLY A 19 -3.16 -6.01 3.12
C GLY A 19 -2.14 -7.12 3.24
N GLY A 20 -1.43 -7.38 2.14
CA GLY A 20 -0.42 -8.42 2.13
C GLY A 20 -1.03 -9.79 2.37
N ALA A 21 -2.35 -9.83 2.49
CA ALA A 21 -3.05 -11.10 2.71
C ALA A 21 -3.16 -11.89 1.41
N ALA A 22 -2.22 -11.65 0.50
CA ALA A 22 -2.22 -12.35 -0.79
C ALA A 22 -0.86 -12.20 -1.47
N LEU A 23 -0.31 -10.99 -1.44
CA LEU A 23 0.99 -10.73 -2.06
C LEU A 23 2.11 -11.25 -1.15
N ASP A 24 1.95 -12.46 -0.64
CA ASP A 24 2.95 -13.05 0.23
C ASP A 24 2.65 -14.53 0.46
N HIS A 25 1.37 -14.84 0.65
CA HIS A 25 0.94 -16.21 0.89
C HIS A 25 1.59 -16.78 2.15
N LEU A 26 0.79 -17.43 2.98
CA LEU A 26 1.30 -18.01 4.22
C LEU A 26 2.20 -19.20 3.90
N GLY A 1 7.62 16.18 -3.09
CA GLY A 1 6.61 17.01 -2.46
C GLY A 1 6.02 16.36 -1.23
N ARG A 2 5.34 17.17 -0.41
CA ARG A 2 4.74 16.66 0.80
C ARG A 2 3.54 15.76 0.47
N ARG A 3 2.47 16.36 -0.04
CA ARG A 3 1.27 15.61 -0.40
C ARG A 3 0.69 14.91 0.83
N LYS A 4 1.31 13.80 1.23
CA LYS A 4 0.84 13.04 2.39
C LYS A 4 2.00 12.28 3.03
N ARG A 5 3.10 12.99 3.30
CA ARG A 5 4.27 12.38 3.90
C ARG A 5 4.62 11.09 3.18
N LYS A 6 4.52 11.10 1.85
CA LYS A 6 4.83 9.92 1.05
C LYS A 6 4.03 8.72 1.54
N TRP A 7 2.80 8.60 1.05
CA TRP A 7 1.93 7.49 1.44
C TRP A 7 0.66 7.49 0.59
N LEU A 8 0.64 8.33 -0.44
CA LEU A 8 -0.52 8.41 -1.33
C LEU A 8 -0.96 7.01 -1.75
N ARG A 9 -0.16 6.36 -2.58
CA ARG A 9 -0.45 5.01 -3.05
C ARG A 9 0.83 4.36 -3.56
N ARG A 10 1.97 4.94 -3.20
CA ARG A 10 3.27 4.41 -3.61
C ARG A 10 3.31 2.90 -3.38
N ILE A 11 3.70 2.48 -2.19
CA ILE A 11 3.78 1.06 -1.85
C ILE A 11 2.40 0.57 -1.39
N GLY A 12 1.54 1.50 -1.01
CA GLY A 12 0.21 1.13 -0.57
C GLY A 12 -0.51 0.33 -1.64
N LYS A 13 -0.33 0.73 -2.88
CA LYS A 13 -0.95 0.03 -4.00
C LYS A 13 -0.68 -1.47 -3.88
N GLY A 14 0.31 -1.80 -3.05
CA GLY A 14 0.69 -3.19 -2.82
C GLY A 14 0.11 -3.75 -1.53
N VAL A 15 0.21 -2.97 -0.44
CA VAL A 15 -0.31 -3.42 0.86
C VAL A 15 -1.66 -2.75 1.18
N LYS A 16 -1.77 -1.45 0.89
CA LYS A 16 -3.01 -0.73 1.16
C LYS A 16 -4.19 -1.40 0.46
N ILE A 17 -3.98 -1.82 -0.78
CA ILE A 17 -5.04 -2.47 -1.54
C ILE A 17 -5.37 -3.84 -0.94
N ILE A 18 -4.72 -4.15 0.18
CA ILE A 18 -4.94 -5.43 0.86
C ILE A 18 -4.54 -6.58 -0.05
N GLY A 19 -3.36 -7.14 0.20
CA GLY A 19 -2.86 -8.25 -0.61
C GLY A 19 -1.69 -8.94 0.06
N GLY A 20 -0.53 -8.31 0.00
CA GLY A 20 0.67 -8.89 0.61
C GLY A 20 0.58 -8.89 2.12
N ALA A 21 -0.15 -7.93 2.67
CA ALA A 21 -0.30 -7.83 4.12
C ALA A 21 -0.90 -9.12 4.68
N ALA A 22 -2.11 -9.45 4.24
CA ALA A 22 -2.77 -10.66 4.69
C ALA A 22 -1.91 -11.88 4.39
N LEU A 23 -1.23 -11.85 3.25
CA LEU A 23 -0.37 -12.95 2.84
C LEU A 23 0.98 -12.87 3.58
N ASP A 24 0.90 -12.55 4.87
CA ASP A 24 2.12 -12.42 5.68
C ASP A 24 1.76 -12.36 7.16
N HIS A 25 0.50 -12.03 7.45
CA HIS A 25 0.03 -11.93 8.83
C HIS A 25 1.07 -11.28 9.73
N LEU A 26 0.97 -9.96 9.89
CA LEU A 26 1.90 -9.23 10.73
C LEU A 26 1.68 -9.56 12.20
N GLY A 1 8.04 11.17 -4.40
CA GLY A 1 7.15 10.20 -3.78
C GLY A 1 7.09 10.38 -2.28
N ARG A 2 6.77 11.59 -1.83
CA ARG A 2 6.68 11.87 -0.41
C ARG A 2 6.01 13.22 -0.17
N ARG A 3 5.24 13.67 -1.15
CA ARG A 3 4.55 14.95 -1.05
C ARG A 3 3.75 15.02 0.26
N LYS A 4 3.43 13.85 0.81
CA LYS A 4 2.67 13.79 2.05
C LYS A 4 2.85 12.43 2.71
N ARG A 5 4.08 12.14 3.12
CA ARG A 5 4.38 10.87 3.77
C ARG A 5 3.88 9.72 2.92
N LYS A 6 3.94 8.51 3.47
CA LYS A 6 3.48 7.32 2.75
C LYS A 6 1.95 7.28 2.73
N TRP A 7 1.37 7.80 1.65
CA TRP A 7 -0.09 7.82 1.52
C TRP A 7 -0.49 8.04 0.06
N LEU A 8 0.48 8.45 -0.76
CA LEU A 8 0.21 8.69 -2.18
C LEU A 8 -0.10 7.37 -2.89
N ARG A 9 -0.16 6.28 -2.12
CA ARG A 9 -0.45 4.96 -2.68
C ARG A 9 0.60 4.56 -3.71
N ARG A 10 1.84 5.00 -3.51
CA ARG A 10 2.91 4.66 -4.44
C ARG A 10 2.88 3.15 -4.74
N ILE A 11 3.63 2.38 -3.95
CA ILE A 11 3.65 0.93 -4.12
C ILE A 11 2.66 0.29 -3.15
N GLY A 12 2.11 1.10 -2.26
CA GLY A 12 1.14 0.61 -1.29
C GLY A 12 -0.06 0.00 -1.98
N LYS A 13 -0.44 0.59 -3.10
CA LYS A 13 -1.57 0.09 -3.87
C LYS A 13 -1.36 -1.39 -4.16
N GLY A 14 -0.12 -1.86 -3.98
CA GLY A 14 0.23 -3.24 -4.21
C GLY A 14 0.27 -4.06 -2.94
N VAL A 15 0.86 -3.50 -1.87
CA VAL A 15 0.97 -4.20 -0.58
C VAL A 15 0.03 -3.59 0.46
N LYS A 16 -0.04 -2.26 0.49
CA LYS A 16 -0.91 -1.59 1.46
C LYS A 16 -2.36 -1.97 1.23
N ILE A 17 -2.71 -2.23 -0.02
CA ILE A 17 -4.07 -2.62 -0.36
C ILE A 17 -4.42 -3.95 0.33
N ILE A 18 -3.46 -4.51 1.04
CA ILE A 18 -3.65 -5.77 1.74
C ILE A 18 -3.89 -6.90 0.74
N GLY A 19 -2.86 -7.26 -0.01
CA GLY A 19 -2.97 -8.32 -0.99
C GLY A 19 -2.93 -9.69 -0.35
N GLY A 20 -2.48 -9.74 0.90
CA GLY A 20 -2.40 -11.01 1.61
C GLY A 20 -1.23 -11.85 1.15
N ALA A 21 -0.62 -11.44 0.04
CA ALA A 21 0.53 -12.17 -0.50
C ALA A 21 1.78 -11.87 0.32
N ALA A 22 1.59 -11.35 1.53
CA ALA A 22 2.70 -11.01 2.40
C ALA A 22 2.22 -10.86 3.84
N LEU A 23 1.16 -10.08 4.03
CA LEU A 23 0.61 -9.85 5.36
C LEU A 23 -0.27 -11.04 5.78
N ASP A 24 0.37 -12.20 5.97
CA ASP A 24 -0.35 -13.40 6.37
C ASP A 24 0.61 -14.51 6.75
N HIS A 25 1.81 -14.46 6.19
CA HIS A 25 2.83 -15.47 6.48
C HIS A 25 3.20 -15.45 7.95
N LEU A 26 4.01 -14.47 8.34
CA LEU A 26 4.44 -14.35 9.73
C LEU A 26 5.00 -15.69 10.23
N GLY A 1 7.36 16.74 0.19
CA GLY A 1 6.09 17.41 0.43
C GLY A 1 5.00 16.90 -0.49
N ARG A 2 5.16 15.67 -0.96
CA ARG A 2 4.17 15.06 -1.85
C ARG A 2 2.87 14.81 -1.10
N ARG A 3 2.01 15.83 -1.05
CA ARG A 3 0.73 15.70 -0.37
C ARG A 3 0.93 15.13 1.04
N LYS A 4 0.41 13.92 1.26
CA LYS A 4 0.54 13.27 2.57
C LYS A 4 1.91 12.63 2.72
N ARG A 5 2.93 13.30 2.17
CA ARG A 5 4.29 12.79 2.25
C ARG A 5 4.36 11.35 1.71
N LYS A 6 4.07 10.39 2.57
CA LYS A 6 4.09 8.98 2.18
C LYS A 6 2.96 8.22 2.87
N TRP A 7 1.76 8.30 2.29
CA TRP A 7 0.60 7.62 2.86
C TRP A 7 -0.51 7.50 1.82
N LEU A 8 -0.26 8.04 0.63
CA LEU A 8 -1.25 7.98 -0.45
C LEU A 8 -1.53 6.52 -0.82
N ARG A 9 -0.77 5.99 -1.77
CA ARG A 9 -0.95 4.60 -2.19
C ARG A 9 0.24 4.15 -3.04
N ARG A 10 1.38 4.82 -2.88
CA ARG A 10 2.58 4.47 -3.63
C ARG A 10 2.79 2.95 -3.62
N ILE A 11 3.51 2.46 -2.62
CA ILE A 11 3.75 1.03 -2.50
C ILE A 11 2.51 0.34 -1.97
N GLY A 12 1.63 1.13 -1.35
CA GLY A 12 0.39 0.58 -0.82
C GLY A 12 -0.41 -0.09 -1.90
N LYS A 13 -0.47 0.55 -3.06
CA LYS A 13 -1.20 0.00 -4.20
C LYS A 13 -0.86 -1.49 -4.38
N GLY A 14 0.25 -1.90 -3.77
CA GLY A 14 0.71 -3.28 -3.85
C GLY A 14 0.29 -4.09 -2.64
N VAL A 15 0.37 -3.49 -1.45
CA VAL A 15 0.00 -4.18 -0.20
C VAL A 15 -1.29 -3.60 0.39
N LYS A 16 -1.40 -2.28 0.41
CA LYS A 16 -2.58 -1.63 0.96
C LYS A 16 -3.85 -2.21 0.33
N ILE A 17 -3.82 -2.45 -0.98
CA ILE A 17 -4.98 -3.00 -1.69
C ILE A 17 -5.67 -4.08 -0.86
N ILE A 18 -4.88 -4.92 -0.18
CA ILE A 18 -5.44 -5.98 0.65
C ILE A 18 -4.34 -6.64 1.47
N GLY A 19 -3.23 -6.98 0.82
CA GLY A 19 -2.12 -7.63 1.50
C GLY A 19 -1.27 -8.45 0.55
N GLY A 20 -1.09 -7.93 -0.66
CA GLY A 20 -0.30 -8.62 -1.67
C GLY A 20 -1.08 -9.73 -2.35
N ALA A 21 -0.42 -10.86 -2.60
CA ALA A 21 -1.06 -12.00 -3.27
C ALA A 21 -1.81 -12.88 -2.27
N ALA A 22 -3.11 -12.64 -2.09
CA ALA A 22 -3.87 -13.44 -1.13
C ALA A 22 -3.21 -13.28 0.22
N LEU A 23 -3.19 -12.04 0.70
CA LEU A 23 -2.54 -11.73 1.97
C LEU A 23 -1.09 -12.19 1.87
N ASP A 24 -0.66 -12.44 0.62
CA ASP A 24 0.70 -12.90 0.36
C ASP A 24 1.00 -14.08 1.28
N HIS A 25 0.00 -14.95 1.37
CA HIS A 25 0.07 -16.14 2.19
C HIS A 25 0.88 -17.23 1.49
N LEU A 26 2.05 -17.55 2.03
CA LEU A 26 2.90 -18.58 1.44
C LEU A 26 2.19 -19.93 1.49
N GLY A 1 -1.62 13.31 -5.56
CA GLY A 1 -0.27 13.01 -5.14
C GLY A 1 0.02 13.51 -3.74
N ARG A 2 -0.04 14.83 -3.57
CA ARG A 2 0.22 15.43 -2.26
C ARG A 2 -0.91 15.12 -1.30
N ARG A 3 -1.89 14.35 -1.76
CA ARG A 3 -3.03 13.97 -0.92
C ARG A 3 -2.55 13.45 0.42
N LYS A 4 -1.35 12.86 0.43
CA LYS A 4 -0.77 12.30 1.66
C LYS A 4 0.76 12.41 1.61
N ARG A 5 1.38 12.45 2.79
CA ARG A 5 2.83 12.56 2.86
C ARG A 5 3.49 11.36 2.17
N LYS A 6 3.47 10.22 2.85
CA LYS A 6 4.07 8.99 2.31
C LYS A 6 3.14 7.80 2.55
N TRP A 7 1.94 7.88 1.97
CA TRP A 7 0.95 6.81 2.12
C TRP A 7 -0.08 6.87 1.00
N LEU A 8 0.13 7.79 0.06
CA LEU A 8 -0.79 7.95 -1.05
C LEU A 8 -1.04 6.61 -1.74
N ARG A 9 -0.22 6.28 -2.75
CA ARG A 9 -0.37 5.03 -3.47
C ARG A 9 1.00 4.52 -3.94
N ARG A 10 2.07 5.06 -3.36
CA ARG A 10 3.41 4.64 -3.73
C ARG A 10 3.49 3.10 -3.73
N ILE A 11 3.79 2.54 -2.57
CA ILE A 11 3.88 1.08 -2.42
C ILE A 11 2.55 0.53 -1.91
N GLY A 12 1.69 1.42 -1.42
CA GLY A 12 0.40 1.00 -0.91
C GLY A 12 -0.39 0.25 -1.95
N LYS A 13 -0.28 0.68 -3.20
CA LYS A 13 -0.99 0.01 -4.29
C LYS A 13 -0.68 -1.48 -4.24
N GLY A 14 0.41 -1.82 -3.55
CA GLY A 14 0.84 -3.20 -3.41
C GLY A 14 0.33 -3.85 -2.13
N VAL A 15 0.41 -3.12 -1.01
CA VAL A 15 -0.03 -3.65 0.29
C VAL A 15 -1.34 -3.00 0.73
N LYS A 16 -1.44 -1.68 0.56
CA LYS A 16 -2.65 -0.97 0.96
C LYS A 16 -3.86 -1.54 0.24
N ILE A 17 -3.67 -1.98 -1.00
CA ILE A 17 -4.76 -2.55 -1.78
C ILE A 17 -5.25 -3.86 -1.12
N ILE A 18 -4.62 -4.20 0.00
CA ILE A 18 -4.98 -5.41 0.74
C ILE A 18 -4.71 -6.65 -0.12
N GLY A 19 -3.55 -7.27 0.09
CA GLY A 19 -3.18 -8.45 -0.65
C GLY A 19 -2.04 -9.20 0.02
N GLY A 20 -1.67 -8.76 1.21
CA GLY A 20 -0.59 -9.39 1.95
C GLY A 20 -0.34 -8.70 3.27
N ALA A 21 0.93 -8.56 3.63
CA ALA A 21 1.30 -7.91 4.88
C ALA A 21 0.53 -8.52 6.05
N ALA A 22 -0.63 -7.96 6.36
CA ALA A 22 -1.45 -8.47 7.45
C ALA A 22 -2.03 -9.84 7.09
N LEU A 23 -2.48 -9.97 5.85
CA LEU A 23 -3.07 -11.22 5.38
C LEU A 23 -1.96 -12.23 5.05
N ASP A 24 -1.24 -12.66 6.08
CA ASP A 24 -0.15 -13.62 5.89
C ASP A 24 0.30 -14.18 7.23
N HIS A 25 -0.26 -13.65 8.31
CA HIS A 25 0.10 -14.10 9.65
C HIS A 25 -0.45 -15.50 9.91
N LEU A 26 -0.98 -16.13 8.87
CA LEU A 26 -1.55 -17.47 9.01
C LEU A 26 -0.42 -18.50 9.12
N GLY A 1 5.99 14.34 -5.38
CA GLY A 1 7.17 13.80 -4.72
C GLY A 1 6.81 12.95 -3.52
N ARG A 2 6.39 13.60 -2.43
CA ARG A 2 6.01 12.90 -1.22
C ARG A 2 5.27 13.83 -0.27
N ARG A 3 4.24 14.51 -0.78
CA ARG A 3 3.47 15.42 0.04
C ARG A 3 2.82 14.69 1.21
N LYS A 4 2.06 13.64 0.90
CA LYS A 4 1.39 12.85 1.94
C LYS A 4 2.35 11.81 2.52
N ARG A 5 3.61 12.20 2.66
CA ARG A 5 4.62 11.29 3.21
C ARG A 5 4.61 9.96 2.46
N LYS A 6 3.84 9.00 2.96
CA LYS A 6 3.74 7.67 2.34
C LYS A 6 2.34 7.10 2.55
N TRP A 7 1.34 7.93 2.28
CA TRP A 7 -0.07 7.52 2.43
C TRP A 7 -0.78 7.72 1.10
N LEU A 8 -0.06 8.26 0.12
CA LEU A 8 -0.62 8.50 -1.20
C LEU A 8 -0.68 7.18 -2.00
N ARG A 9 -0.52 6.06 -1.28
CA ARG A 9 -0.57 4.75 -1.91
C ARG A 9 0.55 4.58 -2.93
N ARG A 10 1.76 5.02 -2.57
CA ARG A 10 2.90 4.87 -3.47
C ARG A 10 3.00 3.40 -3.89
N ILE A 11 3.78 2.63 -3.14
CA ILE A 11 3.94 1.21 -3.43
C ILE A 11 2.87 0.41 -2.70
N GLY A 12 2.07 1.09 -1.88
CA GLY A 12 1.03 0.43 -1.14
C GLY A 12 -0.04 -0.12 -2.07
N LYS A 13 -0.33 0.63 -3.12
CA LYS A 13 -1.33 0.20 -4.09
C LYS A 13 -0.99 -1.22 -4.57
N GLY A 14 0.25 -1.64 -4.31
CA GLY A 14 0.72 -2.96 -4.70
C GLY A 14 0.60 -3.97 -3.57
N VAL A 15 0.92 -3.54 -2.34
CA VAL A 15 0.86 -4.42 -1.17
C VAL A 15 -0.22 -3.98 -0.19
N LYS A 16 -0.31 -2.68 0.03
CA LYS A 16 -1.31 -2.12 0.94
C LYS A 16 -2.73 -2.35 0.42
N ILE A 17 -2.87 -2.46 -0.90
CA ILE A 17 -4.18 -2.66 -1.51
C ILE A 17 -5.03 -3.66 -0.71
N ILE A 18 -4.40 -4.74 -0.24
CA ILE A 18 -5.12 -5.74 0.55
C ILE A 18 -4.15 -6.76 1.15
N GLY A 19 -2.85 -6.51 0.99
CA GLY A 19 -1.84 -7.40 1.51
C GLY A 19 -2.12 -7.81 2.94
N GLY A 20 -2.89 -6.99 3.65
CA GLY A 20 -3.23 -7.26 5.04
C GLY A 20 -2.10 -6.93 5.97
N ALA A 21 -0.91 -7.44 5.67
CA ALA A 21 0.26 -7.19 6.49
C ALA A 21 0.63 -5.71 6.45
N ALA A 22 0.86 -5.20 5.26
CA ALA A 22 1.21 -3.79 5.09
C ALA A 22 0.04 -2.90 5.49
N LEU A 23 -1.16 -3.45 5.44
CA LEU A 23 -2.36 -2.71 5.80
C LEU A 23 -2.22 -2.12 7.21
N ASP A 24 -1.18 -2.55 7.93
CA ASP A 24 -0.93 -2.07 9.29
C ASP A 24 0.54 -2.21 9.65
N HIS A 25 1.36 -2.56 8.65
CA HIS A 25 2.79 -2.73 8.88
C HIS A 25 3.05 -3.69 10.04
N LEU A 26 3.44 -4.92 9.72
CA LEU A 26 3.71 -5.92 10.75
C LEU A 26 4.95 -5.51 11.55
N GLY A 1 4.00 12.44 -6.51
CA GLY A 1 2.92 13.09 -5.79
C GLY A 1 3.43 13.79 -4.54
N ARG A 2 2.51 14.38 -3.78
CA ARG A 2 2.87 15.08 -2.56
C ARG A 2 1.62 15.45 -1.76
N ARG A 3 0.46 15.11 -2.32
CA ARG A 3 -0.81 15.41 -1.65
C ARG A 3 -0.76 14.97 -0.18
N LYS A 4 0.12 14.01 0.10
CA LYS A 4 0.28 13.50 1.48
C LYS A 4 1.74 13.18 1.75
N ARG A 5 2.10 13.12 3.03
CA ARG A 5 3.48 12.82 3.41
C ARG A 5 3.78 11.35 3.18
N LYS A 6 3.90 10.96 1.93
CA LYS A 6 4.18 9.57 1.59
C LYS A 6 3.13 8.64 2.18
N TRP A 7 1.88 8.85 1.77
CA TRP A 7 0.76 8.03 2.24
C TRP A 7 -0.31 7.96 1.15
N LEU A 8 0.07 8.41 -0.04
CA LEU A 8 -0.84 8.43 -1.20
C LEU A 8 -0.74 7.09 -1.95
N ARG A 9 -1.05 6.01 -1.24
CA ARG A 9 -1.02 4.67 -1.84
C ARG A 9 0.33 4.42 -2.50
N ARG A 10 1.40 4.92 -1.88
CA ARG A 10 2.74 4.70 -2.42
C ARG A 10 2.95 3.21 -2.67
N ILE A 11 3.38 2.49 -1.63
CA ILE A 11 3.60 1.05 -1.74
C ILE A 11 2.32 0.29 -1.38
N GLY A 12 1.35 0.99 -0.78
CA GLY A 12 0.11 0.35 -0.42
C GLY A 12 -0.55 -0.31 -1.61
N LYS A 13 -0.53 0.39 -2.73
CA LYS A 13 -1.11 -0.16 -3.96
C LYS A 13 -0.57 -1.56 -4.19
N GLY A 14 0.53 -1.88 -3.51
CA GLY A 14 1.16 -3.19 -3.61
C GLY A 14 0.65 -4.14 -2.55
N VAL A 15 0.54 -3.65 -1.31
CA VAL A 15 0.06 -4.49 -0.19
C VAL A 15 -1.32 -4.03 0.27
N LYS A 16 -1.51 -2.73 0.44
CA LYS A 16 -2.81 -2.22 0.88
C LYS A 16 -3.91 -2.75 -0.02
N ILE A 17 -3.58 -3.02 -1.28
CA ILE A 17 -4.55 -3.56 -2.23
C ILE A 17 -4.93 -5.00 -1.86
N ILE A 18 -4.82 -5.34 -0.56
CA ILE A 18 -5.14 -6.69 -0.07
C ILE A 18 -4.70 -7.76 -1.06
N GLY A 19 -3.45 -7.65 -1.52
CA GLY A 19 -2.91 -8.61 -2.47
C GLY A 19 -2.48 -9.90 -1.78
N GLY A 20 -3.26 -10.33 -0.80
CA GLY A 20 -2.95 -11.54 -0.07
C GLY A 20 -1.81 -11.34 0.92
N ALA A 21 -1.00 -10.32 0.66
CA ALA A 21 0.13 -10.02 1.54
C ALA A 21 -0.36 -9.59 2.92
N ALA A 22 -1.28 -8.63 2.94
CA ALA A 22 -1.82 -8.13 4.20
C ALA A 22 -2.82 -9.13 4.78
N LEU A 23 -3.59 -9.78 3.90
CA LEU A 23 -4.58 -10.75 4.33
C LEU A 23 -3.90 -12.07 4.70
N ASP A 24 -2.77 -11.97 5.39
CA ASP A 24 -2.03 -13.16 5.80
C ASP A 24 -0.91 -12.80 6.75
N HIS A 25 -0.47 -11.55 6.69
CA HIS A 25 0.61 -11.07 7.56
C HIS A 25 1.81 -12.01 7.48
N LEU A 26 2.52 -11.96 6.36
CA LEU A 26 3.69 -12.81 6.18
C LEU A 26 4.77 -12.46 7.20
N GLY A 1 6.86 14.68 -1.14
CA GLY A 1 6.38 16.01 -1.44
C GLY A 1 5.16 15.99 -2.34
N ARG A 2 4.06 15.42 -1.82
CA ARG A 2 2.83 15.35 -2.57
C ARG A 2 1.68 14.88 -1.68
N ARG A 3 0.73 15.78 -1.45
CA ARG A 3 -0.42 15.45 -0.60
C ARG A 3 0.06 14.91 0.74
N LYS A 4 -0.08 13.59 0.94
CA LYS A 4 0.34 12.96 2.19
C LYS A 4 1.84 12.72 2.18
N ARG A 5 2.59 13.67 1.63
CA ARG A 5 4.04 13.57 1.56
C ARG A 5 4.47 12.30 0.82
N LYS A 6 4.40 11.16 1.51
CA LYS A 6 4.79 9.89 0.91
C LYS A 6 4.12 8.73 1.66
N TRP A 7 2.82 8.55 1.43
CA TRP A 7 2.08 7.48 2.09
C TRP A 7 0.71 7.31 1.44
N LEU A 8 0.54 7.90 0.26
CA LEU A 8 -0.74 7.79 -0.45
C LEU A 8 -0.99 6.34 -0.85
N ARG A 9 -0.60 6.00 -2.09
CA ARG A 9 -0.79 4.64 -2.60
C ARG A 9 0.47 4.16 -3.31
N ARG A 10 1.58 4.89 -3.12
CA ARG A 10 2.85 4.50 -3.75
C ARG A 10 3.06 3.00 -3.64
N ILE A 11 3.65 2.56 -2.53
CA ILE A 11 3.89 1.14 -2.31
C ILE A 11 2.61 0.49 -1.80
N GLY A 12 1.68 1.32 -1.32
CA GLY A 12 0.41 0.81 -0.83
C GLY A 12 -0.32 0.04 -1.90
N LYS A 13 -0.21 0.51 -3.14
CA LYS A 13 -0.85 -0.16 -4.26
C LYS A 13 -0.45 -1.62 -4.28
N GLY A 14 0.58 -1.96 -3.50
CA GLY A 14 1.07 -3.32 -3.42
C GLY A 14 0.57 -4.04 -2.17
N VAL A 15 0.54 -3.32 -1.04
CA VAL A 15 0.08 -3.92 0.23
C VAL A 15 -1.31 -3.37 0.63
N LYS A 16 -1.51 -2.07 0.49
CA LYS A 16 -2.79 -1.48 0.85
C LYS A 16 -3.90 -1.98 -0.08
N ILE A 17 -3.52 -2.38 -1.29
CA ILE A 17 -4.48 -2.87 -2.27
C ILE A 17 -5.44 -3.89 -1.63
N ILE A 18 -4.88 -4.99 -1.12
CA ILE A 18 -5.69 -6.02 -0.49
C ILE A 18 -4.78 -7.05 0.19
N GLY A 19 -3.56 -6.62 0.51
CA GLY A 19 -2.59 -7.49 1.16
C GLY A 19 -3.22 -8.39 2.20
N GLY A 20 -3.56 -9.61 1.79
CA GLY A 20 -4.18 -10.57 2.69
C GLY A 20 -3.50 -10.60 4.05
N ALA A 21 -2.25 -10.12 4.08
CA ALA A 21 -1.50 -10.09 5.33
C ALA A 21 -2.08 -9.04 6.27
N ALA A 22 -2.23 -7.82 5.78
CA ALA A 22 -2.78 -6.73 6.58
C ALA A 22 -4.28 -6.94 6.79
N LEU A 23 -4.97 -7.32 5.72
CA LEU A 23 -6.42 -7.54 5.79
C LEU A 23 -6.75 -8.45 6.97
N ASP A 24 -5.77 -9.25 7.39
CA ASP A 24 -5.97 -10.16 8.52
C ASP A 24 -4.62 -10.64 9.05
N HIS A 25 -3.85 -9.71 9.60
CA HIS A 25 -2.53 -10.04 10.15
C HIS A 25 -2.69 -10.89 11.41
N LEU A 26 -1.62 -11.60 11.77
CA LEU A 26 -1.64 -12.45 12.96
C LEU A 26 -1.51 -11.59 14.22
N GLY A 1 -2.32 13.10 -6.40
CA GLY A 1 -1.42 12.62 -5.36
C GLY A 1 -1.02 13.74 -4.42
N ARG A 2 0.06 13.51 -3.66
CA ARG A 2 0.54 14.50 -2.71
C ARG A 2 -0.48 14.73 -1.60
N ARG A 3 -1.62 14.05 -1.70
CA ARG A 3 -2.67 14.19 -0.69
C ARG A 3 -2.08 13.98 0.70
N LYS A 4 -0.94 13.28 0.75
CA LYS A 4 -0.25 13.01 2.01
C LYS A 4 1.25 13.03 1.78
N ARG A 5 2.02 12.88 2.86
CA ARG A 5 3.47 12.89 2.76
C ARG A 5 3.98 11.63 2.07
N LYS A 6 3.89 10.50 2.78
CA LYS A 6 4.35 9.22 2.24
C LYS A 6 3.46 8.08 2.72
N TRP A 7 2.25 8.01 2.16
CA TRP A 7 1.30 6.97 2.54
C TRP A 7 0.10 6.99 1.60
N LEU A 8 0.18 7.81 0.56
CA LEU A 8 -0.90 7.93 -0.42
C LEU A 8 -1.34 6.54 -0.88
N ARG A 9 -0.53 5.91 -1.73
CA ARG A 9 -0.84 4.57 -2.24
C ARG A 9 0.36 4.02 -3.00
N ARG A 10 1.52 4.65 -2.85
CA ARG A 10 2.74 4.19 -3.53
C ARG A 10 2.81 2.66 -3.45
N ILE A 11 3.38 2.15 -2.38
CA ILE A 11 3.46 0.71 -2.19
C ILE A 11 2.12 0.21 -1.69
N GLY A 12 1.23 1.13 -1.31
CA GLY A 12 -0.08 0.75 -0.83
C GLY A 12 -0.85 -0.02 -1.89
N LYS A 13 -0.78 0.48 -3.12
CA LYS A 13 -1.45 -0.18 -4.24
C LYS A 13 -1.14 -1.68 -4.20
N GLY A 14 -0.09 -2.03 -3.46
CA GLY A 14 0.33 -3.43 -3.34
C GLY A 14 -0.17 -4.07 -2.06
N VAL A 15 -0.06 -3.35 -0.94
CA VAL A 15 -0.52 -3.89 0.36
C VAL A 15 -1.85 -3.27 0.77
N LYS A 16 -1.98 -1.97 0.58
CA LYS A 16 -3.21 -1.27 0.93
C LYS A 16 -4.39 -1.82 0.14
N ILE A 17 -4.12 -2.24 -1.09
CA ILE A 17 -5.16 -2.79 -1.96
C ILE A 17 -5.78 -4.03 -1.31
N ILE A 18 -4.93 -4.92 -0.79
CA ILE A 18 -5.38 -6.15 -0.13
C ILE A 18 -4.52 -6.40 1.11
N GLY A 19 -3.24 -6.67 0.90
CA GLY A 19 -2.32 -6.92 2.00
C GLY A 19 -2.49 -8.32 2.56
N GLY A 20 -2.50 -9.32 1.68
CA GLY A 20 -2.65 -10.70 2.10
C GLY A 20 -3.00 -11.61 0.95
N ALA A 21 -2.93 -12.91 1.18
CA ALA A 21 -3.24 -13.89 0.15
C ALA A 21 -2.46 -13.59 -1.12
N ALA A 22 -3.03 -12.75 -1.99
CA ALA A 22 -2.36 -12.39 -3.23
C ALA A 22 -0.99 -11.79 -2.95
N LEU A 23 -0.81 -11.28 -1.73
CA LEU A 23 0.45 -10.68 -1.33
C LEU A 23 1.59 -11.67 -1.54
N ASP A 24 1.24 -12.95 -1.66
CA ASP A 24 2.24 -13.99 -1.87
C ASP A 24 1.62 -15.20 -2.58
N HIS A 25 1.15 -14.96 -3.80
CA HIS A 25 0.54 -16.03 -4.58
C HIS A 25 1.61 -16.94 -5.18
N LEU A 26 2.70 -17.13 -4.44
CA LEU A 26 3.79 -17.97 -4.91
C LEU A 26 4.21 -17.58 -6.33
N GLY A 1 5.72 13.78 -5.35
CA GLY A 1 6.61 13.20 -4.36
C GLY A 1 5.86 12.73 -3.13
N ARG A 2 6.27 13.22 -1.97
CA ARG A 2 5.62 12.84 -0.72
C ARG A 2 4.13 13.18 -0.77
N ARG A 3 3.80 14.29 -1.43
CA ARG A 3 2.41 14.71 -1.54
C ARG A 3 1.71 14.66 -0.18
N LYS A 4 0.98 13.57 0.06
CA LYS A 4 0.26 13.38 1.32
C LYS A 4 1.07 12.50 2.27
N ARG A 5 2.40 12.67 2.25
CA ARG A 5 3.29 11.89 3.10
C ARG A 5 3.05 10.40 2.84
N LYS A 6 4.01 9.57 3.25
CA LYS A 6 3.90 8.13 3.05
C LYS A 6 2.53 7.62 3.52
N TRP A 7 1.55 7.67 2.61
CA TRP A 7 0.20 7.21 2.94
C TRP A 7 -0.67 7.19 1.67
N LEU A 8 -0.23 7.92 0.64
CA LEU A 8 -0.98 7.96 -0.62
C LEU A 8 -1.33 6.54 -1.08
N ARG A 9 -0.53 6.01 -2.00
CA ARG A 9 -0.78 4.66 -2.51
C ARG A 9 0.36 4.20 -3.41
N ARG A 10 1.54 4.80 -3.25
CA ARG A 10 2.70 4.42 -4.06
C ARG A 10 2.79 2.90 -4.15
N ILE A 11 3.51 2.30 -3.21
CA ILE A 11 3.66 0.84 -3.16
C ILE A 11 2.45 0.23 -2.46
N GLY A 12 1.68 1.07 -1.77
CA GLY A 12 0.51 0.60 -1.06
C GLY A 12 -0.43 -0.14 -1.98
N LYS A 13 -0.62 0.40 -3.18
CA LYS A 13 -1.49 -0.22 -4.17
C LYS A 13 -1.18 -1.73 -4.27
N GLY A 14 0.00 -2.10 -3.75
CA GLY A 14 0.43 -3.50 -3.77
C GLY A 14 0.23 -4.20 -2.44
N VAL A 15 0.55 -3.51 -1.33
CA VAL A 15 0.40 -4.10 0.01
C VAL A 15 -0.82 -3.52 0.73
N LYS A 16 -1.04 -2.22 0.61
CA LYS A 16 -2.17 -1.57 1.26
C LYS A 16 -3.48 -2.27 0.88
N ILE A 17 -3.71 -2.41 -0.43
CA ILE A 17 -4.93 -3.04 -0.91
C ILE A 17 -4.85 -4.56 -0.70
N ILE A 18 -3.88 -4.99 0.11
CA ILE A 18 -3.72 -6.42 0.38
C ILE A 18 -3.48 -7.19 -0.91
N GLY A 19 -2.23 -7.59 -1.13
CA GLY A 19 -1.87 -8.33 -2.33
C GLY A 19 -2.36 -9.77 -2.28
N GLY A 20 -2.85 -10.26 -3.41
CA GLY A 20 -3.34 -11.62 -3.49
C GLY A 20 -4.32 -11.94 -2.37
N ALA A 21 -4.82 -10.91 -1.71
CA ALA A 21 -5.76 -11.10 -0.61
C ALA A 21 -5.22 -12.13 0.38
N ALA A 22 -3.92 -12.40 0.28
CA ALA A 22 -3.27 -13.36 1.16
C ALA A 22 -1.77 -13.10 1.20
N LEU A 23 -1.25 -12.56 0.10
CA LEU A 23 0.18 -12.24 0.01
C LEU A 23 0.47 -10.92 0.72
N ASP A 24 0.05 -10.83 1.98
CA ASP A 24 0.26 -9.62 2.76
C ASP A 24 0.06 -9.90 4.24
N HIS A 25 -0.83 -10.84 4.55
CA HIS A 25 -1.11 -11.21 5.93
C HIS A 25 -0.02 -12.13 6.47
N LEU A 26 0.89 -11.58 7.28
CA LEU A 26 1.96 -12.37 7.85
C LEU A 26 1.41 -13.36 8.88
N GLY A 1 6.87 8.79 -6.59
CA GLY A 1 6.38 10.14 -6.38
C GLY A 1 6.16 10.46 -4.91
N ARG A 2 5.58 11.61 -4.63
CA ARG A 2 5.34 12.02 -3.25
C ARG A 2 4.44 13.26 -3.21
N ARG A 3 3.12 13.02 -3.18
CA ARG A 3 2.15 14.12 -3.14
C ARG A 3 1.69 14.38 -1.72
N LYS A 4 1.74 13.35 -0.87
CA LYS A 4 1.32 13.48 0.54
C LYS A 4 2.21 12.61 1.43
N ARG A 5 3.52 12.68 1.20
CA ARG A 5 4.46 11.90 1.99
C ARG A 5 4.14 10.41 1.89
N LYS A 6 3.13 9.96 2.64
CA LYS A 6 2.71 8.56 2.64
C LYS A 6 1.19 8.47 2.60
N TRP A 7 0.66 7.27 2.86
CA TRP A 7 -0.79 7.05 2.85
C TRP A 7 -1.34 7.06 1.43
N LEU A 8 -0.70 7.83 0.55
CA LEU A 8 -1.16 7.91 -0.84
C LEU A 8 -0.94 6.59 -1.58
N ARG A 9 -0.57 5.54 -0.85
CA ARG A 9 -0.35 4.23 -1.45
C ARG A 9 0.77 4.28 -2.49
N ARG A 10 1.97 4.65 -2.05
CA ARG A 10 3.10 4.71 -2.95
C ARG A 10 3.35 3.36 -3.60
N ILE A 11 3.40 2.34 -2.76
CA ILE A 11 3.60 0.96 -3.21
C ILE A 11 2.45 0.13 -2.65
N GLY A 12 1.81 0.67 -1.63
CA GLY A 12 0.68 -0.01 -1.02
C GLY A 12 -0.39 -0.33 -2.04
N LYS A 13 -0.53 0.55 -3.03
CA LYS A 13 -1.52 0.34 -4.07
C LYS A 13 -1.31 -1.03 -4.70
N GLY A 14 -0.18 -1.65 -4.39
CA GLY A 14 0.16 -2.96 -4.92
C GLY A 14 0.02 -4.07 -3.88
N VAL A 15 0.49 -3.81 -2.66
CA VAL A 15 0.41 -4.82 -1.58
C VAL A 15 -0.72 -4.51 -0.60
N LYS A 16 -0.94 -3.23 -0.29
CA LYS A 16 -1.99 -2.86 0.66
C LYS A 16 -3.37 -2.98 -0.01
N ILE A 17 -3.41 -2.84 -1.33
CA ILE A 17 -4.68 -2.94 -2.06
C ILE A 17 -5.53 -4.12 -1.56
N ILE A 18 -4.87 -5.22 -1.25
CA ILE A 18 -5.58 -6.41 -0.76
C ILE A 18 -4.61 -7.40 -0.11
N GLY A 19 -3.42 -6.90 0.24
CA GLY A 19 -2.38 -7.72 0.87
C GLY A 19 -1.95 -7.15 2.20
N GLY A 20 -2.76 -6.25 2.74
CA GLY A 20 -2.45 -5.62 4.02
C GLY A 20 -3.64 -4.87 4.58
N ALA A 21 -4.38 -4.21 3.70
CA ALA A 21 -5.55 -3.45 4.14
C ALA A 21 -6.64 -4.39 4.64
N ALA A 22 -6.33 -5.69 4.65
CA ALA A 22 -7.28 -6.70 5.12
C ALA A 22 -6.53 -7.95 5.57
N LEU A 23 -5.55 -8.36 4.78
CA LEU A 23 -4.75 -9.53 5.11
C LEU A 23 -3.70 -9.19 6.16
N ASP A 24 -4.15 -8.74 7.33
CA ASP A 24 -3.23 -8.36 8.39
C ASP A 24 -3.97 -8.30 9.74
N HIS A 25 -5.21 -7.83 9.69
CA HIS A 25 -6.01 -7.72 10.91
C HIS A 25 -6.47 -9.11 11.37
N LEU A 26 -7.65 -9.52 10.93
CA LEU A 26 -8.19 -10.82 11.30
C LEU A 26 -8.19 -10.97 12.82
N GLY A 1 3.39 12.94 -7.10
CA GLY A 1 4.09 11.73 -6.69
C GLY A 1 3.94 11.46 -5.21
N ARG A 2 3.68 12.52 -4.44
CA ARG A 2 3.52 12.40 -3.00
C ARG A 2 2.50 13.42 -2.48
N ARG A 3 1.23 13.05 -2.53
CA ARG A 3 0.17 13.94 -2.06
C ARG A 3 0.28 14.13 -0.55
N LYS A 4 -0.10 13.11 0.22
CA LYS A 4 -0.03 13.19 1.67
C LYS A 4 1.42 13.03 2.14
N ARG A 5 1.87 11.79 2.26
CA ARG A 5 3.23 11.52 2.70
C ARG A 5 3.57 10.04 2.48
N LYS A 6 2.97 9.17 3.29
CA LYS A 6 3.20 7.72 3.19
C LYS A 6 1.93 6.96 3.55
N TRP A 7 0.84 7.29 2.85
CA TRP A 7 -0.45 6.62 3.10
C TRP A 7 -1.37 6.80 1.89
N LEU A 8 -0.84 7.37 0.82
CA LEU A 8 -1.62 7.59 -0.39
C LEU A 8 -1.88 6.24 -1.09
N ARG A 9 -0.95 5.86 -1.96
CA ARG A 9 -1.09 4.59 -2.68
C ARG A 9 0.20 4.27 -3.44
N ARG A 10 1.31 4.85 -2.99
CA ARG A 10 2.60 4.61 -3.64
C ARG A 10 2.76 3.12 -3.97
N ILE A 11 3.32 2.35 -3.05
CA ILE A 11 3.50 0.91 -3.25
C ILE A 11 2.38 0.14 -2.56
N GLY A 12 1.45 0.88 -1.94
CA GLY A 12 0.32 0.25 -1.28
C GLY A 12 -0.62 -0.34 -2.29
N LYS A 13 -0.71 0.31 -3.44
CA LYS A 13 -1.56 -0.17 -4.51
C LYS A 13 -1.29 -1.65 -4.78
N GLY A 14 -0.17 -2.14 -4.24
CA GLY A 14 0.22 -3.54 -4.41
C GLY A 14 0.00 -4.35 -3.15
N VAL A 15 0.40 -3.82 -1.99
CA VAL A 15 0.25 -4.55 -0.72
C VAL A 15 -0.97 -4.06 0.05
N LYS A 16 -1.22 -2.75 0.01
CA LYS A 16 -2.36 -2.18 0.73
C LYS A 16 -3.68 -2.66 0.11
N ILE A 17 -3.74 -2.68 -1.22
CA ILE A 17 -4.96 -3.12 -1.90
C ILE A 17 -5.47 -4.44 -1.31
N ILE A 18 -4.58 -5.18 -0.63
CA ILE A 18 -4.96 -6.44 0.00
C ILE A 18 -4.40 -6.52 1.42
N GLY A 19 -3.74 -5.44 1.84
CA GLY A 19 -3.16 -5.36 3.17
C GLY A 19 -4.12 -4.75 4.16
N GLY A 20 -5.05 -3.96 3.65
CA GLY A 20 -6.05 -3.32 4.50
C GLY A 20 -7.18 -2.73 3.69
N ALA A 21 -8.00 -1.91 4.34
CA ALA A 21 -9.14 -1.29 3.67
C ALA A 21 -9.98 -2.37 2.98
N ALA A 22 -9.70 -3.62 3.31
CA ALA A 22 -10.43 -4.74 2.73
C ALA A 22 -10.10 -6.03 3.48
N LEU A 23 -8.80 -6.32 3.62
CA LEU A 23 -8.37 -7.53 4.31
C LEU A 23 -8.37 -7.30 5.83
N ASP A 24 -9.53 -6.93 6.36
CA ASP A 24 -9.67 -6.67 7.78
C ASP A 24 -11.15 -6.70 8.17
N HIS A 25 -11.92 -5.82 7.54
CA HIS A 25 -13.36 -5.72 7.82
C HIS A 25 -13.64 -5.86 9.32
N LEU A 26 -12.69 -5.45 10.14
CA LEU A 26 -12.84 -5.52 11.58
C LEU A 26 -13.25 -6.94 12.00
N GLY A 1 8.68 15.78 -2.89
CA GLY A 1 8.69 14.37 -2.52
C GLY A 1 7.58 14.03 -1.55
N ARG A 2 7.64 14.63 -0.36
CA ARG A 2 6.62 14.39 0.66
C ARG A 2 5.31 15.07 0.27
N ARG A 3 4.62 14.50 -0.71
CA ARG A 3 3.36 15.05 -1.17
C ARG A 3 2.28 14.86 -0.11
N LYS A 4 2.29 13.71 0.55
CA LYS A 4 1.31 13.40 1.60
C LYS A 4 1.95 12.58 2.72
N ARG A 5 3.14 12.99 3.13
CA ARG A 5 3.84 12.28 4.19
C ARG A 5 4.00 10.79 3.85
N LYS A 6 4.19 10.53 2.56
CA LYS A 6 4.35 9.15 2.11
C LYS A 6 3.19 8.28 2.58
N TRP A 7 2.07 8.36 1.86
CA TRP A 7 0.89 7.58 2.21
C TRP A 7 -0.11 7.60 1.05
N LEU A 8 0.35 8.09 -0.10
CA LEU A 8 -0.50 8.17 -1.28
C LEU A 8 -0.67 6.79 -1.93
N ARG A 9 -0.49 5.74 -1.13
CA ARG A 9 -0.62 4.38 -1.64
C ARG A 9 0.41 4.11 -2.72
N ARG A 10 1.61 4.63 -2.52
CA ARG A 10 2.70 4.43 -3.49
C ARG A 10 2.76 2.96 -3.89
N ILE A 11 3.59 2.17 -3.19
CA ILE A 11 3.68 0.75 -3.49
C ILE A 11 2.59 -0.01 -2.75
N GLY A 12 1.79 0.74 -1.97
CA GLY A 12 0.71 0.14 -1.20
C GLY A 12 -0.40 -0.36 -2.10
N LYS A 13 -0.80 0.46 -3.07
CA LYS A 13 -1.86 0.08 -4.00
C LYS A 13 -1.63 -1.36 -4.49
N GLY A 14 -0.39 -1.84 -4.32
CA GLY A 14 -0.01 -3.17 -4.73
C GLY A 14 -0.13 -4.18 -3.60
N VAL A 15 0.35 -3.81 -2.41
CA VAL A 15 0.29 -4.70 -1.23
C VAL A 15 -0.73 -4.19 -0.23
N LYS A 16 -0.75 -2.88 -0.02
CA LYS A 16 -1.68 -2.27 0.92
C LYS A 16 -3.12 -2.44 0.44
N ILE A 17 -3.36 -2.25 -0.87
CA ILE A 17 -4.72 -2.39 -1.41
C ILE A 17 -5.46 -3.57 -0.78
N ILE A 18 -4.71 -4.57 -0.30
CA ILE A 18 -5.32 -5.73 0.33
C ILE A 18 -4.28 -6.53 1.11
N GLY A 19 -3.13 -6.80 0.50
CA GLY A 19 -2.07 -7.55 1.15
C GLY A 19 -1.05 -8.06 0.17
N GLY A 20 -1.40 -8.04 -1.12
CA GLY A 20 -0.49 -8.52 -2.15
C GLY A 20 -0.40 -10.02 -2.19
N ALA A 21 -0.53 -10.65 -1.02
CA ALA A 21 -0.46 -12.10 -0.93
C ALA A 21 -1.40 -12.75 -1.95
N ALA A 22 -2.66 -12.32 -1.95
CA ALA A 22 -3.65 -12.85 -2.87
C ALA A 22 -3.41 -12.28 -4.27
N LEU A 23 -3.08 -11.00 -4.35
CA LEU A 23 -2.83 -10.35 -5.63
C LEU A 23 -1.65 -11.03 -6.33
N ASP A 24 -0.90 -11.83 -5.57
CA ASP A 24 0.26 -12.52 -6.14
C ASP A 24 0.68 -13.67 -5.21
N HIS A 25 -0.22 -14.64 -5.04
CA HIS A 25 0.07 -15.79 -4.18
C HIS A 25 1.08 -16.73 -4.85
N LEU A 26 1.65 -16.28 -5.96
CA LEU A 26 2.62 -17.09 -6.68
C LEU A 26 3.93 -17.16 -5.89
N GLY A 1 6.50 14.63 -5.97
CA GLY A 1 7.20 13.68 -5.11
C GLY A 1 6.42 13.37 -3.86
N ARG A 2 7.06 13.51 -2.70
CA ARG A 2 6.41 13.22 -1.43
C ARG A 2 5.44 14.35 -1.06
N ARG A 3 4.32 14.42 -1.78
CA ARG A 3 3.32 15.45 -1.53
C ARG A 3 2.57 15.15 -0.24
N LYS A 4 2.60 13.89 0.18
CA LYS A 4 1.91 13.46 1.40
C LYS A 4 2.70 12.36 2.10
N ARG A 5 4.02 12.52 2.13
CA ARG A 5 4.89 11.52 2.76
C ARG A 5 4.63 10.14 2.17
N LYS A 6 3.67 9.41 2.76
CA LYS A 6 3.32 8.08 2.28
C LYS A 6 1.84 7.81 2.46
N TRP A 7 1.00 8.65 1.83
CA TRP A 7 -0.45 8.50 1.91
C TRP A 7 -1.04 8.46 0.51
N LEU A 8 -0.18 8.65 -0.49
CA LEU A 8 -0.62 8.62 -1.89
C LEU A 8 -0.60 7.19 -2.43
N ARG A 9 -0.43 6.23 -1.52
CA ARG A 9 -0.41 4.82 -1.90
C ARG A 9 0.71 4.55 -2.89
N ARG A 10 1.91 5.01 -2.58
CA ARG A 10 3.06 4.78 -3.45
C ARG A 10 3.15 3.29 -3.76
N ILE A 11 3.64 2.52 -2.79
CA ILE A 11 3.76 1.08 -2.93
C ILE A 11 2.57 0.41 -2.25
N GLY A 12 1.84 1.18 -1.44
CA GLY A 12 0.68 0.65 -0.75
C GLY A 12 -0.29 0.02 -1.71
N LYS A 13 -0.54 0.69 -2.82
CA LYS A 13 -1.45 0.18 -3.85
C LYS A 13 -1.13 -1.28 -4.15
N GLY A 14 0.08 -1.70 -3.74
CA GLY A 14 0.53 -3.07 -3.95
C GLY A 14 0.32 -3.94 -2.72
N VAL A 15 0.61 -3.39 -1.53
CA VAL A 15 0.46 -4.15 -0.28
C VAL A 15 -0.76 -3.69 0.51
N LYS A 16 -0.95 -2.37 0.63
CA LYS A 16 -2.10 -1.85 1.37
C LYS A 16 -3.40 -2.38 0.74
N ILE A 17 -3.38 -2.56 -0.57
CA ILE A 17 -4.56 -3.07 -1.28
C ILE A 17 -4.91 -4.46 -0.76
N ILE A 18 -4.10 -4.98 0.16
CA ILE A 18 -4.31 -6.30 0.73
C ILE A 18 -4.16 -7.38 -0.34
N GLY A 19 -2.92 -7.85 -0.51
CA GLY A 19 -2.65 -8.86 -1.51
C GLY A 19 -1.18 -9.23 -1.55
N GLY A 20 -0.51 -9.10 -0.40
CA GLY A 20 0.90 -9.41 -0.32
C GLY A 20 1.43 -9.27 1.10
N ALA A 21 2.73 -8.97 1.22
CA ALA A 21 3.35 -8.81 2.52
C ALA A 21 3.06 -10.02 3.40
N ALA A 22 1.97 -9.95 4.16
CA ALA A 22 1.58 -11.04 5.04
C ALA A 22 0.99 -12.18 4.22
N LEU A 23 0.21 -11.83 3.20
CA LEU A 23 -0.42 -12.84 2.35
C LEU A 23 0.59 -13.38 1.34
N ASP A 24 1.53 -14.19 1.83
CA ASP A 24 2.55 -14.76 0.96
C ASP A 24 3.36 -15.82 1.70
N HIS A 25 3.38 -15.70 3.03
CA HIS A 25 4.12 -16.65 3.85
C HIS A 25 3.33 -17.95 4.01
N LEU A 26 2.82 -18.47 2.89
CA LEU A 26 2.04 -19.70 2.93
C LEU A 26 2.95 -20.90 3.17
N GLY A 1 2.38 12.66 11.15
CA GLY A 1 2.85 13.10 9.85
C GLY A 1 2.75 12.01 8.81
N ARG A 2 1.68 12.06 8.02
CA ARG A 2 1.47 11.06 6.97
C ARG A 2 0.37 11.51 6.01
N ARG A 3 -0.31 12.60 6.36
CA ARG A 3 -1.37 13.13 5.51
C ARG A 3 -0.84 13.35 4.10
N LYS A 4 -1.02 12.37 3.23
CA LYS A 4 -0.55 12.46 1.86
C LYS A 4 0.94 12.74 1.83
N ARG A 5 1.58 12.71 3.00
CA ARG A 5 3.02 12.94 3.09
C ARG A 5 3.77 11.63 2.91
N LYS A 6 3.96 11.24 1.65
CA LYS A 6 4.65 10.00 1.34
C LYS A 6 3.95 8.82 2.01
N TRP A 7 2.66 8.67 1.72
CA TRP A 7 1.87 7.59 2.30
C TRP A 7 0.56 7.43 1.54
N LEU A 8 0.39 8.23 0.50
CA LEU A 8 -0.83 8.17 -0.32
C LEU A 8 -1.14 6.72 -0.71
N ARG A 9 -0.44 6.22 -1.74
CA ARG A 9 -0.65 4.86 -2.22
C ARG A 9 0.66 4.33 -2.82
N ARG A 10 1.77 4.98 -2.48
CA ARG A 10 3.08 4.58 -3.00
C ARG A 10 3.21 3.05 -3.00
N ILE A 11 3.68 2.50 -1.89
CA ILE A 11 3.83 1.05 -1.77
C ILE A 11 2.50 0.43 -1.37
N GLY A 12 1.57 1.26 -0.88
CA GLY A 12 0.27 0.75 -0.49
C GLY A 12 -0.42 0.06 -1.64
N LYS A 13 -0.31 0.64 -2.83
CA LYS A 13 -0.93 0.04 -4.01
C LYS A 13 -0.50 -1.42 -4.10
N GLY A 14 0.57 -1.76 -3.38
CA GLY A 14 1.10 -3.12 -3.37
C GLY A 14 0.55 -3.93 -2.20
N VAL A 15 0.50 -3.33 -1.01
CA VAL A 15 0.01 -4.04 0.18
C VAL A 15 -1.40 -3.56 0.55
N LYS A 16 -1.61 -2.25 0.51
CA LYS A 16 -2.92 -1.68 0.84
C LYS A 16 -3.98 -2.26 -0.08
N ILE A 17 -3.60 -2.55 -1.32
CA ILE A 17 -4.53 -3.11 -2.29
C ILE A 17 -5.06 -4.47 -1.80
N ILE A 18 -4.59 -4.89 -0.64
CA ILE A 18 -5.01 -6.16 -0.06
C ILE A 18 -4.56 -7.33 -0.95
N GLY A 19 -3.29 -7.69 -0.84
CA GLY A 19 -2.75 -8.78 -1.63
C GLY A 19 -3.03 -10.14 -1.02
N GLY A 20 -3.68 -10.13 0.14
CA GLY A 20 -4.02 -11.37 0.81
C GLY A 20 -4.65 -11.13 2.17
N ALA A 21 -5.04 -9.88 2.43
CA ALA A 21 -5.66 -9.53 3.71
C ALA A 21 -4.85 -10.11 4.87
N ALA A 22 -3.59 -10.46 4.58
CA ALA A 22 -2.70 -11.02 5.58
C ALA A 22 -1.26 -10.78 5.14
N LEU A 23 -1.05 -10.70 3.84
CA LEU A 23 0.28 -10.47 3.28
C LEU A 23 0.57 -8.97 3.30
N ASP A 24 0.51 -8.38 4.50
CA ASP A 24 0.77 -6.95 4.68
C ASP A 24 1.45 -6.68 6.01
N HIS A 25 1.47 -7.69 6.87
CA HIS A 25 2.11 -7.56 8.18
C HIS A 25 3.62 -7.75 8.08
N LEU A 26 4.18 -7.38 6.94
CA LEU A 26 5.62 -7.51 6.74
C LEU A 26 6.36 -6.48 7.59
N GLY A 1 3.35 12.79 -4.89
CA GLY A 1 4.15 13.80 -4.20
C GLY A 1 3.89 13.79 -2.71
N ARG A 2 4.56 14.71 -1.99
CA ARG A 2 4.39 14.80 -0.55
C ARG A 2 3.05 15.46 -0.21
N ARG A 3 2.21 14.74 0.51
CA ARG A 3 0.91 15.26 0.90
C ARG A 3 0.28 14.38 1.98
N LYS A 4 0.78 13.16 2.12
CA LYS A 4 0.27 12.22 3.11
C LYS A 4 1.43 11.47 3.78
N ARG A 5 2.52 12.18 4.01
CA ARG A 5 3.70 11.58 4.64
C ARG A 5 4.07 10.27 3.94
N LYS A 6 4.05 10.30 2.61
CA LYS A 6 4.40 9.12 1.83
C LYS A 6 3.55 7.92 2.23
N TRP A 7 2.30 7.90 1.76
CA TRP A 7 1.37 6.82 2.06
C TRP A 7 0.21 6.84 1.07
N LEU A 8 0.36 7.63 0.01
CA LEU A 8 -0.67 7.73 -1.01
C LEU A 8 -0.95 6.37 -1.63
N ARG A 9 -0.24 6.07 -2.72
CA ARG A 9 -0.41 4.78 -3.42
C ARG A 9 0.93 4.28 -3.95
N ARG A 10 2.04 4.84 -3.46
CA ARG A 10 3.36 4.40 -3.93
C ARG A 10 3.42 2.86 -3.95
N ILE A 11 3.77 2.26 -2.82
CA ILE A 11 3.83 0.80 -2.74
C ILE A 11 2.50 0.25 -2.21
N GLY A 12 1.65 1.15 -1.74
CA GLY A 12 0.35 0.74 -1.23
C GLY A 12 -0.43 -0.03 -2.26
N LYS A 13 -0.26 0.36 -3.53
CA LYS A 13 -0.94 -0.32 -4.62
C LYS A 13 -0.74 -1.82 -4.51
N GLY A 14 0.24 -2.23 -3.70
CA GLY A 14 0.55 -3.63 -3.50
C GLY A 14 0.07 -4.15 -2.15
N VAL A 15 0.29 -3.37 -1.09
CA VAL A 15 -0.12 -3.78 0.27
C VAL A 15 -1.39 -3.06 0.70
N LYS A 16 -1.51 -1.79 0.35
CA LYS A 16 -2.69 -1.01 0.72
C LYS A 16 -3.91 -1.46 -0.07
N ILE A 17 -3.70 -1.85 -1.32
CA ILE A 17 -4.81 -2.29 -2.17
C ILE A 17 -5.64 -3.35 -1.44
N ILE A 18 -4.97 -4.22 -0.67
CA ILE A 18 -5.66 -5.26 0.09
C ILE A 18 -6.11 -4.69 1.43
N GLY A 19 -5.14 -4.32 2.26
CA GLY A 19 -5.41 -3.77 3.57
C GLY A 19 -4.17 -3.69 4.42
N GLY A 20 -3.11 -4.36 3.97
CA GLY A 20 -1.84 -4.36 4.69
C GLY A 20 -1.89 -5.27 5.91
N ALA A 21 -2.80 -4.98 6.83
CA ALA A 21 -2.92 -5.79 8.04
C ALA A 21 -3.04 -7.26 7.69
N ALA A 22 -3.90 -7.57 6.72
CA ALA A 22 -4.11 -8.96 6.31
C ALA A 22 -2.99 -9.42 5.39
N LEU A 23 -2.12 -8.48 5.01
CA LEU A 23 -0.99 -8.79 4.12
C LEU A 23 0.27 -8.08 4.59
N ASP A 24 0.76 -8.48 5.77
CA ASP A 24 1.95 -7.88 6.34
C ASP A 24 2.43 -8.70 7.53
N HIS A 25 1.51 -9.43 8.14
CA HIS A 25 1.82 -10.25 9.30
C HIS A 25 2.51 -11.55 8.86
N LEU A 26 3.24 -11.48 7.75
CA LEU A 26 3.94 -12.66 7.24
C LEU A 26 4.79 -13.29 8.35
N GLY A 1 2.13 13.00 -7.14
CA GLY A 1 0.97 13.74 -6.65
C GLY A 1 0.90 13.71 -5.14
N ARG A 2 1.12 14.86 -4.51
CA ARG A 2 1.07 14.96 -3.06
C ARG A 2 -0.38 15.01 -2.57
N ARG A 3 -1.08 13.88 -2.67
CA ARG A 3 -2.46 13.80 -2.24
C ARG A 3 -2.55 13.78 -0.71
N LYS A 4 -1.48 13.32 -0.07
CA LYS A 4 -1.44 13.26 1.40
C LYS A 4 -0.04 13.61 1.92
N ARG A 5 0.84 12.62 2.03
CA ARG A 5 2.20 12.85 2.51
C ARG A 5 3.14 11.77 1.99
N LYS A 6 2.97 10.55 2.50
CA LYS A 6 3.81 9.43 2.08
C LYS A 6 3.13 8.11 2.39
N TRP A 7 1.87 8.00 1.97
CA TRP A 7 1.09 6.78 2.19
C TRP A 7 -0.09 6.75 1.22
N LEU A 8 -0.05 7.64 0.23
CA LEU A 8 -1.10 7.71 -0.78
C LEU A 8 -1.44 6.31 -1.30
N ARG A 9 -0.50 5.73 -2.05
CA ARG A 9 -0.70 4.39 -2.60
C ARG A 9 0.62 3.86 -3.14
N ARG A 10 1.73 4.42 -2.67
CA ARG A 10 3.06 3.99 -3.10
C ARG A 10 3.11 2.45 -3.15
N ILE A 11 3.49 1.83 -2.04
CA ILE A 11 3.56 0.37 -1.98
C ILE A 11 2.21 -0.19 -1.53
N GLY A 12 1.32 0.71 -1.11
CA GLY A 12 0.00 0.31 -0.67
C GLY A 12 -0.74 -0.45 -1.75
N LYS A 13 -0.63 0.03 -2.98
CA LYS A 13 -1.29 -0.61 -4.11
C LYS A 13 -1.01 -2.10 -4.09
N GLY A 14 0.01 -2.50 -3.32
CA GLY A 14 0.40 -3.89 -3.19
C GLY A 14 -0.13 -4.54 -1.93
N VAL A 15 -0.09 -3.82 -0.81
CA VAL A 15 -0.56 -4.35 0.47
C VAL A 15 -1.86 -3.68 0.91
N LYS A 16 -1.95 -2.36 0.73
CA LYS A 16 -3.14 -1.62 1.13
C LYS A 16 -4.39 -2.24 0.49
N ILE A 17 -4.35 -2.37 -0.83
CA ILE A 17 -5.49 -2.94 -1.55
C ILE A 17 -5.59 -4.43 -1.25
N ILE A 18 -4.73 -4.91 -0.35
CA ILE A 18 -4.73 -6.31 0.03
C ILE A 18 -4.43 -7.19 -1.19
N GLY A 19 -3.19 -7.14 -1.66
CA GLY A 19 -2.79 -7.91 -2.82
C GLY A 19 -2.71 -9.40 -2.50
N GLY A 20 -3.67 -10.16 -3.00
CA GLY A 20 -3.69 -11.60 -2.76
C GLY A 20 -2.42 -12.26 -3.24
N ALA A 21 -1.65 -11.55 -4.05
CA ALA A 21 -0.39 -12.08 -4.58
C ALA A 21 0.67 -12.11 -3.49
N ALA A 22 0.24 -11.93 -2.24
CA ALA A 22 1.16 -11.94 -1.12
C ALA A 22 0.41 -12.17 0.19
N LEU A 23 -0.70 -11.45 0.36
CA LEU A 23 -1.52 -11.57 1.56
C LEU A 23 -2.39 -12.84 1.47
N ASP A 24 -1.73 -13.99 1.39
CA ASP A 24 -2.44 -15.26 1.29
C ASP A 24 -1.48 -16.43 1.43
N HIS A 25 -0.43 -16.42 0.61
CA HIS A 25 0.56 -17.48 0.64
C HIS A 25 1.50 -17.30 1.84
N LEU A 26 1.25 -18.05 2.90
CA LEU A 26 2.07 -17.96 4.10
C LEU A 26 3.50 -18.41 3.79
N GLY A 1 8.64 14.20 1.60
CA GLY A 1 7.46 14.91 2.06
C GLY A 1 6.36 14.90 1.02
N ARG A 2 6.00 13.71 0.55
CA ARG A 2 4.94 13.57 -0.45
C ARG A 2 3.58 13.82 0.17
N ARG A 3 3.19 15.09 0.26
CA ARG A 3 1.90 15.46 0.83
C ARG A 3 1.71 14.82 2.20
N LYS A 4 1.08 13.64 2.22
CA LYS A 4 0.83 12.93 3.47
C LYS A 4 2.10 12.25 3.98
N ARG A 5 3.25 12.81 3.62
CA ARG A 5 4.52 12.24 4.04
C ARG A 5 4.58 10.74 3.73
N LYS A 6 4.49 10.40 2.45
CA LYS A 6 4.53 9.01 2.03
C LYS A 6 3.49 8.20 2.81
N TRP A 7 2.25 8.24 2.36
CA TRP A 7 1.18 7.50 3.03
C TRP A 7 -0.07 7.47 2.15
N LEU A 8 0.07 7.94 0.92
CA LEU A 8 -1.05 7.96 -0.02
C LEU A 8 -1.42 6.53 -0.41
N ARG A 9 -0.81 6.02 -1.47
CA ARG A 9 -1.08 4.66 -1.91
C ARG A 9 -0.03 4.20 -2.94
N ARG A 10 1.14 4.83 -2.91
CA ARG A 10 2.21 4.47 -3.83
C ARG A 10 2.36 2.94 -3.89
N ILE A 11 3.20 2.39 -3.02
CA ILE A 11 3.40 0.95 -2.97
C ILE A 11 2.23 0.30 -2.21
N GLY A 12 1.49 1.11 -1.48
CA GLY A 12 0.36 0.61 -0.71
C GLY A 12 -0.62 -0.12 -1.60
N LYS A 13 -0.97 0.46 -2.74
CA LYS A 13 -1.90 -0.22 -3.64
C LYS A 13 -1.46 -1.68 -3.82
N GLY A 14 -0.20 -1.94 -3.46
CA GLY A 14 0.38 -3.27 -3.55
C GLY A 14 0.10 -4.09 -2.31
N VAL A 15 0.42 -3.54 -1.12
CA VAL A 15 0.16 -4.27 0.14
C VAL A 15 -1.21 -3.89 0.68
N LYS A 16 -1.51 -2.59 0.62
CA LYS A 16 -2.80 -2.09 1.08
C LYS A 16 -3.95 -2.85 0.40
N ILE A 17 -3.90 -2.99 -0.93
CA ILE A 17 -4.96 -3.71 -1.63
C ILE A 17 -4.97 -5.19 -1.20
N ILE A 18 -4.10 -5.53 -0.25
CA ILE A 18 -4.01 -6.90 0.24
C ILE A 18 -3.54 -7.83 -0.86
N GLY A 19 -2.22 -8.02 -0.95
CA GLY A 19 -1.64 -8.89 -1.96
C GLY A 19 -0.26 -9.37 -1.57
N GLY A 20 0.57 -8.45 -1.09
CA GLY A 20 1.92 -8.80 -0.67
C GLY A 20 1.94 -9.37 0.74
N ALA A 21 1.20 -8.73 1.65
CA ALA A 21 1.14 -9.19 3.03
C ALA A 21 0.97 -10.70 3.11
N ALA A 22 -0.11 -11.20 2.51
CA ALA A 22 -0.38 -12.64 2.52
C ALA A 22 0.68 -13.38 1.72
N LEU A 23 1.01 -12.86 0.54
CA LEU A 23 2.01 -13.47 -0.33
C LEU A 23 3.41 -13.01 0.05
N ASP A 24 3.72 -13.06 1.35
CA ASP A 24 5.02 -12.63 1.83
C ASP A 24 5.23 -13.08 3.28
N HIS A 25 4.16 -12.99 4.07
CA HIS A 25 4.22 -13.38 5.47
C HIS A 25 4.58 -14.86 5.58
N LEU A 26 3.60 -15.73 5.33
CA LEU A 26 3.82 -17.17 5.41
C LEU A 26 4.51 -17.54 6.72
N GLY A 1 0.25 16.21 -5.87
CA GLY A 1 1.60 16.11 -5.32
C GLY A 1 1.58 15.65 -3.87
N ARG A 2 1.88 16.57 -2.97
CA ARG A 2 1.90 16.26 -1.54
C ARG A 2 0.48 16.16 -0.99
N ARG A 3 -0.26 15.16 -1.47
CA ARG A 3 -1.64 14.96 -1.04
C ARG A 3 -1.68 14.31 0.34
N LYS A 4 -0.60 13.59 0.68
CA LYS A 4 -0.52 12.92 1.97
C LYS A 4 0.90 12.39 2.20
N ARG A 5 1.89 13.27 2.02
CA ARG A 5 3.29 12.88 2.22
C ARG A 5 3.57 11.52 1.57
N LYS A 6 4.59 10.83 2.07
CA LYS A 6 4.96 9.52 1.53
C LYS A 6 4.03 8.44 2.10
N TRP A 7 2.82 8.35 1.55
CA TRP A 7 1.85 7.37 2.01
C TRP A 7 0.65 7.34 1.08
N LEU A 8 0.70 8.13 0.02
CA LEU A 8 -0.40 8.18 -0.94
C LEU A 8 -0.73 6.78 -1.47
N ARG A 9 0.00 6.33 -2.50
CA ARG A 9 -0.22 5.00 -3.08
C ARG A 9 1.10 4.36 -3.51
N ARG A 10 2.22 4.89 -3.00
CA ARG A 10 3.52 4.33 -3.37
C ARG A 10 3.50 2.80 -3.24
N ILE A 11 3.77 2.30 -2.03
CA ILE A 11 3.77 0.87 -1.78
C ILE A 11 2.36 0.43 -1.36
N GLY A 12 1.52 1.41 -1.04
CA GLY A 12 0.16 1.12 -0.63
C GLY A 12 -0.57 0.31 -1.67
N LYS A 13 -0.34 0.66 -2.94
CA LYS A 13 -0.97 -0.06 -4.04
C LYS A 13 -0.70 -1.55 -3.89
N GLY A 14 0.24 -1.89 -3.00
CA GLY A 14 0.61 -3.27 -2.74
C GLY A 14 0.02 -3.79 -1.44
N VAL A 15 0.10 -2.97 -0.38
CA VAL A 15 -0.43 -3.38 0.94
C VAL A 15 -1.77 -2.70 1.23
N LYS A 16 -1.90 -1.43 0.88
CA LYS A 16 -3.15 -0.71 1.12
C LYS A 16 -4.33 -1.44 0.48
N ILE A 17 -4.18 -1.75 -0.81
CA ILE A 17 -5.24 -2.45 -1.53
C ILE A 17 -5.40 -3.88 -1.01
N ILE A 18 -4.67 -4.20 0.06
CA ILE A 18 -4.74 -5.53 0.65
C ILE A 18 -4.29 -6.59 -0.35
N GLY A 19 -2.99 -6.86 -0.38
CA GLY A 19 -2.44 -7.85 -1.29
C GLY A 19 -2.72 -9.26 -0.84
N GLY A 20 -3.86 -9.80 -1.25
CA GLY A 20 -4.22 -11.16 -0.87
C GLY A 20 -3.16 -12.16 -1.27
N ALA A 21 -3.55 -13.43 -1.35
CA ALA A 21 -2.62 -14.49 -1.72
C ALA A 21 -1.37 -14.42 -0.84
N ALA A 22 -1.46 -13.64 0.23
CA ALA A 22 -0.33 -13.49 1.14
C ALA A 22 -0.77 -12.73 2.39
N LEU A 23 -1.30 -11.53 2.20
CA LEU A 23 -1.76 -10.70 3.31
C LEU A 23 -3.20 -11.06 3.67
N ASP A 24 -3.45 -12.35 3.85
CA ASP A 24 -4.80 -12.82 4.19
C ASP A 24 -4.76 -14.27 4.63
N HIS A 25 -4.18 -15.12 3.79
CA HIS A 25 -4.09 -16.55 4.11
C HIS A 25 -5.47 -17.11 4.47
N LEU A 26 -6.12 -17.73 3.50
CA LEU A 26 -7.45 -18.30 3.73
C LEU A 26 -7.35 -19.50 4.65
N GLY A 1 4.32 14.65 -7.55
CA GLY A 1 4.60 15.48 -6.38
C GLY A 1 3.94 14.93 -5.14
N ARG A 2 4.61 15.10 -3.99
CA ARG A 2 4.07 14.61 -2.73
C ARG A 2 2.75 15.30 -2.40
N ARG A 3 1.65 14.67 -2.81
CA ARG A 3 0.33 15.23 -2.55
C ARG A 3 0.09 15.35 -1.06
N LYS A 4 0.72 14.45 -0.30
CA LYS A 4 0.57 14.45 1.15
C LYS A 4 1.62 13.54 1.79
N ARG A 5 2.88 13.84 1.54
CA ARG A 5 3.98 13.04 2.10
C ARG A 5 3.85 11.59 1.62
N LYS A 6 4.57 10.70 2.30
CA LYS A 6 4.55 9.28 1.94
C LYS A 6 3.31 8.60 2.50
N TRP A 7 2.22 8.64 1.74
CA TRP A 7 0.97 8.02 2.17
C TRP A 7 0.00 7.92 1.00
N LEU A 8 0.45 8.39 -0.17
CA LEU A 8 -0.39 8.36 -1.37
C LEU A 8 -0.53 6.94 -1.93
N ARG A 9 -0.45 5.95 -1.04
CA ARG A 9 -0.57 4.55 -1.45
C ARG A 9 0.57 4.16 -2.38
N ARG A 10 1.77 4.64 -2.05
CA ARG A 10 2.95 4.32 -2.86
C ARG A 10 3.03 2.80 -3.01
N ILE A 11 3.72 2.16 -2.08
CA ILE A 11 3.84 0.71 -2.11
C ILE A 11 2.54 0.07 -1.64
N GLY A 12 1.74 0.84 -0.90
CA GLY A 12 0.48 0.34 -0.41
C GLY A 12 -0.38 -0.18 -1.54
N LYS A 13 -0.41 0.58 -2.64
CA LYS A 13 -1.18 0.18 -3.81
C LYS A 13 -0.92 -1.29 -4.13
N GLY A 14 0.16 -1.82 -3.57
CA GLY A 14 0.55 -3.21 -3.78
C GLY A 14 0.12 -4.11 -2.64
N VAL A 15 0.31 -3.65 -1.39
CA VAL A 15 -0.07 -4.46 -0.21
C VAL A 15 -1.37 -3.94 0.41
N LYS A 16 -1.51 -2.62 0.54
CA LYS A 16 -2.73 -2.06 1.12
C LYS A 16 -3.92 -2.45 0.27
N ILE A 17 -3.72 -2.57 -1.04
CA ILE A 17 -4.80 -2.94 -1.94
C ILE A 17 -5.27 -4.37 -1.62
N ILE A 18 -4.62 -4.98 -0.63
CA ILE A 18 -4.96 -6.34 -0.22
C ILE A 18 -4.72 -7.32 -1.37
N GLY A 19 -3.45 -7.66 -1.57
CA GLY A 19 -3.08 -8.58 -2.63
C GLY A 19 -1.57 -8.68 -2.79
N GLY A 20 -0.86 -8.84 -1.67
CA GLY A 20 0.58 -8.95 -1.70
C GLY A 20 1.13 -9.45 -0.38
N ALA A 21 1.01 -8.62 0.66
CA ALA A 21 1.50 -9.00 1.98
C ALA A 21 0.89 -10.33 2.42
N ALA A 22 -0.44 -10.38 2.44
CA ALA A 22 -1.14 -11.59 2.84
C ALA A 22 -0.95 -12.68 1.79
N LEU A 23 -0.64 -12.27 0.56
CA LEU A 23 -0.43 -13.21 -0.53
C LEU A 23 0.90 -13.94 -0.35
N ASP A 24 1.84 -13.28 0.34
CA ASP A 24 3.16 -13.86 0.58
C ASP A 24 3.83 -13.17 1.75
N HIS A 25 3.30 -13.36 2.95
CA HIS A 25 3.86 -12.74 4.14
C HIS A 25 5.32 -13.16 4.33
N LEU A 26 6.09 -12.32 5.00
CA LEU A 26 7.50 -12.60 5.24
C LEU A 26 8.08 -11.63 6.25
N GLY A 1 7.49 12.20 -6.18
CA GLY A 1 6.66 13.38 -6.13
C GLY A 1 6.05 13.60 -4.75
N ARG A 2 5.92 12.52 -4.00
CA ARG A 2 5.35 12.61 -2.66
C ARG A 2 4.02 13.36 -2.68
N ARG A 3 3.01 12.73 -3.25
CA ARG A 3 1.69 13.35 -3.34
C ARG A 3 1.16 13.67 -1.95
N LYS A 4 1.57 12.89 -0.96
CA LYS A 4 1.13 13.10 0.41
C LYS A 4 2.00 12.30 1.39
N ARG A 5 3.25 12.73 1.54
CA ARG A 5 4.17 12.05 2.44
C ARG A 5 4.21 10.55 2.17
N LYS A 6 3.64 9.76 3.08
CA LYS A 6 3.62 8.29 2.92
C LYS A 6 2.33 7.73 3.51
N TRP A 7 1.21 7.95 2.82
CA TRP A 7 -0.08 7.44 3.26
C TRP A 7 -1.07 7.45 2.10
N LEU A 8 -0.55 7.71 0.90
CA LEU A 8 -1.38 7.74 -0.29
C LEU A 8 -1.70 6.32 -0.75
N ARG A 9 -0.84 5.77 -1.60
CA ARG A 9 -1.04 4.41 -2.10
C ARG A 9 0.18 3.95 -2.88
N ARG A 10 1.32 4.56 -2.62
CA ARG A 10 2.57 4.19 -3.31
C ARG A 10 2.69 2.66 -3.40
N ILE A 11 3.32 2.07 -2.39
CA ILE A 11 3.49 0.62 -2.35
C ILE A 11 2.21 -0.04 -1.81
N GLY A 12 1.35 0.78 -1.20
CA GLY A 12 0.11 0.24 -0.68
C GLY A 12 -0.70 -0.41 -1.76
N LYS A 13 -0.74 0.24 -2.92
CA LYS A 13 -1.45 -0.31 -4.06
C LYS A 13 -1.02 -1.76 -4.29
N GLY A 14 0.09 -2.13 -3.66
CA GLY A 14 0.64 -3.47 -3.77
C GLY A 14 0.31 -4.33 -2.56
N VAL A 15 0.47 -3.78 -1.36
CA VAL A 15 0.18 -4.53 -0.12
C VAL A 15 -1.17 -4.11 0.46
N LYS A 16 -1.45 -2.82 0.46
CA LYS A 16 -2.72 -2.31 0.99
C LYS A 16 -3.89 -2.97 0.28
N ILE A 17 -3.77 -3.14 -1.04
CA ILE A 17 -4.83 -3.76 -1.83
C ILE A 17 -4.97 -5.23 -1.45
N ILE A 18 -4.18 -5.67 -0.48
CA ILE A 18 -4.22 -7.06 -0.04
C ILE A 18 -3.88 -8.00 -1.19
N GLY A 19 -2.60 -8.02 -1.57
CA GLY A 19 -2.16 -8.87 -2.65
C GLY A 19 -2.07 -10.33 -2.24
N GLY A 20 -2.61 -10.63 -1.07
CA GLY A 20 -2.59 -12.00 -0.56
C GLY A 20 -1.23 -12.37 0.00
N ALA A 21 -0.17 -11.92 -0.67
CA ALA A 21 1.19 -12.21 -0.22
C ALA A 21 1.41 -11.69 1.19
N ALA A 22 0.99 -10.44 1.42
CA ALA A 22 1.15 -9.82 2.74
C ALA A 22 0.22 -10.49 3.75
N LEU A 23 -0.88 -11.04 3.25
CA LEU A 23 -1.86 -11.69 4.12
C LEU A 23 -1.35 -13.07 4.54
N ASP A 24 -0.06 -13.16 4.84
CA ASP A 24 0.52 -14.43 5.26
C ASP A 24 1.91 -14.22 5.84
N HIS A 25 2.59 -13.17 5.40
CA HIS A 25 3.93 -12.86 5.88
C HIS A 25 4.85 -14.05 5.69
N LEU A 26 5.51 -14.11 4.54
CA LEU A 26 6.42 -15.21 4.24
C LEU A 26 7.73 -15.04 5.03
N GLY A 1 9.38 11.65 -4.46
CA GLY A 1 8.09 11.04 -4.72
C GLY A 1 7.11 11.31 -3.60
N ARG A 2 7.52 12.14 -2.64
CA ARG A 2 6.65 12.48 -1.52
C ARG A 2 5.52 13.39 -1.97
N ARG A 3 4.53 12.80 -2.64
CA ARG A 3 3.39 13.56 -3.11
C ARG A 3 2.53 14.04 -1.93
N LYS A 4 2.76 13.44 -0.77
CA LYS A 4 2.02 13.80 0.44
C LYS A 4 2.82 13.45 1.69
N ARG A 5 2.64 12.24 2.20
CA ARG A 5 3.36 11.80 3.38
C ARG A 5 3.12 10.32 3.64
N LYS A 6 3.72 9.48 2.80
CA LYS A 6 3.57 8.04 2.95
C LYS A 6 2.09 7.66 3.02
N TRP A 7 1.37 7.97 1.94
CA TRP A 7 -0.06 7.66 1.87
C TRP A 7 -0.54 7.71 0.42
N LEU A 8 0.33 8.23 -0.45
CA LEU A 8 0.01 8.33 -1.86
C LEU A 8 -0.22 6.97 -2.50
N ARG A 9 -0.16 5.91 -1.68
CA ARG A 9 -0.36 4.56 -2.18
C ARG A 9 0.71 4.19 -3.20
N ARG A 10 1.95 4.60 -2.92
CA ARG A 10 3.06 4.29 -3.82
C ARG A 10 3.06 2.79 -4.13
N ILE A 11 3.80 2.02 -3.34
CA ILE A 11 3.86 0.57 -3.53
C ILE A 11 2.82 -0.11 -2.64
N GLY A 12 2.04 0.70 -1.91
CA GLY A 12 1.02 0.16 -1.04
C GLY A 12 -0.13 -0.38 -1.86
N LYS A 13 -0.44 0.30 -2.95
CA LYS A 13 -1.51 -0.15 -3.83
C LYS A 13 -1.30 -1.62 -4.20
N GLY A 14 -0.09 -2.10 -3.95
CA GLY A 14 0.26 -3.48 -4.25
C GLY A 14 0.16 -4.39 -3.02
N VAL A 15 0.62 -3.90 -1.87
CA VAL A 15 0.57 -4.69 -0.62
C VAL A 15 -0.44 -4.11 0.36
N LYS A 16 -0.47 -2.78 0.48
CA LYS A 16 -1.39 -2.12 1.38
C LYS A 16 -2.84 -2.47 1.03
N ILE A 17 -3.10 -2.66 -0.26
CA ILE A 17 -4.45 -3.00 -0.72
C ILE A 17 -4.81 -4.42 -0.28
N ILE A 18 -3.95 -5.03 0.54
CA ILE A 18 -4.19 -6.39 1.01
C ILE A 18 -4.28 -7.34 -0.18
N GLY A 19 -3.16 -7.96 -0.54
CA GLY A 19 -3.14 -8.90 -1.65
C GLY A 19 -1.87 -9.74 -1.66
N GLY A 20 -0.99 -9.46 -0.71
CA GLY A 20 0.26 -10.20 -0.61
C GLY A 20 1.02 -9.84 0.65
N ALA A 21 2.11 -10.56 0.89
CA ALA A 21 2.92 -10.32 2.09
C ALA A 21 2.05 -10.37 3.33
N ALA A 22 0.82 -10.82 3.17
CA ALA A 22 -0.11 -10.92 4.29
C ALA A 22 -1.35 -11.71 3.88
N LEU A 23 -1.37 -12.18 2.64
CA LEU A 23 -2.50 -12.95 2.12
C LEU A 23 -2.04 -13.89 1.01
N ASP A 24 -0.96 -14.63 1.26
CA ASP A 24 -0.42 -15.56 0.27
C ASP A 24 0.67 -16.42 0.89
N HIS A 25 0.79 -16.36 2.21
CA HIS A 25 1.81 -17.14 2.91
C HIS A 25 1.56 -18.63 2.72
N LEU A 26 2.64 -19.38 2.54
CA LEU A 26 2.54 -20.83 2.34
C LEU A 26 2.28 -21.53 3.68
N GLY A 1 6.82 14.84 -5.67
CA GLY A 1 6.94 15.71 -4.52
C GLY A 1 6.01 15.31 -3.40
N ARG A 2 5.73 14.01 -3.32
CA ARG A 2 4.84 13.49 -2.28
C ARG A 2 3.53 14.27 -2.27
N ARG A 3 2.51 13.71 -2.90
CA ARG A 3 1.20 14.35 -2.95
C ARG A 3 0.64 14.54 -1.55
N LYS A 4 1.09 13.71 -0.62
CA LYS A 4 0.61 13.80 0.75
C LYS A 4 1.50 12.96 1.67
N ARG A 5 2.80 13.17 1.57
CA ARG A 5 3.76 12.42 2.40
C ARG A 5 3.78 10.96 1.96
N LYS A 6 4.14 10.06 2.88
CA LYS A 6 4.21 8.63 2.57
C LYS A 6 2.85 7.97 2.80
N TRP A 7 1.87 8.34 1.98
CA TRP A 7 0.52 7.78 2.09
C TRP A 7 -0.19 7.90 0.74
N LEU A 8 0.54 8.34 -0.27
CA LEU A 8 -0.03 8.50 -1.60
C LEU A 8 -0.20 7.14 -2.29
N ARG A 9 -0.19 6.07 -1.49
CA ARG A 9 -0.36 4.72 -2.02
C ARG A 9 0.78 4.36 -2.96
N ARG A 10 2.00 4.71 -2.56
CA ARG A 10 3.17 4.37 -3.37
C ARG A 10 3.15 2.88 -3.67
N ILE A 11 3.79 2.10 -2.81
CA ILE A 11 3.82 0.65 -2.97
C ILE A 11 2.53 0.06 -2.40
N GLY A 12 1.82 0.85 -1.59
CA GLY A 12 0.58 0.39 -1.00
C GLY A 12 -0.39 -0.09 -2.05
N LYS A 13 -0.46 0.65 -3.15
CA LYS A 13 -1.36 0.29 -4.24
C LYS A 13 -1.17 -1.19 -4.60
N GLY A 14 -0.07 -1.77 -4.12
CA GLY A 14 0.24 -3.17 -4.38
C GLY A 14 -0.09 -4.06 -3.19
N VAL A 15 0.26 -3.62 -1.97
CA VAL A 15 -0.01 -4.41 -0.76
C VAL A 15 -1.20 -3.85 0.01
N LYS A 16 -1.28 -2.52 0.10
CA LYS A 16 -2.38 -1.89 0.82
C LYS A 16 -3.72 -2.26 0.19
N ILE A 17 -3.76 -2.30 -1.14
CA ILE A 17 -4.99 -2.65 -1.84
C ILE A 17 -5.53 -3.99 -1.32
N ILE A 18 -4.62 -4.93 -1.05
CA ILE A 18 -5.01 -6.24 -0.56
C ILE A 18 -5.39 -6.15 0.92
N GLY A 19 -4.39 -5.92 1.76
CA GLY A 19 -4.60 -5.81 3.19
C GLY A 19 -3.33 -5.47 3.93
N GLY A 20 -2.64 -4.43 3.46
CA GLY A 20 -1.39 -4.01 4.07
C GLY A 20 -1.45 -4.03 5.59
N ALA A 21 -2.67 -3.97 6.13
CA ALA A 21 -2.85 -3.98 7.57
C ALA A 21 -2.19 -5.22 8.16
N ALA A 22 -2.76 -6.40 7.88
CA ALA A 22 -2.22 -7.65 8.39
C ALA A 22 -1.02 -8.10 7.54
N LEU A 23 -1.17 -7.97 6.22
CA LEU A 23 -0.10 -8.36 5.31
C LEU A 23 1.03 -7.32 5.35
N ASP A 24 1.81 -7.37 6.42
CA ASP A 24 2.92 -6.44 6.59
C ASP A 24 3.74 -6.83 7.81
N HIS A 25 3.09 -7.44 8.79
CA HIS A 25 3.76 -7.87 10.00
C HIS A 25 4.93 -8.80 9.68
N LEU A 26 6.15 -8.26 9.74
CA LEU A 26 7.33 -9.05 9.44
C LEU A 26 7.47 -10.19 10.45
N GLY A 1 1.47 14.59 -6.13
CA GLY A 1 2.20 15.70 -5.58
C GLY A 1 2.36 15.59 -4.08
N ARG A 2 3.09 14.55 -3.66
CA ARG A 2 3.33 14.32 -2.23
C ARG A 2 2.01 14.17 -1.47
N ARG A 3 1.35 15.31 -1.20
CA ARG A 3 0.09 15.28 -0.48
C ARG A 3 0.24 14.54 0.85
N LYS A 4 0.03 13.22 0.81
CA LYS A 4 0.15 12.40 2.03
C LYS A 4 1.63 12.18 2.37
N ARG A 5 2.50 13.00 1.78
CA ARG A 5 3.94 12.89 2.03
C ARG A 5 4.44 11.50 1.64
N LYS A 6 4.20 10.52 2.51
CA LYS A 6 4.63 9.15 2.26
C LYS A 6 3.62 8.15 2.82
N TRP A 7 2.42 8.16 2.24
CA TRP A 7 1.36 7.25 2.69
C TRP A 7 0.18 7.30 1.74
N LEU A 8 0.43 7.76 0.51
CA LEU A 8 -0.62 7.86 -0.49
C LEU A 8 -0.97 6.47 -1.03
N ARG A 9 -0.27 6.06 -2.09
CA ARG A 9 -0.50 4.76 -2.70
C ARG A 9 0.77 4.26 -3.40
N ARG A 10 1.90 4.88 -3.03
CA ARG A 10 3.19 4.52 -3.62
C ARG A 10 3.38 3.00 -3.65
N ILE A 11 3.41 2.39 -2.46
CA ILE A 11 3.58 0.95 -2.32
C ILE A 11 2.29 0.37 -1.76
N GLY A 12 1.46 1.23 -1.21
CA GLY A 12 0.20 0.80 -0.66
C GLY A 12 -0.60 0.08 -1.71
N LYS A 13 -0.43 0.48 -2.96
CA LYS A 13 -1.12 -0.15 -4.07
C LYS A 13 -0.89 -1.66 -4.04
N GLY A 14 0.25 -2.04 -3.46
CA GLY A 14 0.63 -3.44 -3.37
C GLY A 14 0.13 -4.09 -2.09
N VAL A 15 0.02 -3.30 -1.02
CA VAL A 15 -0.46 -3.83 0.28
C VAL A 15 -1.67 -3.07 0.82
N LYS A 16 -1.62 -1.74 0.83
CA LYS A 16 -2.74 -0.96 1.35
C LYS A 16 -4.07 -1.44 0.76
N ILE A 17 -4.14 -1.52 -0.57
CA ILE A 17 -5.37 -1.98 -1.21
C ILE A 17 -5.60 -3.46 -0.92
N ILE A 18 -4.53 -4.25 -0.99
CA ILE A 18 -4.59 -5.69 -0.70
C ILE A 18 -3.43 -6.09 0.20
N GLY A 19 -3.61 -5.90 1.50
CA GLY A 19 -2.58 -6.24 2.48
C GLY A 19 -2.72 -5.41 3.74
N GLY A 20 -3.62 -4.43 3.70
CA GLY A 20 -3.87 -3.57 4.84
C GLY A 20 -5.21 -2.88 4.76
N ALA A 21 -5.24 -1.58 5.05
CA ALA A 21 -6.48 -0.82 5.00
C ALA A 21 -7.56 -1.52 5.81
N ALA A 22 -8.52 -2.13 5.11
CA ALA A 22 -9.60 -2.84 5.79
C ALA A 22 -9.05 -4.05 6.55
N LEU A 23 -8.10 -4.74 5.93
CA LEU A 23 -7.48 -5.91 6.54
C LEU A 23 -6.37 -5.48 7.50
N ASP A 24 -6.76 -4.84 8.60
CA ASP A 24 -5.78 -4.38 9.58
C ASP A 24 -6.47 -3.97 10.87
N HIS A 25 -7.61 -3.30 10.74
CA HIS A 25 -8.37 -2.84 11.91
C HIS A 25 -8.99 -4.03 12.63
N LEU A 26 -10.15 -4.47 12.15
CA LEU A 26 -10.84 -5.60 12.76
C LEU A 26 -11.03 -5.36 14.25
N GLY A 1 7.27 14.83 2.23
CA GLY A 1 6.84 14.52 0.88
C GLY A 1 5.65 15.34 0.47
N ARG A 2 5.40 15.42 -0.84
CA ARG A 2 4.27 16.18 -1.37
C ARG A 2 2.99 15.34 -1.30
N ARG A 3 1.90 15.89 -1.83
CA ARG A 3 0.62 15.19 -1.82
C ARG A 3 0.23 14.78 -0.40
N LYS A 4 0.80 13.69 0.09
CA LYS A 4 0.51 13.21 1.43
C LYS A 4 1.74 12.49 2.00
N ARG A 5 2.84 13.22 2.12
CA ARG A 5 4.08 12.66 2.65
C ARG A 5 4.45 11.37 1.91
N LYS A 6 4.34 10.23 2.58
CA LYS A 6 4.67 8.93 1.98
C LYS A 6 3.74 7.85 2.53
N TRP A 7 2.50 7.85 2.07
CA TRP A 7 1.53 6.85 2.52
C TRP A 7 0.28 6.89 1.63
N LEU A 8 0.30 7.76 0.63
CA LEU A 8 -0.83 7.87 -0.29
C LEU A 8 -1.12 6.52 -0.94
N ARG A 9 -0.51 6.29 -2.11
CA ARG A 9 -0.70 5.03 -2.84
C ARG A 9 0.62 4.55 -3.45
N ARG A 10 1.74 5.15 -3.01
CA ARG A 10 3.05 4.74 -3.51
C ARG A 10 3.15 3.21 -3.58
N ILE A 11 3.56 2.60 -2.47
CA ILE A 11 3.68 1.14 -2.40
C ILE A 11 2.37 0.54 -1.92
N GLY A 12 1.46 1.39 -1.48
CA GLY A 12 0.17 0.93 -1.01
C GLY A 12 -0.55 0.11 -2.07
N LYS A 13 -0.48 0.58 -3.30
CA LYS A 13 -1.13 -0.13 -4.40
C LYS A 13 -0.69 -1.59 -4.41
N GLY A 14 0.36 -1.90 -3.64
CA GLY A 14 0.89 -3.24 -3.54
C GLY A 14 0.47 -3.95 -2.27
N VAL A 15 0.29 -3.18 -1.19
CA VAL A 15 -0.11 -3.75 0.10
C VAL A 15 -1.41 -3.13 0.61
N LYS A 16 -1.55 -1.82 0.46
CA LYS A 16 -2.75 -1.13 0.91
C LYS A 16 -4.00 -1.76 0.29
N ILE A 17 -4.00 -1.89 -1.03
CA ILE A 17 -5.15 -2.48 -1.71
C ILE A 17 -5.44 -3.88 -1.21
N ILE A 18 -4.38 -4.67 -1.01
CA ILE A 18 -4.53 -6.03 -0.52
C ILE A 18 -4.89 -6.02 0.98
N GLY A 19 -4.59 -4.91 1.63
CA GLY A 19 -4.88 -4.78 3.05
C GLY A 19 -6.31 -5.16 3.39
N GLY A 20 -7.15 -5.25 2.36
CA GLY A 20 -8.55 -5.60 2.55
C GLY A 20 -9.35 -4.43 3.07
N ALA A 21 -8.81 -3.74 4.07
CA ALA A 21 -9.50 -2.60 4.65
C ALA A 21 -9.86 -1.60 3.56
N ALA A 22 -8.94 -1.41 2.62
CA ALA A 22 -9.17 -0.50 1.50
C ALA A 22 -10.09 -1.15 0.47
N LEU A 23 -9.77 -2.38 0.09
CA LEU A 23 -10.58 -3.11 -0.88
C LEU A 23 -11.80 -3.73 -0.21
N ASP A 24 -12.67 -2.87 0.33
CA ASP A 24 -13.88 -3.34 1.00
C ASP A 24 -14.85 -2.19 1.21
N HIS A 25 -14.46 -0.99 0.77
CA HIS A 25 -15.33 0.17 0.91
C HIS A 25 -16.48 0.12 -0.06
N LEU A 26 -17.70 -0.06 0.46
CA LEU A 26 -18.88 -0.13 -0.39
C LEU A 26 -19.00 1.13 -1.24
N GLY A 1 2.08 13.42 -6.68
CA GLY A 1 3.15 13.89 -5.82
C GLY A 1 2.89 13.61 -4.36
N ARG A 2 3.53 14.37 -3.49
CA ARG A 2 3.35 14.20 -2.05
C ARG A 2 2.00 14.75 -1.60
N ARG A 3 0.94 13.97 -1.79
CA ARG A 3 -0.39 14.41 -1.41
C ARG A 3 -0.48 14.61 0.09
N LYS A 4 0.21 13.77 0.85
CA LYS A 4 0.21 13.87 2.31
C LYS A 4 1.25 12.93 2.92
N ARG A 5 2.53 13.23 2.67
CA ARG A 5 3.59 12.39 3.20
C ARG A 5 3.38 10.93 2.81
N LYS A 6 4.34 10.08 3.16
CA LYS A 6 4.24 8.66 2.84
C LYS A 6 2.98 8.05 3.47
N TRP A 7 1.89 8.07 2.70
CA TRP A 7 0.64 7.51 3.19
C TRP A 7 -0.40 7.44 2.07
N LEU A 8 0.02 7.78 0.86
CA LEU A 8 -0.88 7.75 -0.29
C LEU A 8 -1.15 6.30 -0.69
N ARG A 9 -0.39 5.78 -1.64
CA ARG A 9 -0.57 4.41 -2.09
C ARG A 9 0.60 3.98 -2.98
N ARG A 10 1.75 4.61 -2.79
CA ARG A 10 2.93 4.26 -3.57
C ARG A 10 3.07 2.74 -3.68
N ILE A 11 3.79 2.14 -2.73
CA ILE A 11 3.94 0.69 -2.73
C ILE A 11 2.72 0.04 -2.10
N GLY A 12 1.92 0.85 -1.41
CA GLY A 12 0.71 0.35 -0.78
C GLY A 12 -0.20 -0.28 -1.80
N LYS A 13 -0.26 0.35 -2.97
CA LYS A 13 -1.07 -0.17 -4.06
C LYS A 13 -0.84 -1.68 -4.22
N GLY A 14 0.29 -2.15 -3.68
CA GLY A 14 0.65 -3.56 -3.75
C GLY A 14 0.26 -4.31 -2.49
N VAL A 15 0.56 -3.74 -1.32
CA VAL A 15 0.23 -4.39 -0.04
C VAL A 15 -1.02 -3.79 0.59
N LYS A 16 -1.13 -2.45 0.56
CA LYS A 16 -2.28 -1.78 1.12
C LYS A 16 -3.57 -2.26 0.46
N ILE A 17 -3.50 -2.55 -0.84
CA ILE A 17 -4.66 -3.02 -1.58
C ILE A 17 -5.13 -4.36 -1.02
N ILE A 18 -4.44 -4.86 0.00
CA ILE A 18 -4.79 -6.14 0.62
C ILE A 18 -4.63 -7.28 -0.38
N GLY A 19 -3.39 -7.67 -0.63
CA GLY A 19 -3.11 -8.75 -1.57
C GLY A 19 -3.18 -10.11 -0.91
N GLY A 20 -4.09 -10.25 0.04
CA GLY A 20 -4.26 -11.51 0.75
C GLY A 20 -3.15 -11.73 1.76
N ALA A 21 -1.95 -11.29 1.43
CA ALA A 21 -0.81 -11.45 2.33
C ALA A 21 -1.09 -10.79 3.67
N ALA A 22 -1.47 -9.52 3.62
CA ALA A 22 -1.78 -8.77 4.84
C ALA A 22 -2.94 -9.42 5.58
N LEU A 23 -3.85 -10.03 4.82
CA LEU A 23 -5.02 -10.69 5.41
C LEU A 23 -4.57 -11.99 6.09
N ASP A 24 -3.89 -11.84 7.22
CA ASP A 24 -3.40 -13.00 7.97
C ASP A 24 -2.84 -12.56 9.31
N HIS A 25 -2.70 -11.24 9.47
CA HIS A 25 -2.15 -10.69 10.71
C HIS A 25 -2.86 -11.28 11.93
N LEU A 26 -2.09 -11.68 12.92
CA LEU A 26 -2.64 -12.25 14.14
C LEU A 26 -3.33 -11.19 14.99
N GLY A 1 2.18 21.24 -0.15
CA GLY A 1 1.42 20.52 -1.17
C GLY A 1 1.35 19.03 -0.88
N ARG A 2 1.73 18.65 0.33
CA ARG A 2 1.71 17.25 0.72
C ARG A 2 0.27 16.78 0.95
N ARG A 3 -0.20 15.90 0.07
CA ARG A 3 -1.56 15.39 0.19
C ARG A 3 -1.68 14.44 1.37
N LYS A 4 -0.87 13.38 1.38
CA LYS A 4 -0.88 12.39 2.45
C LYS A 4 0.54 11.94 2.76
N ARG A 5 1.49 12.86 2.67
CA ARG A 5 2.88 12.53 2.94
C ARG A 5 3.31 11.34 2.08
N LYS A 6 4.43 10.73 2.44
CA LYS A 6 4.94 9.59 1.69
C LYS A 6 4.17 8.32 2.08
N TRP A 7 2.91 8.25 1.67
CA TRP A 7 2.08 7.08 1.98
C TRP A 7 0.80 7.09 1.16
N LEU A 8 0.70 8.04 0.22
CA LEU A 8 -0.50 8.13 -0.63
C LEU A 8 -0.88 6.76 -1.18
N ARG A 9 -0.19 6.31 -2.23
CA ARG A 9 -0.46 5.01 -2.84
C ARG A 9 0.84 4.41 -3.39
N ARG A 10 1.97 4.98 -2.98
CA ARG A 10 3.27 4.49 -3.44
C ARG A 10 3.32 2.95 -3.36
N ILE A 11 3.71 2.44 -2.19
CA ILE A 11 3.78 1.00 -1.98
C ILE A 11 2.40 0.45 -1.63
N GLY A 12 1.51 1.33 -1.17
CA GLY A 12 0.17 0.92 -0.82
C GLY A 12 -0.49 0.19 -1.97
N LYS A 13 -0.24 0.66 -3.18
CA LYS A 13 -0.80 0.05 -4.37
C LYS A 13 -0.63 -1.47 -4.30
N GLY A 14 0.30 -1.91 -3.46
CA GLY A 14 0.59 -3.32 -3.28
C GLY A 14 -0.07 -3.91 -2.05
N VAL A 15 0.01 -3.20 -0.91
CA VAL A 15 -0.59 -3.70 0.34
C VAL A 15 -1.95 -3.07 0.61
N LYS A 16 -2.08 -1.77 0.37
CA LYS A 16 -3.36 -1.09 0.61
C LYS A 16 -4.45 -1.65 -0.31
N ILE A 17 -4.08 -1.93 -1.57
CA ILE A 17 -5.04 -2.46 -2.53
C ILE A 17 -5.82 -3.63 -1.94
N ILE A 18 -5.15 -4.43 -1.10
CA ILE A 18 -5.80 -5.59 -0.48
C ILE A 18 -4.97 -6.11 0.70
N GLY A 19 -4.72 -5.23 1.66
CA GLY A 19 -3.94 -5.61 2.83
C GLY A 19 -3.99 -4.56 3.91
N GLY A 20 -4.53 -3.40 3.57
CA GLY A 20 -4.64 -2.30 4.53
C GLY A 20 -5.15 -2.77 5.88
N ALA A 21 -5.02 -1.92 6.89
CA ALA A 21 -5.48 -2.25 8.23
C ALA A 21 -7.01 -2.17 8.32
N ALA A 22 -7.66 -2.17 7.16
CA ALA A 22 -9.12 -2.09 7.11
C ALA A 22 -9.62 -2.59 5.76
N LEU A 23 -8.84 -2.35 4.72
CA LEU A 23 -9.21 -2.78 3.36
C LEU A 23 -8.98 -4.29 3.22
N ASP A 24 -8.81 -4.97 4.34
CA ASP A 24 -8.57 -6.41 4.34
C ASP A 24 -8.89 -7.00 5.71
N HIS A 25 -9.33 -6.16 6.62
CA HIS A 25 -9.67 -6.60 7.98
C HIS A 25 -8.50 -7.38 8.59
N LEU A 26 -7.30 -7.07 8.13
CA LEU A 26 -6.10 -7.75 8.63
C LEU A 26 -6.28 -9.26 8.57
N GLY A 1 1.13 13.75 -5.52
CA GLY A 1 1.86 12.53 -5.24
C GLY A 1 2.90 12.72 -4.15
N ARG A 2 2.78 13.83 -3.43
CA ARG A 2 3.71 14.14 -2.34
C ARG A 2 3.00 14.91 -1.23
N ARG A 3 1.78 15.35 -1.51
CA ARG A 3 1.01 16.09 -0.53
C ARG A 3 0.75 15.25 0.71
N LYS A 4 0.50 13.95 0.52
CA LYS A 4 0.25 13.06 1.65
C LYS A 4 1.57 12.55 2.23
N ARG A 5 2.59 13.40 2.20
CA ARG A 5 3.89 13.03 2.72
C ARG A 5 4.38 11.73 2.08
N LYS A 6 3.97 10.60 2.68
CA LYS A 6 4.36 9.28 2.18
C LYS A 6 3.22 8.29 2.40
N TRP A 7 2.08 8.55 1.75
CA TRP A 7 0.92 7.67 1.88
C TRP A 7 0.00 7.82 0.67
N LEU A 8 0.54 8.38 -0.41
CA LEU A 8 -0.24 8.56 -1.63
C LEU A 8 -0.42 7.23 -2.38
N ARG A 9 -0.51 6.14 -1.61
CA ARG A 9 -0.68 4.81 -2.18
C ARG A 9 0.54 4.42 -3.00
N ARG A 10 1.72 4.80 -2.52
CA ARG A 10 2.96 4.46 -3.20
C ARG A 10 3.00 2.96 -3.46
N ILE A 11 3.58 2.22 -2.51
CA ILE A 11 3.67 0.77 -2.64
C ILE A 11 2.40 0.10 -2.13
N GLY A 12 1.61 0.85 -1.36
CA GLY A 12 0.36 0.31 -0.84
C GLY A 12 -0.53 -0.21 -1.94
N LYS A 13 -0.58 0.53 -3.04
CA LYS A 13 -1.38 0.13 -4.19
C LYS A 13 -1.08 -1.32 -4.56
N GLY A 14 0.01 -1.85 -4.01
CA GLY A 14 0.41 -3.23 -4.28
C GLY A 14 0.06 -4.16 -3.14
N VAL A 15 0.21 -3.68 -1.89
CA VAL A 15 -0.09 -4.51 -0.71
C VAL A 15 -1.34 -4.00 0.02
N LYS A 16 -1.46 -2.69 0.15
CA LYS A 16 -2.61 -2.10 0.83
C LYS A 16 -3.91 -2.63 0.24
N ILE A 17 -4.04 -2.54 -1.08
CA ILE A 17 -5.25 -3.01 -1.76
C ILE A 17 -5.71 -4.36 -1.20
N ILE A 18 -4.76 -5.24 -0.92
CA ILE A 18 -5.07 -6.55 -0.37
C ILE A 18 -3.78 -7.29 0.00
N GLY A 19 -3.29 -7.03 1.20
CA GLY A 19 -2.07 -7.65 1.67
C GLY A 19 -1.57 -6.99 2.94
N GLY A 20 -2.06 -5.78 3.19
CA GLY A 20 -1.68 -5.02 4.37
C GLY A 20 -2.80 -4.13 4.87
N ALA A 21 -2.50 -3.27 5.83
CA ALA A 21 -3.50 -2.38 6.39
C ALA A 21 -4.71 -3.17 6.88
N ALA A 22 -5.65 -3.40 5.97
CA ALA A 22 -6.85 -4.16 6.33
C ALA A 22 -6.48 -5.59 6.71
N LEU A 23 -5.37 -6.07 6.17
CA LEU A 23 -4.90 -7.43 6.45
C LEU A 23 -4.10 -7.45 7.76
N ASP A 24 -4.48 -6.58 8.69
CA ASP A 24 -3.79 -6.51 9.97
C ASP A 24 -4.63 -5.73 10.99
N HIS A 25 -5.60 -4.96 10.48
CA HIS A 25 -6.47 -4.17 11.35
C HIS A 25 -5.66 -3.21 12.21
N LEU A 26 -5.04 -3.73 13.27
CA LEU A 26 -4.24 -2.89 14.16
C LEU A 26 -3.26 -2.05 13.34
N GLY A 1 -2.75 11.22 -3.72
CA GLY A 1 -2.39 12.63 -3.72
C GLY A 1 -1.40 12.97 -2.63
N ARG A 2 -0.67 14.07 -2.80
CA ARG A 2 0.31 14.49 -1.82
C ARG A 2 -0.37 15.12 -0.61
N ARG A 3 -1.61 14.72 -0.34
CA ARG A 3 -2.34 15.26 0.80
C ARG A 3 -1.47 15.17 2.06
N LYS A 4 -0.48 14.29 2.00
CA LYS A 4 0.44 14.09 3.12
C LYS A 4 1.65 13.31 2.66
N ARG A 5 2.61 13.10 3.56
CA ARG A 5 3.83 12.37 3.22
C ARG A 5 3.63 10.86 3.30
N LYS A 6 4.05 10.17 2.26
CA LYS A 6 3.96 8.71 2.20
C LYS A 6 2.61 8.21 2.72
N TRP A 7 1.66 8.03 1.80
CA TRP A 7 0.33 7.54 2.15
C TRP A 7 -0.50 7.32 0.89
N LEU A 8 -0.28 8.18 -0.10
CA LEU A 8 -1.01 8.10 -1.37
C LEU A 8 -1.25 6.65 -1.80
N ARG A 9 -0.36 6.12 -2.64
CA ARG A 9 -0.50 4.74 -3.11
C ARG A 9 0.77 4.28 -3.81
N ARG A 10 1.91 4.77 -3.35
CA ARG A 10 3.19 4.39 -3.93
C ARG A 10 3.29 2.86 -3.91
N ILE A 11 3.86 2.32 -2.83
CA ILE A 11 4.00 0.87 -2.69
C ILE A 11 2.68 0.28 -2.17
N GLY A 12 1.81 1.16 -1.67
CA GLY A 12 0.53 0.72 -1.14
C GLY A 12 -0.19 -0.16 -2.13
N LYS A 13 -0.28 0.29 -3.38
CA LYS A 13 -0.95 -0.49 -4.43
C LYS A 13 -0.59 -1.98 -4.29
N GLY A 14 0.55 -2.24 -3.66
CA GLY A 14 1.02 -3.60 -3.45
C GLY A 14 0.55 -4.18 -2.13
N VAL A 15 0.60 -3.38 -1.06
CA VAL A 15 0.18 -3.85 0.28
C VAL A 15 -1.15 -3.22 0.68
N LYS A 16 -1.30 -1.92 0.47
CA LYS A 16 -2.54 -1.23 0.83
C LYS A 16 -3.72 -1.88 0.11
N ILE A 17 -3.47 -2.45 -1.06
CA ILE A 17 -4.52 -3.10 -1.82
C ILE A 17 -5.04 -4.33 -1.06
N ILE A 18 -4.49 -4.56 0.13
CA ILE A 18 -4.89 -5.69 0.96
C ILE A 18 -4.55 -6.99 0.26
N GLY A 19 -3.35 -7.52 0.55
CA GLY A 19 -2.92 -8.76 -0.04
C GLY A 19 -1.56 -9.18 0.48
N GLY A 20 -1.10 -8.49 1.52
CA GLY A 20 0.18 -8.80 2.14
C GLY A 20 0.27 -8.26 3.55
N ALA A 21 -0.21 -7.04 3.75
CA ALA A 21 -0.18 -6.42 5.07
C ALA A 21 -0.99 -7.27 6.05
N ALA A 22 -2.04 -7.91 5.56
CA ALA A 22 -2.88 -8.75 6.39
C ALA A 22 -2.18 -10.08 6.68
N LEU A 23 -1.28 -10.48 5.78
CA LEU A 23 -0.55 -11.72 5.95
C LEU A 23 0.57 -11.53 6.97
N ASP A 24 0.26 -10.86 8.08
CA ASP A 24 1.25 -10.61 9.12
C ASP A 24 0.56 -10.25 10.43
N HIS A 25 -0.50 -9.45 10.33
CA HIS A 25 -1.25 -9.03 11.52
C HIS A 25 -0.29 -8.42 12.55
N LEU A 26 -0.24 -7.10 12.59
CA LEU A 26 0.63 -6.41 13.54
C LEU A 26 0.12 -6.61 14.97
N GLY A 1 1.79 18.55 -2.13
CA GLY A 1 2.55 17.39 -2.57
C GLY A 1 2.36 16.21 -1.64
N ARG A 2 2.92 16.32 -0.44
CA ARG A 2 2.81 15.25 0.55
C ARG A 2 1.42 15.24 1.18
N ARG A 3 0.55 14.39 0.65
CA ARG A 3 -0.81 14.30 1.17
C ARG A 3 -0.83 13.57 2.51
N LYS A 4 -0.67 12.24 2.46
CA LYS A 4 -0.67 11.43 3.67
C LYS A 4 0.75 11.23 4.19
N ARG A 5 1.63 12.19 3.91
CA ARG A 5 3.01 12.11 4.36
C ARG A 5 3.66 10.82 3.85
N LYS A 6 4.01 10.81 2.56
CA LYS A 6 4.63 9.64 1.96
C LYS A 6 3.87 8.37 2.31
N TRP A 7 2.64 8.27 1.81
CA TRP A 7 1.81 7.10 2.06
C TRP A 7 0.55 7.14 1.20
N LEU A 8 0.57 7.99 0.18
CA LEU A 8 -0.58 8.12 -0.71
C LEU A 8 -1.03 6.74 -1.20
N ARG A 9 -0.21 6.13 -2.05
CA ARG A 9 -0.52 4.80 -2.57
C ARG A 9 0.70 4.22 -3.30
N ARG A 10 1.88 4.74 -2.96
CA ARG A 10 3.11 4.27 -3.58
C ARG A 10 3.11 2.74 -3.70
N ILE A 11 3.62 2.06 -2.67
CA ILE A 11 3.66 0.59 -2.67
C ILE A 11 2.44 0.04 -1.93
N GLY A 12 1.58 0.93 -1.45
CA GLY A 12 0.39 0.51 -0.74
C GLY A 12 -0.63 -0.09 -1.69
N LYS A 13 -0.69 0.46 -2.89
CA LYS A 13 -1.61 -0.04 -3.91
C LYS A 13 -1.34 -1.53 -4.12
N GLY A 14 -0.23 -1.99 -3.57
CA GLY A 14 0.17 -3.40 -3.69
C GLY A 14 -0.19 -4.21 -2.46
N VAL A 15 0.02 -3.61 -1.27
CA VAL A 15 -0.28 -4.30 0.00
C VAL A 15 -1.44 -3.64 0.73
N LYS A 16 -1.48 -2.32 0.72
CA LYS A 16 -2.54 -1.59 1.39
C LYS A 16 -3.87 -1.75 0.66
N ILE A 17 -3.81 -2.07 -0.62
CA ILE A 17 -5.02 -2.23 -1.43
C ILE A 17 -5.94 -3.30 -0.82
N ILE A 18 -5.37 -4.43 -0.41
CA ILE A 18 -6.16 -5.50 0.18
C ILE A 18 -5.28 -6.52 0.90
N GLY A 19 -4.16 -6.05 1.44
CA GLY A 19 -3.23 -6.92 2.15
C GLY A 19 -2.44 -6.16 3.20
N GLY A 20 -3.04 -5.10 3.74
CA GLY A 20 -2.39 -4.30 4.76
C GLY A 20 -3.40 -3.57 5.62
N ALA A 21 -4.31 -2.84 4.97
CA ALA A 21 -5.33 -2.10 5.69
C ALA A 21 -6.08 -3.01 6.67
N ALA A 22 -6.72 -4.04 6.12
CA ALA A 22 -7.49 -4.99 6.95
C ALA A 22 -6.58 -6.11 7.47
N LEU A 23 -5.48 -6.36 6.76
CA LEU A 23 -4.55 -7.41 7.16
C LEU A 23 -3.69 -6.96 8.35
N ASP A 24 -4.35 -6.69 9.47
CA ASP A 24 -3.64 -6.25 10.67
C ASP A 24 -4.54 -6.43 11.91
N HIS A 25 -5.81 -6.78 11.67
CA HIS A 25 -6.74 -6.98 12.76
C HIS A 25 -6.39 -8.24 13.54
N LEU A 26 -6.16 -9.33 12.82
CA LEU A 26 -5.81 -10.60 13.45
C LEU A 26 -6.87 -10.98 14.49
N GLY A 1 6.46 11.08 -4.62
CA GLY A 1 7.38 10.77 -3.54
C GLY A 1 7.04 11.54 -2.28
N ARG A 2 7.70 12.68 -2.09
CA ARG A 2 7.46 13.50 -0.91
C ARG A 2 6.17 14.29 -1.05
N ARG A 3 5.18 13.66 -1.68
CA ARG A 3 3.87 14.30 -1.87
C ARG A 3 3.11 14.35 -0.56
N LYS A 4 3.27 13.32 0.26
CA LYS A 4 2.58 13.26 1.55
C LYS A 4 3.13 12.10 2.39
N ARG A 5 4.38 12.24 2.82
CA ARG A 5 5.00 11.20 3.64
C ARG A 5 4.80 9.83 3.00
N LYS A 6 3.74 9.14 3.42
CA LYS A 6 3.43 7.81 2.91
C LYS A 6 1.91 7.59 2.91
N TRP A 7 1.27 7.96 1.82
CA TRP A 7 -0.18 7.80 1.69
C TRP A 7 -0.60 7.92 0.23
N LEU A 8 0.29 8.45 -0.60
CA LEU A 8 0.00 8.62 -2.02
C LEU A 8 -0.27 7.27 -2.69
N ARG A 9 -0.23 6.20 -1.92
CA ARG A 9 -0.48 4.85 -2.45
C ARG A 9 0.58 4.47 -3.49
N ARG A 10 1.82 4.85 -3.23
CA ARG A 10 2.90 4.50 -4.15
C ARG A 10 2.91 2.99 -4.36
N ILE A 11 3.69 2.29 -3.53
CA ILE A 11 3.77 0.83 -3.62
C ILE A 11 2.69 0.20 -2.75
N GLY A 12 2.10 1.01 -1.87
CA GLY A 12 1.04 0.50 -1.01
C GLY A 12 -0.06 -0.14 -1.83
N LYS A 13 -0.35 0.46 -2.97
CA LYS A 13 -1.37 -0.06 -3.87
C LYS A 13 -1.19 -1.57 -4.04
N GLY A 14 0.02 -2.03 -3.77
CA GLY A 14 0.36 -3.44 -3.88
C GLY A 14 0.26 -4.17 -2.56
N VAL A 15 0.79 -3.58 -1.49
CA VAL A 15 0.76 -4.22 -0.16
C VAL A 15 -0.30 -3.60 0.75
N LYS A 16 -0.43 -2.28 0.72
CA LYS A 16 -1.41 -1.60 1.55
C LYS A 16 -2.80 -2.20 1.34
N ILE A 17 -3.27 -2.19 0.10
CA ILE A 17 -4.58 -2.74 -0.23
C ILE A 17 -4.58 -4.25 0.01
N ILE A 18 -3.46 -4.77 0.47
CA ILE A 18 -3.33 -6.21 0.72
C ILE A 18 -3.53 -6.97 -0.59
N GLY A 19 -2.43 -7.25 -1.28
CA GLY A 19 -2.47 -7.98 -2.54
C GLY A 19 -2.18 -9.44 -2.34
N GLY A 20 -3.19 -10.28 -2.54
CA GLY A 20 -3.00 -11.71 -2.36
C GLY A 20 -2.37 -12.01 -1.03
N ALA A 21 -3.10 -11.76 0.05
CA ALA A 21 -2.54 -11.99 1.37
C ALA A 21 -1.26 -11.15 1.52
N ALA A 22 -1.17 -10.11 0.69
CA ALA A 22 -0.02 -9.24 0.68
C ALA A 22 1.20 -9.99 0.18
N LEU A 23 0.99 -11.25 -0.16
CA LEU A 23 2.06 -12.10 -0.68
C LEU A 23 1.50 -13.43 -1.18
N ASP A 24 0.65 -13.34 -2.20
CA ASP A 24 0.04 -14.51 -2.81
C ASP A 24 -0.75 -14.07 -4.03
N HIS A 25 -0.48 -12.85 -4.48
CA HIS A 25 -1.16 -12.27 -5.63
C HIS A 25 -0.62 -12.86 -6.93
N LEU A 26 0.23 -13.87 -6.82
CA LEU A 26 0.81 -14.50 -8.00
C LEU A 26 -0.30 -15.04 -8.90
N GLY A 1 6.33 14.64 -5.81
CA GLY A 1 6.42 13.35 -5.12
C GLY A 1 6.12 13.48 -3.64
N ARG A 2 4.88 13.86 -3.32
CA ARG A 2 4.48 14.03 -1.93
C ARG A 2 2.99 14.32 -1.84
N ARG A 3 2.20 13.63 -2.65
CA ARG A 3 0.75 13.85 -2.66
C ARG A 3 0.17 13.67 -1.25
N LYS A 4 0.81 12.79 -0.47
CA LYS A 4 0.34 12.53 0.90
C LYS A 4 1.44 11.87 1.71
N ARG A 5 2.49 12.62 2.01
CA ARG A 5 3.61 12.09 2.79
C ARG A 5 4.16 10.81 2.16
N LYS A 6 3.87 9.66 2.78
CA LYS A 6 4.34 8.38 2.27
C LYS A 6 3.34 7.27 2.61
N TRP A 7 2.13 7.40 2.10
CA TRP A 7 1.07 6.42 2.36
C TRP A 7 -0.01 6.51 1.30
N LEU A 8 0.31 7.15 0.17
CA LEU A 8 -0.65 7.31 -0.91
C LEU A 8 -0.80 5.99 -1.67
N ARG A 9 -0.15 5.89 -2.83
CA ARG A 9 -0.20 4.68 -3.66
C ARG A 9 1.20 4.30 -4.11
N ARG A 10 2.20 4.90 -3.48
CA ARG A 10 3.59 4.60 -3.84
C ARG A 10 3.88 3.12 -3.65
N ILE A 11 3.46 2.60 -2.50
CA ILE A 11 3.64 1.19 -2.16
C ILE A 11 2.30 0.66 -1.70
N GLY A 12 1.42 1.57 -1.29
CA GLY A 12 0.10 1.20 -0.85
C GLY A 12 -0.63 0.46 -1.93
N LYS A 13 -0.38 0.85 -3.18
CA LYS A 13 -1.02 0.18 -4.31
C LYS A 13 -0.82 -1.32 -4.21
N GLY A 14 0.12 -1.73 -3.34
CA GLY A 14 0.43 -3.13 -3.13
C GLY A 14 -0.12 -3.66 -1.82
N VAL A 15 0.09 -2.91 -0.72
CA VAL A 15 -0.40 -3.34 0.60
C VAL A 15 -1.71 -2.64 0.95
N LYS A 16 -1.84 -1.38 0.58
CA LYS A 16 -3.06 -0.63 0.87
C LYS A 16 -4.22 -1.15 0.00
N ILE A 17 -3.88 -1.59 -1.21
CA ILE A 17 -4.90 -2.10 -2.12
C ILE A 17 -5.65 -3.28 -1.49
N ILE A 18 -4.98 -3.99 -0.59
CA ILE A 18 -5.60 -5.15 0.06
C ILE A 18 -4.83 -5.55 1.31
N GLY A 19 -3.50 -5.52 1.22
CA GLY A 19 -2.66 -5.90 2.34
C GLY A 19 -3.10 -7.19 2.98
N GLY A 20 -3.01 -8.28 2.21
CA GLY A 20 -3.39 -9.58 2.71
C GLY A 20 -2.95 -10.69 1.76
N ALA A 21 -3.61 -10.76 0.61
CA ALA A 21 -3.26 -11.78 -0.39
C ALA A 21 -1.77 -11.68 -0.71
N ALA A 22 -1.28 -10.45 -0.84
CA ALA A 22 0.13 -10.23 -1.15
C ALA A 22 0.97 -10.29 0.13
N LEU A 23 0.37 -9.85 1.24
CA LEU A 23 1.06 -9.87 2.52
C LEU A 23 1.08 -11.29 3.11
N ASP A 24 1.16 -12.27 2.22
CA ASP A 24 1.20 -13.68 2.65
C ASP A 24 1.51 -14.59 1.47
N HIS A 25 1.19 -14.12 0.27
CA HIS A 25 1.44 -14.91 -0.93
C HIS A 25 0.83 -16.30 -0.79
N LEU A 26 -0.47 -16.39 -1.08
CA LEU A 26 -1.17 -17.67 -0.98
C LEU A 26 -2.56 -17.56 -1.58
N GLY A 1 5.77 11.51 -5.99
CA GLY A 1 4.68 12.48 -5.94
C GLY A 1 4.89 13.50 -4.84
N ARG A 2 5.28 13.03 -3.66
CA ARG A 2 5.51 13.92 -2.53
C ARG A 2 4.28 14.78 -2.27
N ARG A 3 3.10 14.23 -2.60
CA ARG A 3 1.86 14.96 -2.39
C ARG A 3 1.62 15.22 -0.91
N LYS A 4 1.86 14.20 -0.10
CA LYS A 4 1.68 14.31 1.34
C LYS A 4 2.39 13.17 2.07
N ARG A 5 3.71 13.28 2.21
CA ARG A 5 4.49 12.25 2.88
C ARG A 5 4.19 10.89 2.27
N LYS A 6 4.82 9.85 2.81
CA LYS A 6 4.62 8.49 2.31
C LYS A 6 3.38 7.86 2.95
N TRP A 7 2.22 8.09 2.34
CA TRP A 7 0.97 7.55 2.85
C TRP A 7 -0.12 7.58 1.79
N LEU A 8 0.21 8.13 0.62
CA LEU A 8 -0.76 8.20 -0.48
C LEU A 8 -1.11 6.79 -0.94
N ARG A 9 -0.37 6.28 -1.92
CA ARG A 9 -0.62 4.93 -2.45
C ARG A 9 0.49 4.53 -3.40
N ARG A 10 1.69 5.08 -3.20
CA ARG A 10 2.83 4.75 -4.05
C ARG A 10 2.95 3.24 -4.18
N ILE A 11 3.71 2.62 -3.28
CA ILE A 11 3.88 1.16 -3.31
C ILE A 11 2.68 0.49 -2.64
N GLY A 12 1.96 1.24 -1.82
CA GLY A 12 0.79 0.70 -1.15
C GLY A 12 -0.16 0.08 -2.14
N LYS A 13 -0.30 0.75 -3.29
CA LYS A 13 -1.17 0.25 -4.36
C LYS A 13 -0.92 -1.23 -4.58
N GLY A 14 0.31 -1.66 -4.34
CA GLY A 14 0.69 -3.04 -4.49
C GLY A 14 0.41 -3.83 -3.23
N VAL A 15 0.71 -3.22 -2.08
CA VAL A 15 0.49 -3.87 -0.78
C VAL A 15 -0.87 -3.47 -0.20
N LYS A 16 -0.94 -2.24 0.32
CA LYS A 16 -2.17 -1.73 0.94
C LYS A 16 -3.44 -2.24 0.26
N ILE A 17 -3.42 -2.36 -1.07
CA ILE A 17 -4.58 -2.83 -1.81
C ILE A 17 -5.21 -4.07 -1.15
N ILE A 18 -4.49 -4.68 -0.21
CA ILE A 18 -4.99 -5.87 0.48
C ILE A 18 -4.23 -6.13 1.78
N GLY A 19 -2.94 -5.77 1.79
CA GLY A 19 -2.13 -5.97 2.98
C GLY A 19 -2.19 -7.41 3.46
N GLY A 20 -1.83 -8.34 2.58
CA GLY A 20 -1.84 -9.75 2.93
C GLY A 20 -1.13 -10.60 1.90
N ALA A 21 -1.72 -10.68 0.70
CA ALA A 21 -1.12 -11.47 -0.36
C ALA A 21 0.35 -11.11 -0.54
N ALA A 22 0.63 -9.82 -0.61
CA ALA A 22 2.01 -9.34 -0.76
C ALA A 22 2.71 -9.31 0.60
N LEU A 23 1.97 -8.92 1.63
CA LEU A 23 2.54 -8.84 2.97
C LEU A 23 2.67 -10.25 3.57
N ASP A 24 3.58 -11.03 3.01
CA ASP A 24 3.80 -12.39 3.50
C ASP A 24 5.08 -12.98 2.90
N HIS A 25 5.52 -12.39 1.80
CA HIS A 25 6.74 -12.86 1.13
C HIS A 25 7.98 -12.46 1.94
N LEU A 26 8.68 -13.46 2.46
CA LEU A 26 9.88 -13.19 3.25
C LEU A 26 11.01 -12.68 2.36
N GLY A 1 1.45 19.37 -4.36
CA GLY A 1 1.91 19.40 -2.99
C GLY A 1 1.65 18.09 -2.26
N ARG A 2 2.48 17.81 -1.27
CA ARG A 2 2.33 16.57 -0.50
C ARG A 2 0.94 16.49 0.12
N ARG A 3 0.07 15.68 -0.48
CA ARG A 3 -1.29 15.52 0.02
C ARG A 3 -1.31 14.68 1.29
N LYS A 4 -0.43 13.68 1.35
CA LYS A 4 -0.35 12.80 2.52
C LYS A 4 1.10 12.36 2.75
N ARG A 5 2.00 13.33 2.85
CA ARG A 5 3.41 13.04 3.07
C ARG A 5 3.90 11.99 2.08
N LYS A 6 3.91 10.73 2.52
CA LYS A 6 4.37 9.62 1.67
C LYS A 6 3.57 8.36 1.98
N TRP A 7 2.29 8.36 1.58
CA TRP A 7 1.42 7.22 1.80
C TRP A 7 0.24 7.25 0.84
N LEU A 8 0.32 8.14 -0.15
CA LEU A 8 -0.76 8.27 -1.13
C LEU A 8 -1.11 6.89 -1.71
N ARG A 9 -0.26 6.38 -2.58
CA ARG A 9 -0.49 5.07 -3.21
C ARG A 9 0.84 4.52 -3.75
N ARG A 10 1.94 5.07 -3.26
CA ARG A 10 3.26 4.62 -3.70
C ARG A 10 3.32 3.08 -3.71
N ILE A 11 3.69 2.50 -2.57
CA ILE A 11 3.79 1.04 -2.45
C ILE A 11 2.44 0.46 -2.02
N GLY A 12 1.57 1.31 -1.49
CA GLY A 12 0.26 0.85 -1.05
C GLY A 12 -0.46 0.10 -2.14
N LYS A 13 -0.37 0.59 -3.37
CA LYS A 13 -1.01 -0.09 -4.50
C LYS A 13 -0.71 -1.59 -4.47
N GLY A 14 0.32 -1.95 -3.71
CA GLY A 14 0.74 -3.34 -3.58
C GLY A 14 0.21 -3.98 -2.31
N VAL A 15 0.28 -3.26 -1.18
CA VAL A 15 -0.19 -3.79 0.11
C VAL A 15 -1.52 -3.14 0.51
N LYS A 16 -1.63 -1.84 0.31
CA LYS A 16 -2.85 -1.11 0.66
C LYS A 16 -4.03 -1.61 -0.17
N ILE A 17 -3.74 -2.06 -1.39
CA ILE A 17 -4.79 -2.56 -2.28
C ILE A 17 -5.75 -3.50 -1.54
N ILE A 18 -5.27 -4.09 -0.45
CA ILE A 18 -6.09 -4.99 0.34
C ILE A 18 -5.56 -5.11 1.76
N GLY A 19 -4.24 -5.30 1.89
CA GLY A 19 -3.61 -5.43 3.19
C GLY A 19 -2.30 -6.20 3.13
N GLY A 20 -1.89 -6.52 1.91
CA GLY A 20 -0.65 -7.26 1.71
C GLY A 20 -0.82 -8.73 2.01
N ALA A 21 -1.94 -9.08 2.65
CA ALA A 21 -2.21 -10.47 2.98
C ALA A 21 -2.20 -11.33 1.72
N ALA A 22 -3.17 -11.10 0.85
CA ALA A 22 -3.26 -11.86 -0.39
C ALA A 22 -1.99 -11.68 -1.23
N LEU A 23 -1.54 -10.43 -1.33
CA LEU A 23 -0.34 -10.12 -2.11
C LEU A 23 0.91 -10.49 -1.29
N ASP A 24 2.07 -10.15 -1.81
CA ASP A 24 3.33 -10.45 -1.13
C ASP A 24 3.44 -11.95 -0.87
N HIS A 25 2.49 -12.71 -1.43
CA HIS A 25 2.48 -14.17 -1.25
C HIS A 25 3.01 -14.86 -2.51
N LEU A 26 4.28 -15.25 -2.47
CA LEU A 26 4.89 -15.92 -3.61
C LEU A 26 4.38 -17.35 -3.72
N GLY A 1 3.00 15.71 -4.82
CA GLY A 1 2.67 16.67 -3.78
C GLY A 1 2.28 15.99 -2.49
N ARG A 2 2.93 16.37 -1.40
CA ARG A 2 2.63 15.79 -0.10
C ARG A 2 1.15 15.95 0.25
N ARG A 3 0.62 15.02 1.03
CA ARG A 3 -0.78 15.07 1.41
C ARG A 3 -1.06 14.12 2.58
N LYS A 4 -0.23 13.09 2.72
CA LYS A 4 -0.38 12.13 3.79
C LYS A 4 0.98 11.60 4.24
N ARG A 5 2.03 12.35 3.94
CA ARG A 5 3.39 11.95 4.33
C ARG A 5 3.70 10.55 3.81
N LYS A 6 3.91 10.43 2.51
CA LYS A 6 4.22 9.14 1.91
C LYS A 6 3.23 8.07 2.38
N TRP A 7 2.03 8.08 1.79
CA TRP A 7 1.02 7.10 2.17
C TRP A 7 -0.14 7.13 1.16
N LEU A 8 0.01 7.92 0.10
CA LEU A 8 -1.04 8.02 -0.91
C LEU A 8 -1.44 6.62 -1.38
N ARG A 9 -0.57 6.00 -2.18
CA ARG A 9 -0.82 4.66 -2.68
C ARG A 9 0.42 4.13 -3.40
N ARG A 10 1.56 4.82 -3.23
CA ARG A 10 2.80 4.39 -3.86
C ARG A 10 2.94 2.86 -3.74
N ILE A 11 3.54 2.41 -2.65
CA ILE A 11 3.67 0.98 -2.42
C ILE A 11 2.34 0.44 -1.91
N GLY A 12 1.43 1.36 -1.57
CA GLY A 12 0.12 0.97 -1.09
C GLY A 12 -0.60 0.12 -2.10
N LYS A 13 -0.54 0.54 -3.36
CA LYS A 13 -1.17 -0.22 -4.43
C LYS A 13 -0.83 -1.71 -4.29
N GLY A 14 0.22 -1.99 -3.51
CA GLY A 14 0.67 -3.35 -3.28
C GLY A 14 0.12 -3.92 -1.98
N VAL A 15 0.17 -3.13 -0.89
CA VAL A 15 -0.32 -3.59 0.41
C VAL A 15 -1.66 -2.93 0.75
N LYS A 16 -1.78 -1.63 0.49
CA LYS A 16 -3.02 -0.93 0.78
C LYS A 16 -4.21 -1.65 0.16
N ILE A 17 -4.06 -2.07 -1.09
CA ILE A 17 -5.14 -2.79 -1.77
C ILE A 17 -5.65 -3.93 -0.90
N ILE A 18 -4.74 -4.81 -0.49
CA ILE A 18 -5.10 -5.93 0.38
C ILE A 18 -3.84 -6.67 0.82
N GLY A 19 -3.52 -6.55 2.11
CA GLY A 19 -2.34 -7.19 2.66
C GLY A 19 -1.91 -6.58 3.98
N GLY A 20 -1.91 -5.25 4.02
CA GLY A 20 -1.52 -4.55 5.23
C GLY A 20 -1.79 -3.05 5.14
N ALA A 21 -0.96 -2.27 5.81
CA ALA A 21 -1.10 -0.82 5.79
C ALA A 21 -2.52 -0.43 6.19
N ALA A 22 -3.27 -1.38 6.72
CA ALA A 22 -4.64 -1.13 7.15
C ALA A 22 -5.16 -2.29 7.99
N LEU A 23 -4.97 -3.51 7.49
CA LEU A 23 -5.42 -4.71 8.21
C LEU A 23 -4.38 -5.12 9.25
N ASP A 24 -3.77 -4.14 9.90
CA ASP A 24 -2.76 -4.44 10.93
C ASP A 24 -2.45 -3.19 11.75
N HIS A 25 -2.85 -2.03 11.26
CA HIS A 25 -2.60 -0.77 11.97
C HIS A 25 -3.56 -0.62 13.14
N LEU A 26 -3.21 -1.23 14.27
CA LEU A 26 -4.06 -1.14 15.46
C LEU A 26 -3.96 0.24 16.10
N GLY A 1 4.74 18.65 3.51
CA GLY A 1 4.80 17.72 2.40
C GLY A 1 3.51 17.71 1.60
N ARG A 2 3.43 16.83 0.61
CA ARG A 2 2.24 16.73 -0.23
C ARG A 2 1.00 16.48 0.63
N ARG A 3 -0.10 16.13 -0.01
CA ARG A 3 -1.34 15.87 0.71
C ARG A 3 -1.10 14.85 1.82
N LYS A 4 -1.05 13.57 1.45
CA LYS A 4 -0.83 12.51 2.43
C LYS A 4 0.66 12.28 2.64
N ARG A 5 1.46 13.31 2.36
CA ARG A 5 2.91 13.21 2.52
C ARG A 5 3.44 12.00 1.75
N LYS A 6 4.67 11.60 2.06
CA LYS A 6 5.28 10.46 1.40
C LYS A 6 4.61 9.15 1.88
N TRP A 7 3.43 8.87 1.33
CA TRP A 7 2.70 7.66 1.71
C TRP A 7 1.67 7.31 0.64
N LEU A 8 0.84 8.29 0.27
CA LEU A 8 -0.23 8.12 -0.74
C LEU A 8 -0.59 6.65 -0.98
N ARG A 9 -0.09 6.08 -2.08
CA ARG A 9 -0.36 4.68 -2.42
C ARG A 9 0.88 4.03 -3.01
N ARG A 10 2.05 4.61 -2.73
CA ARG A 10 3.31 4.05 -3.23
C ARG A 10 3.32 2.54 -2.99
N ILE A 11 3.82 2.14 -1.83
CA ILE A 11 3.87 0.74 -1.47
C ILE A 11 2.46 0.26 -1.15
N GLY A 12 1.56 1.20 -0.84
CA GLY A 12 0.19 0.86 -0.54
C GLY A 12 -0.42 0.05 -1.67
N LYS A 13 -0.19 0.51 -2.90
CA LYS A 13 -0.69 -0.17 -4.08
C LYS A 13 -0.41 -1.67 -3.97
N GLY A 14 0.52 -2.02 -3.07
CA GLY A 14 0.91 -3.41 -2.85
C GLY A 14 0.14 -4.04 -1.70
N VAL A 15 -0.09 -3.27 -0.62
CA VAL A 15 -0.81 -3.79 0.56
C VAL A 15 -2.19 -3.13 0.70
N LYS A 16 -2.25 -1.82 0.53
CA LYS A 16 -3.52 -1.12 0.64
C LYS A 16 -4.54 -1.70 -0.34
N ILE A 17 -4.05 -2.14 -1.50
CA ILE A 17 -4.92 -2.73 -2.51
C ILE A 17 -5.53 -4.03 -1.97
N ILE A 18 -5.20 -4.37 -0.73
CA ILE A 18 -5.71 -5.59 -0.11
C ILE A 18 -5.21 -6.82 -0.87
N GLY A 19 -4.13 -7.41 -0.38
CA GLY A 19 -3.55 -8.60 -1.01
C GLY A 19 -3.03 -9.59 0.02
N GLY A 20 -2.18 -9.11 0.92
CA GLY A 20 -1.62 -9.97 1.95
C GLY A 20 -0.76 -9.20 2.93
N ALA A 21 0.36 -9.80 3.31
CA ALA A 21 1.29 -9.17 4.26
C ALA A 21 0.57 -8.80 5.55
N ALA A 22 -0.13 -7.67 5.54
CA ALA A 22 -0.86 -7.21 6.71
C ALA A 22 -2.09 -8.08 6.97
N LEU A 23 -2.76 -8.48 5.88
CA LEU A 23 -3.95 -9.31 6.00
C LEU A 23 -3.56 -10.76 6.31
N ASP A 24 -2.54 -10.92 7.14
CA ASP A 24 -2.08 -12.26 7.51
C ASP A 24 -1.07 -12.19 8.65
N HIS A 25 -0.23 -11.16 8.61
CA HIS A 25 0.79 -10.98 9.65
C HIS A 25 1.64 -12.23 9.78
N LEU A 26 2.86 -12.17 9.28
CA LEU A 26 3.77 -13.31 9.34
C LEU A 26 4.15 -13.60 10.80
N GLY A 1 9.79 13.93 -3.95
CA GLY A 1 8.69 14.75 -3.47
C GLY A 1 7.78 13.98 -2.54
N ARG A 2 7.96 14.18 -1.24
CA ARG A 2 7.15 13.49 -0.24
C ARG A 2 5.67 13.82 -0.45
N ARG A 3 5.39 15.06 -0.83
CA ARG A 3 4.02 15.50 -1.06
C ARG A 3 3.13 15.17 0.14
N LYS A 4 2.41 14.05 0.05
CA LYS A 4 1.51 13.63 1.13
C LYS A 4 2.20 12.65 2.07
N ARG A 5 3.49 12.87 2.32
CA ARG A 5 4.25 12.00 3.21
C ARG A 5 4.12 10.55 2.76
N LYS A 6 3.07 9.88 3.22
CA LYS A 6 2.84 8.48 2.87
C LYS A 6 1.34 8.20 2.78
N TRP A 7 0.73 8.60 1.68
CA TRP A 7 -0.71 8.40 1.47
C TRP A 7 -1.04 8.45 -0.02
N LEU A 8 -0.01 8.67 -0.83
CA LEU A 8 -0.20 8.74 -2.28
C LEU A 8 -0.37 7.33 -2.85
N ARG A 9 -0.16 6.32 -2.00
CA ARG A 9 -0.30 4.92 -2.41
C ARG A 9 0.74 4.57 -3.47
N ARG A 10 1.96 5.09 -3.32
CA ARG A 10 3.02 4.78 -4.28
C ARG A 10 3.05 3.28 -4.56
N ILE A 11 3.66 2.51 -3.65
CA ILE A 11 3.74 1.06 -3.78
C ILE A 11 2.69 0.41 -2.88
N GLY A 12 2.12 1.19 -1.96
CA GLY A 12 1.11 0.67 -1.07
C GLY A 12 -0.05 0.10 -1.86
N LYS A 13 -0.35 0.73 -2.98
CA LYS A 13 -1.42 0.27 -3.85
C LYS A 13 -1.25 -1.22 -4.12
N GLY A 14 -0.02 -1.70 -3.91
CA GLY A 14 0.30 -3.10 -4.13
C GLY A 14 0.23 -3.93 -2.86
N VAL A 15 0.81 -3.40 -1.77
CA VAL A 15 0.81 -4.12 -0.49
C VAL A 15 -0.18 -3.51 0.50
N LYS A 16 -0.24 -2.18 0.55
CA LYS A 16 -1.16 -1.51 1.47
C LYS A 16 -2.60 -1.88 1.15
N ILE A 17 -2.89 -2.09 -0.13
CA ILE A 17 -4.24 -2.46 -0.54
C ILE A 17 -4.64 -3.80 0.10
N ILE A 18 -3.70 -4.39 0.83
CA ILE A 18 -3.94 -5.68 1.49
C ILE A 18 -4.17 -6.76 0.45
N GLY A 19 -3.09 -7.22 -0.17
CA GLY A 19 -3.19 -8.26 -1.18
C GLY A 19 -1.83 -8.76 -1.62
N GLY A 20 -0.88 -8.81 -0.68
CA GLY A 20 0.46 -9.28 -0.99
C GLY A 20 1.33 -9.35 0.24
N ALA A 21 2.60 -9.68 0.06
CA ALA A 21 3.54 -9.78 1.17
C ALA A 21 2.97 -10.68 2.25
N ALA A 22 1.91 -11.40 1.91
CA ALA A 22 1.26 -12.31 2.84
C ALA A 22 0.19 -13.13 2.12
N LEU A 23 -0.67 -12.44 1.38
CA LEU A 23 -1.74 -13.10 0.63
C LEU A 23 -1.20 -13.60 -0.71
N ASP A 24 -0.21 -14.48 -0.65
CA ASP A 24 0.38 -15.03 -1.87
C ASP A 24 1.18 -16.29 -1.54
N HIS A 25 1.60 -16.42 -0.29
CA HIS A 25 2.38 -17.58 0.13
C HIS A 25 1.49 -18.81 0.21
N LEU A 26 0.47 -18.76 1.07
CA LEU A 26 -0.45 -19.88 1.23
C LEU A 26 -0.89 -20.42 -0.13
N GLY A 1 2.37 11.72 -6.16
CA GLY A 1 1.44 12.77 -5.79
C GLY A 1 2.00 13.70 -4.73
N ARG A 2 1.13 14.28 -3.93
CA ARG A 2 1.56 15.20 -2.87
C ARG A 2 0.42 15.47 -1.91
N ARG A 3 -0.76 14.95 -2.22
CA ARG A 3 -1.93 15.15 -1.36
C ARG A 3 -1.59 14.79 0.09
N LYS A 4 -0.68 13.83 0.25
CA LYS A 4 -0.25 13.40 1.57
C LYS A 4 1.22 12.99 1.54
N ARG A 5 1.87 12.97 2.69
CA ARG A 5 3.27 12.58 2.76
C ARG A 5 3.47 11.23 2.07
N LYS A 6 4.72 10.81 1.93
CA LYS A 6 5.01 9.54 1.29
C LYS A 6 4.27 8.41 1.99
N TRP A 7 3.00 8.21 1.62
CA TRP A 7 2.19 7.16 2.21
C TRP A 7 0.86 7.01 1.48
N LEU A 8 0.57 7.97 0.59
CA LEU A 8 -0.68 7.95 -0.18
C LEU A 8 -1.01 6.52 -0.64
N ARG A 9 -0.51 6.16 -1.84
CA ARG A 9 -0.76 4.83 -2.40
C ARG A 9 0.51 4.33 -3.08
N ARG A 10 1.63 5.00 -2.81
CA ARG A 10 2.91 4.62 -3.40
C ARG A 10 3.07 3.09 -3.41
N ILE A 11 3.60 2.54 -2.32
CA ILE A 11 3.79 1.11 -2.21
C ILE A 11 2.48 0.45 -1.75
N GLY A 12 1.56 1.26 -1.26
CA GLY A 12 0.28 0.74 -0.79
C GLY A 12 -0.48 0.02 -1.88
N LYS A 13 -0.58 0.62 -3.05
CA LYS A 13 -1.28 -0.02 -4.16
C LYS A 13 -0.84 -1.49 -4.29
N GLY A 14 0.29 -1.81 -3.66
CA GLY A 14 0.83 -3.16 -3.69
C GLY A 14 0.41 -3.98 -2.49
N VAL A 15 0.40 -3.34 -1.30
CA VAL A 15 0.01 -4.02 -0.06
C VAL A 15 -1.31 -3.46 0.45
N LYS A 16 -1.43 -2.14 0.42
CA LYS A 16 -2.64 -1.47 0.88
C LYS A 16 -3.83 -1.84 -0.01
N ILE A 17 -3.59 -1.96 -1.32
CA ILE A 17 -4.69 -2.31 -2.25
C ILE A 17 -5.58 -3.41 -1.66
N ILE A 18 -5.04 -4.15 -0.69
CA ILE A 18 -5.80 -5.23 -0.03
C ILE A 18 -5.70 -5.06 1.49
N GLY A 19 -4.59 -5.50 2.06
CA GLY A 19 -4.39 -5.39 3.49
C GLY A 19 -3.23 -6.26 3.97
N GLY A 20 -2.51 -6.85 3.03
CA GLY A 20 -1.39 -7.70 3.37
C GLY A 20 -1.82 -8.92 4.16
N ALA A 21 -3.13 -9.08 4.32
CA ALA A 21 -3.66 -10.22 5.06
C ALA A 21 -3.57 -11.49 4.23
N ALA A 22 -2.87 -11.41 3.10
CA ALA A 22 -2.70 -12.57 2.23
C ALA A 22 -1.55 -12.33 1.25
N LEU A 23 -1.59 -11.21 0.54
CA LEU A 23 -0.55 -10.88 -0.42
C LEU A 23 0.68 -10.33 0.30
N ASP A 24 1.21 -11.11 1.24
CA ASP A 24 2.38 -10.70 2.00
C ASP A 24 2.98 -11.89 2.73
N HIS A 25 2.46 -13.08 2.46
CA HIS A 25 2.95 -14.29 3.08
C HIS A 25 4.46 -14.40 2.92
N LEU A 26 5.04 -13.54 2.07
CA LEU A 26 6.48 -13.56 1.84
C LEU A 26 7.22 -13.32 3.14
N GLY A 1 2.85 12.92 -5.67
CA GLY A 1 3.88 13.86 -5.24
C GLY A 1 3.98 13.92 -3.73
N ARG A 2 3.03 14.63 -3.12
CA ARG A 2 3.02 14.77 -1.67
C ARG A 2 1.70 15.40 -1.20
N ARG A 3 0.61 14.99 -1.83
CA ARG A 3 -0.70 15.52 -1.47
C ARG A 3 -1.17 14.94 -0.13
N LYS A 4 -0.57 13.81 0.26
CA LYS A 4 -0.93 13.16 1.52
C LYS A 4 0.30 12.47 2.11
N ARG A 5 1.29 13.27 2.47
CA ARG A 5 2.53 12.72 3.04
C ARG A 5 3.05 11.57 2.19
N LYS A 6 3.87 10.71 2.80
CA LYS A 6 4.45 9.57 2.09
C LYS A 6 3.69 8.29 2.42
N TRP A 7 2.42 8.24 2.03
CA TRP A 7 1.59 7.06 2.30
C TRP A 7 0.37 7.04 1.37
N LEU A 8 0.38 7.91 0.36
CA LEU A 8 -0.72 7.98 -0.59
C LEU A 8 -1.11 6.57 -1.06
N ARG A 9 -0.18 5.91 -1.75
CA ARG A 9 -0.41 4.57 -2.25
C ARG A 9 0.89 3.99 -2.79
N ARG A 10 2.01 4.57 -2.37
CA ARG A 10 3.33 4.11 -2.80
C ARG A 10 3.40 2.58 -2.80
N ILE A 11 3.80 2.01 -1.66
CA ILE A 11 3.90 0.55 -1.54
C ILE A 11 2.54 -0.06 -1.26
N GLY A 12 1.63 0.73 -0.72
CA GLY A 12 0.29 0.25 -0.43
C GLY A 12 -0.35 -0.37 -1.65
N LYS A 13 -0.19 0.28 -2.80
CA LYS A 13 -0.73 -0.23 -4.05
C LYS A 13 -0.45 -1.73 -4.18
N GLY A 14 0.56 -2.19 -3.43
CA GLY A 14 0.95 -3.59 -3.45
C GLY A 14 0.30 -4.39 -2.35
N VAL A 15 0.21 -3.81 -1.14
CA VAL A 15 -0.40 -4.52 0.01
C VAL A 15 -1.72 -3.87 0.43
N LYS A 16 -1.76 -2.54 0.45
CA LYS A 16 -2.97 -1.84 0.84
C LYS A 16 -4.13 -2.24 -0.06
N ILE A 17 -3.85 -2.47 -1.33
CA ILE A 17 -4.89 -2.86 -2.28
C ILE A 17 -5.50 -4.20 -1.87
N ILE A 18 -4.96 -4.79 -0.81
CA ILE A 18 -5.45 -6.07 -0.32
C ILE A 18 -5.23 -7.16 -1.36
N GLY A 19 -3.98 -7.61 -1.50
CA GLY A 19 -3.65 -8.64 -2.46
C GLY A 19 -4.19 -10.00 -2.04
N GLY A 20 -4.59 -10.11 -0.78
CA GLY A 20 -5.12 -11.37 -0.27
C GLY A 20 -4.02 -12.38 -0.02
N ALA A 21 -3.02 -12.39 -0.90
CA ALA A 21 -1.91 -13.32 -0.77
C ALA A 21 -1.32 -13.25 0.64
N ALA A 22 -0.60 -12.17 0.92
CA ALA A 22 0.01 -12.01 2.23
C ALA A 22 -1.05 -11.71 3.28
N LEU A 23 -2.13 -11.06 2.86
CA LEU A 23 -3.23 -10.72 3.77
C LEU A 23 -4.10 -11.95 4.03
N ASP A 24 -3.46 -13.07 4.34
CA ASP A 24 -4.18 -14.30 4.60
C ASP A 24 -3.26 -15.34 5.25
N HIS A 25 -1.96 -15.24 4.95
CA HIS A 25 -0.99 -16.18 5.50
C HIS A 25 -1.44 -17.60 5.26
N LEU A 26 -1.35 -18.05 4.01
CA LEU A 26 -1.76 -19.41 3.67
C LEU A 26 -0.72 -20.42 4.18
N GLY A 1 6.51 10.56 -3.73
CA GLY A 1 5.75 11.74 -4.07
C GLY A 1 5.30 12.50 -2.84
N ARG A 2 5.42 11.86 -1.68
CA ARG A 2 5.02 12.48 -0.42
C ARG A 2 3.57 12.94 -0.48
N ARG A 3 3.34 14.11 -1.08
CA ARG A 3 1.99 14.65 -1.20
C ARG A 3 1.35 14.81 0.17
N LYS A 4 0.83 13.72 0.71
CA LYS A 4 0.18 13.73 2.04
C LYS A 4 1.03 12.95 3.04
N ARG A 5 2.30 13.30 3.13
CA ARG A 5 3.22 12.63 4.06
C ARG A 5 3.14 11.12 3.86
N LYS A 6 3.74 10.64 2.79
CA LYS A 6 3.74 9.21 2.48
C LYS A 6 2.30 8.68 2.45
N TRP A 7 2.16 7.36 2.48
CA TRP A 7 0.85 6.74 2.46
C TRP A 7 0.11 7.11 1.17
N LEU A 8 0.82 7.72 0.23
CA LEU A 8 0.21 8.12 -1.04
C LEU A 8 -0.04 6.91 -1.94
N ARG A 9 -0.10 5.73 -1.34
CA ARG A 9 -0.34 4.50 -2.08
C ARG A 9 0.77 4.26 -3.11
N ARG A 10 2.00 4.48 -2.70
CA ARG A 10 3.13 4.27 -3.60
C ARG A 10 3.12 2.81 -4.09
N ILE A 11 3.63 1.91 -3.25
CA ILE A 11 3.68 0.48 -3.59
C ILE A 11 2.49 -0.22 -2.93
N GLY A 12 1.86 0.45 -1.96
CA GLY A 12 0.71 -0.13 -1.29
C GLY A 12 -0.36 -0.50 -2.29
N LYS A 13 -0.48 0.31 -3.32
CA LYS A 13 -1.48 0.07 -4.36
C LYS A 13 -1.38 -1.38 -4.86
N GLY A 14 -0.25 -2.02 -4.55
CA GLY A 14 -0.01 -3.41 -4.95
C GLY A 14 -0.20 -4.39 -3.82
N VAL A 15 0.26 -4.01 -2.62
CA VAL A 15 0.13 -4.88 -1.43
C VAL A 15 -0.91 -4.35 -0.45
N LYS A 16 -0.92 -3.04 -0.25
CA LYS A 16 -1.88 -2.43 0.67
C LYS A 16 -3.30 -2.52 0.12
N ILE A 17 -3.43 -2.49 -1.20
CA ILE A 17 -4.74 -2.57 -1.85
C ILE A 17 -5.61 -3.67 -1.21
N ILE A 18 -4.94 -4.63 -0.57
CA ILE A 18 -5.67 -5.72 0.08
C ILE A 18 -4.77 -6.46 1.06
N GLY A 19 -3.51 -6.67 0.68
CA GLY A 19 -2.57 -7.35 1.54
C GLY A 19 -2.92 -8.82 1.70
N GLY A 20 -2.85 -9.57 0.60
CA GLY A 20 -3.17 -10.97 0.62
C GLY A 20 -2.91 -11.64 -0.72
N ALA A 21 -3.63 -11.18 -1.74
CA ALA A 21 -3.47 -11.74 -3.08
C ALA A 21 -2.00 -11.76 -3.48
N ALA A 22 -1.44 -10.57 -3.67
CA ALA A 22 -0.03 -10.46 -4.04
C ALA A 22 0.86 -10.83 -2.86
N LEU A 23 0.37 -10.55 -1.66
CA LEU A 23 1.12 -10.86 -0.44
C LEU A 23 0.99 -12.35 -0.10
N ASP A 24 1.47 -13.19 -1.01
CA ASP A 24 1.40 -14.64 -0.80
C ASP A 24 2.27 -15.36 -1.83
N HIS A 25 2.71 -14.62 -2.84
CA HIS A 25 3.55 -15.18 -3.90
C HIS A 25 4.99 -15.29 -3.43
N LEU A 26 5.55 -14.17 -2.97
CA LEU A 26 6.93 -14.15 -2.49
C LEU A 26 7.86 -14.77 -3.54
N GLY A 1 -0.17 19.98 -2.97
CA GLY A 1 0.93 19.09 -3.25
C GLY A 1 0.82 17.78 -2.49
N ARG A 2 1.55 17.69 -1.39
CA ARG A 2 1.52 16.48 -0.56
C ARG A 2 0.10 16.18 -0.13
N ARG A 3 -0.60 15.35 -0.90
CA ARG A 3 -1.98 15.00 -0.58
C ARG A 3 -2.05 14.29 0.76
N LYS A 4 -1.06 13.44 1.04
CA LYS A 4 -1.02 12.71 2.30
C LYS A 4 0.38 12.16 2.55
N ARG A 5 1.37 13.04 2.51
CA ARG A 5 2.76 12.63 2.74
C ARG A 5 3.09 11.37 1.96
N LYS A 6 4.26 10.79 2.24
CA LYS A 6 4.67 9.57 1.56
C LYS A 6 3.92 8.36 2.11
N TRP A 7 2.61 8.35 1.91
CA TRP A 7 1.77 7.25 2.39
C TRP A 7 0.47 7.18 1.60
N LEU A 8 0.41 7.95 0.51
CA LEU A 8 -0.77 7.97 -0.35
C LEU A 8 -1.19 6.53 -0.68
N ARG A 9 -0.37 5.86 -1.47
CA ARG A 9 -0.65 4.48 -1.86
C ARG A 9 0.57 3.86 -2.54
N ARG A 10 1.74 4.44 -2.29
CA ARG A 10 2.98 3.95 -2.87
C ARG A 10 3.04 2.42 -2.77
N ILE A 11 3.59 1.93 -1.67
CA ILE A 11 3.70 0.49 -1.45
C ILE A 11 2.32 -0.08 -1.08
N GLY A 12 1.45 0.81 -0.61
CA GLY A 12 0.10 0.39 -0.24
C GLY A 12 -0.63 -0.26 -1.39
N LYS A 13 -0.52 0.35 -2.57
CA LYS A 13 -1.18 -0.20 -3.75
C LYS A 13 -0.79 -1.66 -3.92
N GLY A 14 0.24 -2.09 -3.17
CA GLY A 14 0.73 -3.45 -3.23
C GLY A 14 0.21 -4.31 -2.08
N VAL A 15 -0.08 -3.66 -0.93
CA VAL A 15 -0.57 -4.38 0.26
C VAL A 15 -1.85 -3.73 0.79
N LYS A 16 -1.88 -2.41 0.84
CA LYS A 16 -3.06 -1.70 1.34
C LYS A 16 -4.30 -2.16 0.59
N ILE A 17 -4.25 -2.08 -0.74
CA ILE A 17 -5.39 -2.50 -1.56
C ILE A 17 -5.54 -4.02 -1.55
N ILE A 18 -4.78 -4.67 -0.67
CA ILE A 18 -4.83 -6.12 -0.56
C ILE A 18 -4.49 -6.77 -1.90
N GLY A 19 -3.19 -6.88 -2.20
CA GLY A 19 -2.76 -7.48 -3.44
C GLY A 19 -2.95 -8.98 -3.44
N GLY A 20 -3.71 -9.48 -4.41
CA GLY A 20 -3.96 -10.90 -4.52
C GLY A 20 -2.69 -11.71 -4.42
N ALA A 21 -1.69 -11.34 -5.22
CA ALA A 21 -0.42 -12.04 -5.22
C ALA A 21 0.11 -12.20 -3.79
N ALA A 22 -0.01 -11.15 -3.00
CA ALA A 22 0.46 -11.17 -1.63
C ALA A 22 -0.49 -12.01 -0.76
N LEU A 23 -1.78 -11.92 -1.06
CA LEU A 23 -2.79 -12.67 -0.31
C LEU A 23 -2.83 -14.12 -0.76
N ASP A 24 -1.67 -14.76 -0.79
CA ASP A 24 -1.58 -16.15 -1.20
C ASP A 24 -0.22 -16.74 -0.86
N HIS A 25 0.84 -16.08 -1.33
CA HIS A 25 2.20 -16.53 -1.06
C HIS A 25 2.64 -16.13 0.34
N LEU A 26 2.36 -16.98 1.32
CA LEU A 26 2.73 -16.69 2.71
C LEU A 26 4.24 -16.47 2.81
N GLY A 1 5.49 17.58 -5.24
CA GLY A 1 4.20 16.94 -5.08
C GLY A 1 4.04 16.33 -3.70
N ARG A 2 4.14 17.15 -2.68
CA ARG A 2 4.00 16.68 -1.30
C ARG A 2 2.65 16.02 -1.10
N ARG A 3 1.59 16.83 -1.11
CA ARG A 3 0.25 16.31 -0.93
C ARG A 3 0.18 15.41 0.30
N LYS A 4 0.40 14.11 0.11
CA LYS A 4 0.39 13.14 1.21
C LYS A 4 1.81 12.76 1.58
N ARG A 5 2.08 12.66 2.88
CA ARG A 5 3.41 12.30 3.34
C ARG A 5 3.71 10.84 3.04
N LYS A 6 3.98 10.54 1.78
CA LYS A 6 4.28 9.17 1.37
C LYS A 6 3.16 8.21 1.77
N TRP A 7 1.93 8.70 1.70
CA TRP A 7 0.75 7.88 2.03
C TRP A 7 -0.21 7.90 0.84
N LEU A 8 0.27 8.48 -0.26
CA LEU A 8 -0.52 8.56 -1.49
C LEU A 8 -0.55 7.20 -2.20
N ARG A 9 -0.73 6.13 -1.42
CA ARG A 9 -0.78 4.78 -1.98
C ARG A 9 0.52 4.43 -2.69
N ARG A 10 1.63 4.88 -2.11
CA ARG A 10 2.94 4.59 -2.68
C ARG A 10 3.04 3.09 -3.00
N ILE A 11 3.38 2.29 -1.99
CA ILE A 11 3.49 0.84 -2.15
C ILE A 11 2.20 0.16 -1.73
N GLY A 12 1.31 0.89 -1.05
CA GLY A 12 0.06 0.32 -0.63
C GLY A 12 -0.72 -0.22 -1.80
N LYS A 13 -0.70 0.51 -2.90
CA LYS A 13 -1.40 0.08 -4.11
C LYS A 13 -1.02 -1.37 -4.43
N GLY A 14 0.07 -1.82 -3.80
CA GLY A 14 0.57 -3.17 -4.00
C GLY A 14 0.07 -4.13 -2.93
N VAL A 15 0.12 -3.70 -1.65
CA VAL A 15 -0.33 -4.55 -0.54
C VAL A 15 -1.64 -4.03 0.06
N LYS A 16 -1.74 -2.72 0.25
CA LYS A 16 -2.96 -2.13 0.83
C LYS A 16 -4.19 -2.67 0.12
N ILE A 17 -4.18 -2.64 -1.20
CA ILE A 17 -5.31 -3.13 -1.98
C ILE A 17 -5.57 -4.60 -1.65
N ILE A 18 -4.50 -5.33 -1.35
CA ILE A 18 -4.62 -6.75 -1.00
C ILE A 18 -3.28 -7.29 -0.49
N GLY A 19 -3.25 -7.65 0.80
CA GLY A 19 -2.04 -8.18 1.40
C GLY A 19 -1.85 -9.65 1.07
N GLY A 20 -1.83 -9.97 -0.23
CA GLY A 20 -1.66 -11.34 -0.67
C GLY A 20 -0.57 -12.07 0.10
N ALA A 21 0.31 -11.30 0.74
CA ALA A 21 1.40 -11.89 1.52
C ALA A 21 0.89 -12.41 2.86
N ALA A 22 -0.43 -12.60 2.95
CA ALA A 22 -1.04 -13.09 4.18
C ALA A 22 -2.44 -13.61 3.90
N LEU A 23 -3.17 -12.92 3.03
CA LEU A 23 -4.52 -13.32 2.67
C LEU A 23 -4.48 -14.46 1.66
N ASP A 24 -3.80 -15.55 2.04
CA ASP A 24 -3.68 -16.70 1.15
C ASP A 24 -3.23 -17.92 1.94
N HIS A 25 -2.31 -17.72 2.88
CA HIS A 25 -1.81 -18.82 3.69
C HIS A 25 -2.84 -19.23 4.73
N LEU A 26 -3.92 -19.88 4.28
CA LEU A 26 -4.98 -20.32 5.18
C LEU A 26 -5.87 -21.34 4.48
N GLY A 1 6.82 12.88 -5.39
CA GLY A 1 5.57 12.26 -4.95
C GLY A 1 5.41 12.31 -3.45
N ARG A 2 4.70 13.33 -2.97
CA ARG A 2 4.46 13.49 -1.54
C ARG A 2 3.28 14.41 -1.29
N ARG A 3 2.14 14.10 -1.88
CA ARG A 3 0.94 14.92 -1.71
C ARG A 3 0.52 14.93 -0.24
N LYS A 4 0.87 13.87 0.48
CA LYS A 4 0.52 13.78 1.89
C LYS A 4 1.34 12.69 2.58
N ARG A 5 2.66 12.89 2.62
CA ARG A 5 3.55 11.92 3.26
C ARG A 5 3.43 10.56 2.55
N LYS A 6 3.15 9.51 3.32
CA LYS A 6 3.00 8.15 2.77
C LYS A 6 1.63 7.59 3.11
N TRP A 7 0.64 7.90 2.27
CA TRP A 7 -0.73 7.43 2.49
C TRP A 7 -1.52 7.46 1.18
N LEU A 8 -0.90 7.96 0.12
CA LEU A 8 -1.56 8.02 -1.18
C LEU A 8 -1.78 6.60 -1.71
N ARG A 9 -0.81 6.08 -2.45
CA ARG A 9 -0.92 4.74 -3.00
C ARG A 9 0.37 4.30 -3.68
N ARG A 10 1.48 4.97 -3.36
CA ARG A 10 2.77 4.61 -3.96
C ARG A 10 2.95 3.09 -3.91
N ILE A 11 3.52 2.59 -2.81
CA ILE A 11 3.73 1.16 -2.63
C ILE A 11 2.46 0.53 -2.05
N GLY A 12 1.55 1.39 -1.58
CA GLY A 12 0.31 0.92 -1.01
C GLY A 12 -0.44 0.02 -1.97
N LYS A 13 -0.45 0.40 -3.24
CA LYS A 13 -1.13 -0.41 -4.25
C LYS A 13 -0.73 -1.88 -4.10
N GLY A 14 0.37 -2.12 -3.37
CA GLY A 14 0.88 -3.46 -3.15
C GLY A 14 0.49 -4.01 -1.79
N VAL A 15 0.61 -3.18 -0.74
CA VAL A 15 0.27 -3.61 0.62
C VAL A 15 -1.07 -3.02 1.05
N LYS A 16 -1.31 -1.76 0.73
CA LYS A 16 -2.57 -1.11 1.09
C LYS A 16 -3.75 -1.85 0.47
N ILE A 17 -3.55 -2.39 -0.73
CA ILE A 17 -4.62 -3.12 -1.41
C ILE A 17 -4.89 -4.43 -0.67
N ILE A 18 -4.22 -4.63 0.46
CA ILE A 18 -4.40 -5.84 1.26
C ILE A 18 -3.97 -7.07 0.46
N GLY A 19 -2.70 -7.11 0.07
CA GLY A 19 -2.18 -8.22 -0.71
C GLY A 19 -1.90 -9.43 0.17
N GLY A 20 -2.96 -10.11 0.59
CA GLY A 20 -2.81 -11.29 1.42
C GLY A 20 -2.39 -10.94 2.84
N ALA A 21 -3.38 -10.72 3.70
CA ALA A 21 -3.09 -10.37 5.09
C ALA A 21 -2.11 -9.21 5.17
N ALA A 22 -1.88 -8.55 4.03
CA ALA A 22 -0.94 -7.44 4.00
C ALA A 22 0.42 -7.94 4.46
N LEU A 23 0.78 -9.13 3.97
CA LEU A 23 2.04 -9.75 4.36
C LEU A 23 2.00 -9.94 5.88
N ASP A 24 0.78 -9.94 6.42
CA ASP A 24 0.59 -10.11 7.86
C ASP A 24 1.56 -9.21 8.63
N HIS A 25 1.73 -8.00 8.11
CA HIS A 25 2.62 -7.02 8.71
C HIS A 25 2.07 -6.55 10.06
N LEU A 26 0.94 -5.85 10.02
CA LEU A 26 0.32 -5.34 11.24
C LEU A 26 0.27 -6.43 12.32
N GLY A 1 1.20 17.65 -4.86
CA GLY A 1 0.38 17.73 -3.66
C GLY A 1 0.72 16.62 -2.68
N ARG A 2 1.75 16.85 -1.87
CA ARG A 2 2.18 15.86 -0.88
C ARG A 2 1.26 15.91 0.34
N ARG A 3 -0.04 15.67 0.12
CA ARG A 3 -1.00 15.70 1.20
C ARG A 3 -0.79 14.50 2.13
N LYS A 4 -0.75 13.30 1.55
CA LYS A 4 -0.56 12.08 2.33
C LYS A 4 0.92 11.90 2.66
N ARG A 5 1.69 12.97 2.57
CA ARG A 5 3.12 12.92 2.86
C ARG A 5 3.79 11.81 2.05
N LYS A 6 3.76 10.59 2.57
CA LYS A 6 4.36 9.44 1.89
C LYS A 6 3.52 8.19 2.10
N TRP A 7 2.23 8.31 1.78
CA TRP A 7 1.30 7.19 1.94
C TRP A 7 0.18 7.31 0.90
N LEU A 8 0.35 8.25 -0.02
CA LEU A 8 -0.65 8.48 -1.06
C LEU A 8 -1.06 7.18 -1.72
N ARG A 9 -0.09 6.26 -1.89
CA ARG A 9 -0.32 4.96 -2.52
C ARG A 9 1.01 4.40 -3.01
N ARG A 10 2.10 4.85 -2.40
CA ARG A 10 3.44 4.39 -2.78
C ARG A 10 3.46 2.88 -3.02
N ILE A 11 3.75 2.11 -1.98
CA ILE A 11 3.80 0.65 -2.08
C ILE A 11 2.44 0.05 -1.72
N GLY A 12 1.62 0.83 -1.03
CA GLY A 12 0.30 0.37 -0.63
C GLY A 12 -0.50 -0.11 -1.83
N LYS A 13 -0.35 0.58 -2.95
CA LYS A 13 -1.06 0.20 -4.18
C LYS A 13 -0.87 -1.29 -4.45
N GLY A 14 0.14 -1.88 -3.81
CA GLY A 14 0.44 -3.29 -3.97
C GLY A 14 -0.08 -4.14 -2.83
N VAL A 15 0.03 -3.63 -1.60
CA VAL A 15 -0.43 -4.36 -0.41
C VAL A 15 -1.69 -3.72 0.19
N LYS A 16 -1.70 -2.39 0.27
CA LYS A 16 -2.85 -1.69 0.83
C LYS A 16 -4.11 -2.03 0.04
N ILE A 17 -3.98 -2.11 -1.29
CA ILE A 17 -5.11 -2.43 -2.15
C ILE A 17 -5.85 -3.66 -1.63
N ILE A 18 -5.12 -4.54 -0.94
CA ILE A 18 -5.71 -5.75 -0.40
C ILE A 18 -4.73 -6.47 0.53
N GLY A 19 -4.37 -5.79 1.61
CA GLY A 19 -3.43 -6.35 2.58
C GLY A 19 -3.27 -5.46 3.80
N GLY A 20 -3.40 -4.16 3.59
CA GLY A 20 -3.27 -3.21 4.68
C GLY A 20 -4.46 -3.24 5.61
N ALA A 21 -4.57 -4.33 6.38
CA ALA A 21 -5.68 -4.46 7.31
C ALA A 21 -7.01 -4.27 6.58
N ALA A 22 -6.95 -4.24 5.25
CA ALA A 22 -8.16 -4.04 4.47
C ALA A 22 -8.79 -2.73 4.89
N LEU A 23 -7.96 -1.70 5.00
CA LEU A 23 -8.44 -0.40 5.44
C LEU A 23 -9.08 -0.56 6.81
N ASP A 24 -8.78 -1.68 7.45
CA ASP A 24 -9.34 -1.99 8.77
C ASP A 24 -10.85 -1.79 8.73
N HIS A 25 -11.46 -2.37 7.70
CA HIS A 25 -12.91 -2.27 7.52
C HIS A 25 -13.64 -3.21 8.49
N LEU A 26 -13.34 -4.50 8.38
CA LEU A 26 -13.98 -5.49 9.24
C LEU A 26 -15.50 -5.33 9.19
N GLY A 1 1.03 14.84 -4.46
CA GLY A 1 2.34 14.51 -3.90
C GLY A 1 2.41 14.82 -2.42
N ARG A 2 2.49 16.10 -2.08
CA ARG A 2 2.56 16.52 -0.68
C ARG A 2 1.19 16.42 -0.02
N ARG A 3 0.30 15.64 -0.62
CA ARG A 3 -1.04 15.47 -0.08
C ARG A 3 -0.98 14.98 1.37
N LYS A 4 -0.12 14.00 1.62
CA LYS A 4 0.03 13.44 2.97
C LYS A 4 1.39 12.76 3.11
N ARG A 5 2.45 13.57 3.12
CA ARG A 5 3.80 13.05 3.26
C ARG A 5 4.08 11.98 2.22
N LYS A 6 4.06 10.71 2.64
CA LYS A 6 4.30 9.59 1.73
C LYS A 6 3.48 8.38 2.14
N TRP A 7 2.21 8.38 1.73
CA TRP A 7 1.30 7.28 2.06
C TRP A 7 0.12 7.26 1.10
N LEU A 8 0.18 8.11 0.08
CA LEU A 8 -0.89 8.19 -0.92
C LEU A 8 -1.27 6.78 -1.39
N ARG A 9 -0.36 6.15 -2.13
CA ARG A 9 -0.60 4.81 -2.64
C ARG A 9 0.71 4.19 -3.14
N ARG A 10 1.83 4.75 -2.69
CA ARG A 10 3.14 4.23 -3.09
C ARG A 10 3.16 2.71 -2.98
N ILE A 11 3.51 2.20 -1.81
CA ILE A 11 3.56 0.75 -1.58
C ILE A 11 2.15 0.24 -1.30
N GLY A 12 1.25 1.15 -0.95
CA GLY A 12 -0.13 0.78 -0.66
C GLY A 12 -0.74 0.00 -1.79
N LYS A 13 -0.53 0.47 -3.02
CA LYS A 13 -1.06 -0.22 -4.20
C LYS A 13 -0.73 -1.71 -4.12
N GLY A 14 0.20 -2.06 -3.22
CA GLY A 14 0.62 -3.45 -3.04
C GLY A 14 -0.04 -4.08 -1.82
N VAL A 15 -0.15 -3.33 -0.72
CA VAL A 15 -0.76 -3.85 0.52
C VAL A 15 -2.13 -3.23 0.76
N LYS A 16 -2.26 -1.94 0.51
CA LYS A 16 -3.53 -1.25 0.71
C LYS A 16 -4.66 -1.99 -0.02
N ILE A 17 -4.51 -2.14 -1.33
CA ILE A 17 -5.52 -2.85 -2.13
C ILE A 17 -5.57 -4.32 -1.73
N ILE A 18 -4.74 -4.68 -0.75
CA ILE A 18 -4.68 -6.06 -0.27
C ILE A 18 -4.20 -6.99 -1.38
N GLY A 19 -2.96 -7.47 -1.24
CA GLY A 19 -2.39 -8.36 -2.24
C GLY A 19 -1.17 -9.08 -1.69
N GLY A 20 0.00 -8.45 -1.85
CA GLY A 20 1.23 -9.04 -1.37
C GLY A 20 1.14 -9.44 0.09
N ALA A 21 0.38 -8.65 0.86
CA ALA A 21 0.22 -8.93 2.28
C ALA A 21 -0.20 -10.38 2.50
N ALA A 22 -1.25 -10.80 1.79
CA ALA A 22 -1.74 -12.17 1.91
C ALA A 22 -0.78 -13.14 1.23
N LEU A 23 -0.30 -12.76 0.04
CA LEU A 23 0.63 -13.59 -0.72
C LEU A 23 2.05 -13.39 -0.19
N ASP A 24 2.26 -13.76 1.07
CA ASP A 24 3.58 -13.63 1.69
C ASP A 24 3.61 -14.34 3.04
N HIS A 25 2.41 -14.63 3.56
CA HIS A 25 2.30 -15.31 4.86
C HIS A 25 2.22 -16.82 4.66
N LEU A 26 3.34 -17.50 4.83
CA LEU A 26 3.39 -18.95 4.68
C LEU A 26 2.80 -19.63 5.92
N GLY A 1 0.21 16.91 -5.26
CA GLY A 1 -0.70 15.82 -4.94
C GLY A 1 -0.19 15.00 -3.77
N ARG A 2 0.73 15.57 -3.00
CA ARG A 2 1.29 14.87 -1.85
C ARG A 2 0.21 14.58 -0.81
N ARG A 3 -0.30 15.65 -0.19
CA ARG A 3 -1.34 15.52 0.82
C ARG A 3 -0.89 14.61 1.96
N LYS A 4 -0.93 13.30 1.74
CA LYS A 4 -0.51 12.34 2.77
C LYS A 4 0.99 12.11 2.72
N ARG A 5 1.72 13.10 2.20
CA ARG A 5 3.17 13.00 2.10
C ARG A 5 3.56 11.67 1.45
N LYS A 6 4.34 10.85 2.17
CA LYS A 6 4.77 9.55 1.65
C LYS A 6 3.90 8.44 2.23
N TRP A 7 2.63 8.42 1.83
CA TRP A 7 1.69 7.41 2.32
C TRP A 7 0.46 7.33 1.42
N LEU A 8 0.47 8.10 0.33
CA LEU A 8 -0.66 8.11 -0.60
C LEU A 8 -1.11 6.67 -0.92
N ARG A 9 -0.28 5.96 -1.68
CA ARG A 9 -0.58 4.59 -2.05
C ARG A 9 0.64 3.92 -2.67
N ARG A 10 1.81 4.51 -2.41
CA ARG A 10 3.07 3.96 -2.95
C ARG A 10 3.07 2.43 -2.83
N ILE A 11 3.57 1.93 -1.70
CA ILE A 11 3.60 0.48 -1.49
C ILE A 11 2.24 -0.02 -1.05
N GLY A 12 1.39 0.91 -0.60
CA GLY A 12 0.05 0.55 -0.16
C GLY A 12 -0.71 -0.14 -1.26
N LYS A 13 -0.56 0.37 -2.47
CA LYS A 13 -1.22 -0.21 -3.63
C LYS A 13 -0.95 -1.73 -3.65
N GLY A 14 0.04 -2.14 -2.87
CA GLY A 14 0.42 -3.56 -2.78
C GLY A 14 -0.15 -4.23 -1.54
N VAL A 15 -0.04 -3.58 -0.38
CA VAL A 15 -0.55 -4.16 0.87
C VAL A 15 -1.89 -3.52 1.27
N LYS A 16 -2.01 -2.22 1.09
CA LYS A 16 -3.25 -1.53 1.44
C LYS A 16 -4.44 -2.20 0.75
N ILE A 17 -4.44 -2.19 -0.58
CA ILE A 17 -5.53 -2.80 -1.34
C ILE A 17 -5.39 -4.33 -1.33
N ILE A 18 -4.51 -4.83 -0.48
CA ILE A 18 -4.28 -6.27 -0.38
C ILE A 18 -3.82 -6.83 -1.71
N GLY A 19 -2.52 -7.03 -1.86
CA GLY A 19 -1.96 -7.56 -3.09
C GLY A 19 -2.24 -9.04 -3.25
N GLY A 20 -3.02 -9.38 -4.28
CA GLY A 20 -3.35 -10.77 -4.55
C GLY A 20 -2.20 -11.51 -5.20
N ALA A 21 -1.16 -10.77 -5.58
CA ALA A 21 0.01 -11.36 -6.21
C ALA A 21 0.86 -12.10 -5.18
N ALA A 22 0.28 -12.32 -4.01
CA ALA A 22 0.98 -13.03 -2.93
C ALA A 22 -0.01 -13.53 -1.89
N LEU A 23 -0.82 -12.60 -1.36
CA LEU A 23 -1.82 -12.96 -0.35
C LEU A 23 -3.04 -13.59 -1.01
N ASP A 24 -2.84 -14.68 -1.74
CA ASP A 24 -3.94 -15.35 -2.42
C ASP A 24 -3.50 -16.73 -2.91
N HIS A 25 -2.22 -17.05 -2.70
CA HIS A 25 -1.69 -18.35 -3.13
C HIS A 25 -2.25 -19.46 -2.24
N LEU A 26 -2.29 -19.22 -0.93
CA LEU A 26 -2.79 -20.22 0.01
C LEU A 26 -2.12 -21.57 -0.23
N GLY A 1 1.26 15.91 -4.36
CA GLY A 1 1.77 14.55 -4.25
C GLY A 1 1.88 14.10 -2.80
N ARG A 2 2.73 14.78 -2.04
CA ARG A 2 2.92 14.44 -0.63
C ARG A 2 1.75 14.97 0.21
N ARG A 3 0.56 14.44 -0.06
CA ARG A 3 -0.63 14.86 0.68
C ARG A 3 -0.71 14.15 2.03
N LYS A 4 -0.54 12.83 2.01
CA LYS A 4 -0.59 12.03 3.23
C LYS A 4 0.82 11.72 3.75
N ARG A 5 1.79 12.50 3.28
CA ARG A 5 3.17 12.30 3.70
C ARG A 5 3.62 10.85 3.46
N LYS A 6 4.05 10.57 2.23
CA LYS A 6 4.51 9.23 1.88
C LYS A 6 3.53 8.17 2.39
N TRP A 7 2.33 8.15 1.82
CA TRP A 7 1.32 7.18 2.23
C TRP A 7 0.13 7.24 1.29
N LEU A 8 0.27 8.00 0.21
CA LEU A 8 -0.80 8.14 -0.77
C LEU A 8 -1.25 6.76 -1.24
N ARG A 9 -0.39 6.11 -2.01
CA ARG A 9 -0.69 4.77 -2.54
C ARG A 9 0.55 4.20 -3.22
N ARG A 10 1.71 4.81 -2.95
CA ARG A 10 2.97 4.35 -3.54
C ARG A 10 3.01 2.81 -3.59
N ILE A 11 3.52 2.20 -2.52
CA ILE A 11 3.60 0.75 -2.45
C ILE A 11 2.28 0.18 -1.98
N GLY A 12 1.43 1.05 -1.40
CA GLY A 12 0.14 0.63 -0.92
C GLY A 12 -0.67 -0.03 -2.03
N LYS A 13 -0.61 0.56 -3.22
CA LYS A 13 -1.33 0.01 -4.36
C LYS A 13 -1.05 -1.49 -4.48
N GLY A 14 -0.02 -1.95 -3.78
CA GLY A 14 0.37 -3.36 -3.81
C GLY A 14 -0.03 -4.10 -2.54
N VAL A 15 0.14 -3.45 -1.38
CA VAL A 15 -0.21 -4.09 -0.09
C VAL A 15 -1.48 -3.49 0.50
N LYS A 16 -1.65 -2.18 0.34
CA LYS A 16 -2.83 -1.50 0.87
C LYS A 16 -4.10 -2.05 0.20
N ILE A 17 -4.08 -2.17 -1.13
CA ILE A 17 -5.24 -2.67 -1.85
C ILE A 17 -5.73 -3.98 -1.24
N ILE A 18 -4.79 -4.77 -0.69
CA ILE A 18 -5.14 -6.06 -0.04
C ILE A 18 -4.76 -5.99 1.44
N GLY A 19 -3.72 -6.72 1.84
CA GLY A 19 -3.29 -6.74 3.22
C GLY A 19 -1.91 -7.35 3.38
N GLY A 20 -1.23 -7.54 2.26
CA GLY A 20 0.11 -8.10 2.28
C GLY A 20 0.09 -9.60 2.58
N ALA A 21 -1.06 -10.07 3.05
CA ALA A 21 -1.22 -11.49 3.39
C ALA A 21 -1.33 -12.32 2.11
N ALA A 22 -2.28 -11.97 1.25
CA ALA A 22 -2.48 -12.70 0.01
C ALA A 22 -1.21 -12.69 -0.83
N LEU A 23 -0.25 -11.86 -0.44
CA LEU A 23 1.02 -11.76 -1.16
C LEU A 23 1.81 -13.07 -1.01
N ASP A 24 1.59 -13.76 0.10
CA ASP A 24 2.29 -15.01 0.37
C ASP A 24 1.48 -15.90 1.31
N HIS A 25 0.25 -16.20 0.90
CA HIS A 25 -0.64 -17.04 1.72
C HIS A 25 0.05 -18.36 2.06
N LEU A 26 -0.09 -18.80 3.31
CA LEU A 26 0.52 -20.05 3.74
C LEU A 26 -0.22 -21.23 3.12
N GLY A 1 -6.76 10.73 -3.74
CA GLY A 1 -6.43 10.32 -2.39
C GLY A 1 -5.73 11.43 -1.63
N ARG A 2 -4.41 11.54 -1.81
CA ARG A 2 -3.64 12.57 -1.13
C ARG A 2 -3.74 12.42 0.38
N ARG A 3 -2.67 12.76 1.10
CA ARG A 3 -2.66 12.66 2.54
C ARG A 3 -1.45 13.39 3.12
N LYS A 4 -0.27 13.04 2.63
CA LYS A 4 0.96 13.67 3.10
C LYS A 4 2.12 13.36 2.17
N ARG A 5 1.81 13.25 0.88
CA ARG A 5 2.82 12.95 -0.15
C ARG A 5 3.54 11.62 0.12
N LYS A 6 3.26 11.01 1.28
CA LYS A 6 3.89 9.73 1.63
C LYS A 6 2.90 8.85 2.39
N TRP A 7 3.23 7.56 2.48
CA TRP A 7 2.38 6.61 3.19
C TRP A 7 0.96 6.62 2.61
N LEU A 8 0.77 7.34 1.52
CA LEU A 8 -0.56 7.40 0.90
C LEU A 8 -0.89 6.05 0.26
N ARG A 9 -0.42 5.83 -0.97
CA ARG A 9 -0.67 4.58 -1.69
C ARG A 9 0.61 4.10 -2.36
N ARG A 10 1.75 4.65 -1.93
CA ARG A 10 3.04 4.26 -2.51
C ARG A 10 3.11 2.74 -2.64
N ILE A 11 3.56 2.08 -1.59
CA ILE A 11 3.65 0.63 -1.59
C ILE A 11 2.28 0.04 -1.25
N GLY A 12 1.39 0.88 -0.72
CA GLY A 12 0.06 0.44 -0.38
C GLY A 12 -0.65 -0.15 -1.57
N LYS A 13 -0.44 0.46 -2.73
CA LYS A 13 -1.05 -0.01 -3.96
C LYS A 13 -0.77 -1.50 -4.14
N GLY A 14 0.15 -2.03 -3.33
CA GLY A 14 0.54 -3.43 -3.39
C GLY A 14 -0.03 -4.24 -2.24
N VAL A 15 -0.04 -3.65 -1.03
CA VAL A 15 -0.55 -4.33 0.16
C VAL A 15 -1.89 -3.74 0.61
N LYS A 16 -2.01 -2.41 0.56
CA LYS A 16 -3.25 -1.76 0.95
C LYS A 16 -4.41 -2.31 0.15
N ILE A 17 -4.29 -2.27 -1.17
CA ILE A 17 -5.35 -2.78 -2.05
C ILE A 17 -5.32 -4.31 -2.07
N ILE A 18 -4.61 -4.89 -1.11
CA ILE A 18 -4.50 -6.34 -1.01
C ILE A 18 -3.87 -6.92 -2.28
N GLY A 19 -2.64 -7.43 -2.13
CA GLY A 19 -1.94 -8.00 -3.26
C GLY A 19 -0.72 -8.80 -2.82
N GLY A 20 0.47 -8.22 -3.03
CA GLY A 20 1.69 -8.88 -2.64
C GLY A 20 1.83 -8.98 -1.14
N ALA A 21 3.07 -9.04 -0.67
CA ALA A 21 3.33 -9.15 0.77
C ALA A 21 2.50 -10.26 1.37
N ALA A 22 1.96 -11.12 0.51
CA ALA A 22 1.14 -12.24 0.96
C ALA A 22 1.00 -13.25 -0.18
N LEU A 23 0.47 -12.79 -1.31
CA LEU A 23 0.27 -13.65 -2.47
C LEU A 23 1.59 -13.79 -3.24
N ASP A 24 2.70 -13.58 -2.53
CA ASP A 24 4.02 -13.69 -3.16
C ASP A 24 5.12 -13.69 -2.10
N HIS A 25 4.72 -13.90 -0.84
CA HIS A 25 5.68 -13.91 0.25
C HIS A 25 6.69 -15.05 0.06
N LEU A 26 6.17 -16.27 0.00
CA LEU A 26 7.03 -17.45 -0.18
C LEU A 26 8.02 -17.23 -1.31
N GLY A 1 6.76 8.99 -1.70
CA GLY A 1 5.98 10.13 -1.22
C GLY A 1 6.56 11.45 -1.69
N ARG A 2 5.69 12.41 -1.93
CA ARG A 2 6.12 13.74 -2.40
C ARG A 2 4.97 14.72 -2.36
N ARG A 3 3.87 14.35 -3.01
CA ARG A 3 2.68 15.22 -3.05
C ARG A 3 1.94 15.17 -1.72
N LYS A 4 2.04 14.04 -1.03
CA LYS A 4 1.37 13.86 0.26
C LYS A 4 2.08 12.80 1.09
N ARG A 5 3.34 13.06 1.42
CA ARG A 5 4.13 12.12 2.21
C ARG A 5 3.93 10.69 1.74
N LYS A 6 4.37 9.74 2.56
CA LYS A 6 4.23 8.32 2.23
C LYS A 6 2.85 7.81 2.64
N TRP A 7 1.83 8.28 1.93
CA TRP A 7 0.44 7.89 2.22
C TRP A 7 -0.36 7.82 0.93
N LEU A 8 0.24 8.31 -0.16
CA LEU A 8 -0.44 8.31 -1.46
C LEU A 8 -0.56 6.90 -2.03
N ARG A 9 -0.35 5.89 -1.18
CA ARG A 9 -0.44 4.49 -1.60
C ARG A 9 0.63 4.15 -2.62
N ARG A 10 1.86 4.62 -2.39
CA ARG A 10 2.95 4.31 -3.31
C ARG A 10 3.03 2.80 -3.49
N ILE A 11 3.86 2.15 -2.67
CA ILE A 11 4.00 0.70 -2.73
C ILE A 11 2.82 0.05 -2.03
N GLY A 12 2.09 0.84 -1.21
CA GLY A 12 0.95 0.31 -0.51
C GLY A 12 -0.08 -0.23 -1.48
N LYS A 13 -0.27 0.49 -2.57
CA LYS A 13 -1.22 0.08 -3.59
C LYS A 13 -0.94 -1.36 -4.00
N GLY A 14 0.23 -1.87 -3.63
CA GLY A 14 0.64 -3.23 -3.95
C GLY A 14 0.47 -4.19 -2.78
N VAL A 15 0.60 -3.67 -1.56
CA VAL A 15 0.48 -4.49 -0.35
C VAL A 15 -0.59 -3.93 0.60
N LYS A 16 -0.60 -2.61 0.76
CA LYS A 16 -1.57 -1.98 1.65
C LYS A 16 -3.00 -2.28 1.20
N ILE A 17 -3.27 -2.05 -0.08
CA ILE A 17 -4.62 -2.30 -0.62
C ILE A 17 -4.84 -3.82 -0.80
N ILE A 18 -4.00 -4.61 -0.15
CA ILE A 18 -4.12 -6.06 -0.24
C ILE A 18 -4.02 -6.51 -1.69
N GLY A 19 -2.79 -6.73 -2.16
CA GLY A 19 -2.58 -7.17 -3.52
C GLY A 19 -2.92 -8.63 -3.71
N GLY A 20 -4.21 -8.95 -3.66
CA GLY A 20 -4.66 -10.32 -3.83
C GLY A 20 -3.93 -11.03 -4.95
N ALA A 21 -3.62 -10.29 -6.01
CA ALA A 21 -2.91 -10.87 -7.15
C ALA A 21 -1.67 -11.63 -6.69
N ALA A 22 -0.86 -10.97 -5.87
CA ALA A 22 0.37 -11.59 -5.35
C ALA A 22 0.07 -12.53 -4.20
N LEU A 23 -0.80 -12.10 -3.29
CA LEU A 23 -1.15 -12.92 -2.13
C LEU A 23 -2.08 -14.07 -2.53
N ASP A 24 -2.01 -14.48 -3.79
CA ASP A 24 -2.84 -15.56 -4.29
C ASP A 24 -2.42 -15.96 -5.70
N HIS A 25 -1.49 -15.20 -6.27
CA HIS A 25 -1.00 -15.49 -7.60
C HIS A 25 -2.17 -15.56 -8.59
N LEU A 26 -2.70 -14.41 -8.95
CA LEU A 26 -3.82 -14.35 -9.90
C LEU A 26 -3.98 -12.94 -10.45
N GLY A 1 0.57 17.73 -5.33
CA GLY A 1 1.38 16.53 -5.26
C GLY A 1 1.41 15.95 -3.85
N ARG A 2 1.97 16.71 -2.92
CA ARG A 2 2.05 16.27 -1.53
C ARG A 2 0.66 16.29 -0.88
N ARG A 3 -0.18 15.34 -1.28
CA ARG A 3 -1.53 15.24 -0.74
C ARG A 3 -1.49 14.86 0.74
N LYS A 4 -0.61 13.93 1.08
CA LYS A 4 -0.49 13.48 2.47
C LYS A 4 0.85 12.78 2.69
N ARG A 5 1.92 13.43 2.26
CA ARG A 5 3.25 12.86 2.42
C ARG A 5 3.32 11.48 1.78
N LYS A 6 4.35 10.73 2.12
CA LYS A 6 4.53 9.39 1.57
C LYS A 6 3.53 8.40 2.17
N TRP A 7 2.30 8.44 1.67
CA TRP A 7 1.26 7.54 2.16
C TRP A 7 0.13 7.45 1.13
N LEU A 8 0.29 8.13 0.00
CA LEU A 8 -0.72 8.10 -1.05
C LEU A 8 -1.08 6.65 -1.39
N ARG A 9 -0.31 6.05 -2.29
CA ARG A 9 -0.56 4.67 -2.69
C ARG A 9 0.68 4.08 -3.35
N ARG A 10 1.84 4.65 -3.02
CA ARG A 10 3.11 4.16 -3.58
C ARG A 10 3.20 2.64 -3.42
N ILE A 11 3.73 2.19 -2.30
CA ILE A 11 3.85 0.76 -2.03
C ILE A 11 2.50 0.21 -1.60
N GLY A 12 1.62 1.09 -1.14
CA GLY A 12 0.29 0.67 -0.71
C GLY A 12 -0.44 -0.02 -1.83
N LYS A 13 -0.26 0.48 -3.05
CA LYS A 13 -0.89 -0.14 -4.21
C LYS A 13 -0.58 -1.63 -4.22
N GLY A 14 0.44 -2.01 -3.45
CA GLY A 14 0.86 -3.41 -3.35
C GLY A 14 0.29 -4.08 -2.12
N VAL A 15 0.39 -3.42 -0.97
CA VAL A 15 -0.13 -3.99 0.29
C VAL A 15 -1.48 -3.38 0.67
N LYS A 16 -1.60 -2.06 0.52
CA LYS A 16 -2.85 -1.39 0.85
C LYS A 16 -3.98 -1.91 -0.04
N ILE A 17 -3.63 -2.32 -1.25
CA ILE A 17 -4.63 -2.85 -2.18
C ILE A 17 -5.27 -4.11 -1.60
N ILE A 18 -4.81 -4.51 -0.41
CA ILE A 18 -5.32 -5.70 0.25
C ILE A 18 -5.00 -6.95 -0.56
N GLY A 19 -3.74 -7.36 -0.50
CA GLY A 19 -3.28 -8.53 -1.23
C GLY A 19 -1.92 -9.00 -0.76
N GLY A 20 -1.66 -8.81 0.53
CA GLY A 20 -0.39 -9.21 1.11
C GLY A 20 -0.45 -9.30 2.63
N ALA A 21 -1.14 -8.33 3.23
CA ALA A 21 -1.28 -8.31 4.69
C ALA A 21 -1.87 -9.62 5.17
N ALA A 22 -3.13 -9.87 4.80
CA ALA A 22 -3.81 -11.11 5.21
C ALA A 22 -3.38 -12.26 4.32
N LEU A 23 -3.14 -11.96 3.04
CA LEU A 23 -2.72 -12.97 2.08
C LEU A 23 -1.23 -13.28 2.27
N ASP A 24 -0.92 -14.04 3.31
CA ASP A 24 0.46 -14.40 3.60
C ASP A 24 0.50 -15.41 4.74
N HIS A 25 -0.47 -15.31 5.63
CA HIS A 25 -0.54 -16.23 6.77
C HIS A 25 -1.15 -17.56 6.35
N LEU A 26 -0.45 -18.27 5.46
CA LEU A 26 -0.92 -19.56 4.98
C LEU A 26 -0.74 -20.63 6.06
N GLY A 1 1.40 16.51 6.69
CA GLY A 1 0.62 15.65 7.56
C GLY A 1 0.56 14.22 7.05
N ARG A 2 0.12 13.31 7.92
CA ARG A 2 0.03 11.91 7.55
C ARG A 2 -0.74 11.75 6.24
N ARG A 3 -1.42 12.82 5.82
CA ARG A 3 -2.17 12.80 4.57
C ARG A 3 -1.24 12.89 3.37
N LYS A 4 -0.02 12.37 3.55
CA LYS A 4 0.97 12.40 2.48
C LYS A 4 2.15 11.51 2.89
N ARG A 5 2.66 11.71 4.09
CA ARG A 5 3.76 10.92 4.60
C ARG A 5 3.42 9.43 4.55
N LYS A 6 3.60 8.82 3.39
CA LYS A 6 3.31 7.40 3.22
C LYS A 6 1.83 7.13 3.51
N TRP A 7 0.97 7.61 2.63
CA TRP A 7 -0.48 7.41 2.79
C TRP A 7 -1.17 7.63 1.45
N LEU A 8 -0.45 8.27 0.52
CA LEU A 8 -0.99 8.54 -0.80
C LEU A 8 -1.11 7.25 -1.61
N ARG A 9 -0.92 6.12 -0.95
CA ARG A 9 -1.01 4.82 -1.62
C ARG A 9 -0.08 4.80 -2.83
N ARG A 10 1.18 5.12 -2.61
CA ARG A 10 2.17 5.14 -3.69
C ARG A 10 2.44 3.71 -4.19
N ILE A 11 2.91 2.87 -3.29
CA ILE A 11 3.20 1.47 -3.61
C ILE A 11 2.21 0.61 -2.85
N GLY A 12 1.62 1.20 -1.82
CA GLY A 12 0.65 0.51 -1.01
C GLY A 12 -0.47 -0.07 -1.85
N LYS A 13 -1.01 0.71 -2.77
CA LYS A 13 -2.08 0.20 -3.62
C LYS A 13 -1.67 -1.14 -4.24
N GLY A 14 -0.38 -1.44 -4.14
CA GLY A 14 0.18 -2.68 -4.66
C GLY A 14 0.27 -3.75 -3.60
N VAL A 15 0.75 -3.37 -2.40
CA VAL A 15 0.89 -4.31 -1.28
C VAL A 15 -0.17 -4.01 -0.21
N LYS A 16 -0.35 -2.73 0.08
CA LYS A 16 -1.32 -2.32 1.09
C LYS A 16 -2.75 -2.67 0.65
N ILE A 17 -3.07 -2.45 -0.64
CA ILE A 17 -4.42 -2.75 -1.13
C ILE A 17 -4.99 -4.03 -0.51
N ILE A 18 -4.13 -5.03 -0.31
CA ILE A 18 -4.57 -6.30 0.27
C ILE A 18 -3.38 -7.10 0.78
N GLY A 19 -2.42 -6.41 1.39
CA GLY A 19 -1.23 -7.06 1.94
C GLY A 19 -0.68 -6.30 3.12
N GLY A 20 -1.43 -5.29 3.56
CA GLY A 20 -1.03 -4.48 4.69
C GLY A 20 -2.23 -3.89 5.41
N ALA A 21 -3.32 -3.71 4.66
CA ALA A 21 -4.54 -3.17 5.24
C ALA A 21 -5.29 -4.24 6.03
N ALA A 22 -4.58 -5.33 6.33
CA ALA A 22 -5.17 -6.43 7.08
C ALA A 22 -4.07 -7.26 7.74
N LEU A 23 -2.97 -7.45 7.03
CA LEU A 23 -1.84 -8.22 7.55
C LEU A 23 -1.03 -7.37 8.53
N ASP A 24 -1.70 -6.85 9.56
CA ASP A 24 -1.04 -6.02 10.56
C ASP A 24 -1.93 -5.84 11.78
N HIS A 25 -3.19 -5.49 11.54
CA HIS A 25 -4.13 -5.29 12.64
C HIS A 25 -3.58 -4.28 13.65
N LEU A 26 -3.33 -3.06 13.19
CA LEU A 26 -2.80 -2.02 14.07
C LEU A 26 -1.54 -2.54 14.78
N GLY A 1 0.95 12.60 -6.41
CA GLY A 1 2.40 12.68 -6.39
C GLY A 1 2.92 13.16 -5.05
N ARG A 2 2.08 13.90 -4.32
CA ARG A 2 2.47 14.42 -3.01
C ARG A 2 1.27 15.02 -2.30
N ARG A 3 0.08 14.52 -2.62
CA ARG A 3 -1.14 15.01 -2.01
C ARG A 3 -1.12 14.77 -0.50
N LYS A 4 -0.20 13.93 -0.04
CA LYS A 4 -0.09 13.63 1.38
C LYS A 4 1.29 13.06 1.71
N ARG A 5 2.28 13.95 1.78
CA ARG A 5 3.64 13.53 2.10
C ARG A 5 4.06 12.33 1.24
N LYS A 6 4.13 11.15 1.86
CA LYS A 6 4.51 9.93 1.15
C LYS A 6 3.83 8.71 1.78
N TRP A 7 2.58 8.50 1.40
CA TRP A 7 1.81 7.37 1.92
C TRP A 7 0.50 7.23 1.15
N LEU A 8 0.36 8.02 0.09
CA LEU A 8 -0.85 7.98 -0.73
C LEU A 8 -1.19 6.54 -1.12
N ARG A 9 -0.34 5.97 -1.97
CA ARG A 9 -0.54 4.59 -2.44
C ARG A 9 0.77 4.03 -3.00
N ARG A 10 1.88 4.65 -2.61
CA ARG A 10 3.20 4.19 -3.06
C ARG A 10 3.29 2.66 -2.97
N ILE A 11 3.72 2.16 -1.82
CA ILE A 11 3.83 0.72 -1.62
C ILE A 11 2.46 0.15 -1.28
N GLY A 12 1.55 1.01 -0.84
CA GLY A 12 0.21 0.58 -0.49
C GLY A 12 -0.43 -0.13 -1.65
N LYS A 13 -0.19 0.40 -2.85
CA LYS A 13 -0.72 -0.20 -4.06
C LYS A 13 -0.49 -1.71 -4.05
N GLY A 14 0.46 -2.14 -3.21
CA GLY A 14 0.79 -3.54 -3.07
C GLY A 14 0.07 -4.19 -1.91
N VAL A 15 0.06 -3.53 -0.74
CA VAL A 15 -0.61 -4.09 0.45
C VAL A 15 -1.99 -3.46 0.66
N LYS A 16 -2.08 -2.14 0.54
CA LYS A 16 -3.37 -1.47 0.74
C LYS A 16 -4.39 -2.00 -0.25
N ILE A 17 -3.92 -2.37 -1.45
CA ILE A 17 -4.81 -2.89 -2.48
C ILE A 17 -5.43 -4.22 -2.00
N ILE A 18 -5.05 -4.64 -0.79
CA ILE A 18 -5.54 -5.88 -0.21
C ILE A 18 -5.11 -7.07 -1.05
N GLY A 19 -3.91 -7.57 -0.78
CA GLY A 19 -3.37 -8.72 -1.52
C GLY A 19 -2.76 -9.74 -0.57
N GLY A 20 -1.48 -10.06 -0.80
CA GLY A 20 -0.81 -11.04 0.04
C GLY A 20 -0.84 -10.65 1.51
N ALA A 21 0.03 -11.26 2.29
CA ALA A 21 0.09 -10.97 3.72
C ALA A 21 -1.29 -11.11 4.34
N ALA A 22 -2.20 -11.73 3.60
CA ALA A 22 -3.56 -11.94 4.08
C ALA A 22 -4.30 -12.91 3.18
N LEU A 23 -4.26 -12.64 1.88
CA LEU A 23 -4.93 -13.49 0.90
C LEU A 23 -4.06 -14.71 0.59
N ASP A 24 -3.82 -15.54 1.60
CA ASP A 24 -3.00 -16.74 1.43
C ASP A 24 -3.25 -17.73 2.56
N HIS A 25 -3.69 -17.21 3.70
CA HIS A 25 -3.97 -18.07 4.86
C HIS A 25 -5.30 -18.77 4.70
N LEU A 26 -6.36 -18.00 4.45
CA LEU A 26 -7.69 -18.57 4.27
C LEU A 26 -8.03 -19.48 5.45
N GLY A 1 5.23 12.98 -6.48
CA GLY A 1 3.87 13.12 -5.99
C GLY A 1 3.82 13.51 -4.52
N ARG A 2 2.87 14.37 -4.18
CA ARG A 2 2.74 14.83 -2.80
C ARG A 2 1.40 15.54 -2.60
N ARG A 3 0.48 14.86 -1.92
CA ARG A 3 -0.85 15.42 -1.65
C ARG A 3 -1.25 15.17 -0.20
N LYS A 4 -0.55 14.22 0.44
CA LYS A 4 -0.83 13.89 1.83
C LYS A 4 0.33 13.10 2.41
N ARG A 5 1.51 13.70 2.40
CA ARG A 5 2.71 13.05 2.93
C ARG A 5 2.98 11.76 2.17
N LYS A 6 4.25 11.37 2.10
CA LYS A 6 4.64 10.15 1.40
C LYS A 6 3.83 8.96 1.92
N TRP A 7 2.63 8.78 1.37
CA TRP A 7 1.77 7.68 1.79
C TRP A 7 0.56 7.58 0.86
N LEU A 8 0.60 8.31 -0.24
CA LEU A 8 -0.50 8.31 -1.21
C LEU A 8 -0.91 6.87 -1.53
N ARG A 9 -0.03 6.15 -2.22
CA ARG A 9 -0.30 4.77 -2.59
C ARG A 9 0.99 4.09 -3.05
N ARG A 10 2.13 4.68 -2.69
CA ARG A 10 3.43 4.12 -3.06
C ARG A 10 3.44 2.60 -2.86
N ILE A 11 3.81 2.17 -1.65
CA ILE A 11 3.86 0.75 -1.33
C ILE A 11 2.45 0.25 -1.00
N GLY A 12 1.58 1.18 -0.65
CA GLY A 12 0.20 0.84 -0.32
C GLY A 12 -0.46 0.07 -1.44
N LYS A 13 -0.22 0.50 -2.67
CA LYS A 13 -0.80 -0.18 -3.83
C LYS A 13 -0.51 -1.68 -3.72
N GLY A 14 0.47 -2.02 -2.88
CA GLY A 14 0.86 -3.40 -2.67
C GLY A 14 0.15 -4.05 -1.51
N VAL A 15 -0.02 -3.31 -0.40
CA VAL A 15 -0.69 -3.85 0.80
C VAL A 15 -2.02 -3.14 1.06
N LYS A 16 -2.05 -1.83 0.88
CA LYS A 16 -3.28 -1.07 1.10
C LYS A 16 -4.44 -1.71 0.34
N ILE A 17 -4.29 -1.83 -0.97
CA ILE A 17 -5.33 -2.44 -1.79
C ILE A 17 -5.38 -3.95 -1.53
N ILE A 18 -4.48 -4.41 -0.66
CA ILE A 18 -4.43 -5.83 -0.30
C ILE A 18 -4.12 -6.67 -1.54
N GLY A 19 -2.84 -6.73 -1.91
CA GLY A 19 -2.42 -7.50 -3.07
C GLY A 19 -2.30 -8.98 -2.75
N GLY A 20 -3.43 -9.68 -2.75
CA GLY A 20 -3.44 -11.10 -2.47
C GLY A 20 -2.48 -11.85 -3.36
N ALA A 21 -1.97 -11.18 -4.38
CA ALA A 21 -1.03 -11.79 -5.30
C ALA A 21 0.36 -11.91 -4.67
N ALA A 22 0.40 -11.78 -3.35
CA ALA A 22 1.66 -11.88 -2.61
C ALA A 22 1.40 -12.13 -1.14
N LEU A 23 0.42 -11.44 -0.58
CA LEU A 23 0.07 -11.61 0.83
C LEU A 23 -0.78 -12.87 1.02
N ASP A 24 -0.21 -14.01 0.62
CA ASP A 24 -0.92 -15.28 0.74
C ASP A 24 0.08 -16.44 0.64
N HIS A 25 0.85 -16.46 -0.45
CA HIS A 25 1.85 -17.50 -0.67
C HIS A 25 3.23 -17.03 -0.20
N LEU A 26 3.44 -17.05 1.11
CA LEU A 26 4.72 -16.62 1.66
C LEU A 26 5.82 -17.62 1.29
N GLY A 1 1.79 12.13 -3.30
CA GLY A 1 1.98 13.52 -3.67
C GLY A 1 2.73 14.29 -2.59
N ARG A 2 3.22 13.57 -1.60
CA ARG A 2 3.96 14.19 -0.50
C ARG A 2 3.04 15.10 0.32
N ARG A 3 1.80 15.23 -0.13
CA ARG A 3 0.83 16.07 0.57
C ARG A 3 0.46 15.44 1.92
N LYS A 4 0.72 14.15 2.06
CA LYS A 4 0.42 13.42 3.30
C LYS A 4 1.59 12.53 3.69
N ARG A 5 2.80 13.02 3.46
CA ARG A 5 4.00 12.25 3.80
C ARG A 5 3.96 10.88 3.14
N LYS A 6 4.80 9.96 3.64
CA LYS A 6 4.86 8.61 3.09
C LYS A 6 3.54 7.90 3.33
N TRP A 7 2.68 7.88 2.32
CA TRP A 7 1.39 7.22 2.42
C TRP A 7 0.77 7.06 1.03
N LEU A 8 0.11 8.12 0.54
CA LEU A 8 -0.53 8.13 -0.79
C LEU A 8 -0.89 6.72 -1.27
N ARG A 9 -0.10 6.19 -2.20
CA ARG A 9 -0.37 4.85 -2.73
C ARG A 9 0.80 4.35 -3.57
N ARG A 10 2.02 4.77 -3.21
CA ARG A 10 3.20 4.33 -3.95
C ARG A 10 3.21 2.79 -4.03
N ILE A 11 3.83 2.16 -3.03
CA ILE A 11 3.88 0.70 -2.98
C ILE A 11 2.61 0.16 -2.35
N GLY A 12 1.85 1.04 -1.71
CA GLY A 12 0.61 0.62 -1.08
C GLY A 12 -0.28 -0.12 -2.04
N LYS A 13 -0.43 0.43 -3.24
CA LYS A 13 -1.27 -0.22 -4.27
C LYS A 13 -0.97 -1.72 -4.31
N GLY A 14 0.17 -2.11 -3.75
CA GLY A 14 0.58 -3.50 -3.72
C GLY A 14 0.24 -4.17 -2.39
N VAL A 15 0.49 -3.48 -1.28
CA VAL A 15 0.20 -4.03 0.06
C VAL A 15 -1.05 -3.39 0.66
N LYS A 16 -1.17 -2.08 0.52
CA LYS A 16 -2.32 -1.37 1.05
C LYS A 16 -3.62 -1.95 0.49
N ILE A 17 -3.57 -2.36 -0.77
CA ILE A 17 -4.75 -2.94 -1.42
C ILE A 17 -5.13 -4.27 -0.75
N ILE A 18 -4.38 -4.63 0.29
CA ILE A 18 -4.64 -5.87 1.02
C ILE A 18 -4.44 -7.08 0.10
N GLY A 19 -3.21 -7.57 0.06
CA GLY A 19 -2.87 -8.72 -0.76
C GLY A 19 -1.48 -9.24 -0.46
N GLY A 20 -0.91 -8.75 0.63
CA GLY A 20 0.41 -9.16 1.06
C GLY A 20 0.75 -8.65 2.44
N ALA A 21 2.01 -8.29 2.64
CA ALA A 21 2.45 -7.79 3.95
C ALA A 21 2.04 -8.76 5.05
N ALA A 22 0.83 -8.60 5.56
CA ALA A 22 0.33 -9.47 6.62
C ALA A 22 -0.10 -10.81 6.05
N LEU A 23 -0.87 -10.76 4.96
CA LEU A 23 -1.35 -11.98 4.30
C LEU A 23 -0.25 -12.58 3.43
N ASP A 24 0.78 -13.12 4.07
CA ASP A 24 1.89 -13.72 3.34
C ASP A 24 2.77 -14.52 4.30
N HIS A 25 2.59 -14.30 5.60
CA HIS A 25 3.37 -15.01 6.60
C HIS A 25 2.91 -16.45 6.73
N LEU A 26 3.67 -17.36 6.13
CA LEU A 26 3.32 -18.78 6.18
C LEU A 26 3.54 -19.34 7.59
N GLY A 1 0.71 16.19 -7.11
CA GLY A 1 0.14 15.04 -6.42
C GLY A 1 0.74 14.84 -5.05
N ARG A 2 -0.11 14.87 -4.02
CA ARG A 2 0.36 14.70 -2.65
C ARG A 2 -0.83 14.52 -1.71
N ARG A 3 -1.63 13.50 -1.96
CA ARG A 3 -2.80 13.23 -1.14
C ARG A 3 -2.43 13.21 0.35
N LYS A 4 -1.27 12.64 0.66
CA LYS A 4 -0.80 12.55 2.03
C LYS A 4 0.71 12.40 2.08
N ARG A 5 1.42 13.43 1.62
CA ARG A 5 2.89 13.41 1.61
C ARG A 5 3.41 12.05 1.15
N LYS A 6 3.64 11.16 2.11
CA LYS A 6 4.14 9.81 1.82
C LYS A 6 3.19 8.77 2.39
N TRP A 7 3.53 7.50 2.22
CA TRP A 7 2.70 6.41 2.72
C TRP A 7 1.30 6.47 2.11
N LEU A 8 1.09 7.42 1.21
CA LEU A 8 -0.22 7.55 0.56
C LEU A 8 -0.60 6.23 -0.11
N ARG A 9 -0.11 6.02 -1.33
CA ARG A 9 -0.39 4.79 -2.08
C ARG A 9 0.87 4.33 -2.81
N ARG A 10 2.03 4.80 -2.37
CA ARG A 10 3.29 4.41 -2.99
C ARG A 10 3.31 2.89 -3.17
N ILE A 11 3.80 2.19 -2.15
CA ILE A 11 3.85 0.73 -2.20
C ILE A 11 2.49 0.15 -1.81
N GLY A 12 1.63 1.00 -1.23
CA GLY A 12 0.31 0.56 -0.84
C GLY A 12 -0.44 -0.02 -2.02
N LYS A 13 -0.29 0.61 -3.17
CA LYS A 13 -0.95 0.14 -4.38
C LYS A 13 -0.66 -1.36 -4.58
N GLY A 14 0.32 -1.86 -3.83
CA GLY A 14 0.70 -3.26 -3.91
C GLY A 14 0.18 -4.08 -2.75
N VAL A 15 0.25 -3.51 -1.52
CA VAL A 15 -0.23 -4.22 -0.33
C VAL A 15 -1.56 -3.65 0.16
N LYS A 16 -1.69 -2.33 0.12
CA LYS A 16 -2.92 -1.68 0.56
C LYS A 16 -4.08 -1.98 -0.40
N ILE A 17 -3.76 -2.21 -1.66
CA ILE A 17 -4.77 -2.50 -2.66
C ILE A 17 -5.72 -3.59 -2.18
N ILE A 18 -5.28 -4.39 -1.21
CA ILE A 18 -6.10 -5.47 -0.67
C ILE A 18 -5.68 -5.81 0.75
N GLY A 19 -4.38 -5.96 0.97
CA GLY A 19 -3.86 -6.29 2.29
C GLY A 19 -2.42 -6.77 2.24
N GLY A 20 -2.03 -7.36 1.11
CA GLY A 20 -0.68 -7.86 0.95
C GLY A 20 -0.49 -9.21 1.62
N ALA A 21 -0.86 -9.29 2.89
CA ALA A 21 -0.72 -10.53 3.64
C ALA A 21 -1.33 -11.70 2.87
N ALA A 22 -2.55 -11.50 2.38
CA ALA A 22 -3.23 -12.54 1.62
C ALA A 22 -2.64 -12.67 0.22
N LEU A 23 -2.26 -11.53 -0.37
CA LEU A 23 -1.68 -11.52 -1.70
C LEU A 23 -0.20 -11.89 -1.65
N ASP A 24 0.10 -13.04 -1.04
CA ASP A 24 1.48 -13.50 -0.92
C ASP A 24 1.51 -14.99 -0.56
N HIS A 25 0.94 -15.32 0.60
CA HIS A 25 0.91 -16.70 1.05
C HIS A 25 2.31 -17.31 1.01
N LEU A 26 3.24 -16.71 1.75
CA LEU A 26 4.61 -17.19 1.78
C LEU A 26 4.64 -18.62 2.32
N GLY A 1 -2.05 15.11 9.96
CA GLY A 1 -1.06 15.43 8.94
C GLY A 1 -0.03 14.33 8.79
N ARG A 2 -0.45 13.21 8.21
CA ARG A 2 0.45 12.07 8.02
C ARG A 2 -0.20 11.04 7.10
N ARG A 3 -1.53 10.99 7.11
CA ARG A 3 -2.25 10.04 6.28
C ARG A 3 -2.27 10.50 4.83
N LYS A 4 -1.14 11.02 4.36
CA LYS A 4 -1.05 11.50 2.98
C LYS A 4 0.40 11.80 2.62
N ARG A 5 1.23 12.03 3.64
CA ARG A 5 2.64 12.32 3.41
C ARG A 5 3.32 11.17 2.67
N LYS A 6 3.37 10.00 3.32
CA LYS A 6 3.99 8.81 2.73
C LYS A 6 3.24 7.56 3.17
N TRP A 7 1.95 7.51 2.85
CA TRP A 7 1.12 6.37 3.22
C TRP A 7 -0.13 6.33 2.34
N LEU A 8 -0.21 7.27 1.40
CA LEU A 8 -1.35 7.33 0.50
C LEU A 8 -1.63 5.96 -0.11
N ARG A 9 -0.92 5.64 -1.20
CA ARG A 9 -1.11 4.33 -1.86
C ARG A 9 0.11 3.99 -2.71
N ARG A 10 1.24 4.65 -2.44
CA ARG A 10 2.47 4.38 -3.19
C ARG A 10 2.67 2.86 -3.34
N ILE A 11 3.35 2.26 -2.37
CA ILE A 11 3.59 0.82 -2.39
C ILE A 11 2.32 0.09 -1.97
N GLY A 12 1.43 0.82 -1.29
CA GLY A 12 0.18 0.24 -0.83
C GLY A 12 -0.62 -0.32 -1.98
N LYS A 13 -0.60 0.39 -3.11
CA LYS A 13 -1.32 -0.07 -4.29
C LYS A 13 -1.00 -1.53 -4.57
N GLY A 14 0.08 -2.02 -3.96
CA GLY A 14 0.51 -3.41 -4.14
C GLY A 14 0.07 -4.29 -2.98
N VAL A 15 0.23 -3.79 -1.75
CA VAL A 15 -0.16 -4.56 -0.55
C VAL A 15 -1.46 -4.04 0.05
N LYS A 16 -1.61 -2.73 0.12
CA LYS A 16 -2.82 -2.13 0.68
C LYS A 16 -4.05 -2.56 -0.13
N ILE A 17 -3.90 -2.62 -1.45
CA ILE A 17 -5.00 -3.03 -2.31
C ILE A 17 -5.62 -4.33 -1.82
N ILE A 18 -4.77 -5.28 -1.44
CA ILE A 18 -5.26 -6.57 -0.94
C ILE A 18 -5.91 -6.39 0.42
N GLY A 19 -5.11 -6.00 1.41
CA GLY A 19 -5.62 -5.80 2.75
C GLY A 19 -4.49 -5.51 3.73
N GLY A 20 -3.66 -4.52 3.39
CA GLY A 20 -2.54 -4.15 4.25
C GLY A 20 -1.32 -5.00 3.98
N ALA A 21 -1.54 -6.31 3.96
CA ALA A 21 -0.47 -7.27 3.72
C ALA A 21 -1.04 -8.67 3.75
N ALA A 22 -2.29 -8.82 3.33
CA ALA A 22 -2.94 -10.12 3.37
C ALA A 22 -2.98 -10.53 4.82
N LEU A 23 -3.27 -9.56 5.67
CA LEU A 23 -3.28 -9.78 7.11
C LEU A 23 -1.92 -10.31 7.52
N ASP A 24 -0.94 -10.05 6.65
CA ASP A 24 0.44 -10.50 6.86
C ASP A 24 0.44 -11.94 7.35
N HIS A 25 -0.50 -12.71 6.80
CA HIS A 25 -0.66 -14.11 7.15
C HIS A 25 0.68 -14.84 7.06
N LEU A 26 0.95 -15.69 8.04
CA LEU A 26 2.20 -16.44 8.07
C LEU A 26 2.20 -17.49 6.95
N GLY A 1 -3.25 11.90 -4.72
CA GLY A 1 -2.05 11.49 -4.01
C GLY A 1 -1.57 12.55 -3.04
N ARG A 2 -1.78 13.81 -3.41
CA ARG A 2 -1.35 14.92 -2.57
C ARG A 2 -2.14 14.92 -1.26
N ARG A 3 -3.08 14.00 -1.15
CA ARG A 3 -3.90 13.89 0.06
C ARG A 3 -3.02 13.66 1.29
N LYS A 4 -1.97 12.86 1.11
CA LYS A 4 -1.03 12.54 2.20
C LYS A 4 0.40 12.79 1.75
N ARG A 5 1.19 13.39 2.64
CA ARG A 5 2.59 13.68 2.33
C ARG A 5 3.28 12.45 1.75
N LYS A 6 3.55 11.46 2.62
CA LYS A 6 4.20 10.22 2.21
C LYS A 6 3.67 9.04 3.00
N TRP A 7 2.48 8.58 2.65
CA TRP A 7 1.86 7.45 3.34
C TRP A 7 0.77 6.84 2.47
N LEU A 8 0.44 7.51 1.37
CA LEU A 8 -0.59 7.03 0.46
C LEU A 8 -0.27 5.62 -0.03
N ARG A 9 -0.87 5.23 -1.15
CA ARG A 9 -0.66 3.91 -1.71
C ARG A 9 0.63 3.89 -2.53
N ARG A 10 1.58 4.73 -2.13
CA ARG A 10 2.88 4.84 -2.80
C ARG A 10 3.37 3.46 -3.24
N ILE A 11 3.09 2.50 -2.38
CA ILE A 11 3.44 1.10 -2.61
C ILE A 11 2.24 0.28 -2.20
N GLY A 12 1.35 0.92 -1.43
CA GLY A 12 0.16 0.25 -0.98
C GLY A 12 -0.66 -0.24 -2.17
N LYS A 13 -0.54 0.46 -3.30
CA LYS A 13 -1.27 0.06 -4.49
C LYS A 13 -0.97 -1.39 -4.81
N GLY A 14 0.17 -1.87 -4.32
CA GLY A 14 0.59 -3.24 -4.53
C GLY A 14 0.11 -4.13 -3.40
N VAL A 15 0.32 -3.67 -2.16
CA VAL A 15 -0.10 -4.42 -0.98
C VAL A 15 -1.49 -3.99 -0.54
N LYS A 16 -1.59 -2.78 0.03
CA LYS A 16 -2.86 -2.24 0.53
C LYS A 16 -4.05 -2.64 -0.37
N ILE A 17 -3.82 -2.72 -1.68
CA ILE A 17 -4.90 -3.08 -2.61
C ILE A 17 -5.69 -4.28 -2.10
N ILE A 18 -5.15 -4.98 -1.10
CA ILE A 18 -5.83 -6.15 -0.53
C ILE A 18 -5.35 -6.38 0.90
N GLY A 19 -4.13 -5.96 1.20
CA GLY A 19 -3.58 -6.14 2.54
C GLY A 19 -4.20 -5.18 3.53
N GLY A 20 -5.18 -4.41 3.06
CA GLY A 20 -5.87 -3.45 3.92
C GLY A 20 -7.21 -3.04 3.33
N ALA A 21 -7.25 -2.91 2.01
CA ALA A 21 -8.48 -2.53 1.33
C ALA A 21 -9.47 -3.69 1.35
N ALA A 22 -9.14 -4.73 2.09
CA ALA A 22 -9.99 -5.91 2.21
C ALA A 22 -9.65 -6.69 3.47
N LEU A 23 -8.35 -6.80 3.76
CA LEU A 23 -7.90 -7.52 4.94
C LEU A 23 -8.08 -6.65 6.18
N ASP A 24 -9.06 -5.75 6.15
CA ASP A 24 -9.32 -4.86 7.27
C ASP A 24 -10.68 -4.19 7.10
N HIS A 25 -11.12 -4.05 5.85
CA HIS A 25 -12.40 -3.43 5.57
C HIS A 25 -12.46 -2.01 6.12
N LEU A 26 -12.36 -1.03 5.23
CA LEU A 26 -12.40 0.38 5.64
C LEU A 26 -12.57 1.27 4.41
N GLY A 1 3.47 12.86 -7.53
CA GLY A 1 4.64 12.41 -6.79
C GLY A 1 4.46 12.59 -5.30
N ARG A 2 5.05 13.65 -4.76
CA ARG A 2 4.95 13.93 -3.33
C ARG A 2 3.61 14.58 -3.01
N ARG A 3 2.53 13.86 -3.28
CA ARG A 3 1.19 14.36 -3.01
C ARG A 3 1.05 14.78 -1.55
N LYS A 4 1.54 13.93 -0.65
CA LYS A 4 1.47 14.22 0.79
C LYS A 4 2.55 13.45 1.54
N ARG A 5 3.81 13.72 1.22
CA ARG A 5 4.94 13.06 1.86
C ARG A 5 4.88 11.55 1.63
N LYS A 6 3.99 10.86 2.35
CA LYS A 6 3.85 9.41 2.22
C LYS A 6 2.38 9.01 2.33
N TRP A 7 2.14 7.70 2.44
CA TRP A 7 0.79 7.17 2.56
C TRP A 7 0.00 7.36 1.26
N LEU A 8 0.63 7.96 0.26
CA LEU A 8 -0.05 8.19 -1.03
C LEU A 8 -0.25 6.87 -1.79
N ARG A 9 -0.06 5.74 -1.11
CA ARG A 9 -0.24 4.43 -1.73
C ARG A 9 0.73 4.25 -2.89
N ARG A 10 1.99 4.60 -2.68
CA ARG A 10 3.01 4.43 -3.71
C ARG A 10 2.93 2.99 -4.23
N ILE A 11 3.65 2.09 -3.57
CA ILE A 11 3.63 0.68 -3.94
C ILE A 11 2.56 -0.05 -3.14
N GLY A 12 1.97 0.65 -2.17
CA GLY A 12 0.92 0.05 -1.36
C GLY A 12 -0.27 -0.34 -2.21
N LYS A 13 -0.56 0.50 -3.19
CA LYS A 13 -1.66 0.24 -4.11
C LYS A 13 -1.58 -1.19 -4.64
N GLY A 14 -0.40 -1.81 -4.47
CA GLY A 14 -0.17 -3.18 -4.92
C GLY A 14 -0.23 -4.18 -3.79
N VAL A 15 0.37 -3.85 -2.65
CA VAL A 15 0.38 -4.76 -1.49
C VAL A 15 -0.58 -4.27 -0.41
N LYS A 16 -0.62 -2.97 -0.19
CA LYS A 16 -1.51 -2.40 0.82
C LYS A 16 -2.97 -2.56 0.41
N ILE A 17 -3.22 -2.51 -0.89
CA ILE A 17 -4.60 -2.65 -1.40
C ILE A 17 -5.30 -3.84 -0.73
N ILE A 18 -4.70 -5.03 -0.83
CA ILE A 18 -5.27 -6.23 -0.22
C ILE A 18 -4.76 -6.36 1.23
N GLY A 19 -3.50 -6.74 1.37
CA GLY A 19 -2.91 -6.91 2.70
C GLY A 19 -1.42 -7.15 2.62
N GLY A 20 -0.93 -7.47 1.44
CA GLY A 20 0.49 -7.73 1.25
C GLY A 20 0.90 -9.07 1.82
N ALA A 21 0.26 -9.48 2.91
CA ALA A 21 0.57 -10.76 3.54
C ALA A 21 0.56 -11.88 2.51
N ALA A 22 -0.45 -11.86 1.65
CA ALA A 22 -0.57 -12.87 0.60
C ALA A 22 0.53 -12.68 -0.43
N LEU A 23 0.69 -11.44 -0.88
CA LEU A 23 1.71 -11.12 -1.88
C LEU A 23 3.08 -11.00 -1.22
N ASP A 24 3.35 -11.88 -0.26
CA ASP A 24 4.63 -11.86 0.45
C ASP A 24 4.82 -13.15 1.24
N HIS A 25 4.10 -13.27 2.35
CA HIS A 25 4.21 -14.45 3.20
C HIS A 25 3.44 -15.62 2.58
N LEU A 26 4.09 -16.34 1.65
CA LEU A 26 3.45 -17.47 1.00
C LEU A 26 3.33 -18.64 1.96
N GLY A 1 4.79 15.14 -6.80
CA GLY A 1 3.39 15.06 -6.43
C GLY A 1 3.20 14.47 -5.05
N ARG A 2 4.31 14.24 -4.35
CA ARG A 2 4.25 13.67 -3.01
C ARG A 2 3.54 14.62 -2.06
N ARG A 3 2.22 14.61 -2.09
CA ARG A 3 1.43 15.48 -1.23
C ARG A 3 1.45 14.96 0.21
N LYS A 4 0.92 13.76 0.40
CA LYS A 4 0.87 13.15 1.73
C LYS A 4 2.23 12.58 2.11
N ARG A 5 3.29 13.21 1.60
CA ARG A 5 4.65 12.77 1.90
C ARG A 5 4.82 11.29 1.55
N LYS A 6 4.43 10.42 2.48
CA LYS A 6 4.55 8.98 2.28
C LYS A 6 3.33 8.26 2.87
N TRP A 7 2.20 8.38 2.19
CA TRP A 7 0.98 7.74 2.66
C TRP A 7 -0.10 7.80 1.58
N LEU A 8 0.31 8.14 0.37
CA LEU A 8 -0.63 8.22 -0.75
C LEU A 8 -1.05 6.82 -1.19
N ARG A 9 -0.27 6.24 -2.10
CA ARG A 9 -0.57 4.90 -2.60
C ARG A 9 0.61 4.35 -3.38
N ARG A 10 1.81 4.83 -3.06
CA ARG A 10 3.02 4.39 -3.74
C ARG A 10 3.04 2.85 -3.80
N ILE A 11 3.62 2.23 -2.78
CA ILE A 11 3.68 0.76 -2.71
C ILE A 11 2.40 0.22 -2.09
N GLY A 12 1.64 1.10 -1.46
CA GLY A 12 0.39 0.69 -0.83
C GLY A 12 -0.50 -0.05 -1.81
N LYS A 13 -0.63 0.50 -3.01
CA LYS A 13 -1.44 -0.14 -4.05
C LYS A 13 -1.16 -1.65 -4.09
N GLY A 14 -0.04 -2.05 -3.50
CA GLY A 14 0.38 -3.44 -3.47
C GLY A 14 0.09 -4.12 -2.13
N VAL A 15 0.37 -3.41 -1.02
CA VAL A 15 0.15 -3.97 0.32
C VAL A 15 -1.10 -3.38 0.97
N LYS A 16 -1.29 -2.08 0.80
CA LYS A 16 -2.45 -1.41 1.38
C LYS A 16 -3.75 -2.08 0.92
N ILE A 17 -3.95 -2.11 -0.39
CA ILE A 17 -5.16 -2.73 -0.96
C ILE A 17 -5.05 -4.26 -0.94
N ILE A 18 -4.17 -4.77 -0.08
CA ILE A 18 -3.98 -6.21 0.03
C ILE A 18 -3.55 -6.78 -1.32
N GLY A 19 -2.25 -7.03 -1.46
CA GLY A 19 -1.71 -7.58 -2.69
C GLY A 19 -0.27 -8.01 -2.54
N GLY A 20 0.62 -7.36 -3.29
CA GLY A 20 2.03 -7.68 -3.21
C GLY A 20 2.28 -9.16 -3.42
N ALA A 21 3.55 -9.54 -3.47
CA ALA A 21 3.92 -10.95 -3.62
C ALA A 21 3.36 -11.75 -2.46
N ALA A 22 2.71 -11.03 -1.53
CA ALA A 22 2.10 -11.58 -0.33
C ALA A 22 3.00 -11.34 0.86
N LEU A 23 2.96 -10.12 1.39
CA LEU A 23 3.78 -9.73 2.52
C LEU A 23 5.21 -10.22 2.32
N ASP A 24 5.71 -9.92 1.14
CA ASP A 24 7.06 -10.30 0.74
C ASP A 24 7.48 -9.40 -0.39
N HIS A 25 6.61 -8.46 -0.70
CA HIS A 25 6.81 -7.50 -1.77
C HIS A 25 7.76 -6.40 -1.34
N LEU A 26 7.29 -5.53 -0.44
CA LEU A 26 8.10 -4.42 0.04
C LEU A 26 8.68 -3.63 -1.14
N GLY A 1 6.01 11.82 -7.68
CA GLY A 1 6.24 10.88 -6.59
C GLY A 1 5.97 11.52 -5.24
N ARG A 2 4.87 12.23 -5.13
CA ARG A 2 4.51 12.88 -3.87
C ARG A 2 3.06 13.36 -3.92
N ARG A 3 2.15 12.45 -4.25
CA ARG A 3 0.74 12.77 -4.32
C ARG A 3 0.19 13.11 -2.93
N LYS A 4 0.83 12.59 -1.90
CA LYS A 4 0.40 12.83 -0.53
C LYS A 4 1.51 12.47 0.45
N ARG A 5 2.65 13.16 0.35
CA ARG A 5 3.79 12.89 1.23
C ARG A 5 3.96 11.40 1.48
N LYS A 6 3.33 10.91 2.55
CA LYS A 6 3.39 9.49 2.92
C LYS A 6 2.01 8.85 2.80
N TRP A 7 1.95 7.53 2.91
CA TRP A 7 0.68 6.83 2.83
C TRP A 7 0.02 7.04 1.47
N LEU A 8 0.76 7.64 0.54
CA LEU A 8 0.24 7.89 -0.80
C LEU A 8 0.12 6.59 -1.61
N ARG A 9 0.04 5.46 -0.92
CA ARG A 9 -0.07 4.17 -1.60
C ARG A 9 1.05 4.03 -2.64
N ARG A 10 2.28 4.32 -2.21
CA ARG A 10 3.43 4.21 -3.09
C ARG A 10 3.55 2.79 -3.63
N ILE A 11 3.61 1.84 -2.71
CA ILE A 11 3.71 0.42 -3.07
C ILE A 11 2.51 -0.29 -2.48
N GLY A 12 1.85 0.38 -1.54
CA GLY A 12 0.67 -0.17 -0.92
C GLY A 12 -0.36 -0.54 -1.96
N LYS A 13 -0.42 0.26 -3.02
CA LYS A 13 -1.37 -0.01 -4.10
C LYS A 13 -1.27 -1.46 -4.54
N GLY A 14 -0.14 -2.09 -4.17
CA GLY A 14 0.11 -3.48 -4.50
C GLY A 14 -0.20 -4.42 -3.35
N VAL A 15 0.29 -4.08 -2.15
CA VAL A 15 0.05 -4.94 -0.97
C VAL A 15 -1.11 -4.41 -0.12
N LYS A 16 -1.17 -3.09 0.06
CA LYS A 16 -2.23 -2.50 0.85
C LYS A 16 -3.59 -2.81 0.23
N ILE A 17 -3.63 -2.83 -1.10
CA ILE A 17 -4.87 -3.12 -1.80
C ILE A 17 -5.36 -4.54 -1.46
N ILE A 18 -4.57 -5.24 -0.65
CA ILE A 18 -4.90 -6.60 -0.24
C ILE A 18 -4.91 -7.52 -1.46
N GLY A 19 -3.73 -8.02 -1.82
CA GLY A 19 -3.60 -8.91 -2.95
C GLY A 19 -2.32 -9.72 -2.90
N GLY A 20 -1.79 -9.90 -1.70
CA GLY A 20 -0.56 -10.65 -1.51
C GLY A 20 -0.23 -10.84 -0.05
N ALA A 21 -0.32 -9.77 0.72
CA ALA A 21 -0.02 -9.83 2.15
C ALA A 21 -0.81 -10.96 2.80
N ALA A 22 -2.13 -10.85 2.79
CA ALA A 22 -2.99 -11.86 3.38
C ALA A 22 -2.87 -13.17 2.61
N LEU A 23 -2.80 -13.07 1.28
CA LEU A 23 -2.69 -14.24 0.43
C LEU A 23 -1.25 -14.74 0.39
N ASP A 24 -0.60 -14.77 1.56
CA ASP A 24 0.78 -15.22 1.64
C ASP A 24 1.15 -15.53 3.08
N HIS A 25 0.57 -14.79 4.01
CA HIS A 25 0.85 -15.00 5.44
C HIS A 25 2.35 -14.92 5.70
N LEU A 26 2.78 -13.82 6.30
CA LEU A 26 4.20 -13.61 6.61
C LEU A 26 4.36 -12.50 7.65
N GLY A 1 6.02 11.04 -5.37
CA GLY A 1 7.13 11.95 -5.19
C GLY A 1 7.07 12.66 -3.85
N ARG A 2 6.65 11.94 -2.82
CA ARG A 2 6.55 12.52 -1.48
C ARG A 2 5.60 13.73 -1.51
N ARG A 3 4.40 13.52 -2.04
CA ARG A 3 3.42 14.60 -2.11
C ARG A 3 2.81 14.86 -0.74
N LYS A 4 2.85 13.84 0.13
CA LYS A 4 2.29 13.98 1.47
C LYS A 4 2.81 12.86 2.37
N ARG A 5 4.02 13.01 2.86
CA ARG A 5 4.62 12.01 3.74
C ARG A 5 4.61 10.63 3.08
N LYS A 6 3.55 9.86 3.32
CA LYS A 6 3.44 8.52 2.74
C LYS A 6 2.02 7.97 2.92
N TRP A 7 1.17 8.23 1.93
CA TRP A 7 -0.21 7.74 1.99
C TRP A 7 -0.82 7.79 0.59
N LEU A 8 -0.07 8.31 -0.37
CA LEU A 8 -0.54 8.39 -1.74
C LEU A 8 -0.62 7.01 -2.38
N ARG A 9 -0.44 5.97 -1.57
CA ARG A 9 -0.51 4.60 -2.06
C ARG A 9 0.59 4.33 -3.07
N ARG A 10 1.82 4.77 -2.76
CA ARG A 10 2.94 4.54 -3.66
C ARG A 10 2.99 3.04 -4.02
N ILE A 11 3.67 2.26 -3.19
CA ILE A 11 3.75 0.82 -3.39
C ILE A 11 2.74 0.12 -2.50
N GLY A 12 2.04 0.91 -1.68
CA GLY A 12 1.04 0.36 -0.80
C GLY A 12 -0.07 -0.26 -1.61
N LYS A 13 -0.36 0.36 -2.74
CA LYS A 13 -1.39 -0.12 -3.65
C LYS A 13 -1.16 -1.61 -3.94
N GLY A 14 0.08 -2.04 -3.73
CA GLY A 14 0.46 -3.43 -3.98
C GLY A 14 0.39 -4.28 -2.72
N VAL A 15 0.75 -3.69 -1.56
CA VAL A 15 0.75 -4.43 -0.30
C VAL A 15 -0.26 -3.87 0.69
N LYS A 16 -0.31 -2.55 0.83
CA LYS A 16 -1.25 -1.92 1.77
C LYS A 16 -2.67 -2.39 1.50
N ILE A 17 -3.13 -2.25 0.26
CA ILE A 17 -4.48 -2.67 -0.09
C ILE A 17 -4.60 -4.20 -0.03
N ILE A 18 -3.52 -4.85 0.41
CA ILE A 18 -3.51 -6.30 0.51
C ILE A 18 -3.72 -6.92 -0.88
N GLY A 19 -2.64 -6.99 -1.65
CA GLY A 19 -2.72 -7.56 -2.99
C GLY A 19 -2.83 -9.08 -2.95
N GLY A 20 -4.04 -9.57 -2.77
CA GLY A 20 -4.27 -11.00 -2.72
C GLY A 20 -3.74 -11.70 -3.96
N ALA A 21 -3.45 -10.92 -4.99
CA ALA A 21 -2.92 -11.47 -6.24
C ALA A 21 -1.45 -11.83 -6.09
N ALA A 22 -1.01 -11.98 -4.85
CA ALA A 22 0.39 -12.33 -4.57
C ALA A 22 0.52 -12.87 -3.15
N LEU A 23 -0.09 -12.17 -2.20
CA LEU A 23 -0.03 -12.60 -0.80
C LEU A 23 -1.03 -13.72 -0.54
N ASP A 24 -0.89 -14.82 -1.27
CA ASP A 24 -1.79 -15.96 -1.12
C ASP A 24 -1.23 -17.17 -1.86
N HIS A 25 -0.06 -17.01 -2.45
CA HIS A 25 0.58 -18.10 -3.17
C HIS A 25 1.18 -19.12 -2.21
N LEU A 26 0.70 -19.12 -0.97
CA LEU A 26 1.21 -20.04 0.04
C LEU A 26 0.84 -21.48 -0.34
N GLY A 1 1.34 12.88 -6.01
CA GLY A 1 0.89 13.95 -5.14
C GLY A 1 1.51 13.86 -3.76
N ARG A 2 0.81 14.40 -2.77
CA ARG A 2 1.30 14.38 -1.40
C ARG A 2 0.21 14.81 -0.43
N ARG A 3 -0.97 14.20 -0.56
CA ARG A 3 -2.10 14.52 0.30
C ARG A 3 -1.95 13.86 1.66
N LYS A 4 -1.02 12.91 1.75
CA LYS A 4 -0.78 12.19 3.01
C LYS A 4 0.71 11.86 3.16
N ARG A 5 1.56 12.87 2.98
CA ARG A 5 2.99 12.69 3.11
C ARG A 5 3.47 11.51 2.26
N LYS A 6 3.42 10.31 2.84
CA LYS A 6 3.85 9.10 2.14
C LYS A 6 2.93 7.93 2.48
N TRP A 7 1.71 7.97 1.95
CA TRP A 7 0.73 6.92 2.19
C TRP A 7 -0.36 6.93 1.11
N LEU A 8 -0.14 7.72 0.06
CA LEU A 8 -1.12 7.81 -1.02
C LEU A 8 -1.44 6.40 -1.52
N ARG A 9 -0.48 5.80 -2.20
CA ARG A 9 -0.65 4.45 -2.73
C ARG A 9 0.68 3.93 -3.26
N ARG A 10 1.78 4.55 -2.82
CA ARG A 10 3.13 4.14 -3.26
C ARG A 10 3.21 2.60 -3.34
N ILE A 11 3.61 1.96 -2.23
CA ILE A 11 3.70 0.50 -2.20
C ILE A 11 2.40 -0.08 -1.65
N GLY A 12 1.47 0.82 -1.33
CA GLY A 12 0.18 0.40 -0.80
C GLY A 12 -0.60 -0.37 -1.85
N LYS A 13 -0.55 0.11 -3.08
CA LYS A 13 -1.24 -0.56 -4.17
C LYS A 13 -0.97 -2.06 -4.15
N GLY A 14 0.11 -2.44 -3.44
CA GLY A 14 0.50 -3.83 -3.32
C GLY A 14 -0.02 -4.46 -2.04
N VAL A 15 0.04 -3.72 -0.93
CA VAL A 15 -0.42 -4.24 0.37
C VAL A 15 -1.70 -3.54 0.85
N LYS A 16 -1.77 -2.23 0.67
CA LYS A 16 -2.95 -1.48 1.11
C LYS A 16 -4.24 -2.13 0.61
N ILE A 17 -4.39 -2.22 -0.71
CA ILE A 17 -5.59 -2.82 -1.28
C ILE A 17 -5.57 -4.34 -1.11
N ILE A 18 -4.70 -4.83 -0.24
CA ILE A 18 -4.59 -6.26 0.00
C ILE A 18 -4.22 -6.99 -1.28
N GLY A 19 -2.99 -7.48 -1.36
CA GLY A 19 -2.52 -8.19 -2.53
C GLY A 19 -1.25 -8.97 -2.26
N GLY A 20 -0.11 -8.37 -2.55
CA GLY A 20 1.16 -9.01 -2.33
C GLY A 20 1.45 -9.21 -0.85
N ALA A 21 2.73 -9.44 -0.53
CA ALA A 21 3.11 -9.64 0.86
C ALA A 21 2.30 -10.78 1.48
N ALA A 22 1.56 -11.49 0.63
CA ALA A 22 0.73 -12.59 1.09
C ALA A 22 0.28 -13.44 -0.09
N LEU A 23 -0.42 -12.80 -1.03
CA LEU A 23 -0.92 -13.49 -2.23
C LEU A 23 0.08 -13.34 -3.37
N ASP A 24 1.31 -13.80 -3.15
CA ASP A 24 2.34 -13.72 -4.17
C ASP A 24 3.54 -14.58 -3.81
N HIS A 25 3.44 -15.26 -2.67
CA HIS A 25 4.51 -16.14 -2.21
C HIS A 25 4.89 -17.15 -3.29
N LEU A 26 6.18 -17.40 -3.44
CA LEU A 26 6.66 -18.36 -4.45
C LEU A 26 6.43 -19.78 -3.96
N GLY A 1 4.80 16.88 -5.92
CA GLY A 1 5.01 17.04 -4.49
C GLY A 1 4.77 15.74 -3.74
N ARG A 2 5.08 15.74 -2.45
CA ARG A 2 4.89 14.55 -1.62
C ARG A 2 3.41 14.35 -1.30
N ARG A 3 2.60 15.36 -1.60
CA ARG A 3 1.18 15.29 -1.33
C ARG A 3 0.92 14.93 0.13
N LYS A 4 0.59 13.66 0.38
CA LYS A 4 0.32 13.18 1.74
C LYS A 4 1.51 12.42 2.30
N ARG A 5 2.69 13.01 2.18
CA ARG A 5 3.91 12.37 2.68
C ARG A 5 4.04 10.95 2.15
N LYS A 6 3.63 9.97 2.97
CA LYS A 6 3.70 8.56 2.59
C LYS A 6 2.47 7.82 3.09
N TRP A 7 1.36 7.95 2.36
CA TRP A 7 0.11 7.29 2.74
C TRP A 7 -0.80 7.15 1.52
N LEU A 8 -0.45 7.81 0.42
CA LEU A 8 -1.25 7.76 -0.79
C LEU A 8 -1.51 6.30 -1.17
N ARG A 9 -0.64 5.76 -2.02
CA ARG A 9 -0.78 4.38 -2.45
C ARG A 9 0.44 3.92 -3.25
N ARG A 10 1.56 4.60 -3.06
CA ARG A 10 2.78 4.25 -3.78
C ARG A 10 2.98 2.73 -3.75
N ILE A 11 3.67 2.24 -2.74
CA ILE A 11 3.90 0.80 -2.60
C ILE A 11 2.66 0.15 -2.01
N GLY A 12 1.79 0.97 -1.41
CA GLY A 12 0.57 0.47 -0.83
C GLY A 12 -0.27 -0.22 -1.88
N LYS A 13 -0.26 0.32 -3.09
CA LYS A 13 -1.01 -0.26 -4.18
C LYS A 13 -0.68 -1.76 -4.28
N GLY A 14 0.44 -2.14 -3.66
CA GLY A 14 0.89 -3.53 -3.66
C GLY A 14 0.42 -4.29 -2.43
N VAL A 15 0.53 -3.65 -1.25
CA VAL A 15 0.12 -4.29 0.01
C VAL A 15 -1.17 -3.68 0.54
N LYS A 16 -1.28 -2.35 0.49
CA LYS A 16 -2.47 -1.68 0.97
C LYS A 16 -3.70 -2.18 0.23
N ILE A 17 -3.53 -2.53 -1.04
CA ILE A 17 -4.64 -3.04 -1.84
C ILE A 17 -5.23 -4.29 -1.17
N ILE A 18 -4.57 -4.74 -0.12
CA ILE A 18 -5.01 -5.93 0.63
C ILE A 18 -4.86 -7.18 -0.23
N GLY A 19 -3.66 -7.72 -0.28
CA GLY A 19 -3.39 -8.91 -1.07
C GLY A 19 -2.01 -9.47 -0.79
N GLY A 20 -0.99 -8.64 -0.94
CA GLY A 20 0.37 -9.06 -0.71
C GLY A 20 0.63 -9.39 0.75
N ALA A 21 0.03 -8.60 1.64
CA ALA A 21 0.21 -8.82 3.06
C ALA A 21 -0.44 -10.13 3.50
N ALA A 22 -1.69 -10.33 3.08
CA ALA A 22 -2.41 -11.54 3.43
C ALA A 22 -1.75 -12.77 2.80
N LEU A 23 -0.91 -12.52 1.81
CA LEU A 23 -0.20 -13.61 1.13
C LEU A 23 0.74 -14.33 2.11
N ASP A 24 1.02 -13.68 3.23
CA ASP A 24 1.90 -14.25 4.24
C ASP A 24 1.65 -13.60 5.60
N HIS A 25 0.43 -13.74 6.11
CA HIS A 25 0.07 -13.16 7.39
C HIS A 25 1.04 -13.61 8.47
N LEU A 26 1.17 -12.80 9.52
CA LEU A 26 2.08 -13.12 10.62
C LEU A 26 1.60 -14.38 11.33
N GLY A 1 9.62 17.25 -2.12
CA GLY A 1 8.32 17.01 -2.70
C GLY A 1 7.50 16.04 -1.89
N ARG A 2 6.19 16.25 -1.86
CA ARG A 2 5.29 15.38 -1.11
C ARG A 2 3.83 15.63 -1.50
N ARG A 3 3.13 14.55 -1.83
CA ARG A 3 1.72 14.65 -2.23
C ARG A 3 0.82 14.45 -1.01
N LYS A 4 1.06 13.38 -0.26
CA LYS A 4 0.28 13.07 0.92
C LYS A 4 1.16 12.44 2.00
N ARG A 5 2.38 12.08 1.61
CA ARG A 5 3.33 11.47 2.54
C ARG A 5 2.76 10.17 3.12
N LYS A 6 3.42 9.05 2.78
CA LYS A 6 2.99 7.75 3.28
C LYS A 6 1.48 7.56 3.13
N TRP A 7 0.95 7.97 1.97
CA TRP A 7 -0.47 7.84 1.69
C TRP A 7 -0.71 8.12 0.22
N LEU A 8 0.40 8.19 -0.54
CA LEU A 8 0.34 8.44 -1.96
C LEU A 8 0.04 7.14 -2.72
N ARG A 9 0.10 6.03 -1.99
CA ARG A 9 -0.17 4.72 -2.56
C ARG A 9 0.87 4.32 -3.62
N ARG A 10 2.12 4.75 -3.43
CA ARG A 10 3.18 4.38 -4.38
C ARG A 10 3.09 2.88 -4.70
N ILE A 11 3.81 2.07 -3.92
CA ILE A 11 3.80 0.63 -4.11
C ILE A 11 2.64 0.02 -3.32
N GLY A 12 2.09 0.79 -2.38
CA GLY A 12 0.98 0.32 -1.58
C GLY A 12 -0.17 -0.15 -2.44
N LYS A 13 -0.41 0.56 -3.54
CA LYS A 13 -1.49 0.20 -4.43
C LYS A 13 -1.41 -1.29 -4.79
N GLY A 14 -0.25 -1.89 -4.50
CA GLY A 14 -0.02 -3.30 -4.78
C GLY A 14 -0.11 -4.16 -3.52
N VAL A 15 0.48 -3.69 -2.42
CA VAL A 15 0.47 -4.44 -1.15
C VAL A 15 -0.51 -3.83 -0.16
N LYS A 16 -0.56 -2.50 -0.11
CA LYS A 16 -1.47 -1.81 0.79
C LYS A 16 -2.92 -2.02 0.37
N ILE A 17 -3.13 -2.15 -0.93
CA ILE A 17 -4.48 -2.34 -1.46
C ILE A 17 -5.20 -3.47 -0.71
N ILE A 18 -4.41 -4.38 -0.13
CA ILE A 18 -4.96 -5.50 0.64
C ILE A 18 -4.12 -5.71 1.90
N GLY A 19 -2.92 -6.26 1.73
CA GLY A 19 -2.05 -6.51 2.86
C GLY A 19 -0.72 -7.10 2.43
N GLY A 20 -0.69 -7.69 1.24
CA GLY A 20 0.52 -8.30 0.73
C GLY A 20 0.80 -9.63 1.40
N ALA A 21 0.23 -9.84 2.58
CA ALA A 21 0.44 -11.08 3.32
C ALA A 21 -0.17 -12.25 2.56
N ALA A 22 -0.74 -11.97 1.39
CA ALA A 22 -1.36 -13.01 0.56
C ALA A 22 -1.04 -12.75 -0.91
N LEU A 23 -1.23 -11.51 -1.35
CA LEU A 23 -0.97 -11.14 -2.73
C LEU A 23 0.53 -10.98 -2.95
N ASP A 24 1.27 -12.08 -2.81
CA ASP A 24 2.71 -12.04 -2.98
C ASP A 24 3.29 -13.45 -3.08
N HIS A 25 2.45 -14.45 -2.80
CA HIS A 25 2.88 -15.83 -2.86
C HIS A 25 3.12 -16.27 -4.30
N LEU A 26 2.20 -15.91 -5.18
CA LEU A 26 2.32 -16.28 -6.60
C LEU A 26 2.49 -17.78 -6.75
N GLY A 1 -3.41 11.41 -3.36
CA GLY A 1 -2.13 11.81 -3.89
C GLY A 1 -1.25 12.47 -2.84
N ARG A 2 -0.97 13.75 -3.03
CA ARG A 2 -0.13 14.49 -2.07
C ARG A 2 -0.87 14.68 -0.76
N ARG A 3 -2.08 14.12 -0.67
CA ARG A 3 -2.87 14.23 0.55
C ARG A 3 -2.08 13.70 1.75
N LYS A 4 -1.02 12.95 1.47
CA LYS A 4 -0.18 12.38 2.52
C LYS A 4 1.27 12.31 2.07
N ARG A 5 2.19 12.60 2.99
CA ARG A 5 3.61 12.58 2.67
C ARG A 5 3.99 11.27 1.98
N LYS A 6 3.91 10.17 2.73
CA LYS A 6 4.26 8.85 2.18
C LYS A 6 3.33 7.78 2.75
N TRP A 7 2.12 7.73 2.24
CA TRP A 7 1.14 6.73 2.69
C TRP A 7 -0.08 6.75 1.80
N LEU A 8 0.00 7.51 0.70
CA LEU A 8 -1.12 7.60 -0.23
C LEU A 8 -1.34 6.24 -0.90
N ARG A 9 -0.63 5.98 -2.00
CA ARG A 9 -0.76 4.72 -2.72
C ARG A 9 0.53 4.38 -3.45
N ARG A 10 1.60 5.11 -3.11
CA ARG A 10 2.90 4.88 -3.73
C ARG A 10 3.21 3.39 -3.84
N ILE A 11 3.25 2.72 -2.70
CA ILE A 11 3.53 1.28 -2.65
C ILE A 11 2.29 0.58 -2.09
N GLY A 12 1.40 1.37 -1.49
CA GLY A 12 0.18 0.82 -0.94
C GLY A 12 -0.62 0.11 -2.01
N LYS A 13 -0.56 0.64 -3.23
CA LYS A 13 -1.28 0.02 -4.34
C LYS A 13 -0.88 -1.46 -4.44
N GLY A 14 0.18 -1.81 -3.72
CA GLY A 14 0.70 -3.18 -3.71
C GLY A 14 0.31 -3.93 -2.44
N VAL A 15 0.50 -3.28 -1.29
CA VAL A 15 0.17 -3.90 0.00
C VAL A 15 -1.16 -3.39 0.54
N LYS A 16 -1.41 -2.09 0.37
CA LYS A 16 -2.66 -1.50 0.85
C LYS A 16 -3.84 -1.99 0.02
N ILE A 17 -3.59 -2.39 -1.22
CA ILE A 17 -4.65 -2.88 -2.10
C ILE A 17 -5.59 -3.82 -1.36
N ILE A 18 -5.10 -4.43 -0.29
CA ILE A 18 -5.91 -5.36 0.51
C ILE A 18 -5.38 -5.46 1.92
N GLY A 19 -4.06 -5.55 2.06
CA GLY A 19 -3.44 -5.65 3.36
C GLY A 19 -1.99 -6.06 3.27
N GLY A 20 -1.62 -6.67 2.13
CA GLY A 20 -0.25 -7.11 1.93
C GLY A 20 0.06 -8.36 2.72
N ALA A 21 -0.71 -8.61 3.76
CA ALA A 21 -0.50 -9.80 4.59
C ALA A 21 -0.84 -11.05 3.81
N ALA A 22 -1.99 -11.04 3.14
CA ALA A 22 -2.42 -12.19 2.35
C ALA A 22 -1.67 -12.23 1.02
N LEU A 23 -1.45 -11.07 0.43
CA LEU A 23 -0.75 -10.98 -0.84
C LEU A 23 0.76 -11.18 -0.64
N ASP A 24 1.14 -12.41 -0.30
CA ASP A 24 2.55 -12.72 -0.08
C ASP A 24 2.74 -14.22 0.12
N HIS A 25 1.62 -14.94 0.28
CA HIS A 25 1.68 -16.38 0.48
C HIS A 25 2.54 -17.04 -0.60
N LEU A 26 3.08 -18.22 -0.27
CA LEU A 26 3.92 -18.94 -1.22
C LEU A 26 3.07 -19.58 -2.31
N GLY A 1 5.39 10.29 -5.49
CA GLY A 1 5.47 11.74 -5.51
C GLY A 1 5.14 12.34 -4.16
N ARG A 2 6.13 12.98 -3.54
CA ARG A 2 5.94 13.61 -2.24
C ARG A 2 4.78 14.60 -2.28
N ARG A 3 3.77 14.35 -1.45
CA ARG A 3 2.60 15.23 -1.40
C ARG A 3 1.78 14.94 -0.15
N LYS A 4 1.66 13.66 0.20
CA LYS A 4 0.90 13.24 1.39
C LYS A 4 1.81 12.49 2.35
N ARG A 5 3.01 13.04 2.57
CA ARG A 5 3.97 12.41 3.47
C ARG A 5 4.12 10.93 3.16
N LYS A 6 4.18 10.60 1.86
CA LYS A 6 4.31 9.22 1.43
C LYS A 6 3.26 8.35 2.11
N TRP A 7 2.04 8.36 1.56
CA TRP A 7 0.95 7.58 2.13
C TRP A 7 -0.21 7.49 1.15
N LEU A 8 0.04 7.85 -0.10
CA LEU A 8 -1.01 7.80 -1.12
C LEU A 8 -1.23 6.37 -1.59
N ARG A 9 -0.54 5.99 -2.67
CA ARG A 9 -0.67 4.64 -3.22
C ARG A 9 0.68 4.11 -3.71
N ARG A 10 1.76 4.77 -3.30
CA ARG A 10 3.10 4.33 -3.68
C ARG A 10 3.23 2.81 -3.46
N ILE A 11 3.62 2.43 -2.24
CA ILE A 11 3.76 1.02 -1.89
C ILE A 11 2.39 0.44 -1.56
N GLY A 12 1.42 1.33 -1.35
CA GLY A 12 0.07 0.90 -1.03
C GLY A 12 -0.44 -0.15 -1.98
N LYS A 13 -0.34 0.13 -3.28
CA LYS A 13 -0.80 -0.83 -4.30
C LYS A 13 -0.33 -2.24 -3.95
N GLY A 14 0.67 -2.32 -3.07
CA GLY A 14 1.23 -3.60 -2.64
C GLY A 14 0.67 -4.07 -1.32
N VAL A 15 0.32 -3.12 -0.43
CA VAL A 15 -0.23 -3.45 0.89
C VAL A 15 -1.63 -2.87 1.08
N LYS A 16 -1.82 -1.62 0.67
CA LYS A 16 -3.12 -0.97 0.81
C LYS A 16 -4.21 -1.83 0.16
N ILE A 17 -4.04 -2.11 -1.13
CA ILE A 17 -5.01 -2.91 -1.87
C ILE A 17 -4.88 -4.39 -1.48
N ILE A 18 -4.16 -4.65 -0.40
CA ILE A 18 -3.96 -6.01 0.06
C ILE A 18 -3.33 -6.86 -1.05
N GLY A 19 -2.01 -6.75 -1.19
CA GLY A 19 -1.30 -7.52 -2.21
C GLY A 19 -1.35 -9.01 -1.93
N GLY A 20 -2.26 -9.70 -2.60
CA GLY A 20 -2.40 -11.13 -2.43
C GLY A 20 -1.19 -11.89 -2.95
N ALA A 21 -0.34 -11.19 -3.68
CA ALA A 21 0.86 -11.80 -4.24
C ALA A 21 1.89 -12.06 -3.13
N ALA A 22 1.47 -11.90 -1.89
CA ALA A 22 2.36 -12.11 -0.76
C ALA A 22 1.56 -12.23 0.54
N LEU A 23 0.61 -11.31 0.72
CA LEU A 23 -0.24 -11.32 1.92
C LEU A 23 -1.32 -12.39 1.80
N ASP A 24 -0.91 -13.60 1.43
CA ASP A 24 -1.85 -14.70 1.28
C ASP A 24 -1.11 -16.03 1.20
N HIS A 25 -0.20 -16.14 0.25
CA HIS A 25 0.58 -17.36 0.08
C HIS A 25 -0.35 -18.56 -0.08
N LEU A 26 -0.92 -18.71 -1.28
CA LEU A 26 -1.83 -19.82 -1.56
C LEU A 26 -1.03 -21.08 -1.90
N GLY A 1 11.14 9.41 -2.11
CA GLY A 1 9.71 9.12 -2.17
C GLY A 1 8.92 10.00 -1.23
N ARG A 2 9.54 10.40 -0.12
CA ARG A 2 8.88 11.25 0.86
C ARG A 2 8.27 12.48 0.18
N ARG A 3 7.01 12.74 0.47
CA ARG A 3 6.32 13.89 -0.11
C ARG A 3 5.03 14.18 0.65
N LYS A 4 4.36 13.12 1.11
CA LYS A 4 3.11 13.26 1.87
C LYS A 4 3.06 12.22 2.99
N ARG A 5 4.10 12.21 3.81
CA ARG A 5 4.17 11.25 4.92
C ARG A 5 3.85 9.85 4.44
N LYS A 6 4.14 9.57 3.18
CA LYS A 6 3.88 8.25 2.60
C LYS A 6 2.40 7.88 2.79
N TRP A 7 1.60 8.15 1.76
CA TRP A 7 0.18 7.86 1.82
C TRP A 7 -0.44 7.90 0.42
N LEU A 8 0.30 8.46 -0.53
CA LEU A 8 -0.19 8.56 -1.90
C LEU A 8 -0.61 7.18 -2.40
N ARG A 9 -0.23 6.15 -1.64
CA ARG A 9 -0.56 4.77 -2.00
C ARG A 9 0.34 4.28 -3.14
N ARG A 10 1.56 4.80 -3.18
CA ARG A 10 2.52 4.40 -4.21
C ARG A 10 2.58 2.87 -4.30
N ILE A 11 3.49 2.26 -3.54
CA ILE A 11 3.64 0.82 -3.54
C ILE A 11 2.59 0.18 -2.64
N GLY A 12 2.05 0.96 -1.71
CA GLY A 12 1.04 0.46 -0.81
C GLY A 12 -0.13 -0.13 -1.56
N LYS A 13 -0.52 0.52 -2.65
CA LYS A 13 -1.62 0.04 -3.48
C LYS A 13 -1.40 -1.44 -3.81
N GLY A 14 -0.18 -1.90 -3.59
CA GLY A 14 0.19 -3.29 -3.86
C GLY A 14 0.20 -4.14 -2.61
N VAL A 15 0.75 -3.61 -1.51
CA VAL A 15 0.81 -4.37 -0.24
C VAL A 15 -0.23 -3.87 0.76
N LYS A 16 -0.39 -2.55 0.86
CA LYS A 16 -1.37 -1.98 1.79
C LYS A 16 -2.74 -2.62 1.56
N ILE A 17 -3.29 -2.42 0.36
CA ILE A 17 -4.59 -2.97 0.03
C ILE A 17 -4.47 -4.49 -0.15
N ILE A 18 -3.30 -5.03 0.17
CA ILE A 18 -3.05 -6.46 0.04
C ILE A 18 -3.20 -6.89 -1.41
N GLY A 19 -2.08 -6.92 -2.13
CA GLY A 19 -2.09 -7.31 -3.53
C GLY A 19 -2.51 -8.75 -3.71
N GLY A 20 -3.32 -9.01 -4.72
CA GLY A 20 -3.78 -10.35 -5.01
C GLY A 20 -2.63 -11.27 -5.38
N ALA A 21 -1.58 -10.69 -5.94
CA ALA A 21 -0.42 -11.48 -6.35
C ALA A 21 0.08 -12.32 -5.17
N ALA A 22 0.37 -11.65 -4.07
CA ALA A 22 0.85 -12.36 -2.88
C ALA A 22 -0.26 -13.18 -2.26
N LEU A 23 -1.44 -12.56 -2.12
CA LEU A 23 -2.60 -13.25 -1.54
C LEU A 23 -3.23 -14.19 -2.57
N ASP A 24 -2.49 -15.24 -2.94
CA ASP A 24 -2.99 -16.20 -3.91
C ASP A 24 -2.11 -17.45 -3.91
N HIS A 25 -1.01 -17.39 -3.18
CA HIS A 25 -0.09 -18.53 -3.10
C HIS A 25 -0.67 -19.61 -2.21
N LEU A 26 -1.83 -19.34 -1.63
CA LEU A 26 -2.49 -20.31 -0.74
C LEU A 26 -1.52 -20.79 0.34
N GLY A 1 3.08 11.42 -8.86
CA GLY A 1 2.67 10.50 -7.82
C GLY A 1 3.16 10.94 -6.45
N ARG A 2 2.31 11.69 -5.74
CA ARG A 2 2.64 12.18 -4.39
C ARG A 2 1.38 12.30 -3.55
N ARG A 3 0.29 12.73 -4.18
CA ARG A 3 -0.98 12.89 -3.48
C ARG A 3 -0.79 13.73 -2.22
N LYS A 4 -0.72 13.06 -1.06
CA LYS A 4 -0.55 13.78 0.21
C LYS A 4 0.92 14.07 0.46
N ARG A 5 1.67 13.06 0.90
CA ARG A 5 3.09 13.22 1.18
C ARG A 5 3.72 11.87 1.51
N LYS A 6 3.15 11.20 2.53
CA LYS A 6 3.61 9.89 2.96
C LYS A 6 2.42 8.95 3.15
N TRP A 7 2.67 7.65 3.07
CA TRP A 7 1.62 6.65 3.24
C TRP A 7 0.53 6.82 2.18
N LEU A 8 0.72 7.76 1.26
CA LEU A 8 -0.25 8.00 0.21
C LEU A 8 -0.70 6.66 -0.41
N ARG A 9 0.05 6.19 -1.40
CA ARG A 9 -0.26 4.93 -2.06
C ARG A 9 0.98 4.41 -2.79
N ARG A 10 2.15 4.80 -2.31
CA ARG A 10 3.41 4.36 -2.92
C ARG A 10 3.39 2.84 -3.09
N ILE A 11 3.84 2.11 -2.06
CA ILE A 11 3.88 0.65 -2.11
C ILE A 11 2.53 0.09 -1.68
N GLY A 12 1.69 0.94 -1.08
CA GLY A 12 0.38 0.49 -0.64
C GLY A 12 -0.39 -0.13 -1.77
N LYS A 13 -0.39 0.54 -2.92
CA LYS A 13 -1.08 0.00 -4.10
C LYS A 13 -0.76 -1.49 -4.26
N GLY A 14 0.34 -1.90 -3.62
CA GLY A 14 0.78 -3.29 -3.68
C GLY A 14 0.20 -4.12 -2.54
N VAL A 15 0.24 -3.58 -1.30
CA VAL A 15 -0.28 -4.29 -0.14
C VAL A 15 -1.56 -3.65 0.38
N LYS A 16 -1.58 -2.32 0.44
CA LYS A 16 -2.75 -1.61 0.92
C LYS A 16 -3.96 -1.95 0.06
N ILE A 17 -3.72 -2.30 -1.20
CA ILE A 17 -4.79 -2.66 -2.12
C ILE A 17 -5.49 -3.93 -1.63
N ILE A 18 -4.96 -4.49 -0.55
CA ILE A 18 -5.52 -5.72 0.02
C ILE A 18 -5.41 -6.87 -0.97
N GLY A 19 -4.18 -7.29 -1.26
CA GLY A 19 -3.92 -8.38 -2.19
C GLY A 19 -3.22 -9.53 -1.50
N GLY A 20 -3.79 -9.96 -0.38
CA GLY A 20 -3.21 -11.04 0.38
C GLY A 20 -1.86 -10.66 0.96
N ALA A 21 -1.52 -9.38 0.83
CA ALA A 21 -0.24 -8.89 1.33
C ALA A 21 0.90 -9.76 0.82
N ALA A 22 0.59 -10.59 -0.17
CA ALA A 22 1.58 -11.49 -0.76
C ALA A 22 1.08 -12.00 -2.10
N LEU A 23 -0.08 -11.50 -2.52
CA LEU A 23 -0.69 -11.90 -3.80
C LEU A 23 -0.91 -10.66 -4.66
N ASP A 24 0.17 -9.92 -4.90
CA ASP A 24 0.11 -8.69 -5.70
C ASP A 24 1.32 -8.61 -6.63
N HIS A 25 2.50 -8.77 -6.05
CA HIS A 25 3.74 -8.72 -6.82
C HIS A 25 3.95 -10.02 -7.59
N LEU A 26 3.63 -10.00 -8.88
CA LEU A 26 3.79 -11.19 -9.72
C LEU A 26 5.27 -11.57 -9.82
N GLY A 1 3.54 16.42 -3.67
CA GLY A 1 2.35 15.67 -4.02
C GLY A 1 1.80 14.90 -2.84
N ARG A 2 2.20 15.30 -1.64
CA ARG A 2 1.74 14.63 -0.43
C ARG A 2 0.25 14.89 -0.20
N ARG A 3 -0.59 14.07 -0.83
CA ARG A 3 -2.03 14.22 -0.70
C ARG A 3 -2.45 14.09 0.76
N LYS A 4 -1.85 13.13 1.46
CA LYS A 4 -2.17 12.90 2.87
C LYS A 4 -0.92 12.45 3.63
N ARG A 5 0.18 13.19 3.43
CA ARG A 5 1.43 12.87 4.09
C ARG A 5 1.95 11.52 3.60
N LYS A 6 2.31 11.47 2.32
CA LYS A 6 2.82 10.24 1.73
C LYS A 6 1.81 9.10 1.88
N TRP A 7 2.28 7.87 1.77
CA TRP A 7 1.43 6.70 1.90
C TRP A 7 0.24 6.78 0.94
N LEU A 8 0.33 7.67 -0.04
CA LEU A 8 -0.74 7.82 -1.02
C LEU A 8 -1.14 6.46 -1.58
N ARG A 9 -0.27 5.87 -2.39
CA ARG A 9 -0.54 4.57 -2.99
C ARG A 9 0.75 3.99 -3.61
N ARG A 10 1.89 4.58 -3.25
CA ARG A 10 3.18 4.11 -3.77
C ARG A 10 3.21 2.58 -3.77
N ILE A 11 3.65 1.99 -2.67
CA ILE A 11 3.71 0.54 -2.55
C ILE A 11 2.36 0.02 -2.05
N GLY A 12 1.52 0.92 -1.56
CA GLY A 12 0.22 0.54 -1.07
C GLY A 12 -0.57 -0.19 -2.14
N LYS A 13 -0.40 0.28 -3.38
CA LYS A 13 -1.07 -0.33 -4.51
C LYS A 13 -0.90 -1.85 -4.46
N GLY A 14 0.06 -2.31 -3.66
CA GLY A 14 0.35 -3.73 -3.51
C GLY A 14 -0.17 -4.30 -2.20
N VAL A 15 0.05 -3.58 -1.09
CA VAL A 15 -0.41 -4.04 0.22
C VAL A 15 -1.68 -3.33 0.66
N LYS A 16 -1.76 -2.02 0.37
CA LYS A 16 -2.95 -1.26 0.75
C LYS A 16 -4.14 -1.65 -0.12
N ILE A 17 -3.88 -2.00 -1.37
CA ILE A 17 -4.96 -2.41 -2.28
C ILE A 17 -5.88 -3.42 -1.60
N ILE A 18 -5.32 -4.17 -0.64
CA ILE A 18 -6.08 -5.17 0.11
C ILE A 18 -5.75 -5.06 1.59
N GLY A 19 -4.60 -5.61 1.99
CA GLY A 19 -4.18 -5.57 3.38
C GLY A 19 -3.15 -6.63 3.69
N GLY A 20 -2.11 -6.69 2.87
CA GLY A 20 -1.05 -7.68 3.07
C GLY A 20 -1.62 -9.07 3.27
N ALA A 21 -1.06 -9.79 4.23
CA ALA A 21 -1.51 -11.15 4.53
C ALA A 21 -1.58 -11.98 3.25
N ALA A 22 -0.94 -11.48 2.19
CA ALA A 22 -0.93 -12.17 0.91
C ALA A 22 0.04 -11.48 -0.05
N LEU A 23 -0.29 -10.26 -0.43
CA LEU A 23 0.56 -9.49 -1.34
C LEU A 23 1.75 -8.90 -0.59
N ASP A 24 2.55 -9.76 0.01
CA ASP A 24 3.72 -9.31 0.76
C ASP A 24 4.66 -10.47 1.06
N HIS A 25 4.19 -11.69 0.77
CA HIS A 25 5.00 -12.88 1.01
C HIS A 25 6.18 -12.93 0.06
N LEU A 26 7.17 -13.77 0.38
CA LEU A 26 8.36 -13.90 -0.46
C LEU A 26 9.03 -15.25 -0.22
N GLY A 1 3.43 15.40 -6.35
CA GLY A 1 4.63 14.89 -5.71
C GLY A 1 4.35 14.35 -4.32
N ARG A 2 4.81 15.07 -3.31
CA ARG A 2 4.60 14.66 -1.93
C ARG A 2 3.12 14.58 -1.61
N ARG A 3 2.48 15.74 -1.48
CA ARG A 3 1.06 15.80 -1.17
C ARG A 3 0.76 15.12 0.16
N LYS A 4 0.73 13.79 0.16
CA LYS A 4 0.46 13.02 1.37
C LYS A 4 1.75 12.40 1.93
N ARG A 5 2.84 13.16 1.84
CA ARG A 5 4.13 12.68 2.32
C ARG A 5 4.47 11.32 1.71
N LYS A 6 3.98 10.26 2.33
CA LYS A 6 4.23 8.89 1.85
C LYS A 6 3.01 8.01 2.11
N TRP A 7 1.87 8.41 1.56
CA TRP A 7 0.62 7.67 1.72
C TRP A 7 -0.23 7.81 0.47
N LEU A 8 0.42 8.21 -0.62
CA LEU A 8 -0.26 8.40 -1.90
C LEU A 8 -0.44 7.03 -2.60
N ARG A 9 -0.44 5.97 -1.79
CA ARG A 9 -0.61 4.63 -2.32
C ARG A 9 0.63 4.19 -3.09
N ARG A 10 1.80 4.65 -2.63
CA ARG A 10 3.06 4.27 -3.28
C ARG A 10 3.11 2.75 -3.39
N ILE A 11 3.71 2.10 -2.39
CA ILE A 11 3.78 0.64 -2.37
C ILE A 11 2.44 0.08 -1.91
N GLY A 12 1.59 0.97 -1.40
CA GLY A 12 0.27 0.56 -0.92
C GLY A 12 -0.46 -0.24 -1.96
N LYS A 13 -0.60 0.32 -3.16
CA LYS A 13 -1.30 -0.39 -4.24
C LYS A 13 -0.83 -1.85 -4.30
N GLY A 14 0.32 -2.11 -3.67
CA GLY A 14 0.89 -3.44 -3.64
C GLY A 14 0.51 -4.22 -2.38
N VAL A 15 0.34 -3.52 -1.25
CA VAL A 15 0.00 -4.19 0.02
C VAL A 15 -1.24 -3.57 0.67
N LYS A 16 -1.33 -2.25 0.68
CA LYS A 16 -2.48 -1.58 1.30
C LYS A 16 -3.79 -2.12 0.71
N ILE A 17 -3.91 -2.07 -0.61
CA ILE A 17 -5.12 -2.56 -1.26
C ILE A 17 -5.25 -4.07 -1.06
N ILE A 18 -4.27 -4.64 -0.36
CA ILE A 18 -4.27 -6.08 -0.09
C ILE A 18 -4.18 -6.87 -1.40
N GLY A 19 -2.97 -7.34 -1.71
CA GLY A 19 -2.75 -8.10 -2.92
C GLY A 19 -1.45 -8.89 -2.86
N GLY A 20 -0.33 -8.19 -3.00
CA GLY A 20 0.97 -8.84 -2.95
C GLY A 20 1.27 -9.40 -1.57
N ALA A 21 0.72 -8.78 -0.55
CA ALA A 21 0.92 -9.23 0.83
C ALA A 21 0.41 -10.65 1.00
N ALA A 22 -0.88 -10.84 0.75
CA ALA A 22 -1.50 -12.16 0.89
C ALA A 22 -1.03 -13.08 -0.23
N LEU A 23 -0.90 -12.53 -1.43
CA LEU A 23 -0.45 -13.32 -2.58
C LEU A 23 1.05 -13.56 -2.52
N ASP A 24 1.47 -14.36 -1.54
CA ASP A 24 2.89 -14.66 -1.39
C ASP A 24 3.08 -15.84 -0.43
N HIS A 25 2.14 -15.98 0.51
CA HIS A 25 2.22 -17.07 1.48
C HIS A 25 2.02 -18.42 0.79
N LEU A 26 0.90 -18.57 0.10
CA LEU A 26 0.61 -19.82 -0.61
C LEU A 26 0.68 -21.00 0.35
#